data_2ZY5
#
_entry.id   2ZY5
#
_cell.length_a   149.953
_cell.length_b   216.215
_cell.length_c   208.582
_cell.angle_alpha   90.00
_cell.angle_beta   90.00
_cell.angle_gamma   90.00
#
_symmetry.space_group_name_H-M   'C 2 2 21'
#
loop_
_entity.id
_entity.type
_entity.pdbx_description
1 polymer 'L-aspartate beta-decarboxylase'
2 non-polymer "PYRIDOXAL-5'-PHOSPHATE"
3 water water
#
_entity_poly.entity_id   1
_entity_poly.type   'polypeptide(L)'
_entity_poly.pdbx_seq_one_letter_code
;MSKDYQSLAKLSPFELKDELIKIASSDGNRLMLNAGRGNPNFLATTPRRAFFRLGLFAAAESELSYSYMTTVGVGGLAKI
DGIEGRFERYIAENRDQEGVRFLGKSLSYVRDQLGLDPAAFLHEMVDGILGCNYPVPPRMLNISEKIVRQYIIREMGADA
IPSESVNLFAVEGGTAAMAYIFESLKLNGLLKAGDKVAIGMPVFTPYIEIPELAQYALEEVAINADPSLNWQYPDSELDK
LKDPAIKIFFCVNPSNPPSVKMDQRSLERVRNIVAEHRPDLMILTDDVYGTFADDFQSLFAICPENTLLVYSFSKYFGAT
GWRLGVVAAHQQNVFDLALDKLQESEKVALDHRYRSLLPDVRSLKFIDRLVADSRAVALNHTAGLSTPQQVQMALFSLFA
LMDEADEYKHTLKQLIRRRETTLYRELGMPPLRDENAVDYYTLIDLQDVTAKLYGEAFSEWAVKQSSTGDMLFRIADETG
IVLLPGAGFGSNRPSGRASLANLNEYEYAAIGRALRKMADELYAEYSGQAQNLKLAAALEHHHHHH
;
_entity_poly.pdbx_strand_id   A,B,C,D,E,F
#
loop_
_chem_comp.id
_chem_comp.type
_chem_comp.name
_chem_comp.formula
PLP non-polymer PYRIDOXAL-5'-PHOSPHATE 'C8 H10 N O6 P'
#
# COMPACT_ATOMS: atom_id res chain seq x y z
N GLU A 19 -54.08 20.63 -12.81
CA GLU A 19 -53.80 21.43 -14.03
C GLU A 19 -52.36 21.90 -14.07
N LEU A 20 -52.13 23.00 -13.46
CA LEU A 20 -50.83 23.57 -13.39
C LEU A 20 -49.90 22.61 -12.61
N ILE A 21 -50.46 21.51 -12.14
CA ILE A 21 -49.67 20.54 -11.38
C ILE A 21 -48.56 19.79 -12.24
N LYS A 22 -48.76 19.43 -13.52
CA LYS A 22 -47.76 18.76 -14.41
C LYS A 22 -47.20 19.73 -15.47
N ILE A 23 -47.95 20.81 -15.73
CA ILE A 23 -47.57 21.84 -16.71
C ILE A 23 -46.08 22.02 -16.63
N ALA A 24 -45.58 21.82 -15.42
CA ALA A 24 -44.18 21.93 -15.16
C ALA A 24 -43.82 20.71 -14.32
N SER A 25 -42.88 19.95 -14.87
CA SER A 25 -42.38 18.74 -14.24
C SER A 25 -40.85 18.76 -14.31
N SER A 26 -40.20 18.29 -13.26
CA SER A 26 -38.74 18.22 -13.19
C SER A 26 -38.41 17.73 -11.79
N ASP A 27 -37.14 17.88 -11.40
CA ASP A 27 -36.69 17.47 -10.08
C ASP A 27 -36.64 18.70 -9.19
N GLY A 28 -36.18 19.81 -9.75
CA GLY A 28 -36.13 21.04 -9.01
C GLY A 28 -37.54 21.54 -8.73
N ASN A 29 -38.39 21.58 -9.76
CA ASN A 29 -39.78 22.04 -9.61
C ASN A 29 -40.52 21.21 -8.56
N ARG A 30 -40.24 19.91 -8.49
CA ARG A 30 -40.92 19.09 -7.50
C ARG A 30 -40.39 19.27 -6.05
N LEU A 31 -39.10 19.57 -5.92
CA LEU A 31 -38.53 19.78 -4.60
C LEU A 31 -39.16 21.03 -3.98
N MET A 32 -39.31 22.08 -4.77
CA MET A 32 -39.93 23.33 -4.33
C MET A 32 -41.41 23.17 -3.99
N LEU A 33 -42.16 22.53 -4.88
CA LEU A 33 -43.59 22.31 -4.64
C LEU A 33 -43.87 21.27 -3.56
N ASN A 34 -43.16 20.15 -3.59
CA ASN A 34 -43.32 19.08 -2.62
C ASN A 34 -42.61 19.25 -1.27
N ALA A 35 -41.74 20.25 -1.13
CA ALA A 35 -41.04 20.38 0.16
C ALA A 35 -40.49 21.77 0.55
N GLY A 36 -40.94 22.81 -0.15
CA GLY A 36 -40.52 24.17 0.11
C GLY A 36 -39.03 24.45 0.15
N ARG A 37 -38.22 23.63 -0.55
CA ARG A 37 -36.77 23.78 -0.56
C ARG A 37 -36.25 24.09 -1.96
N GLY A 38 -35.29 24.97 -2.02
CA GLY A 38 -34.70 25.26 -3.30
C GLY A 38 -33.39 24.51 -3.22
N ASN A 39 -33.11 23.68 -4.21
CA ASN A 39 -31.86 22.95 -4.17
C ASN A 39 -30.83 23.83 -4.89
N PRO A 40 -29.72 24.13 -4.21
CA PRO A 40 -28.63 24.95 -4.75
C PRO A 40 -27.95 24.36 -5.99
N ASN A 41 -27.61 25.21 -6.96
CA ASN A 41 -26.93 24.72 -8.16
C ASN A 41 -25.45 25.11 -8.13
N PHE A 42 -24.96 25.31 -6.92
CA PHE A 42 -23.58 25.63 -6.66
C PHE A 42 -23.16 24.67 -5.57
N LEU A 43 -21.85 24.51 -5.43
CA LEU A 43 -21.36 23.66 -4.36
C LEU A 43 -19.90 23.94 -4.11
N ALA A 44 -19.52 23.87 -2.84
CA ALA A 44 -18.13 24.09 -2.38
C ALA A 44 -17.33 22.92 -2.90
N THR A 45 -16.37 23.18 -3.75
CA THR A 45 -15.61 22.07 -4.30
C THR A 45 -14.25 21.76 -3.67
N THR A 46 -13.63 22.74 -3.01
CA THR A 46 -12.29 22.50 -2.43
C THR A 46 -12.30 21.47 -1.32
N PRO A 47 -13.28 21.57 -0.42
CA PRO A 47 -13.33 20.60 0.68
C PRO A 47 -13.78 19.25 0.14
N ARG A 48 -14.47 19.25 -1.02
CA ARG A 48 -14.89 17.99 -1.64
C ARG A 48 -13.65 17.37 -2.28
N ARG A 49 -12.94 18.12 -3.15
CA ARG A 49 -11.70 17.62 -3.76
C ARG A 49 -10.75 17.16 -2.65
N ALA A 50 -10.77 17.84 -1.50
CA ALA A 50 -9.91 17.44 -0.41
C ALA A 50 -10.33 16.08 0.15
N PHE A 51 -11.64 15.84 0.22
CA PHE A 51 -12.16 14.59 0.75
C PHE A 51 -11.62 13.44 -0.10
N PHE A 52 -11.89 13.49 -1.41
CA PHE A 52 -11.47 12.43 -2.32
C PHE A 52 -9.93 12.30 -2.28
N ARG A 53 -9.25 13.42 -2.22
CA ARG A 53 -7.83 13.34 -2.16
C ARG A 53 -7.48 12.64 -0.84
N LEU A 54 -8.12 13.03 0.26
CA LEU A 54 -7.86 12.41 1.56
C LEU A 54 -8.00 10.90 1.47
N GLY A 55 -9.03 10.49 0.77
CA GLY A 55 -9.29 9.09 0.61
C GLY A 55 -8.21 8.30 -0.13
N LEU A 56 -7.69 8.89 -1.20
CA LEU A 56 -6.65 8.23 -1.99
C LEU A 56 -5.54 7.90 -1.04
N PHE A 57 -5.19 8.91 -0.24
CA PHE A 57 -4.15 8.74 0.75
C PHE A 57 -4.53 7.67 1.76
N ALA A 58 -5.80 7.71 2.18
CA ALA A 58 -6.35 6.79 3.16
C ALA A 58 -6.18 5.36 2.69
N ALA A 59 -6.46 5.16 1.42
CA ALA A 59 -6.35 3.86 0.74
C ALA A 59 -4.91 3.31 0.79
N ALA A 60 -3.94 4.18 0.57
CA ALA A 60 -2.54 3.78 0.58
C ALA A 60 -2.24 3.29 1.97
N GLU A 61 -2.79 3.98 2.95
CA GLU A 61 -2.60 3.64 4.35
C GLU A 61 -3.15 2.26 4.64
N SER A 62 -4.31 1.98 4.08
CA SER A 62 -4.94 0.69 4.27
C SER A 62 -4.08 -0.41 3.64
N GLU A 63 -3.68 -0.19 2.39
CA GLU A 63 -2.87 -1.14 1.64
C GLU A 63 -1.53 -1.50 2.31
N LEU A 64 -1.08 -0.65 3.24
CA LEU A 64 0.17 -0.86 4.00
C LEU A 64 0.03 -1.94 5.08
N SER A 65 -1.20 -2.17 5.51
CA SER A 65 -1.43 -3.14 6.55
C SER A 65 -1.95 -4.46 6.06
N TYR A 66 -1.91 -4.70 4.74
CA TYR A 66 -2.35 -5.98 4.26
C TYR A 66 -1.03 -6.78 4.08
N SER A 67 -0.98 -7.94 4.72
CA SER A 67 0.23 -8.72 4.75
C SER A 67 0.40 -9.81 3.74
N TYR A 68 -0.60 -10.04 2.90
CA TYR A 68 -0.46 -11.14 1.97
C TYR A 68 -0.45 -10.75 0.53
N MET A 69 0.17 -11.64 -0.23
CA MET A 69 0.32 -11.50 -1.66
C MET A 69 -1.05 -11.68 -2.20
N THR A 70 -1.55 -10.68 -2.93
CA THR A 70 -2.85 -10.79 -3.53
C THR A 70 -2.97 -9.78 -4.66
N THR A 71 -3.98 -10.01 -5.48
CA THR A 71 -4.25 -9.11 -6.58
C THR A 71 -5.75 -8.82 -6.43
N VAL A 72 -6.34 -9.34 -5.36
CA VAL A 72 -7.77 -9.14 -5.13
C VAL A 72 -8.19 -7.72 -4.77
N GLY A 73 -7.34 -6.98 -4.07
CA GLY A 73 -7.72 -5.64 -3.66
C GLY A 73 -8.20 -5.57 -2.22
N VAL A 74 -7.33 -6.00 -1.31
CA VAL A 74 -7.64 -6.00 0.12
C VAL A 74 -6.69 -5.11 0.89
N GLY A 75 -7.16 -4.66 2.05
CA GLY A 75 -6.38 -3.81 2.91
C GLY A 75 -6.68 -4.03 4.37
N GLY A 76 -5.77 -3.58 5.23
CA GLY A 76 -5.94 -3.75 6.66
C GLY A 76 -6.32 -2.38 7.13
N LEU A 77 -6.11 -2.08 8.40
CA LEU A 77 -6.44 -0.75 8.90
C LEU A 77 -5.18 0.15 8.93
N ALA A 78 -5.37 1.43 8.64
CA ALA A 78 -4.22 2.34 8.68
C ALA A 78 -3.72 2.37 10.13
N LYS A 79 -2.40 2.49 10.30
CA LYS A 79 -1.80 2.54 11.64
C LYS A 79 -1.67 4.01 11.98
N ILE A 80 -1.73 4.37 13.27
CA ILE A 80 -1.58 5.78 13.65
C ILE A 80 -0.09 6.05 13.82
N ASP A 81 0.65 5.03 14.19
CA ASP A 81 2.06 5.21 14.35
C ASP A 81 2.65 5.68 13.02
N GLY A 82 3.46 6.75 13.06
CA GLY A 82 4.08 7.29 11.87
C GLY A 82 3.18 8.00 10.86
N ILE A 83 1.92 8.24 11.22
CA ILE A 83 0.97 8.88 10.31
C ILE A 83 1.28 10.32 9.85
N GLU A 84 1.68 11.19 10.77
CA GLU A 84 1.99 12.56 10.39
C GLU A 84 3.10 12.55 9.33
N GLY A 85 4.22 11.89 9.64
CA GLY A 85 5.33 11.79 8.71
C GLY A 85 4.89 11.38 7.32
N ARG A 86 4.22 10.23 7.24
CA ARG A 86 3.73 9.76 5.94
C ARG A 86 2.74 10.77 5.31
N PHE A 87 1.97 11.46 6.15
CA PHE A 87 1.01 12.42 5.63
C PHE A 87 1.71 13.62 5.04
N GLU A 88 2.84 13.97 5.65
CA GLU A 88 3.58 15.12 5.16
C GLU A 88 4.17 14.76 3.79
N ARG A 89 4.73 13.56 3.66
CA ARG A 89 5.26 13.12 2.36
C ARG A 89 4.18 13.21 1.27
N TYR A 90 2.98 12.71 1.58
CA TYR A 90 1.86 12.75 0.66
C TYR A 90 1.54 14.19 0.23
N ILE A 91 1.58 15.12 1.19
CA ILE A 91 1.31 16.54 0.90
C ILE A 91 2.42 17.16 0.04
N ALA A 92 3.66 16.92 0.46
CA ALA A 92 4.83 17.42 -0.25
C ALA A 92 4.82 16.91 -1.66
N GLU A 93 4.46 15.65 -1.82
CA GLU A 93 4.41 15.04 -3.14
C GLU A 93 3.37 15.62 -4.10
N ASN A 94 2.27 16.16 -3.54
CA ASN A 94 1.16 16.68 -4.35
C ASN A 94 0.74 18.14 -4.13
N ARG A 95 1.70 19.05 -3.91
CA ARG A 95 1.36 20.45 -3.72
C ARG A 95 0.46 21.03 -4.81
N ASP A 96 0.56 20.44 -6.01
CA ASP A 96 -0.17 20.87 -7.21
C ASP A 96 -1.66 20.48 -7.38
N GLN A 97 -2.24 19.86 -6.37
CA GLN A 97 -3.63 19.42 -6.44
C GLN A 97 -4.44 20.17 -5.38
N GLU A 98 -5.40 20.98 -5.83
CA GLU A 98 -6.22 21.83 -4.93
C GLU A 98 -6.54 21.14 -3.62
N GLY A 99 -7.08 19.95 -3.70
CA GLY A 99 -7.44 19.27 -2.49
C GLY A 99 -6.31 19.00 -1.52
N VAL A 100 -5.15 18.60 -2.00
CA VAL A 100 -4.01 18.28 -1.13
C VAL A 100 -3.50 19.48 -0.33
N ARG A 101 -3.40 20.61 -1.02
CA ARG A 101 -2.97 21.86 -0.41
C ARG A 101 -3.87 22.09 0.82
N PHE A 102 -5.20 22.07 0.61
CA PHE A 102 -6.21 22.30 1.65
C PHE A 102 -6.13 21.38 2.86
N LEU A 103 -5.90 20.10 2.60
CA LEU A 103 -5.73 19.11 3.66
C LEU A 103 -4.53 19.52 4.50
N GLY A 104 -3.42 19.81 3.82
CA GLY A 104 -2.23 20.25 4.52
C GLY A 104 -2.53 21.48 5.35
N LYS A 105 -3.14 22.50 4.76
CA LYS A 105 -3.47 23.70 5.55
C LYS A 105 -4.39 23.31 6.67
N SER A 106 -5.39 22.47 6.41
CA SER A 106 -6.27 22.10 7.50
C SER A 106 -5.60 21.32 8.67
N LEU A 107 -4.44 20.69 8.46
CA LEU A 107 -3.77 19.99 9.56
C LEU A 107 -3.22 21.06 10.52
N SER A 108 -2.65 22.11 9.93
CA SER A 108 -2.12 23.24 10.70
C SER A 108 -3.26 23.92 11.46
N TYR A 109 -4.37 24.20 10.82
CA TYR A 109 -5.42 24.84 11.58
C TYR A 109 -5.78 23.98 12.77
N VAL A 110 -5.96 22.69 12.56
CA VAL A 110 -6.34 21.90 13.71
C VAL A 110 -5.23 21.74 14.73
N ARG A 111 -4.02 21.49 14.27
CA ARG A 111 -2.89 21.31 15.20
C ARG A 111 -2.52 22.62 15.87
N ASP A 112 -2.42 23.68 15.07
CA ASP A 112 -2.00 24.97 15.56
C ASP A 112 -3.03 25.93 16.08
N GLN A 113 -4.18 26.05 15.46
CA GLN A 113 -5.11 27.00 16.04
C GLN A 113 -6.04 26.40 17.09
N LEU A 114 -6.49 25.16 16.90
CA LEU A 114 -7.39 24.54 17.88
C LEU A 114 -6.57 23.80 18.91
N GLY A 115 -5.29 23.68 18.61
CA GLY A 115 -4.36 23.01 19.50
C GLY A 115 -4.70 21.57 19.83
N LEU A 116 -5.19 20.83 18.85
CA LEU A 116 -5.56 19.46 19.10
C LEU A 116 -4.39 18.55 18.74
N ASP A 117 -4.53 17.25 18.98
CA ASP A 117 -3.47 16.31 18.69
C ASP A 117 -3.42 16.08 17.19
N PRO A 118 -2.28 16.36 16.52
CA PRO A 118 -2.13 16.18 15.06
C PRO A 118 -2.21 14.75 14.53
N ALA A 119 -1.59 13.82 15.25
CA ALA A 119 -1.67 12.43 14.83
C ALA A 119 -3.13 11.95 14.99
N ALA A 120 -3.76 12.30 16.12
CA ALA A 120 -5.13 11.88 16.40
C ALA A 120 -6.07 12.43 15.33
N PHE A 121 -5.95 13.71 15.03
CA PHE A 121 -6.76 14.29 13.99
C PHE A 121 -6.61 13.46 12.72
N LEU A 122 -5.38 13.24 12.29
CA LEU A 122 -5.16 12.49 11.05
C LEU A 122 -5.70 11.07 11.06
N HIS A 123 -5.44 10.30 12.12
CA HIS A 123 -5.95 8.96 12.11
C HIS A 123 -7.50 9.02 12.13
N GLU A 124 -8.09 9.97 12.85
CA GLU A 124 -9.56 10.06 12.83
C GLU A 124 -10.06 10.30 11.40
N MET A 125 -9.34 11.14 10.67
CA MET A 125 -9.74 11.45 9.30
C MET A 125 -9.49 10.30 8.32
N VAL A 126 -8.35 9.63 8.45
CA VAL A 126 -8.00 8.50 7.58
C VAL A 126 -8.94 7.35 7.90
N ASP A 127 -8.91 6.92 9.14
CA ASP A 127 -9.76 5.83 9.53
C ASP A 127 -11.20 6.25 9.28
N GLY A 128 -11.51 7.49 9.62
CA GLY A 128 -12.86 8.03 9.44
C GLY A 128 -13.42 7.90 8.04
N ILE A 129 -12.64 8.29 7.04
CA ILE A 129 -13.11 8.25 5.63
C ILE A 129 -12.96 6.86 4.98
N LEU A 130 -12.17 5.96 5.56
CA LEU A 130 -12.10 4.61 4.99
C LEU A 130 -13.39 3.90 5.38
N GLY A 131 -14.09 4.47 6.35
CA GLY A 131 -15.35 3.95 6.84
C GLY A 131 -15.22 2.52 7.27
N CYS A 132 -14.18 2.21 8.02
CA CYS A 132 -14.01 0.82 8.42
C CYS A 132 -14.19 0.48 9.88
N ASN A 133 -14.77 1.41 10.64
CA ASN A 133 -15.06 1.20 12.07
C ASN A 133 -16.35 1.93 12.40
N TYR A 134 -17.08 1.40 13.38
CA TYR A 134 -18.31 2.03 13.80
C TYR A 134 -18.02 3.38 14.39
N PRO A 135 -18.89 4.34 14.16
CA PRO A 135 -18.61 5.65 14.75
C PRO A 135 -18.46 5.52 16.26
N VAL A 136 -17.41 6.08 16.83
CA VAL A 136 -17.23 6.06 18.28
C VAL A 136 -16.56 7.34 18.69
N PRO A 137 -17.17 8.10 19.63
CA PRO A 137 -18.45 7.68 20.20
C PRO A 137 -19.55 8.01 19.22
N PRO A 138 -20.72 7.36 19.37
CA PRO A 138 -21.93 7.50 18.55
C PRO A 138 -22.55 8.88 18.41
N ARG A 139 -22.39 9.76 19.39
CA ARG A 139 -23.00 11.08 19.22
C ARG A 139 -22.18 11.82 18.16
N MET A 140 -20.85 11.67 18.20
CA MET A 140 -20.03 12.30 17.18
C MET A 140 -18.56 11.99 17.38
N LEU A 141 -17.83 11.70 16.31
CA LEU A 141 -16.38 11.42 16.44
C LEU A 141 -15.77 12.60 17.22
N ASN A 142 -14.81 12.31 18.06
CA ASN A 142 -14.23 13.31 18.92
C ASN A 142 -13.62 14.62 18.38
N ILE A 143 -12.61 14.53 17.54
CA ILE A 143 -12.00 15.74 17.01
C ILE A 143 -12.92 16.46 16.02
N SER A 144 -13.79 15.71 15.36
CA SER A 144 -14.73 16.32 14.42
C SER A 144 -15.76 17.22 15.12
N GLU A 145 -16.24 16.79 16.28
CA GLU A 145 -17.21 17.59 17.04
C GLU A 145 -16.57 18.90 17.45
N LYS A 146 -15.37 18.86 18.00
CA LYS A 146 -14.68 20.08 18.40
C LYS A 146 -14.46 21.02 17.19
N ILE A 147 -14.25 20.44 16.01
CA ILE A 147 -14.06 21.28 14.84
C ILE A 147 -15.40 21.88 14.41
N VAL A 148 -16.40 21.03 14.16
CA VAL A 148 -17.70 21.52 13.73
C VAL A 148 -18.36 22.47 14.71
N ARG A 149 -18.16 22.27 16.02
CA ARG A 149 -18.81 23.17 16.96
C ARG A 149 -18.13 24.52 16.90
N GLN A 150 -16.87 24.49 16.50
CA GLN A 150 -16.10 25.70 16.38
C GLN A 150 -16.72 26.50 15.23
N TYR A 151 -17.09 25.81 14.15
CA TYR A 151 -17.69 26.47 13.01
C TYR A 151 -19.11 26.92 13.35
N ILE A 152 -19.86 26.09 14.06
CA ILE A 152 -21.25 26.40 14.42
C ILE A 152 -21.31 27.71 15.18
N ILE A 153 -20.57 27.75 16.28
CA ILE A 153 -20.47 28.90 17.15
C ILE A 153 -20.15 30.18 16.39
N ARG A 154 -19.21 30.10 15.49
CA ARG A 154 -18.80 31.24 14.68
C ARG A 154 -19.95 31.77 13.81
N GLU A 155 -20.56 30.86 13.04
CA GLU A 155 -21.62 31.23 12.11
C GLU A 155 -22.95 31.55 12.78
N MET A 156 -23.19 30.95 13.94
CA MET A 156 -24.42 31.26 14.66
C MET A 156 -24.22 32.57 15.44
N GLY A 157 -23.02 33.15 15.36
CA GLY A 157 -22.79 34.39 16.05
C GLY A 157 -22.85 34.20 17.54
N ALA A 158 -22.54 33.01 18.01
CA ALA A 158 -22.55 32.72 19.44
C ALA A 158 -21.16 33.10 19.96
N ASP A 159 -20.86 34.38 19.78
CA ASP A 159 -19.59 34.97 20.15
C ASP A 159 -19.25 35.08 21.64
N ALA A 160 -20.02 34.45 22.49
CA ALA A 160 -19.72 34.57 23.92
C ALA A 160 -19.80 33.26 24.65
N ILE A 161 -20.21 32.23 23.92
CA ILE A 161 -20.35 30.93 24.53
C ILE A 161 -19.00 30.28 24.47
N PRO A 162 -18.61 29.60 25.55
CA PRO A 162 -17.32 28.89 25.62
C PRO A 162 -17.46 27.60 24.83
N SER A 163 -16.66 27.43 23.80
CA SER A 163 -16.77 26.26 22.93
C SER A 163 -17.04 24.93 23.61
N GLU A 164 -16.55 24.75 24.83
CA GLU A 164 -16.73 23.49 25.55
C GLU A 164 -18.10 23.24 26.15
N SER A 165 -18.94 24.26 26.20
CA SER A 165 -20.25 24.05 26.77
C SER A 165 -21.23 23.63 25.71
N VAL A 166 -20.73 23.56 24.48
CA VAL A 166 -21.54 23.18 23.32
C VAL A 166 -21.24 21.78 22.79
N ASN A 167 -22.28 20.96 22.74
CA ASN A 167 -22.19 19.60 22.25
C ASN A 167 -23.05 19.43 21.03
N LEU A 168 -22.61 18.54 20.15
CA LEU A 168 -23.31 18.30 18.92
C LEU A 168 -23.61 16.84 18.75
N PHE A 169 -24.69 16.56 18.04
CA PHE A 169 -25.05 15.18 17.73
C PHE A 169 -25.07 15.24 16.21
N ALA A 170 -24.25 14.39 15.57
CA ALA A 170 -24.14 14.35 14.13
C ALA A 170 -25.25 13.50 13.52
N VAL A 171 -26.11 14.12 12.71
CA VAL A 171 -27.26 13.44 12.11
C VAL A 171 -27.36 13.63 10.59
N GLU A 172 -28.27 12.89 9.96
CA GLU A 172 -28.47 12.92 8.53
C GLU A 172 -29.33 14.07 8.00
N GLY A 173 -28.73 15.25 8.09
CA GLY A 173 -29.40 16.45 7.61
C GLY A 173 -30.38 16.94 8.63
N GLY A 174 -31.02 18.06 8.31
CA GLY A 174 -31.98 18.65 9.23
C GLY A 174 -33.16 17.72 9.35
N THR A 175 -33.29 16.89 8.32
CA THR A 175 -34.39 15.96 8.26
C THR A 175 -34.32 14.89 9.37
N ALA A 176 -33.18 14.26 9.60
CA ALA A 176 -33.16 13.27 10.65
C ALA A 176 -33.35 13.99 12.01
N ALA A 177 -32.77 15.17 12.13
CA ALA A 177 -32.86 15.91 13.38
C ALA A 177 -34.29 16.15 13.81
N MET A 178 -35.05 16.91 13.02
CA MET A 178 -36.44 17.20 13.35
C MET A 178 -37.13 15.91 13.69
N ALA A 179 -36.90 14.90 12.85
CA ALA A 179 -37.48 13.59 13.09
C ALA A 179 -37.01 13.06 14.45
N TYR A 180 -35.72 13.16 14.75
CA TYR A 180 -35.22 12.64 16.02
C TYR A 180 -35.75 13.37 17.24
N ILE A 181 -35.63 14.69 17.20
CA ILE A 181 -36.02 15.56 18.30
C ILE A 181 -37.47 15.39 18.69
N PHE A 182 -38.38 15.51 17.74
CA PHE A 182 -39.76 15.37 18.08
C PHE A 182 -40.01 14.03 18.72
N GLU A 183 -39.56 12.95 18.09
CA GLU A 183 -39.78 11.65 18.66
C GLU A 183 -39.20 11.53 20.07
N SER A 184 -38.02 12.12 20.30
CA SER A 184 -37.40 12.05 21.63
C SER A 184 -38.11 12.90 22.65
N LEU A 185 -38.77 13.96 22.21
CA LEU A 185 -39.52 14.86 23.11
C LEU A 185 -40.82 14.19 23.56
N LYS A 186 -41.43 13.42 22.67
CA LYS A 186 -42.63 12.69 23.01
C LYS A 186 -42.19 11.58 24.00
N LEU A 187 -41.20 10.78 23.57
CA LEU A 187 -40.71 9.69 24.38
C LEU A 187 -40.45 10.02 25.83
N ASN A 188 -39.83 11.16 26.08
CA ASN A 188 -39.49 11.53 27.44
C ASN A 188 -40.49 12.46 28.11
N GLY A 189 -41.70 12.50 27.54
CA GLY A 189 -42.75 13.32 28.09
C GLY A 189 -42.49 14.82 28.22
N LEU A 190 -41.57 15.36 27.42
CA LEU A 190 -41.27 16.78 27.48
C LEU A 190 -42.29 17.52 26.63
N LEU A 191 -43.10 16.73 25.93
CA LEU A 191 -44.13 17.29 25.09
C LEU A 191 -45.25 16.28 25.12
N LYS A 192 -46.32 16.61 25.82
CA LYS A 192 -47.43 15.68 25.89
C LYS A 192 -48.62 16.23 25.14
N ALA A 193 -49.56 15.35 24.80
CA ALA A 193 -50.75 15.72 24.06
C ALA A 193 -51.59 16.83 24.70
N GLY A 194 -52.05 17.75 23.85
CA GLY A 194 -52.83 18.87 24.33
C GLY A 194 -51.91 20.07 24.41
N ASP A 195 -50.60 19.81 24.60
CA ASP A 195 -49.59 20.86 24.69
C ASP A 195 -49.67 21.81 23.50
N LYS A 196 -49.23 23.05 23.72
CA LYS A 196 -49.23 24.10 22.69
C LYS A 196 -47.80 24.33 22.11
N VAL A 197 -47.71 24.40 20.78
CA VAL A 197 -46.44 24.66 20.11
C VAL A 197 -46.49 25.99 19.26
N ALA A 198 -45.68 26.97 19.66
CA ALA A 198 -45.60 28.26 18.97
C ALA A 198 -44.75 28.21 17.69
N ILE A 199 -45.35 28.07 16.53
CA ILE A 199 -44.56 28.02 15.32
C ILE A 199 -44.36 29.41 14.69
N GLY A 200 -43.11 29.77 14.36
CA GLY A 200 -42.86 31.06 13.70
C GLY A 200 -43.36 30.97 12.26
N MET A 201 -44.38 31.76 11.90
CA MET A 201 -44.98 31.71 10.54
C MET A 201 -44.84 32.95 9.68
N PRO A 202 -44.86 32.78 8.35
CA PRO A 202 -45.02 31.54 7.59
C PRO A 202 -43.76 30.70 7.62
N VAL A 203 -43.95 29.41 7.34
CA VAL A 203 -42.87 28.45 7.35
C VAL A 203 -43.30 27.39 6.34
N PHE A 204 -42.34 26.66 5.75
CA PHE A 204 -42.72 25.66 4.78
C PHE A 204 -43.54 24.50 5.36
N THR A 205 -44.35 23.89 4.49
CA THR A 205 -45.28 22.82 4.86
C THR A 205 -44.86 21.68 5.82
N PRO A 206 -43.70 21.05 5.59
CA PRO A 206 -43.30 19.97 6.50
C PRO A 206 -43.34 20.30 7.99
N TYR A 207 -43.12 21.56 8.36
CA TYR A 207 -43.13 21.90 9.77
C TYR A 207 -44.49 22.15 10.43
N ILE A 208 -45.52 22.35 9.62
CA ILE A 208 -46.84 22.55 10.19
C ILE A 208 -47.39 21.14 10.36
N GLU A 209 -46.88 20.23 9.53
CA GLU A 209 -47.29 18.84 9.52
C GLU A 209 -46.83 17.99 10.71
N ILE A 210 -45.51 17.85 10.89
CA ILE A 210 -44.99 16.99 11.97
C ILE A 210 -45.75 17.08 13.27
N PRO A 211 -45.91 18.30 13.83
CA PRO A 211 -46.62 18.51 15.09
C PRO A 211 -48.12 18.25 15.03
N GLU A 212 -48.69 18.21 13.84
CA GLU A 212 -50.12 17.95 13.72
C GLU A 212 -50.32 16.47 13.44
N LEU A 213 -49.24 15.70 13.45
CA LEU A 213 -49.33 14.26 13.23
C LEU A 213 -49.88 13.72 14.54
N ALA A 214 -50.80 12.76 14.44
CA ALA A 214 -51.39 12.20 15.65
C ALA A 214 -50.32 11.57 16.56
N GLN A 215 -49.13 11.31 16.01
CA GLN A 215 -48.04 10.75 16.81
C GLN A 215 -47.79 11.63 18.03
N TYR A 216 -47.90 12.95 17.84
CA TYR A 216 -47.68 13.95 18.90
C TYR A 216 -48.97 14.68 19.36
N ALA A 217 -49.86 15.03 18.44
CA ALA A 217 -51.11 15.68 18.78
C ALA A 217 -51.02 16.95 19.65
N LEU A 218 -50.34 17.97 19.15
CA LEU A 218 -50.16 19.22 19.88
C LEU A 218 -50.96 20.31 19.16
N GLU A 219 -51.19 21.42 19.84
CA GLU A 219 -51.95 22.50 19.21
C GLU A 219 -51.03 23.61 18.80
N GLU A 220 -51.10 23.97 17.50
CA GLU A 220 -50.26 25.01 16.93
C GLU A 220 -50.69 26.43 17.26
N VAL A 221 -49.69 27.27 17.56
CA VAL A 221 -49.91 28.67 17.89
C VAL A 221 -49.02 29.48 16.97
N ALA A 222 -49.65 30.12 15.99
CA ALA A 222 -48.89 30.91 15.05
C ALA A 222 -48.29 32.20 15.54
N ILE A 223 -46.97 32.36 15.36
CA ILE A 223 -46.38 33.65 15.67
C ILE A 223 -46.16 34.25 14.29
N ASN A 224 -47.02 35.19 13.91
CA ASN A 224 -46.99 35.76 12.56
C ASN A 224 -46.08 36.91 12.21
N ALA A 225 -45.20 36.67 11.25
CA ALA A 225 -44.30 37.71 10.81
C ALA A 225 -45.17 38.75 10.13
N ASP A 226 -44.72 40.01 10.14
CA ASP A 226 -45.48 41.07 9.49
C ASP A 226 -44.78 41.64 8.25
N PRO A 227 -45.45 41.52 7.10
CA PRO A 227 -44.94 42.01 5.83
C PRO A 227 -44.71 43.51 5.85
N SER A 228 -45.45 44.21 6.70
CA SER A 228 -45.33 45.66 6.81
C SER A 228 -44.07 45.87 7.54
N LEU A 229 -43.64 44.84 8.23
CA LEU A 229 -42.40 44.91 9.00
C LEU A 229 -41.23 44.26 8.23
N ASN A 230 -41.47 43.93 6.97
CA ASN A 230 -40.43 43.30 6.20
C ASN A 230 -40.18 41.87 6.74
N TRP A 231 -41.31 41.23 7.04
CA TRP A 231 -41.42 39.86 7.57
C TRP A 231 -40.72 39.55 8.87
N GLN A 232 -40.71 40.57 9.72
CA GLN A 232 -40.15 40.50 11.02
C GLN A 232 -41.30 40.21 11.97
N TYR A 233 -41.03 39.53 13.08
CA TYR A 233 -42.09 39.24 14.04
C TYR A 233 -42.35 40.43 14.96
N PRO A 234 -43.55 41.02 14.87
CA PRO A 234 -43.92 42.17 15.71
C PRO A 234 -43.98 41.78 17.18
N ASP A 235 -43.59 42.70 18.06
CA ASP A 235 -43.60 42.47 19.51
C ASP A 235 -44.92 41.83 20.04
N SER A 236 -46.08 42.33 19.59
CA SER A 236 -47.34 41.78 20.06
C SER A 236 -47.38 40.26 19.80
N GLU A 237 -46.81 39.88 18.68
CA GLU A 237 -46.79 38.51 18.26
C GLU A 237 -45.73 37.72 19.04
N LEU A 238 -44.54 38.30 19.19
CA LEU A 238 -43.50 37.61 19.94
C LEU A 238 -44.02 37.41 21.34
N ASP A 239 -44.76 38.40 21.83
CA ASP A 239 -45.28 38.34 23.18
C ASP A 239 -46.24 37.18 23.44
N LYS A 240 -46.91 36.71 22.39
CA LYS A 240 -47.79 35.57 22.53
C LYS A 240 -47.03 34.48 23.30
N LEU A 241 -45.71 34.45 23.14
CA LEU A 241 -44.89 33.47 23.81
C LEU A 241 -44.99 33.47 25.33
N LYS A 242 -45.50 34.54 25.91
CA LYS A 242 -45.60 34.59 27.37
C LYS A 242 -46.59 33.55 27.90
N ASP A 243 -47.58 33.19 27.10
CA ASP A 243 -48.57 32.21 27.53
C ASP A 243 -47.82 30.94 27.96
N PRO A 244 -47.94 30.56 29.26
CA PRO A 244 -47.28 29.38 29.83
C PRO A 244 -47.80 28.06 29.29
N ALA A 245 -48.82 28.12 28.45
CA ALA A 245 -49.36 26.93 27.80
C ALA A 245 -48.47 26.56 26.62
N ILE A 246 -47.66 27.52 26.15
CA ILE A 246 -46.74 27.28 25.03
C ILE A 246 -45.48 26.67 25.60
N LYS A 247 -45.28 25.40 25.29
CA LYS A 247 -44.13 24.70 25.82
C LYS A 247 -42.89 24.83 24.95
N ILE A 248 -43.09 25.21 23.70
CA ILE A 248 -41.96 25.33 22.83
C ILE A 248 -42.21 26.22 21.61
N PHE A 249 -41.19 27.04 21.32
CA PHE A 249 -41.19 27.96 20.19
C PHE A 249 -40.41 27.30 19.03
N PHE A 250 -41.11 27.06 17.93
CA PHE A 250 -40.52 26.40 16.77
C PHE A 250 -40.17 27.41 15.71
N CYS A 251 -38.88 27.60 15.52
CA CYS A 251 -38.45 28.60 14.57
C CYS A 251 -37.43 28.20 13.49
N VAL A 252 -37.65 28.74 12.29
CA VAL A 252 -36.72 28.57 11.17
C VAL A 252 -36.13 29.95 10.96
N ASN A 253 -34.89 30.13 11.36
CA ASN A 253 -34.28 31.43 11.22
C ASN A 253 -32.81 31.37 10.74
N PRO A 254 -32.48 32.06 9.62
CA PRO A 254 -33.37 32.90 8.79
C PRO A 254 -34.63 32.12 8.38
N SER A 255 -35.71 32.86 8.10
CA SER A 255 -36.99 32.25 7.75
C SER A 255 -37.06 31.68 6.36
N ASN A 256 -38.09 30.85 6.13
CA ASN A 256 -38.40 30.15 4.86
C ASN A 256 -39.93 29.93 4.83
N PRO A 257 -40.63 30.49 3.83
CA PRO A 257 -40.27 31.31 2.66
C PRO A 257 -39.90 32.82 2.79
N PRO A 258 -40.18 33.47 3.94
CA PRO A 258 -39.79 34.87 3.92
C PRO A 258 -38.36 35.16 3.63
N SER A 259 -37.48 34.40 4.25
CA SER A 259 -36.06 34.55 4.00
C SER A 259 -35.45 35.86 4.54
N VAL A 260 -35.71 36.15 5.82
CA VAL A 260 -35.16 37.33 6.51
C VAL A 260 -34.66 36.79 7.84
N LYS A 261 -33.78 37.52 8.51
CA LYS A 261 -33.32 37.02 9.78
C LYS A 261 -33.95 37.85 10.87
N MET A 262 -34.34 37.22 11.97
CA MET A 262 -34.89 38.00 13.06
C MET A 262 -33.90 39.14 13.33
N ASP A 263 -34.42 40.34 13.52
CA ASP A 263 -33.55 41.46 13.82
C ASP A 263 -33.23 41.42 15.30
N GLN A 264 -32.37 42.34 15.73
CA GLN A 264 -31.95 42.44 17.13
C GLN A 264 -33.13 42.70 18.07
N ARG A 265 -33.98 43.66 17.71
CA ARG A 265 -35.15 43.98 18.50
C ARG A 265 -35.91 42.68 18.82
N SER A 266 -36.12 41.86 17.79
CA SER A 266 -36.78 40.56 17.96
C SER A 266 -35.97 39.62 18.86
N LEU A 267 -34.73 39.33 18.48
CA LEU A 267 -33.90 38.43 19.27
C LEU A 267 -34.02 38.88 20.71
N GLU A 268 -33.74 40.15 20.94
CA GLU A 268 -33.82 40.72 22.25
C GLU A 268 -35.19 40.56 22.94
N ARG A 269 -36.27 40.78 22.18
CA ARG A 269 -37.62 40.68 22.74
C ARG A 269 -37.86 39.33 23.34
N VAL A 270 -37.35 38.31 22.67
CA VAL A 270 -37.49 36.95 23.12
C VAL A 270 -36.56 36.58 24.25
N ARG A 271 -35.34 37.12 24.24
CA ARG A 271 -34.38 36.82 25.31
C ARG A 271 -35.05 37.26 26.62
N ASN A 272 -35.84 38.30 26.46
CA ASN A 272 -36.54 38.89 27.58
C ASN A 272 -37.66 38.04 28.08
N ILE A 273 -38.56 37.72 27.18
CA ILE A 273 -39.67 36.89 27.53
C ILE A 273 -39.21 35.63 28.27
N VAL A 274 -37.98 35.20 28.00
CA VAL A 274 -37.40 33.99 28.62
C VAL A 274 -36.82 34.25 29.99
N ALA A 275 -35.93 35.23 30.06
CA ALA A 275 -35.30 35.56 31.31
C ALA A 275 -36.24 36.23 32.33
N GLU A 276 -37.35 36.79 31.87
CA GLU A 276 -38.30 37.45 32.79
C GLU A 276 -39.72 36.86 32.92
N HIS A 277 -40.13 35.94 32.05
CA HIS A 277 -41.47 35.37 32.16
C HIS A 277 -41.51 33.87 32.00
N ARG A 278 -40.73 33.37 31.04
CA ARG A 278 -40.68 31.95 30.71
C ARG A 278 -39.28 31.35 30.72
N PRO A 279 -38.67 31.19 31.88
CA PRO A 279 -37.33 30.61 31.87
C PRO A 279 -37.38 29.10 31.57
N ASP A 280 -38.61 28.60 31.44
CA ASP A 280 -38.94 27.20 31.15
C ASP A 280 -39.18 26.90 29.64
N LEU A 281 -39.34 27.97 28.85
CA LEU A 281 -39.59 27.87 27.40
C LEU A 281 -38.52 27.06 26.61
N MET A 282 -39.01 26.22 25.70
CA MET A 282 -38.13 25.43 24.84
C MET A 282 -38.13 26.06 23.47
N ILE A 283 -36.94 26.22 22.94
CA ILE A 283 -36.79 26.79 21.63
C ILE A 283 -36.17 25.72 20.72
N LEU A 284 -36.73 25.59 19.52
CA LEU A 284 -36.27 24.66 18.52
C LEU A 284 -36.06 25.55 17.31
N THR A 285 -34.81 25.81 16.98
CA THR A 285 -34.52 26.68 15.84
C THR A 285 -33.65 26.03 14.76
N ASP A 286 -34.07 26.23 13.51
CA ASP A 286 -33.43 25.71 12.33
C ASP A 286 -32.77 26.90 11.59
N ASP A 287 -31.45 26.99 11.72
CA ASP A 287 -30.68 28.09 11.17
C ASP A 287 -29.83 27.77 9.94
N VAL A 288 -30.23 26.75 9.21
CA VAL A 288 -29.51 26.34 8.00
C VAL A 288 -29.14 27.51 7.06
N TYR A 289 -29.92 28.58 7.06
CA TYR A 289 -29.66 29.71 6.17
C TYR A 289 -28.84 30.78 6.82
N GLY A 290 -28.44 30.51 8.06
CA GLY A 290 -27.67 31.49 8.80
C GLY A 290 -26.63 32.25 8.03
N THR A 291 -25.72 31.52 7.37
CA THR A 291 -24.62 32.14 6.67
C THR A 291 -24.94 33.02 5.44
N PHE A 292 -26.18 33.02 5.00
CA PHE A 292 -26.55 33.85 3.85
C PHE A 292 -27.02 35.21 4.32
N ALA A 293 -27.22 35.33 5.63
CA ALA A 293 -27.66 36.58 6.24
C ALA A 293 -26.39 37.40 6.55
N ASP A 294 -26.55 38.72 6.70
CA ASP A 294 -25.38 39.56 6.93
C ASP A 294 -24.65 39.45 8.24
N ASP A 295 -25.31 39.59 9.38
CA ASP A 295 -24.50 39.43 10.59
C ASP A 295 -25.30 38.63 11.53
N PHE A 296 -25.61 37.42 11.06
CA PHE A 296 -26.44 36.50 11.77
C PHE A 296 -26.09 36.21 13.22
N GLN A 297 -27.13 36.20 14.04
CA GLN A 297 -27.02 35.85 15.44
C GLN A 297 -28.26 34.95 15.59
N SER A 298 -28.03 33.75 16.09
CA SER A 298 -29.07 32.73 16.27
C SER A 298 -29.74 32.77 17.64
N LEU A 299 -30.98 32.26 17.73
CA LEU A 299 -31.66 32.23 19.01
C LEU A 299 -30.85 31.34 19.98
N PHE A 300 -29.95 30.49 19.45
CA PHE A 300 -29.12 29.64 20.30
C PHE A 300 -28.01 30.49 20.90
N ALA A 301 -27.65 31.58 20.22
CA ALA A 301 -26.64 32.47 20.76
C ALA A 301 -27.29 33.37 21.82
N ILE A 302 -28.56 33.71 21.61
CA ILE A 302 -29.21 34.59 22.57
C ILE A 302 -29.69 33.85 23.82
N CYS A 303 -30.23 32.67 23.64
CA CYS A 303 -30.71 31.95 24.80
C CYS A 303 -30.17 30.54 24.72
N PRO A 304 -28.86 30.40 24.96
CA PRO A 304 -28.19 29.12 24.91
C PRO A 304 -28.70 28.04 25.86
N GLU A 305 -29.30 28.43 26.98
CA GLU A 305 -29.73 27.36 27.89
C GLU A 305 -31.11 26.85 27.60
N ASN A 306 -31.81 27.52 26.68
CA ASN A 306 -33.18 27.15 26.30
C ASN A 306 -33.36 26.72 24.86
N THR A 307 -32.27 26.53 24.13
CA THR A 307 -32.36 26.24 22.71
C THR A 307 -31.66 25.04 22.12
N LEU A 308 -32.42 24.31 21.31
CA LEU A 308 -31.94 23.15 20.57
C LEU A 308 -31.75 23.70 19.18
N LEU A 309 -30.48 23.70 18.75
CA LEU A 309 -30.16 24.23 17.45
C LEU A 309 -30.13 23.09 16.49
N VAL A 310 -30.52 23.37 15.27
CA VAL A 310 -30.48 22.39 14.22
C VAL A 310 -29.85 23.18 13.09
N TYR A 311 -28.65 22.72 12.69
CA TYR A 311 -27.92 23.34 11.60
C TYR A 311 -27.65 22.34 10.47
N SER A 312 -28.14 22.63 9.26
CA SER A 312 -27.89 21.75 8.12
C SER A 312 -26.75 22.32 7.25
N PHE A 313 -25.86 21.48 6.77
CA PHE A 313 -24.78 21.95 5.90
C PHE A 313 -25.29 22.06 4.44
N SER A 314 -26.45 21.49 4.19
CA SER A 314 -27.03 21.42 2.86
C SER A 314 -27.08 22.61 1.94
N LYS A 315 -27.58 23.75 2.38
CA LYS A 315 -27.68 24.86 1.47
C LYS A 315 -26.41 25.65 1.20
N TYR A 316 -25.64 25.89 2.25
CA TYR A 316 -24.41 26.67 2.14
C TYR A 316 -23.25 26.04 1.33
N PHE A 317 -23.00 24.76 1.52
CA PHE A 317 -21.94 24.09 0.77
C PHE A 317 -22.56 23.34 -0.41
N GLY A 318 -23.85 23.56 -0.64
CA GLY A 318 -24.55 22.88 -1.71
C GLY A 318 -24.36 21.39 -1.48
N ALA A 319 -24.66 20.90 -0.29
CA ALA A 319 -24.49 19.48 0.02
C ALA A 319 -25.76 18.76 0.46
N THR A 320 -26.84 18.87 -0.32
CA THR A 320 -28.11 18.22 0.03
C THR A 320 -28.06 16.71 0.03
N GLY A 321 -27.39 16.16 -0.98
CA GLY A 321 -27.28 14.72 -1.13
C GLY A 321 -26.40 14.08 -0.08
N TRP A 322 -25.52 14.88 0.47
CA TRP A 322 -24.64 14.37 1.49
C TRP A 322 -25.31 14.08 2.86
N ARG A 323 -26.51 14.64 3.08
CA ARG A 323 -27.28 14.56 4.34
C ARG A 323 -26.45 14.84 5.58
N LEU A 324 -25.97 16.08 5.69
CA LEU A 324 -25.13 16.48 6.82
C LEU A 324 -25.67 17.60 7.67
N GLY A 325 -25.84 17.31 8.96
CA GLY A 325 -26.32 18.33 9.88
C GLY A 325 -25.94 18.03 11.32
N VAL A 326 -26.22 18.98 12.19
CA VAL A 326 -25.95 18.83 13.61
C VAL A 326 -27.06 19.37 14.53
N VAL A 327 -27.24 18.70 15.67
CA VAL A 327 -28.19 19.10 16.70
C VAL A 327 -27.25 19.58 17.81
N ALA A 328 -27.31 20.86 18.13
CA ALA A 328 -26.43 21.39 19.15
C ALA A 328 -27.24 21.70 20.38
N ALA A 329 -26.63 21.48 21.54
CA ALA A 329 -27.24 21.75 22.83
C ALA A 329 -26.20 22.20 23.87
N HIS A 330 -26.54 23.20 24.65
CA HIS A 330 -25.67 23.73 25.68
C HIS A 330 -25.54 22.68 26.83
N GLN A 331 -24.34 22.44 27.35
CA GLN A 331 -24.17 21.41 28.42
C GLN A 331 -25.24 21.48 29.49
N GLN A 332 -25.60 22.70 29.85
CA GLN A 332 -26.64 22.94 30.84
C GLN A 332 -27.77 23.63 30.10
N ASN A 333 -28.92 22.98 30.02
CA ASN A 333 -30.06 23.55 29.30
C ASN A 333 -31.40 23.16 29.93
N VAL A 334 -32.47 23.76 29.43
CA VAL A 334 -33.81 23.46 29.94
C VAL A 334 -34.42 22.10 29.55
N PHE A 335 -33.88 21.46 28.50
CA PHE A 335 -34.41 20.14 28.12
C PHE A 335 -33.96 19.21 29.25
N ASP A 336 -32.77 19.40 29.80
CA ASP A 336 -32.38 18.51 30.89
C ASP A 336 -33.04 18.89 32.20
N LEU A 337 -33.28 20.19 32.39
CA LEU A 337 -33.96 20.71 33.59
C LEU A 337 -35.37 20.17 33.55
N ALA A 338 -36.00 20.32 32.41
CA ALA A 338 -37.32 19.78 32.27
C ALA A 338 -37.29 18.31 32.67
N LEU A 339 -36.27 17.59 32.20
CA LEU A 339 -36.20 16.16 32.49
C LEU A 339 -36.12 15.86 33.95
N ASP A 340 -35.53 16.75 34.73
CA ASP A 340 -35.44 16.46 36.14
C ASP A 340 -36.73 16.81 36.89
N LYS A 341 -37.71 17.36 36.17
CA LYS A 341 -39.00 17.78 36.74
C LYS A 341 -40.19 16.83 36.48
N LEU A 342 -39.99 15.74 35.73
CA LEU A 342 -41.10 14.81 35.44
C LEU A 342 -41.53 14.08 36.73
N GLN A 343 -42.66 13.38 36.71
CA GLN A 343 -43.09 12.64 37.91
C GLN A 343 -42.30 11.37 37.96
N GLU A 344 -42.03 10.86 39.17
CA GLU A 344 -41.26 9.63 39.32
C GLU A 344 -41.89 8.59 38.39
N SER A 345 -43.20 8.67 38.27
CA SER A 345 -43.92 7.76 37.40
C SER A 345 -43.23 7.72 36.03
N GLU A 346 -43.00 8.89 35.47
CA GLU A 346 -42.36 9.04 34.18
C GLU A 346 -40.86 8.77 34.26
N LYS A 347 -40.26 9.14 35.40
CA LYS A 347 -38.84 8.91 35.59
C LYS A 347 -38.54 7.41 35.61
N VAL A 348 -39.32 6.66 36.37
CA VAL A 348 -39.14 5.22 36.50
C VAL A 348 -39.28 4.49 35.14
N ALA A 349 -40.20 4.94 34.30
CA ALA A 349 -40.42 4.32 32.98
C ALA A 349 -39.26 4.56 32.00
N LEU A 350 -38.64 5.72 32.12
CA LEU A 350 -37.50 6.13 31.31
C LEU A 350 -36.26 5.38 31.79
N ASP A 351 -36.23 5.12 33.09
CA ASP A 351 -35.14 4.44 33.70
C ASP A 351 -35.11 3.04 33.17
N HIS A 352 -36.27 2.52 32.81
CA HIS A 352 -36.32 1.17 32.29
C HIS A 352 -35.92 1.24 30.82
N ARG A 353 -36.47 2.23 30.12
CA ARG A 353 -36.18 2.37 28.72
C ARG A 353 -34.67 2.36 28.46
N TYR A 354 -33.96 3.32 29.03
CA TYR A 354 -32.52 3.39 28.83
C TYR A 354 -31.68 2.54 29.81
N ARG A 355 -32.27 1.53 30.44
CA ARG A 355 -31.50 0.74 31.41
C ARG A 355 -30.25 0.12 30.82
N SER A 356 -30.31 -0.29 29.57
CA SER A 356 -29.15 -0.90 28.96
C SER A 356 -28.03 0.11 28.72
N LEU A 357 -28.38 1.38 28.60
CA LEU A 357 -27.38 2.39 28.34
C LEU A 357 -26.41 2.76 29.45
N LEU A 358 -26.89 2.87 30.70
CA LEU A 358 -26.00 3.23 31.84
C LEU A 358 -26.62 2.97 33.22
N PRO A 359 -25.78 2.86 34.25
CA PRO A 359 -26.37 2.61 35.57
C PRO A 359 -27.36 3.72 36.00
N ASP A 360 -26.93 4.97 36.12
CA ASP A 360 -27.85 6.02 36.51
C ASP A 360 -28.53 6.66 35.29
N VAL A 361 -29.77 6.26 35.03
CA VAL A 361 -30.47 6.81 33.90
C VAL A 361 -30.85 8.26 34.10
N ARG A 362 -30.95 8.69 35.34
CA ARG A 362 -31.32 10.09 35.60
C ARG A 362 -30.24 11.11 35.25
N SER A 363 -29.05 10.61 34.93
CA SER A 363 -27.89 11.43 34.56
C SER A 363 -27.70 11.51 33.04
N LEU A 364 -28.51 10.76 32.31
CA LEU A 364 -28.41 10.75 30.86
C LEU A 364 -28.87 12.08 30.28
N LYS A 365 -27.94 12.87 29.76
CA LYS A 365 -28.33 14.14 29.17
C LYS A 365 -29.19 13.98 27.89
N PHE A 366 -30.22 14.84 27.80
CA PHE A 366 -31.15 14.83 26.68
C PHE A 366 -30.53 14.74 25.27
N ILE A 367 -29.38 15.38 25.07
CA ILE A 367 -28.75 15.34 23.75
C ILE A 367 -28.38 13.89 23.46
N ASP A 368 -28.00 13.18 24.53
CA ASP A 368 -27.63 11.79 24.41
C ASP A 368 -28.82 10.84 24.25
N ARG A 369 -30.00 11.26 24.71
CA ARG A 369 -31.19 10.40 24.51
C ARG A 369 -31.59 10.46 23.02
N LEU A 370 -31.34 11.59 22.36
CA LEU A 370 -31.66 11.65 20.96
C LEU A 370 -31.00 10.49 20.22
N VAL A 371 -29.69 10.36 20.45
CA VAL A 371 -28.83 9.35 19.82
C VAL A 371 -29.36 7.95 20.06
N ALA A 372 -29.59 7.65 21.32
CA ALA A 372 -30.12 6.35 21.71
C ALA A 372 -31.54 6.11 21.11
N ASP A 373 -32.41 7.13 21.15
CA ASP A 373 -33.76 6.99 20.60
C ASP A 373 -33.72 6.90 19.10
N SER A 374 -32.64 7.35 18.47
CA SER A 374 -32.56 7.29 17.01
C SER A 374 -32.45 5.85 16.50
N ARG A 375 -32.14 4.91 17.38
CA ARG A 375 -32.00 3.53 16.95
C ARG A 375 -32.48 2.59 18.09
N ALA A 376 -33.78 2.71 18.38
CA ALA A 376 -34.43 1.89 19.39
C ALA A 376 -33.63 1.56 20.63
N VAL A 377 -32.79 2.50 21.08
CA VAL A 377 -32.00 2.30 22.30
C VAL A 377 -30.98 1.15 22.34
N ALA A 378 -31.47 -0.04 22.07
CA ALA A 378 -30.65 -1.24 22.11
C ALA A 378 -29.47 -1.24 21.12
N LEU A 379 -29.55 -0.38 20.10
CA LEU A 379 -28.47 -0.32 19.11
C LEU A 379 -27.64 0.97 19.20
N ASN A 380 -27.77 1.68 20.32
CA ASN A 380 -27.06 2.93 20.50
C ASN A 380 -25.61 2.75 20.17
N HIS A 381 -25.03 1.61 20.57
CA HIS A 381 -23.59 1.36 20.30
C HIS A 381 -23.18 1.37 18.88
N THR A 382 -24.14 1.18 17.99
CA THR A 382 -23.82 1.22 16.58
C THR A 382 -24.59 2.33 15.85
N ALA A 383 -25.07 3.32 16.58
CA ALA A 383 -25.79 4.42 15.94
C ALA A 383 -24.81 5.52 15.53
N GLY A 384 -25.34 6.63 15.04
CA GLY A 384 -24.48 7.72 14.66
C GLY A 384 -24.38 7.87 13.17
N LEU A 385 -23.97 9.04 12.72
CA LEU A 385 -23.85 9.32 11.31
C LEU A 385 -22.57 8.58 10.77
N SER A 386 -22.54 8.23 9.47
CA SER A 386 -21.39 7.51 8.93
C SER A 386 -20.13 8.33 9.11
N THR A 387 -19.02 7.63 9.38
CA THR A 387 -17.76 8.28 9.61
C THR A 387 -17.28 9.05 8.37
N PRO A 388 -17.59 8.58 7.16
CA PRO A 388 -17.16 9.32 5.94
C PRO A 388 -17.89 10.67 5.81
N GLN A 389 -19.17 10.66 6.19
CA GLN A 389 -20.03 11.84 6.18
C GLN A 389 -19.49 12.83 7.19
N GLN A 390 -19.25 12.35 8.40
CA GLN A 390 -18.73 13.21 9.44
C GLN A 390 -17.44 13.86 8.97
N VAL A 391 -16.57 13.09 8.31
CA VAL A 391 -15.31 13.63 7.79
C VAL A 391 -15.62 14.70 6.75
N GLN A 392 -16.59 14.47 5.87
CA GLN A 392 -16.89 15.53 4.90
C GLN A 392 -17.40 16.77 5.64
N MET A 393 -18.12 16.55 6.73
CA MET A 393 -18.63 17.66 7.48
C MET A 393 -17.45 18.45 8.11
N ALA A 394 -16.55 17.75 8.78
CA ALA A 394 -15.40 18.40 9.38
C ALA A 394 -14.70 19.25 8.33
N LEU A 395 -14.47 18.65 7.17
CA LEU A 395 -13.83 19.37 6.08
C LEU A 395 -14.62 20.59 5.54
N PHE A 396 -15.95 20.60 5.57
CA PHE A 396 -16.72 21.78 5.09
C PHE A 396 -16.55 22.82 6.16
N SER A 397 -16.58 22.37 7.40
CA SER A 397 -16.43 23.28 8.53
C SER A 397 -15.03 23.91 8.46
N LEU A 398 -13.99 23.09 8.31
CA LEU A 398 -12.60 23.57 8.24
C LEU A 398 -12.38 24.61 7.16
N PHE A 399 -13.03 24.42 6.03
CA PHE A 399 -12.95 25.30 4.87
C PHE A 399 -13.47 26.68 5.23
N ALA A 400 -14.66 26.75 5.83
CA ALA A 400 -15.24 28.03 6.21
C ALA A 400 -14.38 28.68 7.27
N LEU A 401 -14.05 27.87 8.28
CA LEU A 401 -13.24 28.33 9.39
C LEU A 401 -11.89 28.87 8.98
N MET A 402 -11.29 28.30 7.94
CA MET A 402 -9.98 28.77 7.50
C MET A 402 -10.05 29.95 6.53
N ASP A 403 -11.26 30.24 6.06
CA ASP A 403 -11.41 31.35 5.15
C ASP A 403 -11.66 32.63 5.99
N GLU A 404 -10.60 33.14 6.59
CA GLU A 404 -10.78 34.32 7.39
C GLU A 404 -11.52 35.47 6.66
N ALA A 405 -11.25 35.73 5.39
CA ALA A 405 -11.96 36.85 4.77
C ALA A 405 -13.40 36.58 4.31
N ASP A 406 -13.89 35.35 4.55
CA ASP A 406 -15.24 34.96 4.13
C ASP A 406 -15.36 35.09 2.61
N GLU A 407 -14.36 34.65 1.87
CA GLU A 407 -14.40 34.81 0.42
C GLU A 407 -15.53 34.01 -0.16
N TYR A 408 -15.71 32.80 0.35
CA TYR A 408 -16.79 31.92 -0.10
C TYR A 408 -18.15 32.60 0.12
N LYS A 409 -18.40 32.98 1.38
CA LYS A 409 -19.64 33.60 1.73
C LYS A 409 -20.03 34.73 0.76
N HIS A 410 -19.07 35.61 0.49
CA HIS A 410 -19.25 36.76 -0.40
C HIS A 410 -19.57 36.29 -1.79
N THR A 411 -18.84 35.28 -2.27
CA THR A 411 -19.06 34.77 -3.62
C THR A 411 -20.50 34.33 -3.75
N LEU A 412 -21.00 33.61 -2.75
CA LEU A 412 -22.41 33.16 -2.76
C LEU A 412 -23.33 34.37 -2.63
N LYS A 413 -23.10 35.24 -1.64
CA LYS A 413 -23.98 36.38 -1.51
C LYS A 413 -24.15 37.22 -2.79
N GLN A 414 -23.05 37.41 -3.53
CA GLN A 414 -23.08 38.15 -4.81
C GLN A 414 -23.73 37.33 -5.93
N LEU A 415 -23.73 36.02 -5.78
CA LEU A 415 -24.33 35.20 -6.80
C LEU A 415 -25.82 35.42 -6.61
N ILE A 416 -26.23 35.45 -5.35
CA ILE A 416 -27.65 35.63 -5.10
C ILE A 416 -28.12 36.95 -5.65
N ARG A 417 -27.42 38.01 -5.30
CA ARG A 417 -27.77 39.34 -5.80
C ARG A 417 -27.75 39.42 -7.32
N ARG A 418 -26.70 38.89 -7.94
CA ARG A 418 -26.58 38.91 -9.39
C ARG A 418 -27.83 38.31 -10.01
N ARG A 419 -28.22 37.20 -9.42
CA ARG A 419 -29.40 36.50 -9.88
C ARG A 419 -30.64 37.39 -9.71
N GLU A 420 -30.70 38.12 -8.60
CA GLU A 420 -31.83 39.01 -8.31
C GLU A 420 -31.94 40.15 -9.33
N THR A 421 -30.80 40.70 -9.73
CA THR A 421 -30.74 41.78 -10.68
C THR A 421 -31.29 41.32 -12.02
N THR A 422 -30.88 40.13 -12.42
CA THR A 422 -31.31 39.60 -13.69
C THR A 422 -32.80 39.31 -13.61
N LEU A 423 -33.24 38.81 -12.45
CA LEU A 423 -34.64 38.48 -12.21
C LEU A 423 -35.57 39.66 -12.38
N TYR A 424 -35.20 40.75 -11.73
CA TYR A 424 -36.03 41.91 -11.74
C TYR A 424 -35.74 42.94 -12.79
N ARG A 425 -34.72 42.71 -13.60
CA ARG A 425 -34.37 43.68 -14.64
C ARG A 425 -35.61 44.36 -15.27
N GLU A 426 -36.61 43.56 -15.64
CA GLU A 426 -37.81 44.10 -16.24
C GLU A 426 -38.98 44.25 -15.28
N LEU A 427 -38.73 44.35 -13.99
CA LEU A 427 -39.83 44.47 -13.02
C LEU A 427 -39.66 45.63 -12.05
N GLY A 428 -38.88 46.64 -12.43
CA GLY A 428 -38.69 47.76 -11.54
C GLY A 428 -37.47 47.64 -10.66
N MET A 429 -36.67 46.61 -10.94
CA MET A 429 -35.43 46.33 -10.21
C MET A 429 -35.75 45.73 -8.86
N PRO A 430 -34.89 44.84 -8.36
CA PRO A 430 -35.14 44.19 -7.07
C PRO A 430 -35.57 45.11 -5.96
N PRO A 431 -36.41 44.60 -5.04
CA PRO A 431 -36.95 45.27 -3.87
C PRO A 431 -35.81 45.86 -3.07
N LEU A 432 -36.09 46.94 -2.37
CA LEU A 432 -35.09 47.60 -1.54
C LEU A 432 -34.48 46.59 -0.58
N ARG A 433 -33.15 46.58 -0.50
CA ARG A 433 -32.47 45.63 0.39
C ARG A 433 -32.59 46.13 1.82
N ASP A 434 -32.36 45.24 2.77
CA ASP A 434 -32.48 45.53 4.19
C ASP A 434 -31.33 44.74 4.89
N GLU A 435 -30.89 45.15 6.08
CA GLU A 435 -29.79 44.41 6.71
C GLU A 435 -30.18 43.00 7.13
N ASN A 436 -31.48 42.76 7.21
CA ASN A 436 -32.02 41.46 7.60
C ASN A 436 -32.37 40.60 6.38
N ALA A 437 -32.05 41.08 5.19
CA ALA A 437 -32.36 40.29 4.03
C ALA A 437 -31.30 39.20 3.82
N VAL A 438 -31.80 38.02 3.41
CA VAL A 438 -31.01 36.85 3.13
C VAL A 438 -31.37 36.64 1.67
N ASP A 439 -32.67 36.55 1.42
CA ASP A 439 -33.22 36.38 0.08
C ASP A 439 -32.81 35.14 -0.71
N TYR A 440 -32.76 34.01 -0.01
CA TYR A 440 -32.47 32.71 -0.63
C TYR A 440 -33.71 32.41 -1.47
N TYR A 441 -34.83 33.00 -1.03
CA TYR A 441 -36.12 32.94 -1.73
C TYR A 441 -36.50 34.41 -1.87
N THR A 442 -37.03 34.74 -3.03
CA THR A 442 -37.42 36.11 -3.33
C THR A 442 -38.91 36.13 -3.58
N LEU A 443 -39.57 37.18 -3.11
CA LEU A 443 -41.00 37.31 -3.29
C LEU A 443 -41.31 38.23 -4.46
N ILE A 444 -41.92 37.67 -5.48
CA ILE A 444 -42.30 38.41 -6.65
C ILE A 444 -43.77 38.77 -6.40
N ASP A 445 -43.98 39.98 -5.90
CA ASP A 445 -45.33 40.47 -5.63
C ASP A 445 -45.82 41.19 -6.87
N LEU A 446 -47.07 40.93 -7.26
CA LEU A 446 -47.66 41.52 -8.46
C LEU A 446 -47.98 43.02 -8.27
N GLN A 447 -48.50 43.38 -7.10
CA GLN A 447 -48.85 44.77 -6.88
C GLN A 447 -47.61 45.67 -6.96
N ASP A 448 -46.57 45.31 -6.22
CA ASP A 448 -45.34 46.08 -6.16
C ASP A 448 -44.60 46.19 -7.48
N VAL A 449 -44.70 45.15 -8.30
CA VAL A 449 -44.03 45.15 -9.59
C VAL A 449 -44.74 46.04 -10.60
N THR A 450 -46.07 46.01 -10.63
CA THR A 450 -46.84 46.87 -11.53
C THR A 450 -46.85 48.34 -11.06
N ALA A 451 -46.56 48.54 -9.78
CA ALA A 451 -46.51 49.85 -9.19
C ALA A 451 -45.21 50.53 -9.62
N LYS A 452 -44.12 49.76 -9.59
CA LYS A 452 -42.82 50.30 -9.98
C LYS A 452 -42.80 50.56 -11.47
N LEU A 453 -43.47 49.70 -12.23
CA LEU A 453 -43.51 49.80 -13.69
C LEU A 453 -44.47 50.81 -14.24
N TYR A 454 -45.68 50.89 -13.67
CA TYR A 454 -46.69 51.79 -14.18
C TYR A 454 -47.47 52.69 -13.21
N GLY A 455 -47.11 52.70 -11.93
CA GLY A 455 -47.81 53.55 -11.00
C GLY A 455 -48.75 52.89 -9.99
N GLU A 456 -48.91 53.57 -8.85
CA GLU A 456 -49.75 53.11 -7.77
C GLU A 456 -51.21 52.89 -8.24
N ALA A 457 -51.65 53.71 -9.18
CA ALA A 457 -53.01 53.63 -9.72
C ALA A 457 -53.33 52.34 -10.48
N PHE A 458 -52.36 51.89 -11.29
CA PHE A 458 -52.48 50.64 -12.08
C PHE A 458 -52.20 49.46 -11.15
N SER A 459 -51.32 49.74 -10.18
CA SER A 459 -50.93 48.80 -9.15
C SER A 459 -52.23 48.18 -8.64
N GLU A 460 -53.09 49.01 -8.04
CA GLU A 460 -54.38 48.62 -7.44
C GLU A 460 -55.42 47.97 -8.36
N TRP A 461 -55.50 48.41 -9.61
CA TRP A 461 -56.44 47.85 -10.57
C TRP A 461 -56.02 46.45 -11.00
N ALA A 462 -54.73 46.29 -11.28
CA ALA A 462 -54.13 45.02 -11.71
C ALA A 462 -54.25 43.88 -10.69
N VAL A 463 -53.92 44.17 -9.44
CA VAL A 463 -54.04 43.16 -8.39
C VAL A 463 -55.46 42.59 -8.39
N LYS A 464 -56.46 43.46 -8.30
CA LYS A 464 -57.88 43.07 -8.30
C LYS A 464 -58.22 42.24 -9.56
N GLN A 465 -57.59 42.60 -10.66
CA GLN A 465 -57.75 41.98 -11.97
C GLN A 465 -57.23 40.55 -12.10
N SER A 466 -56.05 40.28 -11.55
CA SER A 466 -55.44 38.96 -11.66
C SER A 466 -55.54 38.14 -10.38
N SER A 467 -54.93 36.95 -10.39
CA SER A 467 -54.94 36.04 -9.23
C SER A 467 -53.61 35.28 -9.16
N THR A 468 -53.22 34.86 -7.96
CA THR A 468 -51.96 34.15 -7.78
C THR A 468 -51.83 32.94 -8.70
N GLY A 469 -52.90 32.20 -8.85
CA GLY A 469 -52.82 31.03 -9.70
C GLY A 469 -52.58 31.42 -11.15
N ASP A 470 -53.25 32.48 -11.55
CA ASP A 470 -53.19 33.02 -12.90
C ASP A 470 -51.76 33.41 -13.28
N MET A 471 -51.10 34.09 -12.37
CA MET A 471 -49.74 34.55 -12.55
C MET A 471 -48.81 33.34 -12.64
N LEU A 472 -48.78 32.52 -11.60
CA LEU A 472 -47.92 31.35 -11.57
C LEU A 472 -47.99 30.55 -12.87
N PHE A 473 -49.19 30.54 -13.45
CA PHE A 473 -49.45 29.81 -14.68
C PHE A 473 -48.75 30.45 -15.87
N ARG A 474 -49.03 31.71 -16.11
CA ARG A 474 -48.41 32.44 -17.21
C ARG A 474 -46.89 32.26 -17.19
N ILE A 475 -46.33 32.33 -15.99
CA ILE A 475 -44.90 32.15 -15.84
C ILE A 475 -44.53 30.70 -16.10
N ALA A 476 -45.29 29.77 -15.52
CA ALA A 476 -44.98 28.36 -15.70
C ALA A 476 -45.20 27.88 -17.15
N ASP A 477 -46.36 28.22 -17.68
CA ASP A 477 -46.73 27.84 -19.03
C ASP A 477 -45.70 28.39 -20.01
N GLU A 478 -45.04 29.48 -19.64
CA GLU A 478 -44.11 30.08 -20.56
C GLU A 478 -42.62 29.74 -20.39
N THR A 479 -42.20 29.46 -19.16
CA THR A 479 -40.81 29.14 -18.91
C THR A 479 -40.62 27.73 -18.34
N GLY A 480 -41.72 27.11 -17.94
CA GLY A 480 -41.67 25.77 -17.39
C GLY A 480 -41.30 25.70 -15.92
N ILE A 481 -40.96 26.83 -15.33
CA ILE A 481 -40.63 26.85 -13.92
C ILE A 481 -41.91 27.20 -13.21
N VAL A 482 -42.14 26.58 -12.05
CA VAL A 482 -43.35 26.87 -11.31
C VAL A 482 -42.95 27.45 -9.97
N LEU A 483 -43.47 28.64 -9.68
CA LEU A 483 -43.11 29.28 -8.43
C LEU A 483 -44.02 28.89 -7.29
N LEU A 484 -43.56 29.12 -6.07
CA LEU A 484 -44.33 28.83 -4.86
C LEU A 484 -45.30 29.99 -4.66
N PRO A 485 -46.58 29.71 -4.37
CA PRO A 485 -47.55 30.80 -4.18
C PRO A 485 -47.16 31.69 -3.01
N GLY A 486 -47.11 32.99 -3.25
CA GLY A 486 -46.74 33.93 -2.20
C GLY A 486 -47.70 33.78 -1.02
N ALA A 487 -47.21 33.24 0.08
CA ALA A 487 -48.04 33.02 1.26
C ALA A 487 -47.57 33.79 2.46
N GLY A 488 -48.54 34.22 3.27
CA GLY A 488 -48.22 34.96 4.48
C GLY A 488 -48.90 36.30 4.70
N PHE A 489 -49.89 36.67 3.89
CA PHE A 489 -50.55 37.95 4.09
C PHE A 489 -51.95 38.20 3.52
N GLY A 490 -52.88 37.28 3.74
CA GLY A 490 -54.22 37.47 3.20
C GLY A 490 -54.19 37.50 1.67
N SER A 491 -54.53 36.35 1.05
CA SER A 491 -54.53 36.18 -0.41
C SER A 491 -54.82 37.38 -1.32
N ASN A 492 -55.34 38.48 -0.78
CA ASN A 492 -55.63 39.67 -1.60
C ASN A 492 -54.42 40.14 -2.44
N ARG A 493 -53.29 39.46 -2.26
CA ARG A 493 -52.09 39.82 -3.00
C ARG A 493 -51.56 38.71 -3.89
N PRO A 494 -51.79 38.80 -5.21
CA PRO A 494 -51.31 37.78 -6.15
C PRO A 494 -49.80 37.82 -6.12
N SER A 495 -49.19 36.72 -5.67
CA SER A 495 -47.76 36.71 -5.57
C SER A 495 -47.14 35.34 -5.56
N GLY A 496 -45.87 35.30 -5.97
CA GLY A 496 -45.15 34.04 -5.98
C GLY A 496 -43.72 34.23 -5.52
N ARG A 497 -43.13 33.14 -5.02
CA ARG A 497 -41.73 33.12 -4.55
C ARG A 497 -40.86 32.21 -5.43
N ALA A 498 -39.65 32.66 -5.71
CA ALA A 498 -38.74 31.89 -6.54
C ALA A 498 -37.53 31.78 -5.67
N SER A 499 -36.64 30.83 -5.96
CA SER A 499 -35.42 30.74 -5.16
C SER A 499 -34.34 31.31 -6.02
N LEU A 500 -33.51 32.16 -5.43
CA LEU A 500 -32.41 32.79 -6.15
C LEU A 500 -31.16 31.90 -6.06
N ALA A 501 -31.38 30.65 -5.67
CA ALA A 501 -30.29 29.72 -5.51
C ALA A 501 -30.32 28.49 -6.41
N ASN A 502 -31.39 28.29 -7.18
CA ASN A 502 -31.44 27.06 -7.96
C ASN A 502 -31.63 27.15 -9.46
N LEU A 503 -31.30 28.27 -10.06
CA LEU A 503 -31.47 28.40 -11.49
C LEU A 503 -30.33 29.28 -11.96
N ASN A 504 -30.02 29.23 -13.24
CA ASN A 504 -28.97 30.05 -13.80
C ASN A 504 -29.65 31.32 -14.31
N GLU A 505 -28.85 32.36 -14.48
CA GLU A 505 -29.34 33.64 -14.91
C GLU A 505 -30.38 33.66 -16.01
N TYR A 506 -30.08 33.08 -17.16
CA TYR A 506 -31.08 33.12 -18.23
C TYR A 506 -32.46 32.59 -17.76
N GLU A 507 -32.49 31.76 -16.71
CA GLU A 507 -33.79 31.26 -16.22
C GLU A 507 -34.56 32.32 -15.45
N TYR A 508 -33.84 33.18 -14.75
CA TYR A 508 -34.50 34.24 -14.05
C TYR A 508 -34.93 35.27 -15.10
N ALA A 509 -34.11 35.49 -16.12
CA ALA A 509 -34.44 36.43 -17.16
C ALA A 509 -35.76 36.05 -17.80
N ALA A 510 -35.98 34.76 -18.00
CA ALA A 510 -37.22 34.28 -18.59
C ALA A 510 -38.40 34.51 -17.68
N ILE A 511 -38.21 34.24 -16.39
CA ILE A 511 -39.29 34.43 -15.43
C ILE A 511 -39.84 35.89 -15.48
N GLY A 512 -38.92 36.86 -15.49
CA GLY A 512 -39.25 38.28 -15.54
C GLY A 512 -39.80 38.76 -16.88
N ARG A 513 -39.20 38.26 -17.96
CA ARG A 513 -39.65 38.57 -19.30
C ARG A 513 -41.14 38.22 -19.41
N ALA A 514 -41.53 37.06 -18.86
CA ALA A 514 -42.91 36.57 -18.89
C ALA A 514 -43.79 37.29 -17.91
N LEU A 515 -43.19 37.83 -16.87
CA LEU A 515 -43.98 38.52 -15.90
C LEU A 515 -44.21 39.95 -16.38
N ARG A 516 -43.28 40.45 -17.17
CA ARG A 516 -43.46 41.78 -17.68
C ARG A 516 -44.38 41.67 -18.89
N LYS A 517 -44.38 40.53 -19.56
CA LYS A 517 -45.26 40.34 -20.70
C LYS A 517 -46.67 40.44 -20.18
N MET A 518 -46.89 39.86 -19.01
CA MET A 518 -48.20 39.87 -18.42
C MET A 518 -48.57 41.31 -18.05
N ALA A 519 -47.74 41.93 -17.23
CA ALA A 519 -47.94 43.31 -16.82
C ALA A 519 -48.30 44.21 -18.00
N ASP A 520 -47.65 44.01 -19.14
CA ASP A 520 -47.91 44.86 -20.28
C ASP A 520 -49.34 44.74 -20.77
N GLU A 521 -49.80 43.51 -20.88
CA GLU A 521 -51.16 43.20 -21.33
C GLU A 521 -52.25 43.75 -20.42
N LEU A 522 -51.95 43.78 -19.12
CA LEU A 522 -52.86 44.30 -18.12
C LEU A 522 -52.81 45.81 -18.21
N TYR A 523 -51.65 46.34 -18.59
CA TYR A 523 -51.52 47.78 -18.74
C TYR A 523 -52.10 48.25 -20.06
N ALA A 524 -52.05 47.40 -21.08
CA ALA A 524 -52.64 47.74 -22.36
C ALA A 524 -54.08 48.02 -22.01
N GLU A 525 -54.68 47.09 -21.26
CA GLU A 525 -56.07 47.21 -20.81
C GLU A 525 -56.34 48.53 -20.08
N TYR A 526 -55.70 48.70 -18.92
CA TYR A 526 -55.86 49.92 -18.13
C TYR A 526 -55.83 51.11 -19.10
N SER A 527 -54.78 51.17 -19.91
CA SER A 527 -54.62 52.25 -20.90
C SER A 527 -55.96 52.46 -21.60
N GLY A 528 -56.65 51.35 -21.87
CA GLY A 528 -57.95 51.45 -22.50
C GLY A 528 -59.07 51.36 -21.47
N GLU B 15 -22.86 -10.55 33.22
CA GLU B 15 -22.36 -9.69 34.35
C GLU B 15 -20.83 -9.63 34.40
N LEU B 16 -20.18 -10.71 34.01
CA LEU B 16 -18.72 -10.79 33.98
C LEU B 16 -18.25 -9.72 33.00
N LYS B 17 -19.17 -9.28 32.14
CA LYS B 17 -18.87 -8.29 31.11
C LYS B 17 -18.29 -6.98 31.63
N ASP B 18 -18.77 -6.55 32.80
CA ASP B 18 -18.29 -5.31 33.40
C ASP B 18 -16.85 -5.42 33.82
N GLU B 19 -16.49 -6.55 34.40
CA GLU B 19 -15.12 -6.72 34.83
C GLU B 19 -14.17 -7.17 33.74
N LEU B 20 -14.71 -7.69 32.64
CA LEU B 20 -13.86 -8.09 31.54
C LEU B 20 -13.31 -6.83 30.89
N ILE B 21 -14.20 -5.90 30.55
CA ILE B 21 -13.79 -4.64 29.91
C ILE B 21 -12.70 -3.94 30.72
N LYS B 22 -12.75 -4.08 32.03
CA LYS B 22 -11.76 -3.44 32.90
C LYS B 22 -10.35 -4.01 32.67
N ILE B 23 -10.24 -5.33 32.62
CA ILE B 23 -8.94 -5.99 32.42
C ILE B 23 -8.36 -5.65 31.06
N ALA B 24 -9.24 -5.64 30.06
CA ALA B 24 -8.86 -5.34 28.68
C ALA B 24 -9.73 -4.23 28.11
N SER B 25 -9.05 -3.20 27.63
CA SER B 25 -9.70 -2.03 27.07
C SER B 25 -9.18 -1.68 25.71
N SER B 26 -10.11 -1.67 24.78
CA SER B 26 -9.86 -1.34 23.40
C SER B 26 -11.26 -1.22 22.81
N ASP B 27 -11.44 -0.26 21.91
CA ASP B 27 -12.73 -0.05 21.29
C ASP B 27 -13.26 -1.34 20.69
N GLY B 28 -12.37 -2.14 20.10
CA GLY B 28 -12.76 -3.40 19.49
C GLY B 28 -13.36 -4.35 20.51
N ASN B 29 -12.61 -4.60 21.58
CA ASN B 29 -13.06 -5.45 22.66
C ASN B 29 -14.43 -4.99 23.15
N ARG B 30 -14.61 -3.68 23.26
CA ARG B 30 -15.90 -3.12 23.71
C ARG B 30 -16.99 -3.42 22.69
N LEU B 31 -16.71 -3.16 21.42
CA LEU B 31 -17.70 -3.43 20.39
C LEU B 31 -18.21 -4.85 20.55
N MET B 32 -17.30 -5.79 20.79
CA MET B 32 -17.65 -7.19 20.99
C MET B 32 -18.52 -7.38 22.22
N LEU B 33 -18.15 -6.76 23.33
CA LEU B 33 -18.93 -6.97 24.52
C LEU B 33 -20.20 -6.13 24.61
N ASN B 34 -20.19 -4.95 24.01
CA ASN B 34 -21.35 -4.07 24.10
C ASN B 34 -22.37 -4.32 23.01
N ALA B 35 -21.91 -4.48 21.78
CA ALA B 35 -22.82 -4.75 20.67
C ALA B 35 -22.75 -6.19 20.11
N GLY B 36 -21.74 -6.95 20.53
CA GLY B 36 -21.57 -8.34 20.09
C GLY B 36 -21.15 -8.59 18.65
N ARG B 37 -20.29 -7.75 18.10
CA ARG B 37 -19.84 -7.88 16.72
C ARG B 37 -18.33 -7.78 16.60
N GLY B 38 -17.75 -8.42 15.61
CA GLY B 38 -16.32 -8.28 15.46
C GLY B 38 -16.06 -7.29 14.33
N ASN B 39 -15.46 -6.13 14.59
CA ASN B 39 -15.18 -5.22 13.49
C ASN B 39 -14.02 -5.81 12.69
N PRO B 40 -14.22 -5.97 11.38
CA PRO B 40 -13.23 -6.52 10.45
C PRO B 40 -11.96 -5.69 10.29
N ASN B 41 -10.80 -6.38 10.17
CA ASN B 41 -9.55 -5.68 9.92
C ASN B 41 -9.14 -5.79 8.44
N PHE B 42 -10.15 -6.07 7.63
CA PHE B 42 -9.91 -6.16 6.21
C PHE B 42 -10.93 -5.25 5.52
N LEU B 43 -10.63 -4.85 4.28
CA LEU B 43 -11.51 -3.97 3.53
C LEU B 43 -11.27 -4.01 2.03
N ALA B 44 -12.39 -3.94 1.31
CA ALA B 44 -12.40 -3.94 -0.15
C ALA B 44 -11.76 -2.62 -0.56
N THR B 45 -10.55 -2.68 -1.08
CA THR B 45 -9.88 -1.45 -1.44
C THR B 45 -10.21 -0.95 -2.83
N THR B 46 -10.34 -1.88 -3.76
CA THR B 46 -10.58 -1.48 -5.12
C THR B 46 -11.85 -0.68 -5.31
N PRO B 47 -12.96 -1.13 -4.73
CA PRO B 47 -14.21 -0.37 -4.91
C PRO B 47 -14.17 0.93 -4.15
N ARG B 48 -13.22 1.08 -3.23
CA ARG B 48 -13.07 2.34 -2.52
C ARG B 48 -12.21 3.29 -3.39
N ARG B 49 -11.08 2.81 -3.90
CA ARG B 49 -10.22 3.64 -4.76
C ARG B 49 -11.03 4.20 -5.93
N ALA B 50 -11.94 3.39 -6.45
CA ALA B 50 -12.76 3.82 -7.57
C ALA B 50 -13.72 4.95 -7.13
N PHE B 51 -14.22 4.83 -5.90
CA PHE B 51 -15.15 5.81 -5.36
C PHE B 51 -14.42 7.13 -5.37
N PHE B 52 -13.17 7.11 -4.90
CA PHE B 52 -12.39 8.33 -4.81
C PHE B 52 -11.99 8.87 -6.18
N ARG B 53 -11.67 7.97 -7.09
CA ARG B 53 -11.34 8.45 -8.41
C ARG B 53 -12.60 8.94 -9.08
N LEU B 54 -13.75 8.35 -8.76
CA LEU B 54 -14.97 8.82 -9.38
C LEU B 54 -15.25 10.22 -8.86
N GLY B 55 -14.81 10.49 -7.64
CA GLY B 55 -15.03 11.82 -7.13
C GLY B 55 -14.20 12.87 -7.84
N LEU B 56 -12.91 12.57 -8.05
CA LEU B 56 -12.04 13.54 -8.71
C LEU B 56 -12.61 13.89 -10.06
N PHE B 57 -13.10 12.87 -10.77
CA PHE B 57 -13.69 13.11 -12.08
C PHE B 57 -15.01 13.93 -11.90
N ALA B 58 -15.81 13.55 -10.90
CA ALA B 58 -17.05 14.24 -10.60
C ALA B 58 -16.80 15.75 -10.35
N ALA B 59 -15.81 16.05 -9.53
CA ALA B 59 -15.51 17.43 -9.19
C ALA B 59 -15.14 18.19 -10.45
N ALA B 60 -14.43 17.53 -11.35
CA ALA B 60 -14.05 18.21 -12.57
C ALA B 60 -15.34 18.53 -13.34
N GLU B 61 -16.27 17.59 -13.36
CA GLU B 61 -17.55 17.79 -14.05
C GLU B 61 -18.28 18.96 -13.43
N SER B 62 -18.12 19.13 -12.12
CA SER B 62 -18.74 20.22 -11.38
C SER B 62 -18.14 21.50 -11.88
N GLU B 63 -16.81 21.56 -11.75
CA GLU B 63 -16.02 22.71 -12.14
C GLU B 63 -16.31 23.14 -13.57
N LEU B 64 -16.60 22.18 -14.44
CA LEU B 64 -16.93 22.56 -15.80
C LEU B 64 -18.17 23.46 -15.85
N SER B 65 -19.07 23.35 -14.88
CA SER B 65 -20.30 24.15 -14.89
C SER B 65 -20.31 25.45 -14.15
N TYR B 66 -19.26 25.80 -13.42
CA TYR B 66 -19.28 27.09 -12.74
C TYR B 66 -18.92 28.17 -13.73
N SER B 67 -19.83 29.13 -13.86
CA SER B 67 -19.73 30.21 -14.81
C SER B 67 -18.91 31.47 -14.48
N TYR B 68 -18.46 31.60 -13.25
CA TYR B 68 -17.77 32.80 -12.88
C TYR B 68 -16.32 32.63 -12.50
N MET B 69 -15.60 33.75 -12.51
CA MET B 69 -14.19 33.73 -12.18
C MET B 69 -14.09 33.95 -10.70
N THR B 70 -13.58 32.93 -10.03
CA THR B 70 -13.32 32.99 -8.61
C THR B 70 -12.21 31.99 -8.35
N THR B 71 -11.46 32.29 -7.31
CA THR B 71 -10.31 31.51 -6.92
C THR B 71 -10.72 30.72 -5.69
N VAL B 72 -11.94 30.97 -5.23
CA VAL B 72 -12.42 30.31 -4.03
C VAL B 72 -12.73 28.80 -4.13
N GLY B 73 -13.17 28.33 -5.29
CA GLY B 73 -13.46 26.90 -5.43
C GLY B 73 -14.93 26.58 -5.29
N VAL B 74 -15.66 26.87 -6.36
CA VAL B 74 -17.11 26.68 -6.45
C VAL B 74 -17.46 25.88 -7.70
N GLY B 75 -18.43 25.00 -7.59
CA GLY B 75 -18.81 24.20 -8.72
C GLY B 75 -20.26 24.44 -9.02
N GLY B 76 -20.68 23.95 -10.18
CA GLY B 76 -22.06 24.06 -10.59
C GLY B 76 -22.43 22.61 -10.60
N LEU B 77 -23.60 22.26 -11.12
CA LEU B 77 -24.02 20.86 -11.19
C LEU B 77 -23.50 20.19 -12.46
N ALA B 78 -23.00 18.95 -12.34
CA ALA B 78 -22.48 18.20 -13.49
C ALA B 78 -23.54 18.02 -14.60
N LYS B 79 -23.14 18.31 -15.82
CA LYS B 79 -24.02 18.18 -16.99
C LYS B 79 -24.10 16.75 -17.54
N ILE B 80 -25.30 16.23 -17.78
CA ILE B 80 -25.38 14.86 -18.30
C ILE B 80 -25.01 14.73 -19.78
N ASP B 81 -25.08 15.85 -20.50
CA ASP B 81 -24.75 15.81 -21.93
C ASP B 81 -23.27 15.61 -22.19
N GLY B 82 -22.95 14.62 -23.03
CA GLY B 82 -21.56 14.32 -23.34
C GLY B 82 -20.84 13.71 -22.16
N ILE B 83 -21.58 13.07 -21.27
CA ILE B 83 -20.93 12.52 -20.10
C ILE B 83 -20.14 11.24 -20.40
N GLU B 84 -20.62 10.45 -21.34
CA GLU B 84 -19.92 9.25 -21.68
C GLU B 84 -18.58 9.63 -22.25
N GLY B 85 -18.60 10.51 -23.24
CA GLY B 85 -17.37 10.98 -23.88
C GLY B 85 -16.33 11.53 -22.92
N ARG B 86 -16.77 12.33 -21.95
CA ARG B 86 -15.79 12.90 -21.00
C ARG B 86 -15.30 11.79 -20.09
N PHE B 87 -16.24 10.98 -19.62
CA PHE B 87 -15.94 9.88 -18.73
C PHE B 87 -14.89 8.98 -19.38
N GLU B 88 -15.14 8.63 -20.63
CA GLU B 88 -14.25 7.74 -21.33
C GLU B 88 -12.90 8.34 -21.47
N ARG B 89 -12.86 9.65 -21.72
CA ARG B 89 -11.61 10.39 -21.85
C ARG B 89 -10.87 10.31 -20.54
N TYR B 90 -11.62 10.20 -19.46
CA TYR B 90 -11.05 10.10 -18.12
C TYR B 90 -10.45 8.71 -17.99
N ILE B 91 -11.26 7.73 -18.32
CA ILE B 91 -10.86 6.35 -18.24
C ILE B 91 -9.52 6.11 -18.95
N ALA B 92 -9.39 6.71 -20.14
CA ALA B 92 -8.19 6.56 -20.97
C ALA B 92 -6.94 7.24 -20.46
N GLU B 93 -7.08 8.45 -19.92
CA GLU B 93 -5.92 9.20 -19.43
C GLU B 93 -5.39 8.68 -18.12
N ASN B 94 -6.11 7.77 -17.45
CA ASN B 94 -5.71 7.23 -16.15
C ASN B 94 -5.65 5.71 -16.01
N ARG B 95 -5.45 4.99 -17.12
CA ARG B 95 -5.36 3.51 -17.17
C ARG B 95 -4.44 2.85 -16.14
N ASP B 96 -3.62 3.62 -15.46
CA ASP B 96 -2.70 2.99 -14.54
C ASP B 96 -3.06 3.17 -13.11
N GLN B 97 -4.27 3.67 -12.91
CA GLN B 97 -4.81 3.88 -11.59
C GLN B 97 -5.81 2.74 -11.39
N GLU B 98 -5.67 1.99 -10.31
CA GLU B 98 -6.54 0.83 -10.03
C GLU B 98 -8.03 1.18 -10.15
N GLY B 99 -8.43 2.20 -9.39
CA GLY B 99 -9.80 2.62 -9.38
C GLY B 99 -10.42 3.08 -10.68
N VAL B 100 -9.59 3.49 -11.63
CA VAL B 100 -10.16 3.95 -12.89
C VAL B 100 -10.49 2.77 -13.83
N ARG B 101 -9.66 1.75 -13.78
CA ARG B 101 -9.88 0.58 -14.59
C ARG B 101 -11.21 -0.03 -14.15
N PHE B 102 -11.46 -0.06 -12.83
CA PHE B 102 -12.70 -0.63 -12.28
C PHE B 102 -13.92 0.18 -12.73
N LEU B 103 -13.85 1.50 -12.55
CA LEU B 103 -14.90 2.39 -13.00
C LEU B 103 -15.28 2.06 -14.42
N GLY B 104 -14.26 1.87 -15.27
CA GLY B 104 -14.48 1.58 -16.67
C GLY B 104 -15.25 0.30 -16.95
N LYS B 105 -14.81 -0.79 -16.31
CA LYS B 105 -15.45 -2.07 -16.48
C LYS B 105 -16.86 -1.98 -15.96
N SER B 106 -16.99 -1.31 -14.83
CA SER B 106 -18.27 -1.16 -14.21
C SER B 106 -19.21 -0.54 -15.22
N LEU B 107 -18.73 0.44 -15.98
CA LEU B 107 -19.60 1.06 -16.97
C LEU B 107 -20.11 -0.06 -17.84
N SER B 108 -19.19 -0.84 -18.39
CA SER B 108 -19.55 -1.93 -19.29
C SER B 108 -20.62 -2.83 -18.71
N TYR B 109 -20.37 -3.31 -17.49
CA TYR B 109 -21.29 -4.20 -16.82
C TYR B 109 -22.71 -3.62 -16.79
N VAL B 110 -22.86 -2.38 -16.34
CA VAL B 110 -24.19 -1.84 -16.24
C VAL B 110 -24.89 -1.68 -17.55
N ARG B 111 -24.16 -1.15 -18.54
CA ARG B 111 -24.68 -0.90 -19.87
C ARG B 111 -24.87 -2.18 -20.66
N ASP B 112 -23.82 -2.99 -20.64
CA ASP B 112 -23.76 -4.26 -21.35
C ASP B 112 -24.37 -5.52 -20.73
N GLN B 113 -24.18 -5.77 -19.45
CA GLN B 113 -24.74 -6.99 -18.90
C GLN B 113 -26.10 -6.74 -18.33
N LEU B 114 -26.27 -5.62 -17.63
CA LEU B 114 -27.58 -5.25 -17.08
C LEU B 114 -28.48 -4.50 -18.10
N GLY B 115 -27.87 -3.89 -19.13
CA GLY B 115 -28.61 -3.19 -20.18
C GLY B 115 -29.33 -1.90 -19.84
N LEU B 116 -28.81 -1.21 -18.83
CA LEU B 116 -29.37 0.05 -18.38
C LEU B 116 -28.68 1.12 -19.20
N ASP B 117 -29.27 2.33 -19.20
CA ASP B 117 -28.78 3.50 -19.92
C ASP B 117 -27.44 3.93 -19.32
N PRO B 118 -26.34 3.93 -20.11
CA PRO B 118 -24.99 4.31 -19.65
C PRO B 118 -24.82 5.80 -19.25
N ALA B 119 -25.47 6.70 -20.01
CA ALA B 119 -25.37 8.12 -19.66
C ALA B 119 -26.03 8.32 -18.30
N ALA B 120 -27.23 7.74 -18.14
CA ALA B 120 -27.99 7.86 -16.91
C ALA B 120 -27.26 7.22 -15.74
N PHE B 121 -26.51 6.15 -16.00
CA PHE B 121 -25.78 5.51 -14.94
C PHE B 121 -24.69 6.47 -14.56
N LEU B 122 -23.96 6.96 -15.54
CA LEU B 122 -22.87 7.85 -15.19
C LEU B 122 -23.39 9.02 -14.40
N HIS B 123 -24.48 9.65 -14.86
CA HIS B 123 -25.03 10.82 -14.15
C HIS B 123 -25.46 10.52 -12.72
N GLU B 124 -26.12 9.40 -12.50
CA GLU B 124 -26.49 9.05 -11.15
C GLU B 124 -25.23 8.91 -10.32
N MET B 125 -24.19 8.23 -10.84
CA MET B 125 -22.95 8.09 -10.06
C MET B 125 -22.19 9.40 -9.76
N VAL B 126 -22.04 10.25 -10.77
CA VAL B 126 -21.35 11.51 -10.61
C VAL B 126 -22.17 12.49 -9.72
N ASP B 127 -23.44 12.68 -10.05
CA ASP B 127 -24.27 13.57 -9.29
C ASP B 127 -24.38 13.03 -7.86
N GLY B 128 -24.45 11.71 -7.73
CA GLY B 128 -24.54 11.11 -6.41
C GLY B 128 -23.35 11.36 -5.47
N ILE B 129 -22.15 11.03 -5.92
CA ILE B 129 -20.95 11.21 -5.11
C ILE B 129 -20.66 12.70 -4.84
N LEU B 130 -21.24 13.61 -5.64
CA LEU B 130 -21.08 15.05 -5.37
C LEU B 130 -22.11 15.32 -4.26
N GLY B 131 -23.17 14.53 -4.25
CA GLY B 131 -24.19 14.70 -3.22
C GLY B 131 -24.64 16.14 -3.13
N CYS B 132 -25.01 16.68 -4.27
CA CYS B 132 -25.45 18.05 -4.44
C CYS B 132 -26.96 18.03 -4.72
N ASN B 133 -27.55 16.86 -4.52
CA ASN B 133 -28.97 16.64 -4.74
C ASN B 133 -29.61 15.65 -3.78
N TYR B 134 -30.83 15.97 -3.36
CA TYR B 134 -31.59 15.11 -2.46
C TYR B 134 -31.88 13.79 -3.13
N PRO B 135 -31.72 12.69 -2.37
CA PRO B 135 -31.98 11.37 -2.96
C PRO B 135 -33.38 11.30 -3.60
N VAL B 136 -33.43 10.86 -4.86
CA VAL B 136 -34.71 10.76 -5.53
C VAL B 136 -34.64 9.54 -6.44
N PRO B 137 -35.58 8.61 -6.28
CA PRO B 137 -36.61 8.82 -5.25
C PRO B 137 -36.05 8.49 -3.87
N PRO B 138 -36.68 9.02 -2.83
CA PRO B 138 -36.25 8.78 -1.46
C PRO B 138 -35.86 7.34 -1.13
N ARG B 139 -36.69 6.35 -1.50
CA ARG B 139 -36.42 4.95 -1.17
C ARG B 139 -35.06 4.33 -1.60
N MET B 140 -34.51 4.84 -2.71
CA MET B 140 -33.24 4.39 -3.29
C MET B 140 -33.15 4.94 -4.75
N LEU B 141 -31.96 5.37 -5.12
CA LEU B 141 -31.68 5.90 -6.45
C LEU B 141 -32.07 4.87 -7.55
N ASN B 142 -32.60 5.34 -8.65
CA ASN B 142 -33.06 4.39 -9.63
C ASN B 142 -32.15 3.26 -10.07
N ILE B 143 -31.01 3.60 -10.66
CA ILE B 143 -30.08 2.58 -11.14
C ILE B 143 -29.33 1.84 -10.04
N SER B 144 -28.98 2.52 -8.96
CA SER B 144 -28.31 1.84 -7.86
C SER B 144 -29.16 0.70 -7.33
N GLU B 145 -30.49 0.89 -7.22
CA GLU B 145 -31.38 -0.16 -6.71
C GLU B 145 -31.24 -1.39 -7.58
N LYS B 146 -31.35 -1.18 -8.87
CA LYS B 146 -31.21 -2.26 -9.80
C LYS B 146 -29.78 -2.83 -9.70
N ILE B 147 -28.75 -1.98 -9.51
CA ILE B 147 -27.42 -2.56 -9.42
C ILE B 147 -27.32 -3.39 -8.16
N VAL B 148 -27.62 -2.80 -7.02
CA VAL B 148 -27.54 -3.51 -5.78
C VAL B 148 -28.47 -4.72 -5.65
N ARG B 149 -29.65 -4.67 -6.25
CA ARG B 149 -30.51 -5.83 -6.11
C ARG B 149 -29.99 -7.06 -6.84
N GLN B 150 -29.25 -6.89 -7.91
CA GLN B 150 -28.73 -8.06 -8.59
C GLN B 150 -27.63 -8.70 -7.70
N TYR B 151 -26.92 -7.88 -6.94
CA TYR B 151 -25.91 -8.43 -6.08
C TYR B 151 -26.56 -9.23 -4.95
N ILE B 152 -27.65 -8.67 -4.40
CA ILE B 152 -28.39 -9.23 -3.28
C ILE B 152 -28.97 -10.59 -3.55
N ILE B 153 -29.74 -10.65 -4.62
CA ILE B 153 -30.41 -11.86 -5.03
C ILE B 153 -29.38 -12.99 -5.09
N ARG B 154 -28.27 -12.72 -5.80
CA ARG B 154 -27.17 -13.64 -6.01
C ARG B 154 -26.53 -14.14 -4.72
N GLU B 155 -26.12 -13.20 -3.91
CA GLU B 155 -25.49 -13.57 -2.66
C GLU B 155 -26.49 -14.12 -1.65
N MET B 156 -27.78 -14.05 -1.95
CA MET B 156 -28.78 -14.57 -1.03
C MET B 156 -29.27 -15.94 -1.51
N GLY B 157 -28.87 -16.31 -2.72
CA GLY B 157 -29.27 -17.62 -3.20
C GLY B 157 -30.66 -17.65 -3.81
N ALA B 158 -31.17 -16.48 -4.19
CA ALA B 158 -32.48 -16.36 -4.78
C ALA B 158 -32.48 -16.57 -6.32
N ASP B 159 -31.82 -17.65 -6.75
CA ASP B 159 -31.66 -18.11 -8.16
C ASP B 159 -32.94 -18.21 -9.00
N ALA B 160 -34.08 -17.89 -8.42
CA ALA B 160 -35.30 -18.03 -9.17
C ALA B 160 -36.12 -16.77 -9.16
N ILE B 161 -35.93 -15.94 -8.15
CA ILE B 161 -36.69 -14.72 -8.03
C ILE B 161 -36.34 -13.77 -9.15
N PRO B 162 -37.35 -13.33 -9.91
CA PRO B 162 -37.04 -12.41 -10.99
C PRO B 162 -36.70 -11.03 -10.41
N SER B 163 -35.60 -10.46 -10.88
CA SER B 163 -35.13 -9.16 -10.45
C SER B 163 -36.22 -8.12 -10.22
N GLU B 164 -37.06 -7.86 -11.20
CA GLU B 164 -38.12 -6.83 -11.07
C GLU B 164 -39.09 -7.04 -9.89
N SER B 165 -39.11 -8.24 -9.32
CA SER B 165 -39.99 -8.56 -8.22
C SER B 165 -39.40 -8.20 -6.91
N VAL B 166 -38.16 -7.71 -6.92
CA VAL B 166 -37.47 -7.34 -5.67
C VAL B 166 -37.18 -5.84 -5.60
N ASN B 167 -37.62 -5.26 -4.48
CA ASN B 167 -37.46 -3.82 -4.24
C ASN B 167 -36.61 -3.57 -3.02
N LEU B 168 -35.79 -2.52 -3.06
CA LEU B 168 -34.91 -2.23 -1.94
C LEU B 168 -35.15 -0.84 -1.37
N PHE B 169 -34.83 -0.69 -0.10
CA PHE B 169 -34.92 0.59 0.60
C PHE B 169 -33.52 0.66 1.18
N ALA B 170 -32.74 1.64 0.74
CA ALA B 170 -31.39 1.82 1.23
C ALA B 170 -31.39 2.59 2.58
N VAL B 171 -30.82 1.99 3.61
CA VAL B 171 -30.81 2.62 4.92
C VAL B 171 -29.39 2.65 5.44
N GLU B 172 -29.21 3.31 6.58
CA GLU B 172 -27.90 3.46 7.18
C GLU B 172 -27.47 2.28 8.06
N GLY B 173 -27.20 1.17 7.39
CA GLY B 173 -26.74 -0.02 8.08
C GLY B 173 -27.93 -0.86 8.51
N GLY B 174 -27.65 -2.10 8.87
CA GLY B 174 -28.71 -2.96 9.31
C GLY B 174 -29.19 -2.37 10.61
N THR B 175 -28.38 -1.52 11.23
CA THR B 175 -28.75 -0.91 12.51
C THR B 175 -29.98 -0.01 12.33
N ALA B 176 -30.00 0.78 11.25
CA ALA B 176 -31.13 1.65 10.98
C ALA B 176 -32.26 0.79 10.46
N ALA B 177 -31.92 -0.37 9.93
CA ALA B 177 -32.99 -1.17 9.42
C ALA B 177 -33.92 -1.61 10.53
N MET B 178 -33.41 -2.39 11.47
CA MET B 178 -34.20 -2.85 12.59
C MET B 178 -34.98 -1.74 13.30
N ALA B 179 -34.35 -0.58 13.47
CA ALA B 179 -35.04 0.49 14.16
C ALA B 179 -36.20 0.97 13.32
N TYR B 180 -36.01 1.04 12.01
CA TYR B 180 -37.11 1.48 11.16
C TYR B 180 -38.23 0.43 11.04
N ILE B 181 -37.88 -0.85 10.93
CA ILE B 181 -38.88 -1.88 10.73
C ILE B 181 -39.85 -2.04 11.90
N PHE B 182 -39.26 -2.16 13.09
CA PHE B 182 -40.02 -2.33 14.29
C PHE B 182 -40.97 -1.19 14.52
N GLU B 183 -40.52 0.02 14.17
CA GLU B 183 -41.36 1.19 14.34
C GLU B 183 -42.52 1.21 13.35
N SER B 184 -42.21 0.89 12.11
CA SER B 184 -43.21 0.81 11.07
C SER B 184 -44.21 -0.30 11.40
N LEU B 185 -43.72 -1.45 11.87
CA LEU B 185 -44.64 -2.54 12.22
C LEU B 185 -45.61 -2.09 13.35
N LYS B 186 -45.16 -1.26 14.28
CA LYS B 186 -46.03 -0.83 15.35
C LYS B 186 -47.05 0.18 14.85
N LEU B 187 -46.55 1.25 14.22
CA LEU B 187 -47.42 2.29 13.71
C LEU B 187 -48.43 1.75 12.72
N ASN B 188 -48.13 0.66 12.03
CA ASN B 188 -49.10 0.15 11.05
C ASN B 188 -49.95 -1.01 11.55
N GLY B 189 -49.90 -1.22 12.86
CA GLY B 189 -50.68 -2.28 13.48
C GLY B 189 -50.49 -3.66 12.90
N LEU B 190 -49.25 -3.98 12.50
CA LEU B 190 -48.95 -5.32 11.99
C LEU B 190 -48.34 -6.06 13.17
N LEU B 191 -48.02 -5.30 14.20
CA LEU B 191 -47.46 -5.88 15.42
C LEU B 191 -47.99 -4.96 16.53
N LYS B 192 -48.63 -5.59 17.51
CA LYS B 192 -49.22 -4.91 18.66
C LYS B 192 -48.64 -5.52 19.95
N ALA B 193 -48.75 -4.77 21.04
CA ALA B 193 -48.28 -5.21 22.35
C ALA B 193 -48.97 -6.55 22.67
N GLY B 194 -48.19 -7.52 23.12
CA GLY B 194 -48.78 -8.81 23.41
C GLY B 194 -48.50 -9.85 22.33
N ASP B 195 -48.30 -9.41 21.09
CA ASP B 195 -47.99 -10.36 20.01
C ASP B 195 -46.70 -11.12 20.32
N LYS B 196 -46.67 -12.38 19.90
CA LYS B 196 -45.52 -13.21 20.17
C LYS B 196 -44.50 -13.21 19.04
N VAL B 197 -43.26 -12.94 19.42
CA VAL B 197 -42.19 -12.91 18.45
C VAL B 197 -41.26 -14.08 18.67
N ALA B 198 -41.12 -14.90 17.63
CA ALA B 198 -40.22 -16.05 17.69
C ALA B 198 -38.82 -15.58 17.25
N ILE B 199 -37.84 -15.80 18.11
CA ILE B 199 -36.48 -15.38 17.84
C ILE B 199 -35.55 -16.57 17.88
N GLY B 200 -34.87 -16.79 16.76
CA GLY B 200 -33.91 -17.87 16.66
C GLY B 200 -32.77 -17.51 17.59
N MET B 201 -32.56 -18.36 18.59
CA MET B 201 -31.52 -18.13 19.59
C MET B 201 -30.45 -19.20 19.55
N PRO B 202 -29.23 -18.88 19.97
CA PRO B 202 -28.79 -17.58 20.49
C PRO B 202 -28.64 -16.50 19.44
N VAL B 203 -28.82 -15.26 19.88
CA VAL B 203 -28.64 -14.12 19.01
C VAL B 203 -28.01 -13.07 19.90
N PHE B 204 -27.49 -11.99 19.33
CA PHE B 204 -26.89 -11.01 20.23
C PHE B 204 -27.95 -10.13 20.91
N THR B 205 -27.57 -9.66 22.09
CA THR B 205 -28.40 -8.86 22.97
C THR B 205 -29.30 -7.78 22.36
N PRO B 206 -28.77 -6.97 21.44
CA PRO B 206 -29.58 -5.91 20.84
C PRO B 206 -30.88 -6.39 20.24
N TYR B 207 -30.88 -7.63 19.73
CA TYR B 207 -32.09 -8.16 19.11
C TYR B 207 -33.05 -8.82 20.07
N ILE B 208 -32.63 -8.92 21.31
CA ILE B 208 -33.48 -9.47 22.34
C ILE B 208 -34.14 -8.29 23.00
N GLU B 209 -33.36 -7.23 23.16
CA GLU B 209 -33.86 -6.06 23.82
C GLU B 209 -34.92 -5.34 23.05
N ILE B 210 -34.70 -5.08 21.78
CA ILE B 210 -35.69 -4.30 21.06
C ILE B 210 -37.18 -4.69 21.19
N PRO B 211 -37.50 -5.97 21.01
CA PRO B 211 -38.91 -6.33 21.13
C PRO B 211 -39.48 -6.12 22.54
N GLU B 212 -38.64 -6.37 23.55
CA GLU B 212 -38.99 -6.23 24.97
C GLU B 212 -39.18 -4.76 25.41
N LEU B 213 -38.69 -3.81 24.62
CA LEU B 213 -38.85 -2.40 24.96
C LEU B 213 -40.32 -2.09 25.31
N ALA B 214 -40.55 -1.09 26.16
CA ALA B 214 -41.92 -0.73 26.55
C ALA B 214 -42.71 -0.14 25.38
N GLN B 215 -42.03 0.41 24.40
CA GLN B 215 -42.72 0.99 23.24
C GLN B 215 -43.24 -0.07 22.27
N TYR B 216 -42.77 -1.31 22.42
CA TYR B 216 -43.19 -2.39 21.55
C TYR B 216 -43.93 -3.47 22.35
N ALA B 217 -43.47 -3.73 23.56
CA ALA B 217 -44.11 -4.70 24.42
C ALA B 217 -44.49 -6.01 23.69
N LEU B 218 -43.52 -6.70 23.13
CA LEU B 218 -43.83 -7.95 22.46
C LEU B 218 -43.33 -9.04 23.36
N GLU B 219 -43.95 -10.22 23.25
CA GLU B 219 -43.55 -11.37 24.04
C GLU B 219 -42.72 -12.27 23.13
N GLU B 220 -41.52 -12.62 23.59
CA GLU B 220 -40.72 -13.47 22.73
C GLU B 220 -40.77 -14.96 23.05
N VAL B 221 -40.67 -15.73 21.96
CA VAL B 221 -40.67 -17.19 21.97
C VAL B 221 -39.30 -17.71 21.46
N ALA B 222 -38.53 -18.35 22.32
CA ALA B 222 -37.24 -18.79 21.81
C ALA B 222 -37.29 -19.96 20.84
N ILE B 223 -36.63 -19.85 19.71
CA ILE B 223 -36.53 -20.99 18.82
C ILE B 223 -35.06 -21.28 19.12
N ASN B 224 -34.75 -22.27 19.96
CA ASN B 224 -33.37 -22.50 20.33
C ASN B 224 -32.56 -23.37 19.38
N ALA B 225 -31.35 -22.92 19.05
CA ALA B 225 -30.43 -23.67 18.19
C ALA B 225 -29.85 -24.83 19.02
N ASP B 226 -29.53 -25.95 18.40
CA ASP B 226 -28.99 -27.05 19.18
C ASP B 226 -27.50 -27.34 18.96
N PRO B 227 -26.70 -27.30 20.04
CA PRO B 227 -25.25 -27.56 19.98
C PRO B 227 -24.95 -28.89 19.30
N SER B 228 -25.70 -29.92 19.71
CA SER B 228 -25.55 -31.25 19.17
C SER B 228 -25.74 -31.26 17.65
N LEU B 229 -26.40 -30.25 17.11
CA LEU B 229 -26.64 -30.23 15.68
C LEU B 229 -25.77 -29.20 14.99
N ASN B 230 -24.71 -28.81 15.68
CA ASN B 230 -23.80 -27.82 15.14
C ASN B 230 -24.58 -26.55 14.97
N TRP B 231 -25.31 -26.29 16.04
CA TRP B 231 -26.17 -25.14 16.18
C TRP B 231 -27.21 -24.95 15.11
N GLN B 232 -27.77 -26.05 14.62
CA GLN B 232 -28.89 -25.95 13.69
C GLN B 232 -30.11 -25.97 14.63
N TYR B 233 -31.22 -25.48 14.12
CA TYR B 233 -32.47 -25.43 14.86
C TYR B 233 -33.12 -26.75 14.57
N PRO B 234 -33.32 -27.59 15.60
CA PRO B 234 -33.98 -28.85 15.28
C PRO B 234 -35.43 -28.62 14.84
N ASP B 235 -35.98 -29.59 14.11
CA ASP B 235 -37.37 -29.55 13.61
C ASP B 235 -38.41 -29.25 14.67
N SER B 236 -38.28 -29.91 15.81
CA SER B 236 -39.21 -29.68 16.89
C SER B 236 -39.16 -28.21 17.25
N GLU B 237 -37.94 -27.68 17.23
CA GLU B 237 -37.77 -26.28 17.55
C GLU B 237 -38.40 -25.39 16.48
N LEU B 238 -38.07 -25.63 15.22
CA LEU B 238 -38.66 -24.79 14.21
C LEU B 238 -40.17 -24.91 14.29
N ASP B 239 -40.67 -26.14 14.44
CA ASP B 239 -42.10 -26.41 14.50
C ASP B 239 -42.91 -25.48 15.41
N LYS B 240 -42.28 -24.98 16.47
CA LYS B 240 -42.95 -24.06 17.37
C LYS B 240 -43.62 -22.92 16.60
N LEU B 241 -43.14 -22.62 15.40
CA LEU B 241 -43.71 -21.53 14.64
C LEU B 241 -45.13 -21.82 14.20
N LYS B 242 -45.53 -23.08 14.32
CA LYS B 242 -46.88 -23.52 13.95
C LYS B 242 -47.92 -22.77 14.77
N ASP B 243 -47.59 -22.44 16.01
CA ASP B 243 -48.52 -21.71 16.83
C ASP B 243 -48.92 -20.46 16.08
N PRO B 244 -50.20 -20.36 15.72
CA PRO B 244 -50.72 -19.20 14.98
C PRO B 244 -50.58 -17.88 15.73
N ALA B 245 -50.28 -17.96 17.03
CA ALA B 245 -50.14 -16.74 17.84
C ALA B 245 -48.84 -15.98 17.52
N ILE B 246 -47.84 -16.74 17.06
CA ILE B 246 -46.54 -16.18 16.68
C ILE B 246 -46.75 -15.36 15.40
N LYS B 247 -46.58 -14.05 15.53
CA LYS B 247 -46.79 -13.18 14.40
C LYS B 247 -45.61 -13.11 13.46
N ILE B 248 -44.41 -13.21 14.01
CA ILE B 248 -43.22 -13.08 13.19
C ILE B 248 -42.04 -13.90 13.69
N PHE B 249 -41.15 -14.22 12.76
CA PHE B 249 -39.99 -15.01 13.08
C PHE B 249 -38.75 -14.18 12.83
N PHE B 250 -38.15 -13.72 13.91
CA PHE B 250 -36.96 -12.88 13.88
C PHE B 250 -35.70 -13.78 13.87
N CYS B 251 -34.99 -13.76 12.75
CA CYS B 251 -33.80 -14.60 12.64
C CYS B 251 -32.58 -13.95 12.08
N VAL B 252 -31.43 -14.33 12.63
CA VAL B 252 -30.15 -13.82 12.11
C VAL B 252 -29.45 -15.01 11.46
N ASN B 253 -29.35 -15.01 10.13
CA ASN B 253 -28.78 -16.16 9.39
C ASN B 253 -27.83 -15.77 8.25
N PRO B 254 -26.57 -16.26 8.28
CA PRO B 254 -26.05 -17.13 9.33
C PRO B 254 -25.99 -16.39 10.67
N SER B 255 -26.16 -17.16 11.72
CA SER B 255 -26.18 -16.67 13.07
C SER B 255 -24.90 -16.03 13.61
N ASN B 256 -25.12 -15.17 14.61
CA ASN B 256 -24.11 -14.46 15.40
C ASN B 256 -24.72 -14.59 16.80
N PRO B 257 -24.04 -15.24 17.75
CA PRO B 257 -22.75 -15.93 17.87
C PRO B 257 -22.40 -17.28 17.26
N PRO B 258 -23.34 -18.21 17.13
CA PRO B 258 -23.00 -19.53 16.57
C PRO B 258 -22.21 -19.55 15.24
N SER B 259 -22.51 -18.58 14.38
CA SER B 259 -21.84 -18.41 13.12
C SER B 259 -21.91 -19.61 12.15
N VAL B 260 -23.13 -20.06 11.90
CA VAL B 260 -23.39 -21.16 10.98
C VAL B 260 -24.64 -20.71 10.21
N LYS B 261 -24.77 -21.18 8.97
CA LYS B 261 -25.93 -20.86 8.16
C LYS B 261 -27.01 -21.94 8.35
N MET B 262 -28.30 -21.57 8.34
CA MET B 262 -29.37 -22.55 8.49
C MET B 262 -29.18 -23.55 7.36
N ASP B 263 -29.44 -24.85 7.62
CA ASP B 263 -29.27 -25.86 6.57
C ASP B 263 -30.55 -26.22 5.78
N GLN B 264 -30.39 -27.01 4.71
CA GLN B 264 -31.52 -27.42 3.86
C GLN B 264 -32.72 -27.83 4.67
N ARG B 265 -32.58 -28.90 5.42
CA ARG B 265 -33.64 -29.40 6.25
C ARG B 265 -34.39 -28.26 6.90
N SER B 266 -33.62 -27.41 7.56
CA SER B 266 -34.16 -26.26 8.24
C SER B 266 -34.83 -25.29 7.28
N LEU B 267 -34.29 -25.14 6.08
CA LEU B 267 -34.90 -24.20 5.18
C LEU B 267 -36.20 -24.71 4.57
N GLU B 268 -36.31 -26.02 4.40
CA GLU B 268 -37.53 -26.63 3.84
C GLU B 268 -38.53 -26.74 4.97
N ARG B 269 -38.02 -26.94 6.17
CA ARG B 269 -38.89 -27.08 7.30
C ARG B 269 -39.79 -25.88 7.39
N VAL B 270 -39.15 -24.71 7.34
CA VAL B 270 -39.84 -23.44 7.43
C VAL B 270 -40.71 -23.21 6.19
N ARG B 271 -40.15 -23.52 5.02
CA ARG B 271 -40.87 -23.38 3.77
C ARG B 271 -42.19 -24.09 3.86
N ASN B 272 -42.17 -25.26 4.48
CA ASN B 272 -43.38 -26.06 4.62
C ASN B 272 -44.34 -25.55 5.66
N ILE B 273 -43.79 -25.12 6.80
CA ILE B 273 -44.63 -24.61 7.84
C ILE B 273 -45.36 -23.41 7.27
N VAL B 274 -44.64 -22.56 6.56
CA VAL B 274 -45.29 -21.39 5.99
C VAL B 274 -46.28 -21.85 4.95
N ALA B 275 -45.81 -22.76 4.12
CA ALA B 275 -46.62 -23.28 3.03
C ALA B 275 -47.89 -23.96 3.46
N GLU B 276 -47.81 -24.91 4.40
CA GLU B 276 -49.00 -25.64 4.81
C GLU B 276 -49.69 -25.24 6.14
N HIS B 277 -49.09 -24.35 6.94
CA HIS B 277 -49.75 -23.96 8.18
C HIS B 277 -49.73 -22.49 8.48
N ARG B 278 -48.66 -21.81 8.10
CA ARG B 278 -48.60 -20.39 8.41
C ARG B 278 -48.33 -19.48 7.23
N PRO B 279 -49.25 -19.47 6.26
CA PRO B 279 -49.07 -18.62 5.09
C PRO B 279 -49.06 -17.10 5.44
N ASP B 280 -49.49 -16.78 6.66
CA ASP B 280 -49.62 -15.43 7.19
C ASP B 280 -48.42 -14.90 8.01
N LEU B 281 -47.55 -15.81 8.40
CA LEU B 281 -46.38 -15.48 9.21
C LEU B 281 -45.36 -14.50 8.60
N MET B 282 -44.90 -13.57 9.42
CA MET B 282 -43.90 -12.63 8.97
C MET B 282 -42.54 -13.13 9.42
N ILE B 283 -41.62 -13.19 8.47
CA ILE B 283 -40.24 -13.59 8.72
C ILE B 283 -39.34 -12.33 8.61
N LEU B 284 -38.45 -12.15 9.58
CA LEU B 284 -37.55 -11.02 9.55
C LEU B 284 -36.16 -11.59 9.71
N THR B 285 -35.41 -11.66 8.61
CA THR B 285 -34.06 -12.20 8.65
C THR B 285 -32.91 -11.20 8.34
N ASP B 286 -31.86 -11.26 9.17
CA ASP B 286 -30.67 -10.43 9.06
C ASP B 286 -29.54 -11.29 8.48
N ASP B 287 -29.22 -11.09 7.21
CA ASP B 287 -28.20 -11.93 6.61
C ASP B 287 -26.80 -11.39 6.27
N VAL B 288 -26.29 -10.47 7.10
CA VAL B 288 -24.99 -9.88 6.92
C VAL B 288 -23.79 -10.83 6.68
N TYR B 289 -23.83 -12.03 7.26
CA TYR B 289 -22.71 -12.96 7.14
C TYR B 289 -22.86 -13.91 5.97
N GLY B 290 -23.96 -13.78 5.26
CA GLY B 290 -24.21 -14.65 4.12
C GLY B 290 -23.05 -14.99 3.20
N THR B 291 -22.32 -13.98 2.75
CA THR B 291 -21.22 -14.23 1.83
C THR B 291 -20.08 -15.02 2.44
N PHE B 292 -20.02 -15.03 3.77
CA PHE B 292 -18.96 -15.74 4.42
C PHE B 292 -19.28 -17.22 4.49
N ALA B 293 -20.52 -17.55 4.12
CA ALA B 293 -21.03 -18.93 4.09
C ALA B 293 -20.76 -19.56 2.74
N ASP B 294 -20.91 -20.88 2.62
CA ASP B 294 -20.59 -21.54 1.35
C ASP B 294 -21.60 -21.52 0.23
N ASP B 295 -22.80 -21.96 0.43
CA ASP B 295 -23.65 -21.83 -0.73
C ASP B 295 -24.87 -21.29 -0.09
N PHE B 296 -24.67 -20.15 0.52
CA PHE B 296 -25.76 -19.55 1.24
C PHE B 296 -27.03 -19.44 0.45
N GLN B 297 -28.09 -19.69 1.17
CA GLN B 297 -29.40 -19.56 0.63
C GLN B 297 -30.14 -18.92 1.80
N SER B 298 -30.76 -17.79 1.54
CA SER B 298 -31.50 -17.07 2.57
C SER B 298 -32.95 -17.44 2.69
N LEU B 299 -33.49 -17.18 3.87
CA LEU B 299 -34.90 -17.41 4.11
C LEU B 299 -35.66 -16.60 3.04
N PHE B 300 -35.13 -15.45 2.69
CA PHE B 300 -35.75 -14.62 1.68
C PHE B 300 -35.90 -15.37 0.34
N ALA B 301 -34.96 -16.27 0.07
CA ALA B 301 -34.95 -17.01 -1.17
C ALA B 301 -35.94 -18.15 -1.14
N ILE B 302 -36.13 -18.75 0.04
CA ILE B 302 -37.05 -19.88 0.23
C ILE B 302 -38.51 -19.44 0.36
N CYS B 303 -38.71 -18.34 1.07
CA CYS B 303 -40.05 -17.79 1.29
C CYS B 303 -39.99 -16.30 1.04
N PRO B 304 -39.74 -15.92 -0.22
CA PRO B 304 -39.66 -14.50 -0.56
C PRO B 304 -40.95 -13.74 -0.23
N GLU B 305 -42.09 -14.32 -0.55
CA GLU B 305 -43.30 -13.57 -0.29
C GLU B 305 -43.66 -13.37 1.18
N ASN B 306 -42.92 -14.00 2.08
CA ASN B 306 -43.23 -13.82 3.48
C ASN B 306 -42.16 -13.17 4.30
N THR B 307 -41.08 -12.81 3.64
CA THR B 307 -39.91 -12.31 4.34
C THR B 307 -39.40 -10.91 4.02
N LEU B 308 -39.00 -10.20 5.07
CA LEU B 308 -38.39 -8.87 5.00
C LEU B 308 -36.90 -9.13 5.21
N LEU B 309 -36.05 -8.79 4.24
CA LEU B 309 -34.62 -9.04 4.37
C LEU B 309 -33.86 -7.80 4.77
N VAL B 310 -32.90 -8.00 5.67
CA VAL B 310 -32.06 -6.90 6.11
C VAL B 310 -30.64 -7.36 5.80
N TYR B 311 -30.05 -6.74 4.77
CA TYR B 311 -28.69 -7.06 4.34
C TYR B 311 -27.78 -5.86 4.52
N SER B 312 -26.70 -6.04 5.29
CA SER B 312 -25.73 -4.97 5.54
C SER B 312 -24.43 -5.28 4.82
N PHE B 313 -23.83 -4.25 4.24
CA PHE B 313 -22.59 -4.39 3.51
C PHE B 313 -21.42 -4.31 4.46
N SER B 314 -21.75 -4.12 5.73
CA SER B 314 -20.75 -3.93 6.76
C SER B 314 -19.60 -4.91 6.98
N LYS B 315 -19.91 -6.21 7.10
CA LYS B 315 -18.85 -7.15 7.41
C LYS B 315 -18.05 -7.73 6.30
N TYR B 316 -18.69 -7.93 5.15
CA TYR B 316 -18.08 -8.48 3.93
C TYR B 316 -17.07 -7.51 3.30
N PHE B 317 -17.47 -6.23 3.17
CA PHE B 317 -16.58 -5.21 2.61
C PHE B 317 -15.77 -4.39 3.64
N GLY B 318 -15.82 -4.76 4.93
CA GLY B 318 -15.09 -3.98 5.92
C GLY B 318 -15.54 -2.53 5.86
N ALA B 319 -16.86 -2.33 5.89
CA ALA B 319 -17.51 -1.02 5.79
C ALA B 319 -18.41 -0.66 6.95
N THR B 320 -18.13 -1.16 8.13
CA THR B 320 -18.99 -0.80 9.24
C THR B 320 -19.18 0.72 9.34
N GLY B 321 -18.06 1.43 9.20
CA GLY B 321 -18.11 2.88 9.27
C GLY B 321 -18.95 3.56 8.20
N TRP B 322 -19.12 2.91 7.05
CA TRP B 322 -19.88 3.48 5.97
C TRP B 322 -21.37 3.46 6.21
N ARG B 323 -21.83 2.57 7.09
CA ARG B 323 -23.24 2.42 7.44
C ARG B 323 -24.12 2.20 6.23
N LEU B 324 -23.89 1.11 5.52
CA LEU B 324 -24.64 0.76 4.33
C LEU B 324 -25.42 -0.57 4.44
N GLY B 325 -26.72 -0.47 4.16
CA GLY B 325 -27.55 -1.63 4.19
C GLY B 325 -28.83 -1.37 3.40
N VAL B 326 -29.55 -2.46 3.16
CA VAL B 326 -30.82 -2.36 2.50
C VAL B 326 -31.87 -3.24 3.16
N VAL B 327 -33.12 -2.83 2.96
CA VAL B 327 -34.25 -3.60 3.41
C VAL B 327 -34.85 -4.08 2.06
N ALA B 328 -34.89 -5.40 1.86
CA ALA B 328 -35.42 -5.97 0.62
C ALA B 328 -36.78 -6.66 0.89
N ALA B 329 -37.76 -6.40 0.00
CA ALA B 329 -39.07 -7.02 0.07
C ALA B 329 -39.53 -7.41 -1.35
N HIS B 330 -40.27 -8.53 -1.44
CA HIS B 330 -40.81 -9.05 -2.69
C HIS B 330 -41.96 -8.15 -3.07
N GLN B 331 -42.14 -7.96 -4.37
CA GLN B 331 -43.17 -7.08 -4.90
C GLN B 331 -44.56 -7.46 -4.43
N GLN B 332 -44.72 -8.71 -4.04
CA GLN B 332 -45.99 -9.20 -3.54
C GLN B 332 -45.61 -9.84 -2.21
N ASN B 333 -46.15 -9.36 -1.10
CA ASN B 333 -45.82 -9.99 0.17
C ASN B 333 -46.92 -9.93 1.20
N VAL B 334 -46.73 -10.68 2.27
CA VAL B 334 -47.70 -10.75 3.33
C VAL B 334 -47.82 -9.53 4.23
N PHE B 335 -46.85 -8.63 4.16
CA PHE B 335 -46.94 -7.46 5.01
C PHE B 335 -48.05 -6.58 4.49
N ASP B 336 -48.13 -6.46 3.16
CA ASP B 336 -49.15 -5.66 2.51
C ASP B 336 -50.50 -6.34 2.65
N LEU B 337 -50.45 -7.66 2.75
CA LEU B 337 -51.62 -8.49 2.91
C LEU B 337 -52.18 -8.26 4.28
N ALA B 338 -51.30 -8.30 5.27
CA ALA B 338 -51.71 -8.09 6.63
C ALA B 338 -52.29 -6.67 6.69
N LEU B 339 -51.75 -5.80 5.85
CA LEU B 339 -52.22 -4.42 5.81
C LEU B 339 -53.66 -4.35 5.33
N ASP B 340 -54.03 -5.18 4.36
CA ASP B 340 -55.40 -5.14 3.85
C ASP B 340 -56.31 -5.84 4.86
N LYS B 341 -55.75 -6.75 5.63
CA LYS B 341 -56.57 -7.46 6.56
C LYS B 341 -56.79 -6.68 7.82
N LEU B 342 -56.33 -5.44 7.79
CA LEU B 342 -56.54 -4.56 8.93
C LEU B 342 -58.02 -4.13 8.98
N GLN B 343 -58.45 -3.62 10.12
CA GLN B 343 -59.83 -3.18 10.28
C GLN B 343 -60.07 -1.83 9.66
N GLU B 344 -61.25 -1.67 9.07
CA GLU B 344 -61.63 -0.42 8.44
C GLU B 344 -61.25 0.73 9.35
N SER B 345 -61.53 0.58 10.64
CA SER B 345 -61.20 1.65 11.56
C SER B 345 -59.69 1.98 11.56
N GLU B 346 -58.81 0.97 11.50
CA GLU B 346 -57.37 1.26 11.52
C GLU B 346 -56.91 1.82 10.19
N LYS B 347 -57.43 1.22 9.12
CA LYS B 347 -57.09 1.66 7.79
C LYS B 347 -57.52 3.10 7.58
N VAL B 348 -58.60 3.52 8.23
CA VAL B 348 -59.06 4.89 8.06
C VAL B 348 -58.12 5.88 8.75
N ALA B 349 -57.46 5.43 9.80
CA ALA B 349 -56.55 6.36 10.49
C ALA B 349 -55.19 6.46 9.75
N LEU B 350 -54.82 5.41 9.04
CA LEU B 350 -53.57 5.38 8.31
C LEU B 350 -53.79 6.22 7.05
N ASP B 351 -55.06 6.29 6.62
CA ASP B 351 -55.45 7.10 5.46
C ASP B 351 -55.08 8.53 5.83
N HIS B 352 -55.31 8.92 7.08
CA HIS B 352 -54.87 10.23 7.41
C HIS B 352 -53.32 10.27 7.35
N ARG B 353 -52.68 9.45 8.18
CA ARG B 353 -51.22 9.42 8.26
C ARG B 353 -50.45 9.61 6.93
N TYR B 354 -50.82 8.93 5.86
CA TYR B 354 -50.07 9.10 4.63
C TYR B 354 -50.79 9.90 3.54
N ARG B 355 -51.85 10.60 3.93
CA ARG B 355 -52.66 11.36 2.99
C ARG B 355 -51.79 12.13 2.03
N SER B 356 -50.65 12.63 2.51
CA SER B 356 -49.78 13.43 1.66
C SER B 356 -48.91 12.62 0.69
N LEU B 357 -48.54 11.42 1.08
CA LEU B 357 -47.74 10.62 0.17
C LEU B 357 -48.47 10.34 -1.16
N LEU B 358 -49.79 10.26 -1.13
CA LEU B 358 -50.54 9.94 -2.36
C LEU B 358 -52.05 9.86 -2.18
N PRO B 359 -52.79 9.81 -3.31
CA PRO B 359 -54.27 9.73 -3.25
C PRO B 359 -54.83 8.44 -2.62
N ASP B 360 -54.42 7.28 -3.11
CA ASP B 360 -54.93 6.05 -2.55
C ASP B 360 -53.99 5.37 -1.54
N VAL B 361 -54.08 5.76 -0.28
CA VAL B 361 -53.23 5.19 0.77
C VAL B 361 -53.31 3.68 0.93
N ARG B 362 -54.46 3.09 0.60
CA ARG B 362 -54.70 1.64 0.67
C ARG B 362 -53.78 0.91 -0.33
N SER B 363 -53.15 1.68 -1.22
CA SER B 363 -52.28 1.11 -2.23
C SER B 363 -50.81 1.45 -1.94
N LEU B 364 -50.57 2.18 -0.85
CA LEU B 364 -49.20 2.53 -0.48
C LEU B 364 -48.48 1.28 0.08
N LYS B 365 -47.55 0.72 -0.69
CA LYS B 365 -46.89 -0.48 -0.23
C LYS B 365 -46.02 -0.33 1.04
N PHE B 366 -46.03 -1.36 1.86
CA PHE B 366 -45.30 -1.34 3.12
C PHE B 366 -43.86 -0.86 3.03
N ILE B 367 -43.10 -1.32 2.06
CA ILE B 367 -41.73 -0.86 1.97
C ILE B 367 -41.64 0.63 1.73
N ASP B 368 -42.73 1.21 1.24
CA ASP B 368 -42.71 2.65 0.99
C ASP B 368 -43.10 3.37 2.26
N ARG B 369 -43.78 2.63 3.12
CA ARG B 369 -44.15 3.16 4.42
C ARG B 369 -42.88 3.20 5.30
N LEU B 370 -41.94 2.26 5.08
CA LEU B 370 -40.66 2.24 5.81
C LEU B 370 -39.90 3.55 5.58
N VAL B 371 -39.80 3.97 4.31
CA VAL B 371 -39.14 5.22 3.93
C VAL B 371 -39.81 6.41 4.63
N ALA B 372 -41.13 6.53 4.43
CA ALA B 372 -41.94 7.62 5.03
C ALA B 372 -41.85 7.66 6.55
N ASP B 373 -41.86 6.51 7.22
CA ASP B 373 -41.81 6.48 8.69
C ASP B 373 -40.47 6.81 9.30
N SER B 374 -39.39 6.56 8.55
CA SER B 374 -38.03 6.82 9.03
C SER B 374 -37.78 8.29 9.42
N ARG B 375 -38.47 9.23 8.76
CA ARG B 375 -38.38 10.67 9.04
C ARG B 375 -39.78 11.29 9.19
N ALA B 376 -40.55 10.88 10.18
CA ALA B 376 -41.89 11.45 10.38
C ALA B 376 -42.90 11.66 9.23
N VAL B 377 -42.66 11.16 8.03
CA VAL B 377 -43.65 11.29 6.94
C VAL B 377 -43.79 12.62 6.22
N ALA B 378 -43.91 13.69 6.99
CA ALA B 378 -44.06 15.01 6.42
C ALA B 378 -42.74 15.34 5.74
N LEU B 379 -41.69 14.59 6.11
CA LEU B 379 -40.36 14.81 5.56
C LEU B 379 -39.90 13.78 4.54
N ASN B 380 -40.85 12.99 4.05
CA ASN B 380 -40.61 11.94 3.05
C ASN B 380 -39.72 12.41 1.93
N HIS B 381 -40.16 13.42 1.18
CA HIS B 381 -39.36 13.92 0.03
C HIS B 381 -37.91 14.19 0.26
N THR B 382 -37.48 14.24 1.51
CA THR B 382 -36.07 14.45 1.72
C THR B 382 -35.48 13.34 2.60
N ALA B 383 -36.17 12.20 2.69
CA ALA B 383 -35.66 11.08 3.48
C ALA B 383 -34.80 10.22 2.55
N GLY B 384 -34.22 9.14 3.08
CA GLY B 384 -33.39 8.29 2.25
C GLY B 384 -31.95 8.39 2.63
N LEU B 385 -31.18 7.37 2.31
CA LEU B 385 -29.75 7.30 2.59
C LEU B 385 -28.97 8.28 1.70
N SER B 386 -27.92 8.91 2.20
CA SER B 386 -27.18 9.90 1.37
C SER B 386 -26.72 9.42 -0.02
N THR B 387 -26.84 10.30 -1.03
CA THR B 387 -26.46 9.85 -2.38
C THR B 387 -25.05 9.29 -2.50
N PRO B 388 -24.05 9.90 -1.86
CA PRO B 388 -22.67 9.39 -1.94
C PRO B 388 -22.56 8.00 -1.25
N GLN B 389 -23.45 7.74 -0.30
CA GLN B 389 -23.40 6.49 0.42
C GLN B 389 -23.92 5.43 -0.48
N GLN B 390 -25.00 5.78 -1.16
CA GLN B 390 -25.60 4.85 -2.06
C GLN B 390 -24.57 4.51 -3.13
N VAL B 391 -23.88 5.53 -3.66
CA VAL B 391 -22.85 5.30 -4.71
C VAL B 391 -21.76 4.34 -4.24
N GLN B 392 -21.26 4.51 -3.04
CA GLN B 392 -20.25 3.60 -2.60
C GLN B 392 -20.82 2.18 -2.52
N MET B 393 -22.13 2.08 -2.21
CA MET B 393 -22.83 0.79 -2.10
C MET B 393 -22.89 0.12 -3.45
N ALA B 394 -23.32 0.93 -4.43
CA ALA B 394 -23.43 0.50 -5.81
C ALA B 394 -22.07 -0.07 -6.28
N LEU B 395 -20.97 0.59 -5.92
CA LEU B 395 -19.62 0.11 -6.28
C LEU B 395 -19.23 -1.19 -5.57
N PHE B 396 -19.61 -1.35 -4.29
CA PHE B 396 -19.31 -2.60 -3.62
C PHE B 396 -20.02 -3.68 -4.38
N SER B 397 -21.30 -3.44 -4.65
CA SER B 397 -22.10 -4.42 -5.39
C SER B 397 -21.40 -4.84 -6.68
N LEU B 398 -21.04 -3.85 -7.51
CA LEU B 398 -20.35 -4.08 -8.77
C LEU B 398 -19.07 -4.86 -8.59
N PHE B 399 -18.36 -4.54 -7.52
CA PHE B 399 -17.12 -5.21 -7.22
C PHE B 399 -17.34 -6.71 -7.11
N ALA B 400 -18.43 -7.10 -6.47
CA ALA B 400 -18.72 -8.50 -6.28
C ALA B 400 -19.22 -9.17 -7.57
N LEU B 401 -20.19 -8.52 -8.21
CA LEU B 401 -20.78 -9.03 -9.43
C LEU B 401 -19.77 -9.26 -10.55
N MET B 402 -18.82 -8.36 -10.72
CA MET B 402 -17.85 -8.49 -11.79
C MET B 402 -16.73 -9.46 -11.49
N ASP B 403 -16.64 -9.87 -10.23
CA ASP B 403 -15.63 -10.82 -9.81
C ASP B 403 -16.21 -12.21 -10.02
N GLU B 404 -16.37 -12.60 -11.28
CA GLU B 404 -16.94 -13.90 -11.65
C GLU B 404 -16.28 -15.10 -10.95
N ALA B 405 -14.96 -15.07 -10.76
CA ALA B 405 -14.32 -16.20 -10.11
C ALA B 405 -14.39 -16.14 -8.56
N ASP B 406 -15.06 -15.12 -8.03
CA ASP B 406 -15.17 -14.95 -6.58
C ASP B 406 -13.79 -14.87 -5.91
N GLU B 407 -12.84 -14.17 -6.51
CA GLU B 407 -11.51 -14.07 -5.92
C GLU B 407 -11.47 -13.40 -4.54
N TYR B 408 -12.23 -12.31 -4.42
CA TYR B 408 -12.34 -11.54 -3.17
C TYR B 408 -12.98 -12.41 -2.09
N LYS B 409 -14.08 -13.10 -2.41
CA LYS B 409 -14.73 -13.97 -1.44
C LYS B 409 -13.77 -15.08 -0.94
N HIS B 410 -13.15 -15.81 -1.87
CA HIS B 410 -12.17 -16.86 -1.52
C HIS B 410 -11.03 -16.25 -0.68
N THR B 411 -10.46 -15.14 -1.13
CA THR B 411 -9.40 -14.53 -0.34
C THR B 411 -9.79 -14.38 1.15
N LEU B 412 -11.00 -13.88 1.41
CA LEU B 412 -11.46 -13.68 2.80
C LEU B 412 -11.71 -14.96 3.52
N LYS B 413 -12.27 -15.95 2.82
CA LYS B 413 -12.54 -17.20 3.47
C LYS B 413 -11.26 -17.91 3.86
N GLN B 414 -10.21 -17.86 3.03
CA GLN B 414 -8.90 -18.49 3.33
C GLN B 414 -8.18 -17.72 4.42
N LEU B 415 -8.52 -16.44 4.55
CA LEU B 415 -7.94 -15.61 5.60
C LEU B 415 -8.60 -16.00 6.94
N ILE B 416 -9.91 -16.23 6.96
CA ILE B 416 -10.58 -16.61 8.21
C ILE B 416 -9.92 -17.95 8.62
N ARG B 417 -9.73 -18.83 7.64
CA ARG B 417 -9.13 -20.14 7.86
C ARG B 417 -7.67 -20.10 8.33
N ARG B 418 -6.89 -19.18 7.79
CA ARG B 418 -5.51 -19.11 8.22
C ARG B 418 -5.47 -18.75 9.71
N ARG B 419 -6.30 -17.80 10.11
CA ARG B 419 -6.43 -17.33 11.50
C ARG B 419 -6.93 -18.46 12.41
N GLU B 420 -7.85 -19.27 11.89
CA GLU B 420 -8.39 -20.41 12.64
C GLU B 420 -7.21 -21.38 12.82
N THR B 421 -6.55 -21.70 11.71
CA THR B 421 -5.39 -22.60 11.74
C THR B 421 -4.40 -22.15 12.84
N THR B 422 -4.20 -20.86 12.94
CA THR B 422 -3.25 -20.31 13.93
C THR B 422 -3.75 -20.37 15.37
N LEU B 423 -5.06 -20.15 15.50
CA LEU B 423 -5.74 -20.13 16.77
C LEU B 423 -5.64 -21.46 17.46
N TYR B 424 -5.98 -22.55 16.78
CA TYR B 424 -5.97 -23.90 17.36
C TYR B 424 -4.68 -24.72 17.10
N ARG B 425 -3.66 -24.06 16.55
CA ARG B 425 -2.38 -24.70 16.26
C ARG B 425 -1.95 -25.57 17.45
N GLU B 426 -1.93 -24.93 18.63
CA GLU B 426 -1.59 -25.61 19.86
C GLU B 426 -2.80 -26.09 20.65
N LEU B 427 -3.98 -26.17 20.00
CA LEU B 427 -5.23 -26.59 20.66
C LEU B 427 -5.82 -27.89 20.10
N GLY B 428 -5.04 -28.61 19.29
CA GLY B 428 -5.55 -29.83 18.71
C GLY B 428 -6.29 -29.52 17.41
N MET B 429 -5.73 -28.62 16.62
CA MET B 429 -6.32 -28.21 15.35
C MET B 429 -7.78 -27.78 15.55
N PRO B 430 -8.34 -27.08 14.55
CA PRO B 430 -9.71 -26.59 14.58
C PRO B 430 -10.68 -27.73 14.72
N PRO B 431 -11.94 -27.43 15.04
CA PRO B 431 -12.95 -28.49 15.17
C PRO B 431 -13.36 -28.78 13.75
N LEU B 432 -13.84 -30.00 13.50
CA LEU B 432 -14.22 -30.40 12.16
C LEU B 432 -15.25 -29.44 11.59
N ARG B 433 -14.99 -29.04 10.35
CA ARG B 433 -15.84 -28.10 9.66
C ARG B 433 -16.76 -28.75 8.62
N ASP B 434 -18.06 -28.46 8.70
CA ASP B 434 -19.00 -28.98 7.71
C ASP B 434 -19.49 -27.89 6.75
N GLU B 435 -20.37 -28.26 5.84
CA GLU B 435 -20.85 -27.33 4.82
C GLU B 435 -21.69 -26.13 5.27
N ASN B 436 -22.21 -26.20 6.49
CA ASN B 436 -23.02 -25.11 7.04
C ASN B 436 -22.17 -24.08 7.85
N ALA B 437 -20.87 -24.35 7.97
CA ALA B 437 -19.94 -23.53 8.74
C ALA B 437 -19.63 -22.17 8.15
N VAL B 438 -19.50 -21.17 9.01
CA VAL B 438 -19.15 -19.83 8.56
C VAL B 438 -17.86 -19.46 9.29
N ASP B 439 -17.95 -19.53 10.62
CA ASP B 439 -16.83 -19.25 11.51
C ASP B 439 -16.29 -17.83 11.51
N TYR B 440 -17.16 -16.83 11.52
CA TYR B 440 -16.76 -15.42 11.57
C TYR B 440 -16.41 -15.23 13.06
N TYR B 441 -17.11 -16.03 13.85
CA TYR B 441 -16.93 -16.12 15.29
C TYR B 441 -16.64 -17.60 15.46
N THR B 442 -15.59 -17.92 16.18
CA THR B 442 -15.27 -19.31 16.39
C THR B 442 -15.39 -19.59 17.88
N LEU B 443 -16.05 -20.70 18.21
CA LEU B 443 -16.22 -21.05 19.61
C LEU B 443 -15.09 -21.86 20.20
N ILE B 444 -14.43 -21.30 21.21
CA ILE B 444 -13.34 -22.00 21.90
C ILE B 444 -13.88 -22.70 23.15
N ASP B 445 -14.19 -23.98 23.00
CA ASP B 445 -14.72 -24.79 24.10
C ASP B 445 -13.59 -25.54 24.81
N LEU B 446 -13.55 -25.41 26.14
CA LEU B 446 -12.52 -26.02 26.96
C LEU B 446 -12.57 -27.52 27.03
N GLN B 447 -13.76 -28.08 27.06
CA GLN B 447 -13.81 -29.51 27.14
C GLN B 447 -13.24 -30.07 25.82
N ASP B 448 -13.77 -29.60 24.69
CA ASP B 448 -13.32 -30.06 23.37
C ASP B 448 -11.85 -29.89 23.06
N VAL B 449 -11.24 -28.86 23.64
CA VAL B 449 -9.84 -28.61 23.41
C VAL B 449 -9.00 -29.55 24.25
N THR B 450 -9.42 -29.75 25.50
CA THR B 450 -8.70 -30.61 26.42
C THR B 450 -8.82 -32.04 26.02
N ALA B 451 -10.01 -32.41 25.51
CA ALA B 451 -10.24 -33.78 25.05
C ALA B 451 -9.44 -34.07 23.78
N LYS B 452 -9.29 -33.08 22.91
CA LYS B 452 -8.51 -33.30 21.69
C LYS B 452 -7.00 -33.37 22.01
N LEU B 453 -6.57 -32.68 23.07
CA LEU B 453 -5.16 -32.66 23.51
C LEU B 453 -4.77 -33.87 24.40
N TYR B 454 -5.62 -34.15 25.39
CA TYR B 454 -5.37 -35.21 26.37
C TYR B 454 -6.43 -36.31 26.60
N GLY B 455 -7.45 -36.35 25.76
CA GLY B 455 -8.48 -37.37 25.92
C GLY B 455 -9.75 -36.97 26.62
N GLU B 456 -10.80 -37.78 26.49
CA GLU B 456 -12.09 -37.50 27.11
C GLU B 456 -12.14 -37.66 28.64
N ALA B 457 -11.18 -38.39 29.20
CA ALA B 457 -11.17 -38.54 30.65
C ALA B 457 -10.85 -37.16 31.16
N PHE B 458 -9.63 -36.74 30.90
CA PHE B 458 -9.15 -35.41 31.30
C PHE B 458 -10.15 -34.32 30.93
N SER B 459 -10.81 -34.50 29.79
CA SER B 459 -11.79 -33.51 29.36
C SER B 459 -12.88 -33.26 30.42
N GLU B 460 -13.58 -34.32 30.84
CA GLU B 460 -14.66 -34.18 31.81
C GLU B 460 -14.22 -33.72 33.19
N TRP B 461 -12.94 -33.91 33.50
CA TRP B 461 -12.42 -33.48 34.79
C TRP B 461 -11.95 -32.00 34.74
N ALA B 462 -11.39 -31.59 33.61
CA ALA B 462 -10.94 -30.23 33.45
C ALA B 462 -12.16 -29.31 33.43
N VAL B 463 -13.22 -29.73 32.76
CA VAL B 463 -14.40 -28.90 32.70
C VAL B 463 -14.80 -28.47 34.13
N LYS B 464 -15.01 -29.44 35.02
CA LYS B 464 -15.43 -29.12 36.41
C LYS B 464 -14.46 -28.24 37.21
N GLN B 465 -13.20 -28.18 36.78
CA GLN B 465 -12.17 -27.39 37.47
C GLN B 465 -12.13 -25.92 37.09
N SER B 466 -12.89 -25.51 36.08
CA SER B 466 -12.85 -24.11 35.69
C SER B 466 -14.23 -23.51 35.42
N SER B 467 -14.24 -22.25 35.01
CA SER B 467 -15.48 -21.54 34.72
C SER B 467 -15.26 -20.60 33.54
N THR B 468 -16.28 -20.38 32.73
CA THR B 468 -16.15 -19.48 31.59
C THR B 468 -15.37 -18.23 31.99
N GLY B 469 -15.77 -17.61 33.09
CA GLY B 469 -15.10 -16.40 33.56
C GLY B 469 -13.64 -16.67 33.82
N ASP B 470 -13.37 -17.80 34.45
CA ASP B 470 -11.99 -18.18 34.75
C ASP B 470 -11.19 -18.14 33.47
N MET B 471 -11.63 -18.94 32.50
CA MET B 471 -11.00 -19.05 31.20
C MET B 471 -10.87 -17.65 30.59
N LEU B 472 -11.99 -16.96 30.42
CA LEU B 472 -11.96 -15.63 29.82
C LEU B 472 -10.99 -14.68 30.54
N PHE B 473 -11.15 -14.53 31.84
CA PHE B 473 -10.29 -13.65 32.61
C PHE B 473 -8.79 -13.94 32.38
N ARG B 474 -8.39 -15.20 32.52
CA ARG B 474 -7.01 -15.63 32.32
C ARG B 474 -6.42 -15.22 30.96
N ILE B 475 -7.18 -15.46 29.90
CA ILE B 475 -6.81 -15.11 28.51
C ILE B 475 -6.77 -13.60 28.35
N ALA B 476 -7.72 -12.94 28.98
CA ALA B 476 -7.80 -11.49 28.94
C ALA B 476 -6.56 -10.92 29.62
N ASP B 477 -6.11 -11.60 30.66
CA ASP B 477 -4.95 -11.15 31.40
C ASP B 477 -3.58 -11.46 30.76
N GLU B 478 -3.51 -12.58 30.03
CA GLU B 478 -2.26 -12.98 29.37
C GLU B 478 -2.12 -12.46 27.92
N THR B 479 -3.21 -11.99 27.33
CA THR B 479 -3.15 -11.53 25.94
C THR B 479 -3.81 -10.19 25.71
N GLY B 480 -4.50 -9.71 26.74
CA GLY B 480 -5.21 -8.46 26.61
C GLY B 480 -6.50 -8.62 25.82
N ILE B 481 -6.72 -9.82 25.27
CA ILE B 481 -7.94 -10.04 24.48
C ILE B 481 -9.04 -10.66 25.30
N VAL B 482 -10.18 -10.00 25.26
CA VAL B 482 -11.34 -10.45 25.98
C VAL B 482 -12.29 -11.14 25.05
N LEU B 483 -12.56 -12.42 25.30
CA LEU B 483 -13.48 -13.19 24.45
C LEU B 483 -14.95 -13.01 24.90
N LEU B 484 -15.88 -13.50 24.09
CA LEU B 484 -17.31 -13.44 24.41
C LEU B 484 -17.68 -14.74 25.15
N PRO B 485 -18.35 -14.65 26.31
CA PRO B 485 -18.71 -15.87 27.04
C PRO B 485 -19.53 -16.84 26.16
N GLY B 486 -19.39 -18.15 26.37
CA GLY B 486 -20.13 -19.08 25.54
C GLY B 486 -21.63 -19.14 25.78
N ALA B 487 -22.43 -18.62 24.85
CA ALA B 487 -23.89 -18.65 25.00
C ALA B 487 -24.46 -19.75 24.12
N GLY B 488 -25.49 -20.43 24.62
CA GLY B 488 -26.10 -21.48 23.84
C GLY B 488 -26.38 -22.82 24.48
N PHE B 489 -25.64 -23.24 25.50
CA PHE B 489 -25.92 -24.57 26.08
C PHE B 489 -25.88 -24.81 27.58
N GLY B 490 -26.62 -24.01 28.35
CA GLY B 490 -26.63 -24.21 29.79
C GLY B 490 -25.25 -24.25 30.42
N SER B 491 -24.90 -23.15 31.10
CA SER B 491 -23.63 -22.93 31.82
C SER B 491 -22.66 -24.09 32.06
N ASN B 492 -23.20 -25.30 32.05
CA ASN B 492 -22.44 -26.53 32.23
C ASN B 492 -21.07 -26.49 31.50
N ARG B 493 -20.94 -25.65 30.47
CA ARG B 493 -19.72 -25.59 29.65
C ARG B 493 -18.78 -24.38 29.53
N PRO B 494 -17.59 -24.47 30.14
CA PRO B 494 -16.61 -23.38 30.07
C PRO B 494 -16.29 -23.10 28.60
N SER B 495 -16.50 -21.86 28.15
CA SER B 495 -16.25 -21.56 26.75
C SER B 495 -16.33 -20.11 26.34
N GLY B 496 -15.49 -19.75 25.38
CA GLY B 496 -15.51 -18.37 24.91
C GLY B 496 -15.64 -18.32 23.41
N ARG B 497 -15.93 -17.13 22.88
CA ARG B 497 -16.06 -16.93 21.45
C ARG B 497 -15.14 -15.81 20.98
N ALA B 498 -14.49 -16.02 19.86
CA ALA B 498 -13.59 -15.03 19.31
C ALA B 498 -14.01 -14.72 17.88
N SER B 499 -13.64 -13.56 17.36
CA SER B 499 -13.99 -13.31 15.99
C SER B 499 -12.74 -13.60 15.20
N LEU B 500 -12.91 -14.24 14.05
CA LEU B 500 -11.77 -14.55 13.25
C LEU B 500 -11.58 -13.48 12.23
N ALA B 501 -12.21 -12.32 12.45
CA ALA B 501 -12.12 -11.20 11.51
C ALA B 501 -11.50 -9.89 12.05
N ASN B 502 -11.29 -9.81 13.36
CA ASN B 502 -10.83 -8.57 13.95
C ASN B 502 -9.45 -8.51 14.57
N LEU B 503 -8.75 -9.64 14.61
CA LEU B 503 -7.40 -9.69 15.17
C LEU B 503 -6.46 -10.11 14.08
N ASN B 504 -5.18 -10.00 14.36
CA ASN B 504 -4.14 -10.41 13.42
C ASN B 504 -3.56 -11.70 13.96
N GLU B 505 -2.86 -12.45 13.11
CA GLU B 505 -2.29 -13.74 13.49
C GLU B 505 -1.55 -13.89 14.81
N TYR B 506 -0.55 -13.06 15.07
CA TYR B 506 0.20 -13.21 16.32
C TYR B 506 -0.75 -13.11 17.50
N GLU B 507 -1.83 -12.34 17.35
CA GLU B 507 -2.82 -12.23 18.42
C GLU B 507 -3.62 -13.51 18.57
N TYR B 508 -3.85 -14.23 17.48
CA TYR B 508 -4.54 -15.51 17.61
C TYR B 508 -3.55 -16.54 18.13
N ALA B 509 -2.27 -16.30 17.94
CA ALA B 509 -1.26 -17.24 18.43
C ALA B 509 -1.21 -17.14 19.98
N ALA B 510 -1.29 -15.90 20.45
CA ALA B 510 -1.25 -15.62 21.86
C ALA B 510 -2.47 -16.17 22.63
N ILE B 511 -3.65 -16.12 22.03
CA ILE B 511 -4.82 -16.64 22.70
C ILE B 511 -4.62 -18.15 22.87
N GLY B 512 -4.23 -18.80 21.78
CA GLY B 512 -4.00 -20.23 21.80
C GLY B 512 -2.78 -20.65 22.60
N ARG B 513 -1.74 -19.84 22.70
CA ARG B 513 -0.56 -20.22 23.46
C ARG B 513 -0.97 -20.24 24.93
N ALA B 514 -1.76 -19.24 25.30
CA ALA B 514 -2.23 -19.05 26.66
C ALA B 514 -3.15 -20.15 27.07
N LEU B 515 -4.06 -20.56 26.20
CA LEU B 515 -5.01 -21.63 26.54
C LEU B 515 -4.42 -23.04 26.50
N ARG B 516 -3.15 -23.15 26.09
CA ARG B 516 -2.43 -24.42 26.05
C ARG B 516 -1.79 -24.56 27.40
N LYS B 517 -1.08 -23.50 27.78
CA LYS B 517 -0.41 -23.41 29.07
C LYS B 517 -1.43 -23.76 30.15
N MET B 518 -2.60 -23.14 30.08
CA MET B 518 -3.66 -23.43 31.04
C MET B 518 -4.00 -24.93 30.99
N ALA B 519 -3.94 -25.51 29.79
CA ALA B 519 -4.27 -26.91 29.58
C ALA B 519 -3.17 -27.83 30.11
N ASP B 520 -1.93 -27.37 29.97
CA ASP B 520 -0.79 -28.15 30.43
C ASP B 520 -0.75 -28.12 31.94
N GLU B 521 -1.25 -27.02 32.47
CA GLU B 521 -1.32 -26.88 33.90
C GLU B 521 -2.49 -27.77 34.36
N LEU B 522 -3.67 -27.61 33.77
CA LEU B 522 -4.79 -28.44 34.19
C LEU B 522 -4.42 -29.91 34.11
N TYR B 523 -3.56 -30.24 33.16
CA TYR B 523 -3.13 -31.62 32.99
C TYR B 523 -2.08 -32.04 34.01
N ALA B 524 -1.18 -31.13 34.37
CA ALA B 524 -0.18 -31.50 35.35
C ALA B 524 -0.92 -31.93 36.62
N GLU B 525 -1.94 -31.16 37.03
CA GLU B 525 -2.74 -31.46 38.24
C GLU B 525 -3.35 -32.87 38.14
N TYR B 526 -4.10 -33.12 37.06
CA TYR B 526 -4.75 -34.40 36.84
C TYR B 526 -3.79 -35.63 36.78
N SER B 527 -2.52 -35.38 36.43
CA SER B 527 -1.51 -36.43 36.29
C SER B 527 -0.77 -36.82 37.55
N GLY B 528 -1.17 -36.22 38.67
CA GLY B 528 -0.55 -36.51 39.95
C GLY B 528 -1.62 -36.86 40.97
N GLN B 529 -2.88 -36.87 40.50
CA GLN B 529 -4.08 -37.18 41.30
C GLN B 529 -4.50 -36.09 42.29
N GLU C 15 39.49 -13.04 31.11
CA GLU C 15 40.11 -12.33 32.25
C GLU C 15 39.35 -11.06 32.60
N LEU C 16 40.03 -9.93 32.52
CA LEU C 16 39.43 -8.65 32.83
C LEU C 16 38.20 -8.42 31.94
N LYS C 17 38.14 -9.15 30.84
CA LYS C 17 37.07 -9.04 29.86
C LYS C 17 35.66 -9.18 30.45
N ASP C 18 35.54 -9.98 31.50
CA ASP C 18 34.25 -10.20 32.14
C ASP C 18 33.64 -8.90 32.65
N GLU C 19 34.37 -8.24 33.54
CA GLU C 19 33.91 -7.01 34.16
C GLU C 19 33.68 -5.91 33.12
N LEU C 20 34.64 -5.76 32.20
CA LEU C 20 34.52 -4.75 31.15
C LEU C 20 33.17 -4.81 30.45
N ILE C 21 32.85 -5.95 29.86
CA ILE C 21 31.58 -6.11 29.16
C ILE C 21 30.41 -5.72 30.07
N LYS C 22 30.48 -6.13 31.33
CA LYS C 22 29.42 -5.79 32.26
C LYS C 22 29.15 -4.29 32.36
N ILE C 23 30.20 -3.47 32.42
CA ILE C 23 29.96 -2.02 32.55
C ILE C 23 29.78 -1.30 31.21
N ALA C 24 30.05 -2.00 30.11
CA ALA C 24 29.88 -1.39 28.80
C ALA C 24 29.49 -2.40 27.74
N SER C 25 28.19 -2.55 27.55
CA SER C 25 27.66 -3.48 26.57
C SER C 25 27.39 -2.82 25.21
N SER C 26 27.60 -3.61 24.15
CA SER C 26 27.41 -3.22 22.74
C SER C 26 28.00 -4.37 21.94
N ASP C 27 27.59 -4.51 20.68
CA ASP C 27 28.14 -5.57 19.85
C ASP C 27 29.56 -5.22 19.45
N GLY C 28 29.85 -3.93 19.40
CA GLY C 28 31.18 -3.48 19.01
C GLY C 28 32.25 -3.78 20.03
N ASN C 29 31.89 -3.56 21.30
CA ASN C 29 32.76 -3.78 22.44
C ASN C 29 32.98 -5.28 22.64
N ARG C 30 31.89 -6.01 22.42
CA ARG C 30 31.94 -7.43 22.56
C ARG C 30 32.87 -8.02 21.50
N LEU C 31 32.78 -7.52 20.28
CA LEU C 31 33.59 -8.05 19.20
C LEU C 31 35.05 -7.90 19.52
N MET C 32 35.42 -6.67 19.88
CA MET C 32 36.80 -6.36 20.23
C MET C 32 37.34 -7.35 21.27
N LEU C 33 36.52 -7.67 22.27
CA LEU C 33 36.92 -8.61 23.32
C LEU C 33 36.73 -10.06 22.97
N ASN C 34 35.55 -10.45 22.53
CA ASN C 34 35.35 -11.85 22.16
C ASN C 34 36.24 -12.26 20.94
N ALA C 35 36.35 -11.36 19.94
CA ALA C 35 37.12 -11.62 18.71
C ALA C 35 38.40 -10.83 18.42
N GLY C 36 38.69 -9.81 19.22
CA GLY C 36 39.89 -8.99 19.05
C GLY C 36 39.93 -8.23 17.75
N ARG C 37 38.76 -7.90 17.21
CA ARG C 37 38.65 -7.22 15.93
C ARG C 37 37.88 -5.91 15.96
N GLY C 38 38.31 -4.96 15.16
CA GLY C 38 37.59 -3.71 15.10
C GLY C 38 36.67 -3.82 13.90
N ASN C 39 35.38 -3.59 14.05
CA ASN C 39 34.52 -3.69 12.88
C ASN C 39 34.47 -2.29 12.28
N PRO C 40 34.78 -2.17 10.99
CA PRO C 40 34.80 -0.91 10.24
C PRO C 40 33.45 -0.18 10.24
N ASN C 41 33.44 1.12 10.54
CA ASN C 41 32.14 1.78 10.48
C ASN C 41 32.00 2.52 9.15
N PHE C 42 32.91 2.19 8.23
CA PHE C 42 32.93 2.73 6.89
C PHE C 42 32.76 1.54 5.96
N LEU C 43 32.28 1.78 4.74
CA LEU C 43 32.15 0.71 3.72
C LEU C 43 32.21 1.27 2.30
N ALA C 44 32.78 0.47 1.40
CA ALA C 44 32.86 0.87 0.02
C ALA C 44 31.44 0.76 -0.56
N THR C 45 30.87 1.87 -1.05
CA THR C 45 29.52 1.78 -1.62
C THR C 45 29.36 1.60 -3.15
N THR C 46 30.26 2.14 -3.96
CA THR C 46 30.11 2.00 -5.40
C THR C 46 30.09 0.55 -5.87
N PRO C 47 31.00 -0.29 -5.35
CA PRO C 47 30.87 -1.66 -5.88
C PRO C 47 29.60 -2.34 -5.30
N ARG C 48 29.01 -1.78 -4.26
CA ARG C 48 27.81 -2.38 -3.70
C ARG C 48 26.60 -2.00 -4.56
N ARG C 49 26.52 -0.72 -4.94
CA ARG C 49 25.44 -0.27 -5.81
C ARG C 49 25.57 -1.00 -7.16
N ALA C 50 26.82 -1.26 -7.58
CA ALA C 50 27.11 -2.00 -8.83
C ALA C 50 26.42 -3.34 -8.69
N PHE C 51 26.84 -4.11 -7.70
CA PHE C 51 26.23 -5.39 -7.38
C PHE C 51 24.68 -5.35 -7.44
N PHE C 52 24.02 -4.42 -6.74
CA PHE C 52 22.54 -4.35 -6.74
C PHE C 52 21.98 -4.02 -8.14
N ARG C 53 22.64 -3.08 -8.79
CA ARG C 53 22.23 -2.69 -10.10
C ARG C 53 22.36 -3.92 -11.05
N LEU C 54 23.49 -4.59 -11.02
CA LEU C 54 23.70 -5.75 -11.86
C LEU C 54 22.55 -6.71 -11.59
N GLY C 55 22.16 -6.75 -10.33
CA GLY C 55 21.06 -7.60 -9.94
C GLY C 55 19.78 -7.25 -10.67
N LEU C 56 19.49 -5.95 -10.84
CA LEU C 56 18.28 -5.53 -11.55
C LEU C 56 18.31 -5.97 -13.00
N PHE C 57 19.50 -5.93 -13.59
CA PHE C 57 19.67 -6.34 -14.97
C PHE C 57 19.46 -7.84 -15.11
N ALA C 58 20.02 -8.60 -14.15
CA ALA C 58 19.89 -10.04 -14.16
C ALA C 58 18.44 -10.46 -13.95
N ALA C 59 17.72 -9.83 -13.03
CA ALA C 59 16.31 -10.18 -12.82
C ALA C 59 15.54 -10.07 -14.13
N ALA C 60 15.92 -9.10 -14.97
CA ALA C 60 15.26 -8.93 -16.25
C ALA C 60 15.63 -10.10 -17.15
N GLU C 61 16.93 -10.35 -17.33
CA GLU C 61 17.40 -11.48 -18.16
C GLU C 61 16.77 -12.83 -17.80
N SER C 62 16.63 -13.12 -16.52
CA SER C 62 16.02 -14.35 -16.07
C SER C 62 14.53 -14.31 -16.38
N GLU C 63 13.95 -13.12 -16.39
CA GLU C 63 12.52 -13.01 -16.67
C GLU C 63 12.19 -13.24 -18.13
N LEU C 64 13.16 -13.02 -19.01
CA LEU C 64 12.91 -13.25 -20.42
C LEU C 64 13.01 -14.76 -20.73
N SER C 65 13.76 -15.51 -19.92
CA SER C 65 13.87 -16.94 -20.17
C SER C 65 12.70 -17.77 -19.67
N TYR C 66 11.75 -17.14 -18.99
CA TYR C 66 10.58 -17.88 -18.55
C TYR C 66 9.62 -17.79 -19.72
N SER C 67 9.30 -18.94 -20.29
CA SER C 67 8.47 -19.06 -21.47
C SER C 67 6.99 -19.10 -21.24
N TYR C 68 6.54 -19.01 -20.02
CA TYR C 68 5.11 -19.06 -19.87
C TYR C 68 4.54 -17.82 -19.25
N MET C 69 3.23 -17.70 -19.36
CA MET C 69 2.57 -16.58 -18.75
C MET C 69 2.13 -16.96 -17.37
N THR C 70 2.34 -16.02 -16.44
CA THR C 70 2.01 -16.17 -15.05
C THR C 70 2.26 -14.80 -14.45
N THR C 71 1.48 -14.45 -13.44
CA THR C 71 1.66 -13.20 -12.75
C THR C 71 2.51 -13.55 -11.53
N VAL C 72 2.86 -14.83 -11.39
CA VAL C 72 3.63 -15.24 -10.24
C VAL C 72 5.07 -14.79 -10.16
N GLY C 73 5.77 -14.62 -11.26
CA GLY C 73 7.13 -14.14 -11.04
C GLY C 73 8.13 -15.27 -10.77
N VAL C 74 8.35 -15.99 -11.86
CA VAL C 74 9.26 -17.09 -11.91
C VAL C 74 10.06 -16.70 -13.12
N GLY C 75 11.37 -16.93 -13.09
CA GLY C 75 12.20 -16.63 -14.24
C GLY C 75 13.02 -17.87 -14.61
N GLY C 76 13.57 -17.91 -15.83
CA GLY C 76 14.41 -19.02 -16.26
C GLY C 76 15.87 -18.65 -16.12
N LEU C 77 16.75 -19.37 -16.79
CA LEU C 77 18.19 -19.05 -16.72
C LEU C 77 18.59 -18.06 -17.81
N ALA C 78 19.41 -17.08 -17.45
CA ALA C 78 19.87 -16.08 -18.41
C ALA C 78 20.70 -16.75 -19.50
N LYS C 79 20.54 -16.26 -20.73
CA LYS C 79 21.21 -16.82 -21.88
C LYS C 79 22.43 -16.03 -22.27
N ILE C 80 23.55 -16.71 -22.44
CA ILE C 80 24.80 -16.05 -22.81
C ILE C 80 24.79 -15.44 -24.21
N ASP C 81 24.04 -16.02 -25.14
CA ASP C 81 24.00 -15.42 -26.45
C ASP C 81 23.42 -13.99 -26.41
N GLY C 82 24.06 -13.07 -27.14
CA GLY C 82 23.62 -11.69 -27.23
C GLY C 82 23.62 -10.90 -25.94
N ILE C 83 24.34 -11.41 -24.96
CA ILE C 83 24.40 -10.77 -23.67
C ILE C 83 25.14 -9.46 -23.64
N GLU C 84 26.17 -9.31 -24.46
CA GLU C 84 26.90 -8.05 -24.38
C GLU C 84 26.09 -6.90 -24.84
N GLY C 85 25.28 -7.16 -25.86
CA GLY C 85 24.44 -6.11 -26.44
C GLY C 85 23.33 -5.72 -25.50
N ARG C 86 22.71 -6.70 -24.85
CA ARG C 86 21.65 -6.39 -23.92
C ARG C 86 22.22 -5.59 -22.75
N PHE C 87 23.43 -5.96 -22.35
CA PHE C 87 24.14 -5.30 -21.25
C PHE C 87 24.61 -3.86 -21.60
N GLU C 88 24.90 -3.61 -22.88
CA GLU C 88 25.34 -2.29 -23.31
C GLU C 88 24.12 -1.42 -23.46
N ARG C 89 22.97 -2.02 -23.70
CA ARG C 89 21.76 -1.21 -23.80
C ARG C 89 21.38 -0.75 -22.39
N TYR C 90 21.60 -1.64 -21.42
CA TYR C 90 21.31 -1.34 -20.04
C TYR C 90 22.26 -0.31 -19.43
N ILE C 91 23.49 -0.25 -19.94
CA ILE C 91 24.47 0.73 -19.47
C ILE C 91 24.03 2.09 -20.00
N ALA C 92 23.92 2.15 -21.32
CA ALA C 92 23.49 3.35 -21.99
C ALA C 92 22.18 3.87 -21.42
N GLU C 93 21.21 3.01 -21.13
CA GLU C 93 19.96 3.54 -20.61
C GLU C 93 20.00 4.01 -19.16
N ASN C 94 21.07 3.70 -18.44
CA ASN C 94 21.18 4.13 -17.03
C ASN C 94 22.51 4.84 -16.66
N ARG C 95 22.95 5.82 -17.46
CA ARG C 95 24.20 6.55 -17.19
C ARG C 95 24.11 7.44 -15.96
N ASP C 96 22.91 7.57 -15.42
CA ASP C 96 22.72 8.43 -14.27
C ASP C 96 22.63 7.68 -12.95
N GLN C 97 23.13 6.44 -12.93
CA GLN C 97 23.13 5.65 -11.72
C GLN C 97 24.58 5.25 -11.61
N GLU C 98 25.18 5.48 -10.45
CA GLU C 98 26.60 5.20 -10.23
C GLU C 98 26.94 3.73 -10.43
N GLY C 99 26.17 2.88 -9.78
CA GLY C 99 26.45 1.47 -9.91
C GLY C 99 26.70 1.11 -11.33
N VAL C 100 25.79 1.50 -12.22
CA VAL C 100 25.87 1.18 -13.64
C VAL C 100 27.10 1.71 -14.37
N ARG C 101 27.51 2.94 -14.07
CA ARG C 101 28.68 3.55 -14.67
C ARG C 101 29.83 2.58 -14.32
N PHE C 102 29.89 2.20 -13.05
CA PHE C 102 30.90 1.26 -12.57
C PHE C 102 30.81 -0.09 -13.36
N LEU C 103 29.63 -0.70 -13.41
CA LEU C 103 29.49 -1.93 -14.15
C LEU C 103 30.16 -1.79 -15.50
N GLY C 104 29.77 -0.74 -16.23
CA GLY C 104 30.33 -0.45 -17.54
C GLY C 104 31.84 -0.46 -17.59
N LYS C 105 32.49 0.19 -16.62
CA LYS C 105 33.94 0.18 -16.62
C LYS C 105 34.46 -1.23 -16.43
N SER C 106 33.84 -2.01 -15.57
CA SER C 106 34.27 -3.37 -15.31
C SER C 106 34.35 -4.21 -16.57
N LEU C 107 33.34 -4.09 -17.41
CA LEU C 107 33.37 -4.85 -18.64
C LEU C 107 34.66 -4.46 -19.32
N SER C 108 34.84 -3.17 -19.62
CA SER C 108 36.06 -2.79 -20.29
C SER C 108 37.30 -3.37 -19.64
N TYR C 109 37.46 -3.11 -18.35
CA TYR C 109 38.64 -3.62 -17.70
C TYR C 109 38.86 -5.11 -17.93
N VAL C 110 37.83 -5.92 -17.76
CA VAL C 110 38.01 -7.35 -17.89
C VAL C 110 38.26 -7.82 -19.27
N ARG C 111 37.60 -7.17 -20.24
CA ARG C 111 37.72 -7.52 -21.63
C ARG C 111 38.98 -6.88 -22.24
N ASP C 112 39.18 -5.58 -22.00
CA ASP C 112 40.34 -4.84 -22.54
C ASP C 112 41.69 -4.96 -21.80
N GLN C 113 41.64 -4.90 -20.47
CA GLN C 113 42.84 -4.99 -19.69
C GLN C 113 43.27 -6.39 -19.32
N LEU C 114 42.31 -7.26 -18.99
CA LEU C 114 42.66 -8.64 -18.62
C LEU C 114 42.59 -9.60 -19.81
N GLY C 115 41.95 -9.14 -20.88
CA GLY C 115 41.84 -9.92 -22.10
C GLY C 115 40.96 -11.15 -22.00
N LEU C 116 39.95 -11.09 -21.15
CA LEU C 116 39.10 -12.25 -21.01
C LEU C 116 37.90 -12.12 -21.93
N ASP C 117 37.06 -13.15 -21.92
CA ASP C 117 35.84 -13.20 -22.73
C ASP C 117 34.72 -12.41 -22.10
N PRO C 118 34.41 -11.24 -22.66
CA PRO C 118 33.35 -10.31 -22.20
C PRO C 118 31.98 -10.94 -22.00
N ALA C 119 31.61 -11.82 -22.91
CA ALA C 119 30.34 -12.54 -22.83
C ALA C 119 30.37 -13.55 -21.71
N ALA C 120 31.48 -14.29 -21.61
CA ALA C 120 31.66 -15.30 -20.57
C ALA C 120 31.61 -14.59 -19.23
N PHE C 121 32.28 -13.44 -19.18
CA PHE C 121 32.32 -12.66 -17.97
C PHE C 121 30.92 -12.18 -17.56
N LEU C 122 30.27 -11.36 -18.39
CA LEU C 122 28.95 -10.86 -18.06
C LEU C 122 28.04 -12.01 -17.72
N HIS C 123 28.21 -13.16 -18.38
CA HIS C 123 27.31 -14.26 -18.05
C HIS C 123 27.70 -14.79 -16.70
N GLU C 124 29.00 -14.82 -16.39
CA GLU C 124 29.44 -15.34 -15.09
C GLU C 124 28.85 -14.48 -13.96
N MET C 125 28.76 -13.18 -14.23
CA MET C 125 28.23 -12.23 -13.27
C MET C 125 26.70 -12.18 -13.27
N VAL C 126 26.06 -12.62 -14.35
CA VAL C 126 24.61 -12.55 -14.33
C VAL C 126 24.11 -13.82 -13.78
N ASP C 127 24.72 -14.92 -14.22
CA ASP C 127 24.37 -16.25 -13.70
C ASP C 127 24.68 -16.24 -12.18
N GLY C 128 25.87 -15.77 -11.81
CA GLY C 128 26.30 -15.69 -10.42
C GLY C 128 25.48 -14.85 -9.48
N ILE C 129 25.05 -13.66 -9.86
CA ILE C 129 24.27 -12.87 -8.91
C ILE C 129 22.85 -13.46 -8.76
N LEU C 130 22.43 -14.27 -9.71
CA LEU C 130 21.12 -14.89 -9.61
C LEU C 130 21.14 -16.09 -8.65
N GLY C 131 22.32 -16.67 -8.48
CA GLY C 131 22.50 -17.79 -7.60
C GLY C 131 21.70 -19.01 -8.03
N CYS C 132 21.54 -19.20 -9.34
CA CYS C 132 20.73 -20.31 -9.86
C CYS C 132 21.47 -21.60 -10.23
N ASN C 133 22.79 -21.57 -10.18
CA ASN C 133 23.60 -22.76 -10.51
C ASN C 133 24.59 -23.01 -9.40
N TYR C 134 25.06 -24.23 -9.23
CA TYR C 134 26.05 -24.50 -8.19
C TYR C 134 27.37 -23.96 -8.69
N PRO C 135 28.21 -23.43 -7.79
CA PRO C 135 29.54 -22.88 -8.14
C PRO C 135 30.42 -23.88 -8.92
N VAL C 136 30.83 -23.49 -10.13
CA VAL C 136 31.66 -24.37 -10.90
C VAL C 136 32.81 -23.60 -11.49
N PRO C 137 34.04 -24.06 -11.27
CA PRO C 137 34.38 -25.26 -10.49
C PRO C 137 34.16 -24.88 -9.03
N PRO C 138 34.14 -25.85 -8.11
CA PRO C 138 33.93 -25.50 -6.71
C PRO C 138 34.99 -24.62 -6.05
N ARG C 139 36.22 -24.69 -6.51
CA ARG C 139 37.25 -23.88 -5.86
C ARG C 139 36.97 -22.40 -6.04
N MET C 140 36.52 -22.02 -7.23
CA MET C 140 36.23 -20.63 -7.51
C MET C 140 35.89 -20.44 -8.95
N LEU C 141 34.91 -19.57 -9.20
CA LEU C 141 34.50 -19.29 -10.58
C LEU C 141 35.73 -18.87 -11.41
N ASN C 142 35.67 -19.10 -12.71
CA ASN C 142 36.78 -18.83 -13.59
C ASN C 142 37.30 -17.44 -13.76
N ILE C 143 36.43 -16.54 -14.14
CA ILE C 143 36.86 -15.18 -14.36
C ILE C 143 37.05 -14.43 -13.03
N SER C 144 36.22 -14.70 -12.03
CA SER C 144 36.38 -14.02 -10.76
C SER C 144 37.78 -14.34 -10.20
N GLU C 145 38.16 -15.62 -10.30
CA GLU C 145 39.48 -16.06 -9.82
C GLU C 145 40.56 -15.24 -10.47
N LYS C 146 40.45 -15.06 -11.80
CA LYS C 146 41.42 -14.27 -12.51
C LYS C 146 41.37 -12.79 -12.13
N ILE C 147 40.17 -12.25 -11.93
CA ILE C 147 40.00 -10.84 -11.52
C ILE C 147 40.51 -10.68 -10.09
N VAL C 148 40.19 -11.65 -9.23
CA VAL C 148 40.61 -11.50 -7.86
C VAL C 148 42.11 -11.63 -7.67
N ARG C 149 42.74 -12.61 -8.30
CA ARG C 149 44.19 -12.76 -8.12
C ARG C 149 44.96 -11.53 -8.60
N GLN C 150 44.43 -10.88 -9.62
CA GLN C 150 45.06 -9.68 -10.12
C GLN C 150 45.11 -8.67 -8.95
N TYR C 151 44.00 -8.56 -8.22
CA TYR C 151 43.88 -7.71 -7.06
C TYR C 151 44.76 -8.17 -5.89
N ILE C 152 44.81 -9.48 -5.66
CA ILE C 152 45.63 -10.03 -4.60
C ILE C 152 47.12 -9.78 -4.85
N ILE C 153 47.59 -9.97 -6.11
CA ILE C 153 49.03 -9.74 -6.34
C ILE C 153 49.35 -8.26 -6.23
N ARG C 154 48.41 -7.38 -6.59
CA ARG C 154 48.67 -5.95 -6.49
C ARG C 154 48.85 -5.49 -5.06
N GLU C 155 47.86 -5.78 -4.22
CA GLU C 155 47.89 -5.34 -2.85
C GLU C 155 48.79 -6.13 -1.94
N MET C 156 49.20 -7.32 -2.32
CA MET C 156 50.13 -8.04 -1.47
C MET C 156 51.53 -7.65 -1.93
N GLY C 157 51.62 -6.77 -2.93
CA GLY C 157 52.90 -6.33 -3.46
C GLY C 157 53.78 -7.35 -4.21
N ALA C 158 53.15 -8.32 -4.86
CA ALA C 158 53.90 -9.34 -5.57
C ALA C 158 54.07 -9.01 -7.07
N ASP C 159 54.76 -7.89 -7.29
CA ASP C 159 55.02 -7.42 -8.65
C ASP C 159 56.02 -8.27 -9.42
N ALA C 160 56.46 -9.40 -8.84
CA ALA C 160 57.40 -10.28 -9.53
C ALA C 160 56.74 -11.59 -9.90
N ILE C 161 55.65 -11.91 -9.21
CA ILE C 161 54.89 -13.15 -9.43
C ILE C 161 53.92 -12.97 -10.58
N PRO C 162 53.94 -13.92 -11.53
CA PRO C 162 53.03 -13.85 -12.68
C PRO C 162 51.60 -14.23 -12.28
N SER C 163 50.61 -13.46 -12.75
CA SER C 163 49.21 -13.71 -12.43
C SER C 163 48.74 -15.18 -12.57
N GLU C 164 49.29 -15.91 -13.53
CA GLU C 164 48.88 -17.30 -13.75
C GLU C 164 49.56 -18.34 -12.87
N SER C 165 50.38 -17.91 -11.93
CA SER C 165 51.07 -18.84 -11.06
C SER C 165 50.30 -18.87 -9.77
N VAL C 166 49.28 -18.05 -9.70
CA VAL C 166 48.52 -17.94 -8.49
C VAL C 166 47.13 -18.48 -8.60
N ASN C 167 46.84 -19.44 -7.73
CA ASN C 167 45.51 -20.06 -7.65
C ASN C 167 44.88 -19.67 -6.31
N LEU C 168 43.58 -19.37 -6.38
CA LEU C 168 42.79 -18.94 -5.24
C LEU C 168 41.64 -19.84 -4.91
N PHE C 169 41.29 -19.93 -3.64
CA PHE C 169 40.15 -20.75 -3.24
C PHE C 169 39.21 -19.79 -2.51
N ALA C 170 38.10 -19.45 -3.13
CA ALA C 170 37.10 -18.52 -2.54
C ALA C 170 36.44 -19.14 -1.32
N VAL C 171 36.63 -18.51 -0.16
CA VAL C 171 36.10 -18.99 1.12
C VAL C 171 35.28 -17.92 1.87
N GLU C 172 34.50 -18.34 2.85
CA GLU C 172 33.68 -17.40 3.56
C GLU C 172 34.40 -16.67 4.72
N GLY C 173 35.26 -15.72 4.31
CA GLY C 173 36.06 -14.94 5.25
C GLY C 173 37.32 -15.67 5.75
N GLY C 174 38.28 -14.90 6.29
CA GLY C 174 39.50 -15.48 6.83
C GLY C 174 39.14 -16.56 7.84
N THR C 175 38.06 -16.31 8.60
CA THR C 175 37.51 -17.23 9.62
C THR C 175 37.35 -18.64 8.99
N ALA C 176 36.62 -18.72 7.88
CA ALA C 176 36.47 -19.99 7.21
C ALA C 176 37.87 -20.49 6.76
N ALA C 177 38.70 -19.58 6.26
CA ALA C 177 40.04 -19.88 5.79
C ALA C 177 40.90 -20.71 6.79
N MET C 178 41.04 -20.19 8.02
CA MET C 178 41.85 -20.88 9.00
C MET C 178 41.27 -22.22 9.41
N ALA C 179 39.96 -22.27 9.55
CA ALA C 179 39.29 -23.51 9.91
C ALA C 179 39.73 -24.62 8.93
N TYR C 180 39.50 -24.36 7.64
CA TYR C 180 39.85 -25.31 6.57
C TYR C 180 41.33 -25.68 6.48
N ILE C 181 42.19 -24.71 6.67
CA ILE C 181 43.61 -24.90 6.55
C ILE C 181 44.20 -25.74 7.66
N PHE C 182 43.77 -25.51 8.89
CA PHE C 182 44.30 -26.33 9.95
C PHE C 182 43.78 -27.75 9.76
N GLU C 183 42.51 -27.92 9.37
CA GLU C 183 41.98 -29.27 9.18
C GLU C 183 42.68 -30.07 8.09
N SER C 184 43.06 -29.38 7.01
CA SER C 184 43.69 -30.06 5.88
C SER C 184 45.14 -30.38 6.13
N LEU C 185 45.87 -29.49 6.74
CA LEU C 185 47.27 -29.80 7.00
C LEU C 185 47.27 -31.08 7.85
N LYS C 186 46.34 -31.13 8.82
CA LYS C 186 46.24 -32.27 9.69
C LYS C 186 45.81 -33.49 8.95
N LEU C 187 44.73 -33.38 8.20
CA LEU C 187 44.26 -34.55 7.48
C LEU C 187 45.28 -35.14 6.51
N ASN C 188 46.14 -34.30 5.96
CA ASN C 188 47.10 -34.74 4.98
C ASN C 188 48.50 -35.10 5.44
N GLY C 189 48.70 -35.17 6.75
CA GLY C 189 50.00 -35.55 7.27
C GLY C 189 51.02 -34.45 7.24
N LEU C 190 50.63 -33.26 6.80
CA LEU C 190 51.55 -32.13 6.73
C LEU C 190 51.82 -31.41 8.05
N LEU C 191 50.93 -31.60 9.01
CA LEU C 191 51.13 -30.95 10.28
C LEU C 191 50.58 -31.88 11.33
N LYS C 192 51.45 -32.78 11.78
CA LYS C 192 51.17 -33.81 12.78
C LYS C 192 51.26 -33.26 14.20
N ALA C 193 50.36 -33.75 15.07
CA ALA C 193 50.32 -33.33 16.48
C ALA C 193 51.72 -33.41 17.06
N GLY C 194 52.15 -32.35 17.72
CA GLY C 194 53.46 -32.38 18.31
C GLY C 194 54.40 -31.53 17.51
N ASP C 195 54.04 -31.26 16.26
CA ASP C 195 54.89 -30.41 15.43
C ASP C 195 54.93 -28.97 16.00
N LYS C 196 56.06 -28.30 15.83
CA LYS C 196 56.23 -26.93 16.31
C LYS C 196 55.77 -25.91 15.29
N VAL C 197 54.87 -25.04 15.71
CA VAL C 197 54.33 -23.99 14.89
C VAL C 197 54.85 -22.65 15.44
N ALA C 198 55.75 -21.99 14.73
CA ALA C 198 56.25 -20.69 15.19
C ALA C 198 55.13 -19.67 14.94
N ILE C 199 54.94 -18.75 15.87
CA ILE C 199 53.88 -17.79 15.76
C ILE C 199 54.38 -16.38 16.07
N GLY C 200 54.02 -15.43 15.20
CA GLY C 200 54.41 -14.05 15.38
C GLY C 200 53.54 -13.40 16.43
N MET C 201 54.18 -12.89 17.49
CA MET C 201 53.47 -12.27 18.56
C MET C 201 53.92 -10.88 18.89
N PRO C 202 53.01 -10.10 19.53
CA PRO C 202 51.68 -10.60 19.91
C PRO C 202 50.70 -10.77 18.77
N VAL C 203 49.73 -11.66 18.93
CA VAL C 203 48.69 -11.90 17.91
C VAL C 203 47.31 -12.07 18.57
N PHE C 204 46.22 -11.60 17.96
CA PHE C 204 44.98 -11.74 18.71
C PHE C 204 44.77 -13.15 19.23
N THR C 205 43.85 -13.28 20.17
CA THR C 205 43.57 -14.53 20.84
C THR C 205 43.25 -15.82 20.07
N PRO C 206 42.33 -15.77 19.11
CA PRO C 206 42.06 -17.04 18.42
C PRO C 206 43.19 -17.76 17.63
N TYR C 207 44.22 -17.07 17.18
CA TYR C 207 45.27 -17.79 16.46
C TYR C 207 46.21 -18.46 17.46
N ILE C 208 46.05 -18.11 18.72
CA ILE C 208 46.85 -18.72 19.75
C ILE C 208 46.09 -19.95 20.24
N GLU C 209 44.76 -19.90 20.27
CA GLU C 209 43.99 -21.05 20.74
C GLU C 209 43.84 -22.20 19.74
N ILE C 210 43.66 -21.89 18.46
CA ILE C 210 43.47 -22.95 17.48
C ILE C 210 44.51 -24.07 17.52
N PRO C 211 45.80 -23.77 17.29
CA PRO C 211 46.85 -24.79 17.31
C PRO C 211 46.84 -25.57 18.61
N GLU C 212 46.33 -24.92 19.65
CA GLU C 212 46.24 -25.45 21.01
C GLU C 212 45.12 -26.48 21.27
N LEU C 213 44.15 -26.60 20.36
CA LEU C 213 43.05 -27.52 20.55
C LEU C 213 43.57 -28.96 20.51
N ALA C 214 42.89 -29.84 21.21
CA ALA C 214 43.29 -31.24 21.24
C ALA C 214 43.26 -31.83 19.81
N GLN C 215 42.34 -31.36 19.01
CA GLN C 215 42.16 -31.80 17.64
C GLN C 215 43.46 -31.64 16.82
N TYR C 216 44.31 -30.67 17.16
CA TYR C 216 45.57 -30.43 16.45
C TYR C 216 46.78 -30.69 17.33
N ALA C 217 46.75 -30.13 18.55
CA ALA C 217 47.79 -30.31 19.56
C ALA C 217 49.18 -30.00 19.08
N LEU C 218 49.38 -28.78 18.67
CA LEU C 218 50.67 -28.32 18.18
C LEU C 218 51.39 -27.56 19.31
N GLU C 219 52.72 -27.59 19.23
CA GLU C 219 53.51 -26.89 20.22
C GLU C 219 53.81 -25.52 19.62
N GLU C 220 53.51 -24.44 20.36
CA GLU C 220 53.75 -23.09 19.86
C GLU C 220 55.08 -22.49 20.29
N VAL C 221 55.79 -21.95 19.31
CA VAL C 221 57.07 -21.32 19.54
C VAL C 221 56.76 -19.88 19.21
N ALA C 222 57.02 -18.98 20.15
CA ALA C 222 56.72 -17.57 19.94
C ALA C 222 57.83 -16.81 19.24
N ILE C 223 57.47 -16.02 18.23
CA ILE C 223 58.46 -15.19 17.55
C ILE C 223 58.01 -13.82 18.01
N ASN C 224 58.65 -13.34 19.08
CA ASN C 224 58.30 -12.07 19.73
C ASN C 224 58.75 -10.73 19.14
N ALA C 225 57.75 -9.87 18.92
CA ALA C 225 57.97 -8.55 18.39
C ALA C 225 58.52 -7.68 19.54
N ASP C 226 59.44 -6.80 19.20
CA ASP C 226 60.10 -5.98 20.20
C ASP C 226 59.65 -4.53 20.19
N PRO C 227 58.95 -4.10 21.24
CA PRO C 227 58.43 -2.74 21.38
C PRO C 227 59.48 -1.70 21.05
N SER C 228 60.72 -2.03 21.39
CA SER C 228 61.84 -1.13 21.16
C SER C 228 62.14 -0.92 19.68
N LEU C 229 61.66 -1.85 18.84
CA LEU C 229 61.86 -1.76 17.40
C LEU C 229 60.55 -1.39 16.74
N ASN C 230 59.63 -0.84 17.52
CA ASN C 230 58.32 -0.46 17.01
C ASN C 230 57.56 -1.70 16.65
N TRP C 231 57.72 -2.74 17.45
CA TRP C 231 57.01 -4.00 17.24
C TRP C 231 57.32 -4.79 15.98
N GLN C 232 58.54 -4.62 15.47
CA GLN C 232 59.01 -5.37 14.31
C GLN C 232 59.63 -6.58 14.98
N TYR C 233 59.87 -7.64 14.23
CA TYR C 233 60.45 -8.83 14.82
C TYR C 233 61.97 -8.68 14.69
N PRO C 234 62.69 -8.84 15.78
CA PRO C 234 64.13 -8.69 15.51
C PRO C 234 64.78 -9.96 14.98
N ASP C 235 65.90 -9.79 14.29
CA ASP C 235 66.64 -10.92 13.73
C ASP C 235 66.80 -12.08 14.70
N SER C 236 67.16 -11.79 15.94
CA SER C 236 67.33 -12.87 16.90
C SER C 236 66.04 -13.66 16.97
N GLU C 237 64.93 -12.93 16.99
CA GLU C 237 63.59 -13.51 17.08
C GLU C 237 63.21 -14.32 15.81
N LEU C 238 63.46 -13.76 14.62
CA LEU C 238 63.15 -14.48 13.38
C LEU C 238 64.14 -15.65 13.15
N ASP C 239 65.39 -15.55 13.64
CA ASP C 239 66.35 -16.63 13.44
C ASP C 239 65.92 -17.92 14.12
N LYS C 240 64.95 -17.81 15.01
CA LYS C 240 64.44 -19.00 15.66
C LYS C 240 63.86 -19.91 14.59
N LEU C 241 63.51 -19.38 13.42
CA LEU C 241 62.92 -20.22 12.38
C LEU C 241 63.88 -21.30 11.86
N LYS C 242 65.18 -21.03 11.91
CA LYS C 242 66.19 -21.97 11.47
C LYS C 242 66.08 -23.37 12.10
N ASP C 243 65.46 -23.46 13.29
CA ASP C 243 65.29 -24.76 13.93
C ASP C 243 64.40 -25.58 13.01
N PRO C 244 64.90 -26.72 12.50
CA PRO C 244 64.13 -27.58 11.59
C PRO C 244 62.93 -28.27 12.16
N ALA C 245 62.71 -28.16 13.47
CA ALA C 245 61.55 -28.81 14.09
C ALA C 245 60.33 -27.93 13.91
N ILE C 246 60.56 -26.65 13.62
CA ILE C 246 59.47 -25.70 13.39
C ILE C 246 58.99 -25.95 11.98
N LYS C 247 57.84 -26.60 11.87
CA LYS C 247 57.26 -26.96 10.60
C LYS C 247 56.58 -25.82 9.88
N ILE C 248 56.03 -24.87 10.63
CA ILE C 248 55.35 -23.78 9.97
C ILE C 248 55.48 -22.45 10.71
N PHE C 249 55.51 -21.35 9.96
CA PHE C 249 55.57 -20.03 10.55
C PHE C 249 54.15 -19.46 10.39
N PHE C 250 53.44 -19.32 11.50
CA PHE C 250 52.06 -18.83 11.51
C PHE C 250 52.10 -17.35 11.87
N CYS C 251 51.53 -16.49 11.02
CA CYS C 251 51.64 -15.06 11.25
C CYS C 251 50.58 -14.11 10.64
N VAL C 252 50.43 -12.94 11.24
CA VAL C 252 49.43 -11.97 10.77
C VAL C 252 50.14 -10.64 10.47
N ASN C 253 50.24 -10.30 9.18
CA ASN C 253 50.96 -9.10 8.70
C ASN C 253 50.19 -8.31 7.61
N PRO C 254 49.88 -7.01 7.85
CA PRO C 254 50.19 -6.21 9.04
C PRO C 254 49.63 -6.95 10.30
N SER C 255 50.24 -6.75 11.46
CA SER C 255 49.83 -7.45 12.67
C SER C 255 48.60 -6.94 13.45
N ASN C 256 47.96 -7.85 14.19
CA ASN C 256 46.83 -7.52 15.04
C ASN C 256 47.23 -8.24 16.34
N PRO C 257 47.32 -7.51 17.47
CA PRO C 257 47.10 -6.08 17.73
C PRO C 257 48.12 -4.97 17.44
N PRO C 258 49.43 -5.26 17.45
CA PRO C 258 50.38 -4.19 17.19
C PRO C 258 50.00 -3.24 16.06
N SER C 259 49.56 -3.79 14.93
CA SER C 259 49.15 -3.01 13.78
C SER C 259 50.30 -2.28 13.04
N VAL C 260 51.27 -3.05 12.56
CA VAL C 260 52.42 -2.54 11.79
C VAL C 260 52.82 -3.63 10.84
N LYS C 261 53.31 -3.28 9.64
CA LYS C 261 53.74 -4.30 8.68
C LYS C 261 55.18 -4.69 8.92
N MET C 262 55.59 -5.84 8.40
CA MET C 262 56.97 -6.28 8.53
C MET C 262 57.82 -5.42 7.64
N ASP C 263 58.87 -4.82 8.22
CA ASP C 263 59.77 -3.94 7.48
C ASP C 263 60.62 -4.76 6.50
N GLN C 264 61.38 -4.07 5.65
CA GLN C 264 62.22 -4.75 4.66
C GLN C 264 63.23 -5.73 5.28
N ARG C 265 63.89 -5.32 6.35
CA ARG C 265 64.85 -6.21 6.99
C ARG C 265 64.20 -7.55 7.40
N SER C 266 63.02 -7.50 8.04
CA SER C 266 62.29 -8.69 8.48
C SER C 266 61.94 -9.59 7.29
N LEU C 267 61.33 -9.00 6.28
CA LEU C 267 60.96 -9.78 5.15
C LEU C 267 62.21 -10.50 4.61
N GLU C 268 63.23 -9.72 4.23
CA GLU C 268 64.50 -10.26 3.69
C GLU C 268 65.13 -11.30 4.58
N ARG C 269 65.07 -11.10 5.90
CA ARG C 269 65.61 -12.05 6.86
C ARG C 269 64.89 -13.37 6.72
N VAL C 270 63.57 -13.31 6.63
CA VAL C 270 62.77 -14.53 6.44
C VAL C 270 63.11 -15.20 5.11
N ARG C 271 63.30 -14.41 4.06
CA ARG C 271 63.62 -14.97 2.75
C ARG C 271 64.93 -15.77 2.80
N ASN C 272 65.98 -15.14 3.33
CA ASN C 272 67.30 -15.74 3.46
C ASN C 272 67.22 -17.05 4.26
N ILE C 273 66.46 -17.03 5.35
CA ILE C 273 66.31 -18.23 6.18
C ILE C 273 65.66 -19.35 5.40
N VAL C 274 64.72 -19.00 4.54
CA VAL C 274 64.03 -19.99 3.77
C VAL C 274 64.97 -20.48 2.67
N ALA C 275 65.65 -19.53 2.02
CA ALA C 275 66.59 -19.81 0.92
C ALA C 275 67.83 -20.59 1.32
N GLU C 276 68.46 -20.16 2.40
CA GLU C 276 69.70 -20.76 2.85
C GLU C 276 69.55 -21.89 3.85
N HIS C 277 68.47 -21.91 4.60
CA HIS C 277 68.39 -22.94 5.62
C HIS C 277 67.11 -23.76 5.74
N ARG C 278 65.94 -23.16 5.48
CA ARG C 278 64.67 -23.90 5.66
C ARG C 278 63.70 -23.84 4.51
N PRO C 279 64.11 -24.34 3.33
CA PRO C 279 63.32 -24.38 2.08
C PRO C 279 62.00 -25.17 2.15
N ASP C 280 61.85 -25.91 3.23
CA ASP C 280 60.71 -26.78 3.46
C ASP C 280 59.76 -26.12 4.42
N LEU C 281 60.21 -25.03 5.02
CA LEU C 281 59.40 -24.33 5.98
C LEU C 281 58.09 -23.84 5.39
N MET C 282 57.02 -24.06 6.13
CA MET C 282 55.73 -23.64 5.69
C MET C 282 55.45 -22.28 6.27
N ILE C 283 54.68 -21.50 5.53
CA ILE C 283 54.30 -20.18 5.93
C ILE C 283 52.82 -19.96 5.73
N LEU C 284 52.14 -19.50 6.76
CA LEU C 284 50.72 -19.20 6.70
C LEU C 284 50.60 -17.75 7.11
N THR C 285 50.37 -16.84 6.15
CA THR C 285 50.24 -15.42 6.49
C THR C 285 48.82 -14.78 6.28
N ASP C 286 48.30 -14.09 7.32
CA ASP C 286 46.98 -13.41 7.29
C ASP C 286 47.26 -11.95 7.00
N ASP C 287 46.90 -11.46 5.82
CA ASP C 287 47.23 -10.08 5.51
C ASP C 287 46.02 -9.19 5.29
N VAL C 288 44.96 -9.48 6.04
CA VAL C 288 43.76 -8.68 5.90
C VAL C 288 43.98 -7.17 5.97
N TYR C 289 45.04 -6.74 6.65
CA TYR C 289 45.34 -5.30 6.81
C TYR C 289 46.29 -4.69 5.77
N GLY C 290 46.75 -5.50 4.84
CA GLY C 290 47.71 -5.00 3.88
C GLY C 290 47.49 -3.63 3.25
N THR C 291 46.27 -3.40 2.79
CA THR C 291 45.96 -2.17 2.11
C THR C 291 45.98 -0.96 3.01
N PHE C 292 46.09 -1.19 4.31
CA PHE C 292 46.12 -0.06 5.23
C PHE C 292 47.55 0.38 5.56
N ALA C 293 48.53 -0.44 5.14
CA ALA C 293 49.95 -0.14 5.35
C ALA C 293 50.39 0.70 4.17
N ASP C 294 51.52 1.37 4.27
CA ASP C 294 51.92 2.16 3.15
C ASP C 294 52.41 1.40 1.92
N ASP C 295 53.54 0.70 1.93
CA ASP C 295 53.87 0.03 0.66
C ASP C 295 54.05 -1.41 0.95
N PHE C 296 52.90 -2.00 1.25
CA PHE C 296 52.85 -3.36 1.64
C PHE C 296 53.45 -4.33 0.66
N GLN C 297 54.11 -5.30 1.22
CA GLN C 297 54.69 -6.37 0.47
C GLN C 297 54.40 -7.51 1.43
N SER C 298 53.75 -8.57 0.93
CA SER C 298 53.40 -9.72 1.74
C SER C 298 54.52 -10.77 1.74
N LEU C 299 54.45 -11.68 2.69
CA LEU C 299 55.44 -12.74 2.76
C LEU C 299 55.23 -13.59 1.51
N PHE C 300 53.98 -13.59 1.03
CA PHE C 300 53.62 -14.37 -0.14
C PHE C 300 54.35 -13.77 -1.34
N ALA C 301 54.64 -12.47 -1.28
CA ALA C 301 55.37 -11.81 -2.36
C ALA C 301 56.88 -12.15 -2.29
N ILE C 302 57.42 -12.32 -1.08
CA ILE C 302 58.83 -12.62 -0.88
C ILE C 302 59.20 -14.08 -1.01
N CYS C 303 58.34 -14.93 -0.46
CA CYS C 303 58.54 -16.38 -0.50
C CYS C 303 57.24 -17.01 -0.99
N PRO C 304 56.89 -16.78 -2.26
CA PRO C 304 55.63 -17.37 -2.72
C PRO C 304 55.49 -18.89 -2.65
N GLU C 305 56.62 -19.58 -2.81
CA GLU C 305 56.57 -21.03 -2.80
C GLU C 305 56.44 -21.74 -1.45
N ASN C 306 56.57 -21.02 -0.35
CA ASN C 306 56.44 -21.65 0.97
C ASN C 306 55.32 -20.94 1.77
N THR C 307 54.41 -20.25 1.08
CA THR C 307 53.40 -19.49 1.78
C THR C 307 51.98 -19.65 1.34
N LEU C 308 51.07 -19.95 2.27
CA LEU C 308 49.63 -20.05 1.95
C LEU C 308 49.11 -18.70 2.35
N LEU C 309 48.74 -17.85 1.41
CA LEU C 309 48.24 -16.57 1.84
C LEU C 309 46.73 -16.64 2.11
N VAL C 310 46.31 -16.08 3.24
CA VAL C 310 44.89 -16.02 3.55
C VAL C 310 44.58 -14.54 3.39
N TYR C 311 43.63 -14.18 2.54
CA TYR C 311 43.29 -12.75 2.37
C TYR C 311 41.81 -12.43 2.51
N SER C 312 41.46 -11.64 3.52
CA SER C 312 40.07 -11.28 3.75
C SER C 312 39.73 -9.87 3.31
N PHE C 313 38.55 -9.75 2.70
CA PHE C 313 38.07 -8.46 2.21
C PHE C 313 37.30 -7.64 3.23
N SER C 314 37.11 -8.16 4.44
CA SER C 314 36.29 -7.48 5.43
C SER C 314 36.59 -6.04 5.76
N LYS C 315 37.78 -5.83 6.30
CA LYS C 315 38.21 -4.52 6.79
C LYS C 315 38.34 -3.42 5.78
N TYR C 316 39.15 -3.64 4.77
CA TYR C 316 39.36 -2.66 3.73
C TYR C 316 38.04 -2.23 3.01
N PHE C 317 37.18 -3.19 2.67
CA PHE C 317 35.92 -2.85 1.96
C PHE C 317 34.73 -2.65 2.85
N GLY C 318 34.97 -2.85 4.15
CA GLY C 318 33.93 -2.67 5.14
C GLY C 318 32.89 -3.69 4.82
N ALA C 319 33.34 -4.93 4.76
CA ALA C 319 32.50 -6.03 4.36
C ALA C 319 32.48 -7.21 5.34
N THR C 320 32.61 -6.96 6.63
CA THR C 320 32.64 -8.09 7.54
C THR C 320 31.45 -9.02 7.41
N GLY C 321 30.27 -8.44 7.22
CA GLY C 321 29.07 -9.26 7.12
C GLY C 321 28.91 -10.15 5.91
N TRP C 322 29.61 -9.83 4.82
CA TRP C 322 29.57 -10.57 3.55
C TRP C 322 30.36 -11.87 3.58
N ARG C 323 31.34 -11.93 4.48
CA ARG C 323 32.23 -13.07 4.65
C ARG C 323 32.97 -13.40 3.34
N LEU C 324 33.76 -12.46 2.84
CA LEU C 324 34.48 -12.71 1.61
C LEU C 324 36.00 -12.92 1.83
N GLY C 325 36.53 -14.01 1.30
CA GLY C 325 37.96 -14.24 1.46
C GLY C 325 38.56 -15.25 0.51
N VAL C 326 39.87 -15.18 0.32
CA VAL C 326 40.58 -16.18 -0.50
C VAL C 326 41.81 -16.62 0.22
N VAL C 327 42.24 -17.83 -0.14
CA VAL C 327 43.45 -18.51 0.31
C VAL C 327 44.28 -18.59 -1.00
N ALA C 328 45.44 -17.97 -1.05
CA ALA C 328 46.24 -18.10 -2.26
C ALA C 328 47.31 -19.15 -2.02
N ALA C 329 47.82 -19.69 -3.12
CA ALA C 329 48.90 -20.67 -3.16
C ALA C 329 49.57 -20.57 -4.55
N HIS C 330 50.90 -20.59 -4.58
CA HIS C 330 51.62 -20.53 -5.85
C HIS C 330 51.38 -21.91 -6.51
N GLN C 331 51.35 -21.95 -7.84
CA GLN C 331 51.13 -23.20 -8.59
C GLN C 331 52.08 -24.31 -8.11
N GLN C 332 53.33 -23.93 -7.90
CA GLN C 332 54.32 -24.86 -7.39
C GLN C 332 54.63 -24.41 -5.94
N ASN C 333 54.36 -25.27 -4.97
CA ASN C 333 54.59 -24.88 -3.58
C ASN C 333 54.97 -26.04 -2.66
N VAL C 334 55.60 -25.68 -1.54
CA VAL C 334 56.05 -26.61 -0.51
C VAL C 334 54.98 -27.50 0.12
N PHE C 335 53.71 -27.19 -0.10
CA PHE C 335 52.70 -28.03 0.50
C PHE C 335 52.51 -29.24 -0.37
N ASP C 336 52.58 -29.02 -1.67
CA ASP C 336 52.44 -30.14 -2.57
C ASP C 336 53.72 -30.96 -2.56
N LEU C 337 54.88 -30.32 -2.55
CA LEU C 337 56.12 -31.08 -2.51
C LEU C 337 56.09 -31.99 -1.30
N ALA C 338 55.72 -31.40 -0.18
CA ALA C 338 55.63 -32.10 1.09
C ALA C 338 54.67 -33.25 0.93
N LEU C 339 53.61 -33.04 0.16
CA LEU C 339 52.65 -34.12 -0.03
C LEU C 339 53.32 -35.22 -0.82
N ASP C 340 54.38 -34.88 -1.56
CA ASP C 340 55.12 -35.86 -2.36
C ASP C 340 56.07 -36.69 -1.51
N LYS C 341 56.55 -36.09 -0.44
CA LYS C 341 57.49 -36.73 0.46
C LYS C 341 56.87 -37.63 1.50
N LEU C 342 55.54 -37.71 1.51
CA LEU C 342 54.83 -38.55 2.46
C LEU C 342 55.21 -40.02 2.23
N GLN C 343 55.15 -40.80 3.30
CA GLN C 343 55.43 -42.22 3.22
C GLN C 343 54.36 -42.85 2.35
N GLU C 344 54.74 -43.82 1.55
CA GLU C 344 53.78 -44.47 0.67
C GLU C 344 52.53 -44.93 1.43
N SER C 345 52.72 -45.41 2.65
CA SER C 345 51.58 -45.88 3.40
C SER C 345 50.58 -44.74 3.68
N GLU C 346 51.11 -43.53 3.89
CA GLU C 346 50.29 -42.37 4.13
C GLU C 346 49.55 -42.04 2.81
N LYS C 347 50.32 -42.02 1.72
CA LYS C 347 49.74 -41.71 0.41
C LYS C 347 48.62 -42.66 0.01
N VAL C 348 48.70 -43.88 0.52
CA VAL C 348 47.70 -44.92 0.26
C VAL C 348 46.40 -44.55 0.96
N ALA C 349 46.49 -44.22 2.25
CA ALA C 349 45.33 -43.86 3.05
C ALA C 349 44.60 -42.68 2.38
N LEU C 350 45.39 -41.76 1.86
CA LEU C 350 44.84 -40.62 1.20
C LEU C 350 44.25 -41.05 -0.14
N ASP C 351 44.78 -42.10 -0.75
CA ASP C 351 44.23 -42.46 -2.04
C ASP C 351 42.80 -42.83 -1.85
N HIS C 352 42.53 -43.47 -0.73
CA HIS C 352 41.19 -43.95 -0.37
C HIS C 352 40.28 -42.83 0.12
N ARG C 353 40.87 -41.81 0.73
CA ARG C 353 40.07 -40.71 1.20
C ARG C 353 39.46 -40.00 0.02
N TYR C 354 40.31 -39.71 -0.98
CA TYR C 354 39.92 -38.97 -2.18
C TYR C 354 39.66 -39.78 -3.43
N ARG C 355 39.46 -41.08 -3.22
CA ARG C 355 39.21 -41.99 -4.31
C ARG C 355 38.10 -41.46 -5.22
N SER C 356 36.99 -41.02 -4.62
CA SER C 356 35.86 -40.55 -5.40
C SER C 356 36.02 -39.27 -6.21
N LEU C 357 37.11 -38.52 -6.02
CA LEU C 357 37.26 -37.27 -6.75
C LEU C 357 37.89 -37.27 -8.15
N LEU C 358 38.94 -38.07 -8.29
CA LEU C 358 39.68 -38.19 -9.53
C LEU C 358 40.38 -39.54 -9.41
N PRO C 359 40.79 -40.12 -10.54
CA PRO C 359 41.47 -41.40 -10.55
C PRO C 359 42.87 -41.29 -9.91
N ASP C 360 43.65 -40.30 -10.32
CA ASP C 360 44.98 -40.15 -9.74
C ASP C 360 45.01 -39.18 -8.56
N VAL C 361 44.72 -39.70 -7.36
CA VAL C 361 44.71 -38.84 -6.18
C VAL C 361 46.04 -38.15 -5.92
N ARG C 362 47.14 -38.77 -6.33
CA ARG C 362 48.45 -38.19 -6.10
C ARG C 362 48.75 -36.94 -6.96
N SER C 363 47.87 -36.64 -7.89
CA SER C 363 48.04 -35.47 -8.74
C SER C 363 47.18 -34.37 -8.19
N LEU C 364 46.52 -34.64 -7.06
CA LEU C 364 45.62 -33.68 -6.42
C LEU C 364 46.38 -32.63 -5.64
N LYS C 365 46.36 -31.39 -6.12
CA LYS C 365 47.08 -30.32 -5.43
C LYS C 365 46.49 -29.90 -4.09
N PHE C 366 47.34 -29.46 -3.18
CA PHE C 366 46.83 -29.11 -1.87
C PHE C 366 45.62 -28.18 -1.90
N ILE C 367 45.73 -27.06 -2.62
CA ILE C 367 44.64 -26.10 -2.67
C ILE C 367 43.30 -26.75 -3.09
N ASP C 368 43.36 -27.88 -3.79
CA ASP C 368 42.11 -28.52 -4.16
C ASP C 368 41.64 -29.44 -3.05
N ARG C 369 42.57 -29.99 -2.26
CA ARG C 369 42.19 -30.85 -1.13
C ARG C 369 41.43 -29.97 -0.10
N LEU C 370 41.90 -28.74 0.03
CA LEU C 370 41.26 -27.77 0.90
C LEU C 370 39.79 -27.72 0.50
N VAL C 371 39.57 -27.46 -0.78
CA VAL C 371 38.21 -27.38 -1.29
C VAL C 371 37.43 -28.64 -0.90
N ALA C 372 37.99 -29.80 -1.23
CA ALA C 372 37.32 -31.06 -0.91
C ALA C 372 37.10 -31.30 0.59
N ASP C 373 38.07 -30.95 1.43
CA ASP C 373 37.92 -31.20 2.85
C ASP C 373 36.89 -30.34 3.51
N SER C 374 36.58 -29.20 2.90
CA SER C 374 35.60 -28.27 3.50
C SER C 374 34.21 -28.83 3.51
N ARG C 375 33.97 -29.82 2.66
CA ARG C 375 32.64 -30.39 2.58
C ARG C 375 32.63 -31.92 2.56
N ALA C 376 33.47 -32.51 3.41
CA ALA C 376 33.56 -33.95 3.56
C ALA C 376 33.86 -34.77 2.30
N VAL C 377 34.70 -34.20 1.42
CA VAL C 377 35.16 -34.84 0.18
C VAL C 377 33.98 -35.12 -0.73
N ALA C 378 33.17 -36.08 -0.30
CA ALA C 378 32.00 -36.47 -1.03
C ALA C 378 31.14 -35.34 -1.60
N LEU C 379 31.00 -34.21 -0.92
CA LEU C 379 30.15 -33.17 -1.48
C LEU C 379 30.96 -32.13 -2.24
N ASN C 380 32.17 -32.50 -2.61
CA ASN C 380 33.03 -31.59 -3.34
C ASN C 380 32.31 -30.87 -4.49
N HIS C 381 31.47 -31.58 -5.23
CA HIS C 381 30.85 -30.94 -6.36
C HIS C 381 29.74 -29.93 -6.12
N THR C 382 29.55 -29.58 -4.85
CA THR C 382 28.58 -28.58 -4.44
C THR C 382 29.24 -27.69 -3.37
N ALA C 383 30.55 -27.82 -3.22
CA ALA C 383 31.25 -26.99 -2.26
C ALA C 383 31.59 -25.66 -2.95
N GLY C 384 32.20 -24.73 -2.21
CA GLY C 384 32.57 -23.43 -2.76
C GLY C 384 31.76 -22.26 -2.22
N LEU C 385 32.30 -21.05 -2.32
CA LEU C 385 31.61 -19.86 -1.84
C LEU C 385 30.41 -19.61 -2.74
N SER C 386 29.28 -19.18 -2.18
CA SER C 386 28.10 -18.93 -3.01
C SER C 386 28.45 -17.97 -4.14
N THR C 387 27.76 -18.12 -5.25
CA THR C 387 28.07 -17.31 -6.40
C THR C 387 27.80 -15.82 -6.24
N PRO C 388 26.76 -15.42 -5.47
CA PRO C 388 26.58 -13.96 -5.38
C PRO C 388 27.75 -13.30 -4.62
N GLN C 389 28.32 -14.07 -3.71
CA GLN C 389 29.44 -13.60 -2.90
C GLN C 389 30.64 -13.48 -3.80
N GLN C 390 30.83 -14.46 -4.66
CA GLN C 390 31.97 -14.40 -5.53
C GLN C 390 31.87 -13.19 -6.44
N VAL C 391 30.66 -12.87 -6.88
CA VAL C 391 30.44 -11.71 -7.74
C VAL C 391 30.73 -10.42 -6.96
N GLN C 392 30.23 -10.31 -5.75
CA GLN C 392 30.49 -9.12 -4.96
C GLN C 392 31.98 -8.97 -4.75
N MET C 393 32.66 -10.09 -4.45
CA MET C 393 34.11 -10.10 -4.22
C MET C 393 34.84 -9.55 -5.44
N ALA C 394 34.35 -9.96 -6.61
CA ALA C 394 34.87 -9.55 -7.90
C ALA C 394 34.68 -8.04 -8.16
N LEU C 395 33.51 -7.53 -7.77
CA LEU C 395 33.21 -6.12 -7.96
C LEU C 395 34.14 -5.32 -7.05
N PHE C 396 34.28 -5.77 -5.79
CA PHE C 396 35.19 -5.07 -4.87
C PHE C 396 36.58 -5.17 -5.53
N SER C 397 37.01 -6.37 -5.90
CA SER C 397 38.32 -6.43 -6.51
C SER C 397 38.48 -5.46 -7.70
N LEU C 398 37.47 -5.41 -8.57
CA LEU C 398 37.54 -4.51 -9.73
C LEU C 398 37.59 -3.06 -9.27
N PHE C 399 36.73 -2.72 -8.31
CA PHE C 399 36.70 -1.35 -7.76
C PHE C 399 38.12 -0.89 -7.39
N ALA C 400 38.82 -1.72 -6.63
CA ALA C 400 40.20 -1.43 -6.23
C ALA C 400 41.13 -1.31 -7.44
N LEU C 401 41.06 -2.29 -8.35
CA LEU C 401 41.93 -2.32 -9.55
C LEU C 401 41.78 -1.16 -10.55
N MET C 402 40.55 -0.67 -10.71
CA MET C 402 40.27 0.42 -11.65
C MET C 402 40.58 1.79 -11.05
N ASP C 403 40.89 1.79 -9.77
CA ASP C 403 41.23 3.01 -9.04
C ASP C 403 42.75 3.19 -9.13
N GLU C 404 43.21 3.41 -10.34
CA GLU C 404 44.62 3.58 -10.55
C GLU C 404 45.25 4.52 -9.50
N ALA C 405 44.58 5.65 -9.24
CA ALA C 405 45.09 6.65 -8.30
C ALA C 405 44.96 6.36 -6.79
N ASP C 406 44.35 5.23 -6.44
CA ASP C 406 44.13 4.83 -5.05
C ASP C 406 43.39 5.84 -4.14
N GLU C 407 42.40 6.52 -4.72
CA GLU C 407 41.59 7.49 -4.00
C GLU C 407 40.87 6.87 -2.80
N TYR C 408 40.29 5.69 -2.99
CA TYR C 408 39.60 5.07 -1.88
C TYR C 408 40.61 4.76 -0.77
N LYS C 409 41.76 4.20 -1.14
CA LYS C 409 42.75 3.86 -0.15
C LYS C 409 43.24 5.11 0.60
N HIS C 410 43.42 6.21 -0.12
CA HIS C 410 43.85 7.44 0.52
C HIS C 410 42.75 7.99 1.42
N THR C 411 41.49 7.88 1.00
CA THR C 411 40.36 8.40 1.78
C THR C 411 40.37 7.65 3.11
N LEU C 412 40.57 6.34 3.04
CA LEU C 412 40.60 5.59 4.28
C LEU C 412 41.83 5.89 5.15
N LYS C 413 43.01 6.01 4.55
CA LYS C 413 44.18 6.28 5.37
C LYS C 413 43.97 7.62 6.05
N GLN C 414 43.48 8.62 5.33
CA GLN C 414 43.22 9.91 5.94
C GLN C 414 42.11 9.81 6.97
N LEU C 415 41.16 8.91 6.79
CA LEU C 415 40.11 8.81 7.78
C LEU C 415 40.69 8.30 9.10
N ILE C 416 41.55 7.28 8.98
CA ILE C 416 42.25 6.65 10.10
C ILE C 416 43.09 7.75 10.75
N ARG C 417 43.79 8.55 9.93
CA ARG C 417 44.61 9.61 10.50
C ARG C 417 43.82 10.65 11.25
N ARG C 418 42.66 11.04 10.70
CA ARG C 418 41.83 12.03 11.34
C ARG C 418 41.34 11.53 12.67
N ARG C 419 40.98 10.26 12.74
CA ARG C 419 40.50 9.82 14.03
C ARG C 419 41.67 9.81 15.00
N GLU C 420 42.85 9.38 14.57
CA GLU C 420 44.01 9.39 15.45
C GLU C 420 44.31 10.79 15.96
N THR C 421 44.32 11.78 15.07
CA THR C 421 44.59 13.14 15.53
C THR C 421 43.57 13.57 16.59
N THR C 422 42.34 13.11 16.47
CA THR C 422 41.27 13.44 17.39
C THR C 422 41.43 12.78 18.74
N LEU C 423 41.92 11.56 18.75
CA LEU C 423 42.07 10.83 19.99
C LEU C 423 43.16 11.39 20.89
N TYR C 424 44.22 11.88 20.27
CA TYR C 424 45.39 12.38 21.00
C TYR C 424 45.50 13.88 21.12
N ARG C 425 44.42 14.59 20.81
CA ARG C 425 44.42 16.05 20.89
C ARG C 425 44.93 16.48 22.29
N GLU C 426 44.26 15.94 23.30
CA GLU C 426 44.56 16.20 24.70
C GLU C 426 45.49 15.13 25.29
N LEU C 427 46.24 14.45 24.43
CA LEU C 427 47.14 13.42 24.93
C LEU C 427 48.58 13.65 24.50
N GLY C 428 48.84 14.87 24.07
CA GLY C 428 50.18 15.19 23.63
C GLY C 428 50.47 14.73 22.23
N MET C 429 49.43 14.66 21.39
CA MET C 429 49.58 14.28 19.99
C MET C 429 49.81 12.77 19.75
N PRO C 430 49.38 12.28 18.59
CA PRO C 430 49.57 10.85 18.31
C PRO C 430 51.06 10.52 18.29
N PRO C 431 51.43 9.27 18.62
CA PRO C 431 52.83 8.79 18.61
C PRO C 431 53.56 9.10 17.29
N LEU C 432 54.89 9.00 17.30
CA LEU C 432 55.65 9.25 16.06
C LEU C 432 55.45 8.11 15.10
N ARG C 433 54.98 8.40 13.91
CA ARG C 433 54.69 7.38 12.91
C ARG C 433 55.91 7.12 12.04
N ASP C 434 56.04 5.90 11.51
CA ASP C 434 57.13 5.57 10.58
C ASP C 434 56.55 4.83 9.36
N GLU C 435 57.42 4.35 8.48
CA GLU C 435 56.94 3.72 7.27
C GLU C 435 56.12 2.44 7.41
N ASN C 436 56.39 1.66 8.45
CA ASN C 436 55.68 0.42 8.64
C ASN C 436 54.40 0.52 9.47
N ALA C 437 54.03 1.72 9.87
CA ALA C 437 52.86 1.92 10.68
C ALA C 437 51.59 1.78 9.88
N VAL C 438 50.64 1.03 10.43
CA VAL C 438 49.35 0.82 9.80
C VAL C 438 48.25 1.52 10.64
N ASP C 439 48.16 1.14 11.92
CA ASP C 439 47.23 1.78 12.85
C ASP C 439 45.70 1.50 12.81
N TYR C 440 45.30 0.30 12.45
CA TYR C 440 43.88 -0.01 12.47
C TYR C 440 43.65 0.01 13.98
N TYR C 441 44.65 -0.53 14.68
CA TYR C 441 44.68 -0.62 16.12
C TYR C 441 45.79 0.29 16.59
N THR C 442 45.47 1.19 17.53
CA THR C 442 46.42 2.18 18.12
C THR C 442 46.66 1.93 19.65
N LEU C 443 47.92 2.03 20.09
CA LEU C 443 48.17 1.80 21.51
C LEU C 443 48.20 3.10 22.28
N ILE C 444 47.37 3.18 23.31
CA ILE C 444 47.31 4.36 24.15
C ILE C 444 47.99 3.92 25.47
N ASP C 445 49.29 4.20 25.58
CA ASP C 445 50.10 3.81 26.74
C ASP C 445 50.27 4.95 27.79
N LEU C 446 49.78 4.71 28.99
CA LEU C 446 49.81 5.69 30.07
C LEU C 446 51.13 6.40 30.29
N GLN C 447 52.23 5.63 30.32
CA GLN C 447 53.55 6.21 30.56
C GLN C 447 53.88 7.19 29.45
N ASP C 448 53.58 6.76 28.24
CA ASP C 448 53.83 7.58 27.08
C ASP C 448 52.99 8.87 27.06
N VAL C 449 51.69 8.76 27.30
CA VAL C 449 50.84 9.95 27.33
C VAL C 449 51.28 10.86 28.47
N THR C 450 51.52 10.28 29.64
CA THR C 450 51.92 11.10 30.77
C THR C 450 53.23 11.84 30.57
N ALA C 451 54.29 11.15 30.15
CA ALA C 451 55.57 11.81 29.92
C ALA C 451 55.41 13.01 28.99
N LYS C 452 54.75 12.80 27.86
CA LYS C 452 54.52 13.89 26.89
C LYS C 452 53.86 15.09 27.54
N LEU C 453 52.87 14.81 28.38
CA LEU C 453 52.10 15.84 29.05
C LEU C 453 52.78 16.49 30.25
N TYR C 454 53.35 15.64 31.10
CA TYR C 454 53.96 16.08 32.34
C TYR C 454 55.39 15.62 32.65
N GLY C 455 56.22 15.50 31.62
CA GLY C 455 57.60 15.11 31.85
C GLY C 455 57.77 13.67 32.24
N GLU C 456 58.87 13.09 31.75
CA GLU C 456 59.27 11.69 31.94
C GLU C 456 59.19 11.30 33.41
N ALA C 457 59.68 12.22 34.24
CA ALA C 457 59.71 12.05 35.68
C ALA C 457 58.34 11.70 36.27
N PHE C 458 57.31 12.46 35.88
CA PHE C 458 55.96 12.22 36.36
C PHE C 458 55.43 10.91 35.81
N SER C 459 55.91 10.57 34.63
CA SER C 459 55.52 9.34 33.95
C SER C 459 55.82 8.15 34.82
N GLU C 460 57.09 8.05 35.21
CA GLU C 460 57.56 6.94 36.03
C GLU C 460 56.71 6.71 37.28
N TRP C 461 56.30 7.81 37.92
CA TRP C 461 55.48 7.75 39.11
C TRP C 461 54.08 7.26 38.79
N ALA C 462 53.44 7.92 37.84
CA ALA C 462 52.07 7.59 37.45
C ALA C 462 51.86 6.14 37.00
N VAL C 463 52.87 5.54 36.40
CA VAL C 463 52.80 4.15 35.93
C VAL C 463 52.54 3.24 37.11
N LYS C 464 53.27 3.54 38.19
CA LYS C 464 53.22 2.85 39.47
C LYS C 464 51.95 3.18 40.27
N GLN C 465 51.09 4.05 39.74
CA GLN C 465 49.84 4.45 40.40
C GLN C 465 48.58 3.83 39.80
N SER C 466 48.59 3.52 38.51
CA SER C 466 47.42 2.91 37.89
C SER C 466 47.75 1.55 37.33
N SER C 467 46.77 0.94 36.69
CA SER C 467 46.96 -0.37 36.10
C SER C 467 46.12 -0.47 34.86
N THR C 468 46.52 -1.34 33.94
CA THR C 468 45.79 -1.56 32.70
C THR C 468 44.31 -1.61 33.03
N GLY C 469 43.95 -2.54 33.92
CA GLY C 469 42.56 -2.70 34.35
C GLY C 469 41.94 -1.45 34.96
N ASP C 470 42.71 -0.62 35.63
CA ASP C 470 42.09 0.56 36.20
C ASP C 470 41.78 1.59 35.12
N MET C 471 42.74 1.78 34.22
CA MET C 471 42.63 2.72 33.11
C MET C 471 41.47 2.29 32.23
N LEU C 472 41.46 1.03 31.84
CA LEU C 472 40.42 0.55 30.95
C LEU C 472 39.03 0.63 31.53
N PHE C 473 38.91 0.50 32.85
CA PHE C 473 37.61 0.56 33.51
C PHE C 473 37.17 2.03 33.66
N ARG C 474 38.12 2.92 33.93
CA ARG C 474 37.78 4.31 34.05
C ARG C 474 37.26 4.74 32.70
N ILE C 475 38.06 4.56 31.65
CA ILE C 475 37.63 4.97 30.32
C ILE C 475 36.28 4.36 29.98
N ALA C 476 36.21 3.05 30.17
CA ALA C 476 35.03 2.27 29.90
C ALA C 476 33.84 2.74 30.70
N ASP C 477 34.10 3.18 31.92
CA ASP C 477 33.03 3.60 32.79
C ASP C 477 32.44 4.93 32.40
N GLU C 478 33.33 5.82 31.97
CA GLU C 478 32.96 7.17 31.58
C GLU C 478 32.50 7.40 30.16
N THR C 479 32.92 6.53 29.24
CA THR C 479 32.61 6.70 27.82
C THR C 479 31.73 5.64 27.15
N GLY C 480 31.81 4.41 27.62
CA GLY C 480 31.04 3.37 26.98
C GLY C 480 31.97 2.53 26.11
N ILE C 481 33.16 3.06 25.82
CA ILE C 481 34.14 2.38 24.98
C ILE C 481 35.16 1.47 25.69
N VAL C 482 35.16 0.19 25.35
CA VAL C 482 36.13 -0.71 25.95
C VAL C 482 37.35 -0.87 25.05
N LEU C 483 38.53 -0.56 25.57
CA LEU C 483 39.74 -0.74 24.75
C LEU C 483 40.22 -2.15 24.94
N LEU C 484 41.29 -2.44 24.25
CA LEU C 484 41.91 -3.75 24.33
C LEU C 484 43.06 -3.68 25.31
N PRO C 485 43.11 -4.60 26.30
CA PRO C 485 44.20 -4.62 27.28
C PRO C 485 45.51 -4.74 26.49
N GLY C 486 46.47 -3.86 26.77
CA GLY C 486 47.73 -3.87 26.03
C GLY C 486 48.61 -5.09 26.23
N ALA C 487 48.71 -5.93 25.21
CA ALA C 487 49.55 -7.12 25.33
C ALA C 487 50.83 -6.96 24.53
N GLY C 488 51.90 -7.62 24.96
CA GLY C 488 53.16 -7.55 24.24
C GLY C 488 54.48 -7.29 24.97
N PHE C 489 54.48 -6.54 26.07
CA PHE C 489 55.73 -6.22 26.80
C PHE C 489 55.77 -6.31 28.33
N GLY C 490 55.49 -7.49 28.89
CA GLY C 490 55.52 -7.63 30.34
C GLY C 490 54.66 -6.57 31.03
N SER C 491 53.46 -6.97 31.46
CA SER C 491 52.48 -6.10 32.16
C SER C 491 52.96 -4.72 32.65
N ASN C 492 54.23 -4.65 33.06
CA ASN C 492 54.90 -3.43 33.58
C ASN C 492 54.25 -2.12 33.11
N ARG C 493 53.45 -2.16 32.05
CA ARG C 493 52.81 -0.94 31.57
C ARG C 493 51.31 -1.01 31.42
N PRO C 494 50.59 -0.06 32.02
CA PRO C 494 49.12 0.03 31.95
C PRO C 494 48.90 0.69 30.61
N SER C 495 48.16 0.01 29.74
CA SER C 495 47.90 0.53 28.42
C SER C 495 46.81 -0.28 27.73
N GLY C 496 46.13 0.38 26.79
CA GLY C 496 45.08 -0.25 26.02
C GLY C 496 45.14 0.17 24.55
N ARG C 497 44.46 -0.62 23.69
CA ARG C 497 44.36 -0.38 22.24
C ARG C 497 42.93 -0.06 21.83
N ALA C 498 42.77 0.89 20.93
CA ALA C 498 41.46 1.23 20.47
C ALA C 498 41.58 0.95 18.99
N SER C 499 40.45 0.94 18.28
CA SER C 499 40.52 0.72 16.84
C SER C 499 40.25 2.07 16.23
N LEU C 500 41.09 2.49 15.28
CA LEU C 500 40.87 3.79 14.61
C LEU C 500 39.78 3.62 13.54
N ALA C 501 39.24 2.40 13.47
CA ALA C 501 38.23 2.09 12.49
C ALA C 501 36.77 1.85 12.95
N ASN C 502 36.51 1.65 14.24
CA ASN C 502 35.10 1.39 14.64
C ASN C 502 34.32 2.51 15.34
N LEU C 503 34.84 3.72 15.32
CA LEU C 503 34.11 4.76 15.99
C LEU C 503 34.07 6.12 15.28
N ASN C 504 33.27 7.03 15.81
CA ASN C 504 33.22 8.35 15.22
C ASN C 504 34.04 9.38 15.98
N GLU C 505 34.43 10.45 15.31
CA GLU C 505 35.25 11.43 15.97
C GLU C 505 34.88 11.74 17.43
N TYR C 506 33.69 12.27 17.69
CA TYR C 506 33.30 12.60 19.07
C TYR C 506 33.53 11.48 20.12
N GLU C 507 33.53 10.23 19.68
CA GLU C 507 33.76 9.14 20.62
C GLU C 507 35.28 9.03 20.89
N TYR C 508 36.13 9.15 19.87
CA TYR C 508 37.59 9.13 20.11
C TYR C 508 37.98 10.35 20.98
N ALA C 509 37.17 11.39 20.93
CA ALA C 509 37.45 12.57 21.69
C ALA C 509 37.12 12.26 23.10
N ALA C 510 35.98 11.62 23.32
CA ALA C 510 35.58 11.30 24.68
C ALA C 510 36.68 10.46 25.27
N ILE C 511 37.13 9.44 24.55
CA ILE C 511 38.19 8.59 25.08
C ILE C 511 39.38 9.42 25.57
N GLY C 512 39.81 10.38 24.76
CA GLY C 512 40.93 11.22 25.14
C GLY C 512 40.60 12.08 26.35
N ARG C 513 39.47 12.79 26.30
CA ARG C 513 39.02 13.65 27.40
C ARG C 513 39.05 12.90 28.73
N ALA C 514 38.56 11.68 28.72
CA ALA C 514 38.56 10.85 29.92
C ALA C 514 39.98 10.53 30.35
N LEU C 515 40.85 10.23 29.38
CA LEU C 515 42.22 9.93 29.73
C LEU C 515 42.99 11.18 30.18
N ARG C 516 42.74 12.35 29.59
CA ARG C 516 43.41 13.57 30.05
C ARG C 516 43.03 13.81 31.53
N LYS C 517 41.72 13.85 31.81
CA LYS C 517 41.18 14.03 33.15
C LYS C 517 41.98 13.13 34.12
N MET C 518 41.80 11.82 33.98
CA MET C 518 42.54 10.86 34.80
C MET C 518 44.01 11.34 34.93
N ALA C 519 44.63 11.74 33.84
CA ALA C 519 46.01 12.22 33.87
C ALA C 519 46.22 13.52 34.67
N ASP C 520 45.23 14.43 34.66
CA ASP C 520 45.33 15.70 35.39
C ASP C 520 45.19 15.51 36.89
N GLU C 521 44.35 14.54 37.26
CA GLU C 521 44.10 14.18 38.63
C GLU C 521 45.40 13.58 39.16
N LEU C 522 45.89 12.57 38.47
CA LEU C 522 47.15 11.93 38.85
C LEU C 522 48.24 12.96 38.98
N TYR C 523 48.03 14.11 38.35
CA TYR C 523 49.02 15.15 38.41
C TYR C 523 48.85 16.06 39.59
N ALA C 524 47.60 16.33 39.97
CA ALA C 524 47.36 17.21 41.11
C ALA C 524 47.94 16.51 42.33
N GLU C 525 47.75 15.20 42.38
CA GLU C 525 48.29 14.41 43.47
C GLU C 525 49.82 14.47 43.48
N TYR C 526 50.45 14.11 42.36
CA TYR C 526 51.90 14.17 42.26
C TYR C 526 52.33 15.59 42.57
N SER C 527 51.59 16.57 42.09
CA SER C 527 51.94 17.97 42.36
C SER C 527 51.81 18.27 43.85
N GLY C 528 51.25 17.34 44.60
CA GLY C 528 51.08 17.51 46.02
C GLY C 528 52.28 16.99 46.80
N GLN C 529 53.09 16.16 46.14
CA GLN C 529 54.31 15.55 46.74
C GLN C 529 55.38 16.61 47.03
N LYS D 22 31.32 -39.57 -21.20
CA LYS D 22 31.93 -38.84 -22.35
C LYS D 22 30.94 -38.51 -23.45
N ILE D 23 30.13 -39.50 -23.83
CA ILE D 23 29.15 -39.33 -24.90
C ILE D 23 28.40 -38.01 -24.78
N ALA D 24 28.26 -37.53 -23.56
CA ALA D 24 27.54 -36.28 -23.32
C ALA D 24 28.12 -35.55 -22.13
N SER D 25 28.53 -34.31 -22.37
CA SER D 25 29.10 -33.50 -21.33
C SER D 25 28.41 -32.13 -21.30
N SER D 26 28.32 -31.59 -20.09
CA SER D 26 27.69 -30.30 -19.82
C SER D 26 27.59 -30.21 -18.30
N ASP D 27 27.53 -28.99 -17.77
CA ASP D 27 27.43 -28.78 -16.33
C ASP D 27 26.19 -29.42 -15.72
N GLY D 28 25.09 -29.45 -16.48
CA GLY D 28 23.86 -30.05 -16.01
C GLY D 28 23.98 -31.57 -15.94
N ASN D 29 24.49 -32.18 -17.01
CA ASN D 29 24.67 -33.63 -17.08
C ASN D 29 25.64 -34.07 -16.01
N ARG D 30 26.73 -33.32 -15.90
CA ARG D 30 27.79 -33.61 -14.95
C ARG D 30 27.31 -33.65 -13.50
N LEU D 31 26.46 -32.68 -13.14
CA LEU D 31 25.93 -32.57 -11.80
C LEU D 31 25.13 -33.81 -11.39
N MET D 32 24.26 -34.24 -12.30
CA MET D 32 23.42 -35.40 -12.09
C MET D 32 24.30 -36.65 -11.89
N LEU D 33 25.37 -36.76 -12.65
CA LEU D 33 26.22 -37.91 -12.52
C LEU D 33 27.07 -37.83 -11.25
N ASN D 34 27.75 -36.71 -11.08
CA ASN D 34 28.66 -36.50 -9.95
C ASN D 34 28.00 -36.27 -8.60
N ALA D 35 26.80 -35.69 -8.60
CA ALA D 35 26.14 -35.40 -7.34
C ALA D 35 24.72 -35.95 -7.20
N GLY D 36 24.19 -36.54 -8.25
CA GLY D 36 22.82 -37.05 -8.16
C GLY D 36 21.82 -35.93 -7.94
N ARG D 37 22.17 -34.74 -8.43
CA ARG D 37 21.31 -33.56 -8.29
C ARG D 37 20.94 -32.95 -9.62
N GLY D 38 19.67 -32.55 -9.72
CA GLY D 38 19.21 -31.87 -10.92
C GLY D 38 19.10 -30.42 -10.52
N ASN D 39 19.78 -29.53 -11.22
CA ASN D 39 19.71 -28.10 -10.91
C ASN D 39 18.47 -27.55 -11.61
N PRO D 40 17.59 -26.88 -10.87
CA PRO D 40 16.34 -26.29 -11.39
C PRO D 40 16.63 -25.34 -12.53
N ASN D 41 15.69 -25.13 -13.43
CA ASN D 41 15.97 -24.16 -14.46
C ASN D 41 14.95 -23.05 -14.44
N PHE D 42 14.39 -22.86 -13.26
CA PHE D 42 13.43 -21.81 -12.92
C PHE D 42 13.94 -21.19 -11.58
N LEU D 43 13.54 -19.96 -11.25
CA LEU D 43 13.94 -19.39 -9.96
C LEU D 43 12.90 -18.41 -9.52
N ALA D 44 12.72 -18.25 -8.23
CA ALA D 44 11.73 -17.31 -7.75
C ALA D 44 12.29 -15.92 -7.99
N THR D 45 11.65 -15.12 -8.83
CA THR D 45 12.21 -13.79 -9.08
C THR D 45 11.80 -12.63 -8.16
N THR D 46 10.54 -12.61 -7.74
CA THR D 46 10.09 -11.51 -6.89
C THR D 46 10.92 -11.32 -5.64
N PRO D 47 11.25 -12.43 -4.92
CA PRO D 47 12.07 -12.18 -3.69
C PRO D 47 13.51 -11.72 -4.03
N ARG D 48 14.01 -11.99 -5.25
CA ARG D 48 15.34 -11.52 -5.63
C ARG D 48 15.31 -10.02 -5.97
N ARG D 49 14.26 -9.58 -6.68
CA ARG D 49 14.09 -8.16 -7.01
C ARG D 49 13.87 -7.39 -5.70
N ALA D 50 13.08 -7.97 -4.80
CA ALA D 50 12.84 -7.36 -3.52
C ALA D 50 14.20 -7.11 -2.85
N PHE D 51 15.07 -8.14 -2.93
CA PHE D 51 16.42 -8.10 -2.36
C PHE D 51 17.27 -7.05 -3.05
N PHE D 52 17.30 -7.05 -4.37
CA PHE D 52 18.12 -6.04 -5.06
C PHE D 52 17.66 -4.61 -4.81
N ARG D 53 16.33 -4.40 -4.77
CA ARG D 53 15.76 -3.07 -4.51
C ARG D 53 16.02 -2.75 -3.02
N LEU D 54 15.96 -3.75 -2.16
CA LEU D 54 16.32 -3.47 -0.77
C LEU D 54 17.76 -2.89 -0.74
N GLY D 55 18.72 -3.54 -1.42
CA GLY D 55 20.10 -3.05 -1.46
C GLY D 55 20.31 -1.60 -1.90
N LEU D 56 19.52 -1.19 -2.90
CA LEU D 56 19.58 0.19 -3.38
C LEU D 56 19.07 1.10 -2.26
N PHE D 57 18.16 0.58 -1.45
CA PHE D 57 17.65 1.35 -0.33
C PHE D 57 18.68 1.43 0.79
N ALA D 58 19.36 0.33 1.09
CA ALA D 58 20.37 0.34 2.17
C ALA D 58 21.56 1.19 1.72
N ALA D 59 21.94 1.04 0.47
CA ALA D 59 23.04 1.81 -0.08
C ALA D 59 22.77 3.30 0.16
N ALA D 60 21.51 3.72 0.00
CA ALA D 60 21.13 5.13 0.21
C ALA D 60 21.25 5.49 1.70
N GLU D 61 20.82 4.58 2.56
CA GLU D 61 20.91 4.80 3.99
C GLU D 61 22.39 5.01 4.31
N SER D 62 23.23 4.01 4.03
CA SER D 62 24.66 4.10 4.30
C SER D 62 25.29 5.44 3.91
N GLU D 63 24.95 5.93 2.72
CA GLU D 63 25.50 7.19 2.27
C GLU D 63 25.10 8.31 3.21
N LEU D 64 23.90 8.21 3.80
CA LEU D 64 23.42 9.21 4.75
C LEU D 64 24.29 9.19 6.00
N SER D 65 25.03 8.10 6.18
CA SER D 65 25.88 8.02 7.35
C SER D 65 27.31 8.42 7.10
N TYR D 66 27.63 8.84 5.87
CA TYR D 66 28.99 9.27 5.63
C TYR D 66 29.10 10.80 5.75
N SER D 67 30.02 11.25 6.60
CA SER D 67 30.20 12.67 6.96
C SER D 67 31.13 13.55 6.20
N TYR D 68 32.03 12.97 5.44
CA TYR D 68 32.99 13.77 4.73
C TYR D 68 32.73 13.87 3.23
N MET D 69 33.36 14.86 2.63
CA MET D 69 33.18 15.07 1.22
C MET D 69 34.30 14.38 0.51
N THR D 70 33.93 13.30 -0.16
CA THR D 70 34.83 12.49 -0.94
C THR D 70 34.05 12.24 -2.21
N THR D 71 34.73 11.83 -3.27
CA THR D 71 33.99 11.54 -4.50
C THR D 71 34.20 10.05 -4.81
N VAL D 72 34.86 9.39 -3.86
CA VAL D 72 35.20 7.98 -3.98
C VAL D 72 34.11 6.96 -3.72
N GLY D 73 32.94 7.35 -3.22
CA GLY D 73 31.95 6.32 -2.97
C GLY D 73 32.27 5.50 -1.72
N VAL D 74 31.99 6.11 -0.57
CA VAL D 74 32.20 5.52 0.74
C VAL D 74 30.95 5.87 1.55
N GLY D 75 30.52 4.93 2.37
CA GLY D 75 29.35 5.15 3.18
C GLY D 75 29.65 4.70 4.59
N GLY D 76 28.68 4.96 5.48
CA GLY D 76 28.80 4.56 6.88
C GLY D 76 27.67 3.63 7.26
N LEU D 77 27.61 3.21 8.53
CA LEU D 77 26.51 2.33 8.96
C LEU D 77 25.14 3.05 9.05
N ALA D 78 24.12 2.43 8.47
CA ALA D 78 22.78 3.02 8.49
C ALA D 78 22.31 3.11 9.92
N LYS D 79 21.46 4.10 10.16
CA LYS D 79 20.93 4.34 11.47
C LYS D 79 19.53 3.76 11.64
N ILE D 80 19.24 3.25 12.83
CA ILE D 80 17.94 2.66 13.09
C ILE D 80 16.87 3.74 13.32
N ASP D 81 17.32 4.97 13.51
CA ASP D 81 16.42 6.09 13.75
C ASP D 81 15.72 6.66 12.54
N GLY D 82 14.40 6.70 12.64
CA GLY D 82 13.59 7.24 11.57
C GLY D 82 13.55 6.27 10.41
N ILE D 83 13.95 5.03 10.66
CA ILE D 83 13.99 4.03 9.60
C ILE D 83 12.66 3.58 8.97
N GLU D 84 11.58 3.49 9.75
CA GLU D 84 10.27 3.11 9.20
C GLU D 84 9.80 4.19 8.26
N GLY D 85 9.95 5.43 8.71
CA GLY D 85 9.56 6.54 7.89
C GLY D 85 10.32 6.65 6.58
N ARG D 86 11.65 6.47 6.57
CA ARG D 86 12.40 6.57 5.31
C ARG D 86 12.10 5.42 4.34
N PHE D 87 11.84 4.26 4.94
CA PHE D 87 11.49 3.05 4.20
C PHE D 87 10.13 3.27 3.56
N GLU D 88 9.22 3.89 4.31
CA GLU D 88 7.89 4.15 3.78
C GLU D 88 7.97 5.16 2.62
N ARG D 89 8.84 6.16 2.69
CA ARG D 89 8.96 7.06 1.55
C ARG D 89 9.48 6.25 0.36
N TYR D 90 10.48 5.38 0.56
CA TYR D 90 11.04 4.56 -0.51
C TYR D 90 9.98 3.68 -1.25
N ILE D 91 9.13 3.03 -0.45
CA ILE D 91 8.04 2.22 -0.96
C ILE D 91 7.08 3.12 -1.76
N ALA D 92 6.39 4.03 -1.11
CA ALA D 92 5.49 4.90 -1.85
C ALA D 92 6.18 5.42 -3.10
N GLU D 93 7.42 5.86 -2.97
CA GLU D 93 8.14 6.45 -4.10
C GLU D 93 8.42 5.50 -5.27
N ASN D 94 8.19 4.20 -5.05
CA ASN D 94 8.45 3.13 -6.04
C ASN D 94 7.42 1.97 -6.16
N ARG D 95 6.12 2.25 -5.99
CA ARG D 95 5.09 1.21 -6.08
C ARG D 95 5.07 0.49 -7.45
N ASP D 96 5.69 1.10 -8.44
CA ASP D 96 5.70 0.54 -9.78
C ASP D 96 6.85 -0.42 -10.01
N GLN D 97 7.64 -0.70 -8.98
CA GLN D 97 8.76 -1.60 -9.13
C GLN D 97 8.52 -2.83 -8.23
N GLU D 98 8.06 -3.90 -8.85
CA GLU D 98 7.74 -5.18 -8.20
C GLU D 98 8.38 -5.57 -6.88
N GLY D 99 9.69 -5.71 -6.88
CA GLY D 99 10.36 -6.11 -5.66
C GLY D 99 9.95 -5.27 -4.50
N VAL D 100 9.77 -3.98 -4.76
CA VAL D 100 9.40 -2.99 -3.76
C VAL D 100 8.03 -3.25 -3.12
N ARG D 101 6.98 -3.49 -3.91
CA ARG D 101 5.66 -3.76 -3.35
C ARG D 101 5.81 -4.95 -2.42
N PHE D 102 6.71 -5.84 -2.79
CA PHE D 102 6.97 -7.03 -1.98
C PHE D 102 7.50 -6.64 -0.62
N LEU D 103 8.53 -5.80 -0.63
CA LEU D 103 9.13 -5.32 0.59
C LEU D 103 8.08 -4.71 1.50
N GLY D 104 7.26 -3.81 0.96
CA GLY D 104 6.22 -3.19 1.76
C GLY D 104 5.37 -4.21 2.51
N LYS D 105 4.80 -5.14 1.76
CA LYS D 105 3.99 -6.16 2.36
C LYS D 105 4.76 -7.01 3.37
N SER D 106 6.04 -7.31 3.12
CA SER D 106 6.76 -8.15 4.08
C SER D 106 6.89 -7.47 5.42
N LEU D 107 7.05 -6.16 5.43
CA LEU D 107 7.11 -5.42 6.69
C LEU D 107 5.78 -5.65 7.42
N SER D 108 4.66 -5.43 6.73
CA SER D 108 3.34 -5.61 7.32
C SER D 108 3.24 -7.04 7.83
N TYR D 109 3.68 -7.97 7.01
CA TYR D 109 3.60 -9.35 7.44
C TYR D 109 4.43 -9.49 8.71
N VAL D 110 5.66 -8.97 8.69
CA VAL D 110 6.49 -9.10 9.89
C VAL D 110 5.90 -8.29 11.05
N ARG D 111 5.49 -7.07 10.79
CA ARG D 111 4.94 -6.28 11.89
C ARG D 111 3.51 -6.69 12.35
N ASP D 112 2.62 -6.92 11.40
CA ASP D 112 1.21 -7.24 11.68
C ASP D 112 0.82 -8.67 12.01
N GLN D 113 1.41 -9.63 11.32
CA GLN D 113 1.04 -11.00 11.55
C GLN D 113 2.03 -11.68 12.49
N LEU D 114 3.29 -11.26 12.50
CA LEU D 114 4.19 -11.93 13.43
C LEU D 114 4.33 -11.15 14.74
N GLY D 115 3.92 -9.89 14.73
CA GLY D 115 4.00 -9.09 15.93
C GLY D 115 5.40 -8.78 16.40
N LEU D 116 6.36 -8.76 15.47
CA LEU D 116 7.75 -8.47 15.79
C LEU D 116 8.02 -6.96 15.58
N ASP D 117 9.14 -6.47 16.13
CA ASP D 117 9.51 -5.06 16.05
C ASP D 117 9.76 -4.57 14.64
N PRO D 118 8.96 -3.63 14.14
CA PRO D 118 9.14 -3.11 12.78
C PRO D 118 10.47 -2.44 12.46
N ALA D 119 10.95 -1.59 13.36
CA ALA D 119 12.21 -0.95 13.09
C ALA D 119 13.37 -1.93 13.24
N ALA D 120 13.29 -2.86 14.19
CA ALA D 120 14.38 -3.82 14.34
C ALA D 120 14.41 -4.64 13.05
N PHE D 121 13.23 -4.97 12.53
CA PHE D 121 13.15 -5.77 11.30
C PHE D 121 13.87 -5.06 10.15
N LEU D 122 13.46 -3.82 9.87
CA LEU D 122 14.04 -3.04 8.79
C LEU D 122 15.54 -2.88 8.95
N HIS D 123 16.01 -2.63 10.16
CA HIS D 123 17.44 -2.46 10.38
C HIS D 123 18.17 -3.79 10.25
N GLU D 124 17.54 -4.88 10.67
CA GLU D 124 18.26 -6.13 10.51
C GLU D 124 18.47 -6.38 9.02
N MET D 125 17.45 -6.11 8.22
CA MET D 125 17.55 -6.33 6.79
C MET D 125 18.49 -5.36 6.11
N VAL D 126 18.43 -4.10 6.49
CA VAL D 126 19.27 -3.13 5.81
C VAL D 126 20.72 -3.41 6.15
N ASP D 127 21.01 -3.47 7.44
CA ASP D 127 22.35 -3.72 7.92
C ASP D 127 22.76 -5.02 7.29
N GLY D 128 21.86 -6.00 7.41
CA GLY D 128 22.06 -7.31 6.86
C GLY D 128 22.50 -7.31 5.42
N ILE D 129 21.67 -6.76 4.54
CA ILE D 129 22.03 -6.74 3.14
C ILE D 129 23.27 -5.89 2.78
N LEU D 130 23.66 -4.95 3.65
CA LEU D 130 24.80 -4.11 3.36
C LEU D 130 26.09 -4.81 3.64
N GLY D 131 26.01 -5.92 4.39
CA GLY D 131 27.14 -6.77 4.74
C GLY D 131 28.29 -6.13 5.50
N CYS D 132 27.93 -5.11 6.27
CA CYS D 132 28.85 -4.31 7.07
C CYS D 132 29.06 -4.76 8.51
N ASN D 133 28.46 -5.86 8.96
CA ASN D 133 28.65 -6.31 10.37
C ASN D 133 28.80 -7.83 10.55
N TYR D 134 29.61 -8.26 11.51
CA TYR D 134 29.71 -9.70 11.69
C TYR D 134 28.34 -10.20 12.10
N PRO D 135 27.96 -11.38 11.63
CA PRO D 135 26.66 -11.92 11.99
C PRO D 135 26.58 -12.09 13.49
N VAL D 136 25.57 -11.48 14.10
CA VAL D 136 25.40 -11.61 15.56
C VAL D 136 23.93 -11.87 15.81
N PRO D 137 23.59 -12.98 16.50
CA PRO D 137 24.49 -14.03 17.03
C PRO D 137 25.05 -14.88 15.89
N PRO D 138 26.13 -15.61 16.14
CA PRO D 138 26.73 -16.47 15.12
C PRO D 138 25.74 -17.52 14.58
N ARG D 139 24.96 -18.16 15.46
CA ARG D 139 24.01 -19.18 15.02
C ARG D 139 23.04 -18.71 13.95
N MET D 140 22.53 -17.48 14.05
CA MET D 140 21.59 -16.90 13.09
C MET D 140 21.00 -15.54 13.49
N LEU D 141 20.95 -14.57 12.58
CA LEU D 141 20.34 -13.27 12.93
C LEU D 141 19.01 -13.46 13.68
N ASN D 142 18.79 -12.64 14.70
CA ASN D 142 17.60 -12.77 15.55
C ASN D 142 16.25 -12.81 14.85
N ILE D 143 15.92 -11.78 14.08
CA ILE D 143 14.64 -11.71 13.39
C ILE D 143 14.52 -12.67 12.22
N SER D 144 15.62 -13.01 11.57
CA SER D 144 15.57 -13.95 10.46
C SER D 144 15.27 -15.37 10.95
N GLU D 145 15.77 -15.72 12.12
CA GLU D 145 15.50 -17.05 12.65
C GLU D 145 14.00 -17.18 13.00
N LYS D 146 13.35 -16.11 13.40
CA LYS D 146 11.93 -16.24 13.74
C LYS D 146 11.08 -16.34 12.50
N ILE D 147 11.45 -15.59 11.46
CA ILE D 147 10.75 -15.56 10.18
C ILE D 147 10.97 -16.85 9.40
N VAL D 148 12.20 -17.33 9.38
CA VAL D 148 12.47 -18.53 8.65
C VAL D 148 11.90 -19.76 9.35
N ARG D 149 11.95 -19.85 10.69
CA ARG D 149 11.35 -21.05 11.28
C ARG D 149 9.83 -21.08 11.08
N GLN D 150 9.21 -19.90 10.99
CA GLN D 150 7.76 -19.86 10.72
C GLN D 150 7.52 -20.51 9.34
N TYR D 151 8.40 -20.24 8.39
CA TYR D 151 8.34 -20.84 7.06
C TYR D 151 8.72 -22.33 7.10
N ILE D 152 9.71 -22.71 7.91
CA ILE D 152 10.11 -24.12 7.97
C ILE D 152 9.00 -24.97 8.62
N ILE D 153 8.33 -24.39 9.60
CA ILE D 153 7.32 -25.11 10.33
C ILE D 153 6.10 -25.40 9.49
N ARG D 154 5.73 -24.48 8.61
CA ARG D 154 4.57 -24.70 7.79
C ARG D 154 4.88 -25.73 6.73
N GLU D 155 5.99 -25.54 6.02
CA GLU D 155 6.35 -26.48 4.94
C GLU D 155 6.73 -27.89 5.39
N MET D 156 7.31 -28.03 6.59
CA MET D 156 7.64 -29.36 7.09
C MET D 156 6.42 -29.99 7.73
N GLY D 157 5.29 -29.28 7.66
CA GLY D 157 4.04 -29.80 8.22
C GLY D 157 4.12 -29.99 9.72
N ALA D 158 4.94 -29.18 10.37
CA ALA D 158 5.14 -29.29 11.79
C ALA D 158 4.26 -28.34 12.58
N ASP D 159 3.17 -27.90 12.01
CA ASP D 159 2.25 -27.02 12.68
C ASP D 159 1.81 -27.28 14.15
N ALA D 160 2.17 -28.41 14.77
CA ALA D 160 1.79 -28.58 16.19
C ALA D 160 2.96 -28.36 17.13
N ILE D 161 4.06 -27.83 16.62
CA ILE D 161 5.21 -27.54 17.46
C ILE D 161 5.22 -26.03 17.69
N PRO D 162 5.39 -25.59 18.94
CA PRO D 162 5.40 -24.12 19.10
C PRO D 162 6.68 -23.65 18.42
N SER D 163 6.60 -22.56 17.69
CA SER D 163 7.77 -22.09 16.96
C SER D 163 8.95 -21.69 17.87
N GLU D 164 8.64 -21.13 19.05
CA GLU D 164 9.70 -20.73 20.00
C GLU D 164 10.48 -21.96 20.46
N SER D 165 10.01 -23.14 20.03
CA SER D 165 10.61 -24.41 20.41
C SER D 165 11.64 -24.89 19.36
N VAL D 166 11.69 -24.16 18.25
CA VAL D 166 12.60 -24.49 17.15
C VAL D 166 13.74 -23.49 16.95
N ASN D 167 14.97 -24.00 16.96
CA ASN D 167 16.11 -23.13 16.72
C ASN D 167 16.70 -23.50 15.40
N LEU D 168 17.31 -22.51 14.77
CA LEU D 168 17.87 -22.69 13.44
C LEU D 168 19.30 -22.25 13.31
N PHE D 169 20.13 -23.13 12.80
CA PHE D 169 21.51 -22.77 12.56
C PHE D 169 21.52 -22.42 11.09
N ALA D 170 21.82 -21.17 10.72
CA ALA D 170 21.88 -20.86 9.27
C ALA D 170 23.25 -21.30 8.70
N VAL D 171 23.21 -22.14 7.67
CA VAL D 171 24.43 -22.70 7.06
C VAL D 171 24.43 -22.57 5.56
N GLU D 172 25.63 -22.60 4.99
CA GLU D 172 25.79 -22.47 3.56
C GLU D 172 25.38 -23.72 2.75
N GLY D 173 24.07 -23.98 2.77
CA GLY D 173 23.50 -25.10 2.06
C GLY D 173 23.41 -26.36 2.87
N GLY D 174 22.66 -27.32 2.31
CA GLY D 174 22.51 -28.61 2.93
C GLY D 174 23.91 -29.24 2.91
N THR D 175 24.70 -28.88 1.89
CA THR D 175 26.07 -29.39 1.76
C THR D 175 26.89 -29.03 3.01
N ALA D 176 26.80 -27.77 3.40
CA ALA D 176 27.52 -27.31 4.55
C ALA D 176 26.92 -28.01 5.78
N ALA D 177 25.59 -28.08 5.84
CA ALA D 177 24.90 -28.69 6.98
C ALA D 177 25.44 -30.09 7.34
N MET D 178 25.60 -30.94 6.33
CA MET D 178 26.10 -32.28 6.59
C MET D 178 27.61 -32.35 6.99
N ALA D 179 28.47 -31.53 6.39
CA ALA D 179 29.89 -31.56 6.77
C ALA D 179 29.93 -31.22 8.24
N TYR D 180 29.17 -30.18 8.60
CA TYR D 180 29.09 -29.76 10.00
C TYR D 180 28.54 -30.87 10.96
N ILE D 181 27.38 -31.43 10.64
CA ILE D 181 26.74 -32.41 11.49
C ILE D 181 27.50 -33.72 11.75
N PHE D 182 28.16 -34.29 10.75
CA PHE D 182 28.91 -35.53 10.98
C PHE D 182 30.14 -35.23 11.76
N GLU D 183 30.70 -34.07 11.51
CA GLU D 183 31.92 -33.69 12.20
C GLU D 183 31.63 -33.50 13.70
N SER D 184 30.62 -32.68 13.99
CA SER D 184 30.22 -32.36 15.36
C SER D 184 29.78 -33.59 16.13
N LEU D 185 29.11 -34.51 15.45
CA LEU D 185 28.67 -35.76 16.09
C LEU D 185 29.93 -36.56 16.50
N LYS D 186 31.00 -36.42 15.73
CA LYS D 186 32.22 -37.13 16.02
C LYS D 186 33.00 -36.48 17.16
N LEU D 187 33.22 -35.18 17.00
CA LEU D 187 33.94 -34.40 17.97
C LEU D 187 33.38 -34.48 19.39
N ASN D 188 32.08 -34.73 19.50
CA ASN D 188 31.39 -34.81 20.79
C ASN D 188 31.07 -36.27 21.20
N GLY D 189 31.56 -37.20 20.38
CA GLY D 189 31.36 -38.60 20.67
C GLY D 189 29.92 -39.06 20.76
N LEU D 190 29.11 -38.69 19.76
CA LEU D 190 27.72 -39.12 19.70
C LEU D 190 27.70 -40.21 18.60
N LEU D 191 28.77 -40.26 17.82
CA LEU D 191 28.97 -41.26 16.78
C LEU D 191 30.46 -41.63 16.72
N LYS D 192 30.80 -42.78 17.33
CA LYS D 192 32.16 -43.32 17.41
C LYS D 192 32.35 -44.33 16.31
N ALA D 193 33.60 -44.53 15.87
CA ALA D 193 33.88 -45.47 14.78
C ALA D 193 33.21 -46.83 14.99
N GLY D 194 32.63 -47.39 13.94
CA GLY D 194 31.97 -48.67 14.09
C GLY D 194 30.54 -48.59 14.55
N ASP D 195 30.05 -47.38 14.84
CA ASP D 195 28.65 -47.23 15.26
C ASP D 195 27.80 -47.43 14.01
N LYS D 196 26.63 -48.00 14.18
CA LYS D 196 25.76 -48.23 13.04
C LYS D 196 24.90 -47.03 12.68
N VAL D 197 24.88 -46.74 11.39
CA VAL D 197 24.07 -45.67 10.86
C VAL D 197 23.18 -46.34 9.82
N ALA D 198 21.87 -46.22 10.06
CA ALA D 198 20.84 -46.75 9.19
C ALA D 198 20.51 -45.64 8.20
N ILE D 199 20.66 -45.96 6.91
CA ILE D 199 20.44 -45.06 5.81
C ILE D 199 19.31 -45.52 4.91
N GLY D 200 18.26 -44.72 4.78
CA GLY D 200 17.13 -45.08 3.95
C GLY D 200 17.58 -45.09 2.52
N MET D 201 17.44 -46.24 1.86
CA MET D 201 17.89 -46.37 0.48
C MET D 201 16.81 -46.81 -0.46
N PRO D 202 16.97 -46.53 -1.76
CA PRO D 202 18.13 -45.83 -2.33
C PRO D 202 18.27 -44.38 -1.96
N VAL D 203 19.50 -43.88 -2.02
CA VAL D 203 19.81 -42.48 -1.74
C VAL D 203 20.94 -42.05 -2.69
N PHE D 204 21.20 -40.76 -2.85
CA PHE D 204 22.27 -40.45 -3.79
C PHE D 204 23.64 -40.75 -3.20
N THR D 205 24.61 -41.01 -4.07
CA THR D 205 25.97 -41.40 -3.68
C THR D 205 26.72 -40.67 -2.56
N PRO D 206 26.81 -39.35 -2.62
CA PRO D 206 27.55 -38.71 -1.53
C PRO D 206 27.15 -39.02 -0.10
N TYR D 207 25.90 -39.39 0.15
CA TYR D 207 25.52 -39.68 1.51
C TYR D 207 25.91 -41.10 1.91
N ILE D 208 26.32 -41.90 0.94
CA ILE D 208 26.77 -43.26 1.20
C ILE D 208 28.25 -43.16 1.53
N GLU D 209 28.93 -42.28 0.80
CA GLU D 209 30.35 -42.07 0.97
C GLU D 209 30.80 -41.50 2.29
N ILE D 210 30.12 -40.45 2.75
CA ILE D 210 30.51 -39.77 3.97
C ILE D 210 30.63 -40.63 5.22
N PRO D 211 29.59 -41.41 5.52
CA PRO D 211 29.77 -42.19 6.73
C PRO D 211 30.85 -43.29 6.62
N GLU D 212 31.29 -43.61 5.40
CA GLU D 212 32.30 -44.65 5.18
C GLU D 212 33.72 -44.06 5.15
N LEU D 213 33.81 -42.74 5.24
CA LEU D 213 35.11 -42.09 5.29
C LEU D 213 35.83 -42.61 6.53
N ALA D 214 37.13 -42.82 6.38
CA ALA D 214 37.96 -43.32 7.45
C ALA D 214 37.92 -42.47 8.66
N GLN D 215 37.55 -41.21 8.49
CA GLN D 215 37.48 -40.32 9.63
C GLN D 215 36.19 -40.50 10.44
N TYR D 216 35.29 -41.35 9.93
CA TYR D 216 34.05 -41.64 10.65
C TYR D 216 33.94 -43.17 10.75
N ALA D 217 34.24 -43.88 9.66
CA ALA D 217 34.22 -45.34 9.70
C ALA D 217 32.98 -45.87 10.42
N LEU D 218 31.83 -45.50 9.88
CA LEU D 218 30.55 -45.91 10.43
C LEU D 218 30.08 -47.07 9.59
N GLU D 219 29.23 -47.89 10.18
CA GLU D 219 28.69 -49.07 9.53
C GLU D 219 27.30 -48.79 9.03
N GLU D 220 27.15 -48.83 7.70
CA GLU D 220 25.85 -48.57 7.12
C GLU D 220 24.92 -49.76 7.19
N VAL D 221 23.64 -49.52 7.56
CA VAL D 221 22.61 -50.56 7.57
C VAL D 221 21.55 -50.03 6.59
N ALA D 222 21.32 -50.76 5.52
CA ALA D 222 20.36 -50.31 4.51
C ALA D 222 18.91 -50.41 4.94
N ILE D 223 18.10 -49.43 4.55
CA ILE D 223 16.66 -49.47 4.82
C ILE D 223 16.06 -49.31 3.43
N ASN D 224 15.93 -50.45 2.76
CA ASN D 224 15.48 -50.51 1.38
C ASN D 224 14.04 -50.24 1.00
N ALA D 225 13.89 -49.26 0.14
CA ALA D 225 12.59 -48.89 -0.37
C ALA D 225 12.13 -50.01 -1.33
N ASP D 226 10.84 -50.33 -1.31
CA ASP D 226 10.34 -51.39 -2.18
C ASP D 226 9.63 -50.82 -3.39
N PRO D 227 10.21 -51.00 -4.57
CA PRO D 227 9.55 -50.46 -5.77
C PRO D 227 8.09 -50.93 -5.82
N SER D 228 7.81 -52.06 -5.16
CA SER D 228 6.47 -52.63 -5.16
C SER D 228 5.49 -51.77 -4.44
N LEU D 229 6.00 -51.11 -3.40
CA LEU D 229 5.19 -50.23 -2.58
C LEU D 229 5.27 -48.83 -3.14
N ASN D 230 5.66 -48.74 -4.41
CA ASN D 230 5.79 -47.48 -5.08
C ASN D 230 6.87 -46.67 -4.37
N TRP D 231 7.88 -47.36 -3.87
CA TRP D 231 9.02 -46.78 -3.18
C TRP D 231 8.92 -46.28 -1.73
N GLN D 232 8.03 -46.89 -0.97
CA GLN D 232 7.88 -46.56 0.42
C GLN D 232 8.76 -47.61 1.16
N TYR D 233 8.93 -47.43 2.48
CA TYR D 233 9.72 -48.38 3.29
C TYR D 233 8.79 -49.37 3.96
N PRO D 234 8.91 -50.66 3.64
CA PRO D 234 8.01 -51.61 4.31
C PRO D 234 8.17 -51.51 5.83
N ASP D 235 7.21 -52.03 6.59
CA ASP D 235 7.33 -51.96 8.04
C ASP D 235 8.57 -52.81 8.35
N SER D 236 8.63 -54.01 7.79
CA SER D 236 9.76 -54.91 8.02
C SER D 236 11.09 -54.21 7.95
N GLU D 237 11.27 -53.45 6.87
CA GLU D 237 12.50 -52.69 6.63
C GLU D 237 12.62 -51.60 7.69
N LEU D 238 11.54 -50.85 7.91
CA LEU D 238 11.51 -49.81 8.92
C LEU D 238 11.81 -50.38 10.31
N ASP D 239 11.31 -51.58 10.59
CA ASP D 239 11.54 -52.18 11.89
C ASP D 239 12.99 -52.56 12.10
N LYS D 240 13.83 -52.32 11.10
CA LYS D 240 15.22 -52.66 11.30
C LYS D 240 15.83 -51.74 12.37
N LEU D 241 15.20 -50.60 12.62
CA LEU D 241 15.67 -49.60 13.59
C LEU D 241 15.57 -49.97 15.09
N LYS D 242 14.90 -51.08 15.41
CA LYS D 242 14.78 -51.52 16.78
C LYS D 242 16.14 -52.04 17.25
N ASP D 243 17.02 -52.35 16.31
CA ASP D 243 18.33 -52.81 16.71
C ASP D 243 19.00 -51.70 17.56
N PRO D 244 19.22 -51.95 18.86
CA PRO D 244 19.85 -50.90 19.68
C PRO D 244 21.22 -50.45 19.16
N ALA D 245 21.80 -51.27 18.29
CA ALA D 245 23.12 -50.96 17.75
C ALA D 245 23.09 -49.86 16.70
N ILE D 246 21.90 -49.49 16.26
CA ILE D 246 21.78 -48.40 15.30
C ILE D 246 21.64 -47.14 16.14
N LYS D 247 22.59 -46.22 15.96
CA LYS D 247 22.63 -44.97 16.71
C LYS D 247 21.89 -43.89 15.98
N ILE D 248 21.60 -44.13 14.70
CA ILE D 248 20.97 -43.07 13.93
C ILE D 248 20.39 -43.44 12.58
N PHE D 249 19.26 -42.82 12.25
CA PHE D 249 18.58 -43.04 10.97
C PHE D 249 18.82 -41.77 10.11
N PHE D 250 19.48 -41.98 8.99
CA PHE D 250 19.83 -40.90 8.09
C PHE D 250 18.92 -41.00 6.86
N CYS D 251 18.16 -39.96 6.59
CA CYS D 251 17.15 -40.05 5.53
C CYS D 251 16.99 -38.82 4.65
N VAL D 252 16.69 -39.03 3.38
CA VAL D 252 16.39 -37.90 2.51
C VAL D 252 14.87 -38.02 2.21
N ASN D 253 14.07 -37.01 2.58
CA ASN D 253 12.63 -37.18 2.38
C ASN D 253 11.83 -35.89 2.15
N PRO D 254 11.20 -35.76 0.99
CA PRO D 254 11.15 -36.71 -0.14
C PRO D 254 12.50 -37.25 -0.56
N SER D 255 12.50 -38.56 -0.77
CA SER D 255 13.68 -39.33 -1.14
C SER D 255 14.25 -38.97 -2.49
N ASN D 256 15.57 -39.14 -2.61
CA ASN D 256 16.29 -38.90 -3.86
C ASN D 256 17.33 -40.03 -4.07
N PRO D 257 17.26 -40.74 -5.20
CA PRO D 257 16.39 -40.72 -6.41
C PRO D 257 14.86 -41.06 -6.58
N PRO D 258 14.30 -42.00 -5.81
CA PRO D 258 12.87 -42.35 -5.95
C PRO D 258 11.90 -41.18 -6.09
N SER D 259 12.08 -40.16 -5.27
CA SER D 259 11.23 -38.97 -5.34
C SER D 259 9.78 -39.16 -4.90
N VAL D 260 9.62 -39.72 -3.70
CA VAL D 260 8.31 -39.94 -3.08
C VAL D 260 8.50 -39.62 -1.64
N LYS D 261 7.51 -38.98 -1.03
CA LYS D 261 7.59 -38.66 0.38
C LYS D 261 7.12 -39.87 1.14
N MET D 262 7.60 -40.00 2.36
CA MET D 262 7.21 -41.11 3.21
C MET D 262 5.72 -41.00 3.51
N ASP D 263 5.01 -42.09 3.30
CA ASP D 263 3.56 -42.14 3.55
C ASP D 263 3.20 -42.15 5.05
N GLN D 264 1.95 -41.84 5.31
CA GLN D 264 1.44 -41.82 6.66
C GLN D 264 1.96 -43.02 7.46
N ARG D 265 1.63 -44.21 6.99
CA ARG D 265 2.04 -45.42 7.66
C ARG D 265 3.50 -45.47 8.13
N SER D 266 4.44 -45.14 7.22
CA SER D 266 5.90 -45.13 7.50
C SER D 266 6.23 -44.12 8.61
N LEU D 267 5.57 -42.97 8.57
CA LEU D 267 5.82 -41.95 9.58
C LEU D 267 5.35 -42.42 10.96
N GLU D 268 4.16 -42.99 11.04
CA GLU D 268 3.65 -43.46 12.32
C GLU D 268 4.43 -44.72 12.75
N ARG D 269 4.98 -45.43 11.77
CA ARG D 269 5.73 -46.62 12.13
C ARG D 269 6.99 -46.16 12.82
N VAL D 270 7.62 -45.14 12.26
CA VAL D 270 8.84 -44.65 12.91
C VAL D 270 8.52 -44.08 14.30
N ARG D 271 7.41 -43.34 14.42
CA ARG D 271 6.98 -42.75 15.69
C ARG D 271 6.68 -43.79 16.78
N ASN D 272 6.05 -44.90 16.41
CA ASN D 272 5.76 -45.95 17.38
C ASN D 272 7.07 -46.63 17.77
N ILE D 273 7.98 -46.74 16.80
CA ILE D 273 9.28 -47.34 17.05
C ILE D 273 10.10 -46.47 18.00
N VAL D 274 10.13 -45.16 17.72
CA VAL D 274 10.94 -44.30 18.55
C VAL D 274 10.34 -44.15 19.92
N ALA D 275 9.02 -44.31 19.99
CA ALA D 275 8.30 -44.17 21.25
C ALA D 275 8.35 -45.44 22.07
N GLU D 276 8.00 -46.56 21.45
CA GLU D 276 7.98 -47.83 22.14
C GLU D 276 9.29 -48.58 22.34
N HIS D 277 10.26 -48.42 21.46
CA HIS D 277 11.49 -49.20 21.61
C HIS D 277 12.81 -48.42 21.65
N ARG D 278 12.86 -47.33 20.89
CA ARG D 278 14.09 -46.58 20.76
C ARG D 278 13.95 -45.11 20.97
N PRO D 279 13.81 -44.68 22.21
CA PRO D 279 13.66 -43.26 22.43
C PRO D 279 14.99 -42.53 22.29
N ASP D 280 16.06 -43.29 22.29
CA ASP D 280 17.38 -42.69 22.20
C ASP D 280 17.89 -42.61 20.78
N LEU D 281 17.07 -42.96 19.80
CA LEU D 281 17.55 -42.94 18.41
C LEU D 281 17.71 -41.56 17.85
N MET D 282 18.79 -41.33 17.13
CA MET D 282 19.04 -40.04 16.48
C MET D 282 18.47 -40.13 15.07
N ILE D 283 18.00 -39.01 14.53
CA ILE D 283 17.45 -39.01 13.16
C ILE D 283 17.96 -37.78 12.43
N LEU D 284 18.52 -37.97 11.24
CA LEU D 284 19.00 -36.83 10.47
C LEU D 284 18.22 -36.96 9.18
N THR D 285 17.34 -35.98 8.93
CA THR D 285 16.51 -35.96 7.72
C THR D 285 16.80 -34.72 6.91
N ASP D 286 16.93 -34.92 5.61
CA ASP D 286 17.24 -33.89 4.62
C ASP D 286 15.92 -33.81 3.84
N ASP D 287 15.25 -32.67 3.97
CA ASP D 287 13.95 -32.52 3.36
C ASP D 287 13.86 -31.48 2.25
N VAL D 288 14.94 -31.27 1.51
CA VAL D 288 14.93 -30.25 0.46
C VAL D 288 13.71 -30.28 -0.46
N TYR D 289 13.09 -31.45 -0.62
CA TYR D 289 11.97 -31.60 -1.53
C TYR D 289 10.57 -31.55 -0.95
N GLY D 290 10.45 -31.15 0.32
CA GLY D 290 9.14 -31.11 0.92
C GLY D 290 8.14 -30.29 0.12
N THR D 291 8.47 -29.06 -0.19
CA THR D 291 7.54 -28.23 -0.93
C THR D 291 7.01 -28.85 -2.25
N PHE D 292 7.74 -29.82 -2.83
CA PHE D 292 7.26 -30.45 -4.09
C PHE D 292 6.25 -31.63 -3.92
N ALA D 293 6.06 -32.12 -2.69
CA ALA D 293 5.09 -33.19 -2.44
C ALA D 293 3.73 -32.50 -2.14
N ASP D 294 2.68 -33.28 -1.95
CA ASP D 294 1.43 -32.64 -1.67
C ASP D 294 1.20 -32.23 -0.24
N ASP D 295 0.90 -33.13 0.67
CA ASP D 295 0.71 -32.59 2.02
C ASP D 295 1.82 -33.13 2.87
N PHE D 296 3.03 -32.70 2.50
CA PHE D 296 4.27 -33.13 3.14
C PHE D 296 4.29 -32.95 4.61
N GLN D 297 4.94 -33.90 5.24
CA GLN D 297 5.14 -33.94 6.66
C GLN D 297 6.48 -34.65 6.84
N SER D 298 7.36 -33.98 7.55
CA SER D 298 8.70 -34.41 7.82
C SER D 298 8.83 -35.27 9.06
N LEU D 299 9.91 -36.03 9.15
CA LEU D 299 10.14 -36.80 10.34
C LEU D 299 10.28 -35.78 11.48
N PHE D 300 10.65 -34.57 11.12
CA PHE D 300 10.85 -33.55 12.14
C PHE D 300 9.55 -33.23 12.85
N ALA D 301 8.45 -33.20 12.10
CA ALA D 301 7.15 -32.93 12.66
C ALA D 301 6.66 -34.09 13.53
N ILE D 302 7.05 -35.32 13.23
CA ILE D 302 6.59 -36.47 14.00
C ILE D 302 7.40 -36.77 15.24
N CYS D 303 8.71 -36.65 15.11
CA CYS D 303 9.64 -36.90 16.20
C CYS D 303 10.47 -35.62 16.38
N PRO D 304 9.79 -34.51 16.76
CA PRO D 304 10.56 -33.27 16.92
C PRO D 304 11.73 -33.48 17.83
N GLU D 305 11.56 -34.29 18.85
CA GLU D 305 12.61 -34.46 19.80
C GLU D 305 13.82 -35.30 19.46
N ASN D 306 13.70 -36.14 18.43
CA ASN D 306 14.81 -37.01 18.07
C ASN D 306 15.45 -36.66 16.76
N THR D 307 14.84 -35.70 16.07
CA THR D 307 15.26 -35.28 14.72
C THR D 307 16.05 -33.99 14.55
N LEU D 308 17.07 -34.08 13.73
CA LEU D 308 17.96 -32.97 13.34
C LEU D 308 17.55 -32.74 11.89
N LEU D 309 16.75 -31.71 11.61
CA LEU D 309 16.29 -31.47 10.25
C LEU D 309 17.21 -30.57 9.48
N VAL D 310 17.57 -31.00 8.28
CA VAL D 310 18.40 -30.17 7.42
C VAL D 310 17.49 -29.75 6.29
N TYR D 311 17.23 -28.46 6.14
CA TYR D 311 16.37 -27.97 5.06
C TYR D 311 17.13 -26.97 4.20
N SER D 312 17.10 -27.20 2.90
CA SER D 312 17.77 -26.32 1.93
C SER D 312 16.75 -25.54 1.08
N PHE D 313 17.16 -24.37 0.61
CA PHE D 313 16.30 -23.55 -0.21
C PHE D 313 16.64 -23.71 -1.67
N SER D 314 17.71 -24.45 -1.97
CA SER D 314 18.23 -24.57 -3.32
C SER D 314 17.28 -24.85 -4.44
N LYS D 315 16.51 -25.90 -4.24
CA LYS D 315 15.58 -26.42 -5.22
C LYS D 315 14.28 -25.71 -5.40
N TYR D 316 13.57 -25.49 -4.30
CA TYR D 316 12.26 -24.89 -4.41
C TYR D 316 12.30 -23.49 -4.97
N PHE D 317 13.35 -22.76 -4.62
CA PHE D 317 13.49 -21.40 -5.08
C PHE D 317 14.49 -21.20 -6.22
N GLY D 318 15.07 -22.30 -6.70
CA GLY D 318 16.05 -22.17 -7.75
C GLY D 318 17.17 -21.31 -7.19
N ALA D 319 17.71 -21.72 -6.05
CA ALA D 319 18.76 -20.96 -5.40
C ALA D 319 20.02 -21.76 -5.10
N THR D 320 20.32 -22.80 -5.89
CA THR D 320 21.50 -23.61 -5.67
C THR D 320 22.77 -22.79 -5.50
N GLY D 321 22.95 -21.76 -6.30
CA GLY D 321 24.16 -20.97 -6.18
C GLY D 321 24.22 -20.06 -4.96
N TRP D 322 23.07 -19.88 -4.34
CA TRP D 322 22.96 -19.00 -3.18
C TRP D 322 23.46 -19.69 -1.89
N ARG D 323 23.49 -21.03 -1.89
CA ARG D 323 23.90 -21.88 -0.75
C ARG D 323 23.21 -21.44 0.56
N LEU D 324 21.90 -21.65 0.56
CA LEU D 324 20.99 -21.30 1.66
C LEU D 324 20.33 -22.51 2.33
N GLY D 325 20.62 -22.72 3.60
CA GLY D 325 19.99 -23.83 4.29
C GLY D 325 20.02 -23.68 5.78
N VAL D 326 19.29 -24.53 6.47
CA VAL D 326 19.29 -24.45 7.91
C VAL D 326 19.34 -25.83 8.56
N VAL D 327 19.86 -25.87 9.78
CA VAL D 327 19.86 -27.10 10.54
C VAL D 327 18.90 -26.70 11.64
N ALA D 328 17.82 -27.47 11.82
CA ALA D 328 16.82 -27.12 12.84
C ALA D 328 16.72 -28.14 13.97
N ALA D 329 16.69 -27.66 15.21
CA ALA D 329 16.60 -28.57 16.35
C ALA D 329 15.56 -28.10 17.37
N HIS D 330 14.94 -29.05 18.05
CA HIS D 330 13.94 -28.78 19.08
C HIS D 330 14.73 -28.29 20.28
N GLN D 331 14.13 -27.48 21.12
CA GLN D 331 14.87 -27.02 22.28
C GLN D 331 15.17 -28.14 23.23
N GLN D 332 14.32 -29.14 23.27
CA GLN D 332 14.56 -30.29 24.11
C GLN D 332 14.78 -31.42 23.09
N ASN D 333 16.04 -31.84 22.93
CA ASN D 333 16.33 -32.90 21.95
C ASN D 333 17.27 -34.00 22.45
N VAL D 334 17.13 -35.18 21.87
CA VAL D 334 17.97 -36.34 22.23
C VAL D 334 19.45 -36.27 21.91
N PHE D 335 19.89 -35.23 21.22
CA PHE D 335 21.31 -35.13 20.97
C PHE D 335 21.89 -34.55 22.26
N ASP D 336 21.18 -33.58 22.84
CA ASP D 336 21.59 -32.96 24.09
C ASP D 336 21.44 -33.92 25.27
N LEU D 337 20.48 -34.83 25.20
CA LEU D 337 20.36 -35.78 26.30
C LEU D 337 21.50 -36.82 26.22
N ALA D 338 22.02 -37.02 25.00
CA ALA D 338 23.12 -37.94 24.71
C ALA D 338 24.39 -37.31 25.20
N LEU D 339 24.46 -35.99 25.09
CA LEU D 339 25.62 -35.23 25.54
C LEU D 339 25.75 -35.33 27.06
N ASP D 340 24.60 -35.41 27.75
CA ASP D 340 24.60 -35.53 29.19
C ASP D 340 24.84 -36.93 29.70
N LYS D 341 24.63 -37.91 28.83
CA LYS D 341 24.87 -39.29 29.20
C LYS D 341 26.27 -39.66 28.74
N LEU D 342 27.08 -38.68 28.37
CA LEU D 342 28.44 -39.00 27.95
C LEU D 342 29.21 -39.41 29.18
N GLN D 343 30.38 -40.00 28.99
CA GLN D 343 31.21 -40.42 30.13
C GLN D 343 31.84 -39.22 30.78
N GLU D 344 32.27 -39.35 32.02
CA GLU D 344 32.84 -38.20 32.68
C GLU D 344 34.16 -37.82 31.98
N SER D 345 35.02 -38.80 31.73
CA SER D 345 36.28 -38.49 31.07
C SER D 345 36.06 -37.76 29.76
N GLU D 346 35.02 -38.13 29.00
CA GLU D 346 34.72 -37.48 27.72
C GLU D 346 34.18 -36.05 27.90
N LYS D 347 33.42 -35.83 28.97
CA LYS D 347 32.88 -34.50 29.22
C LYS D 347 34.04 -33.58 29.54
N VAL D 348 34.94 -34.11 30.36
CA VAL D 348 36.12 -33.39 30.81
C VAL D 348 36.91 -32.96 29.61
N ALA D 349 37.10 -33.86 28.67
CA ALA D 349 37.84 -33.47 27.48
C ALA D 349 37.10 -32.31 26.77
N LEU D 350 35.78 -32.44 26.69
CA LEU D 350 34.93 -31.44 26.04
C LEU D 350 35.06 -30.14 26.77
N ASP D 351 35.15 -30.22 28.09
CA ASP D 351 35.32 -29.01 28.87
C ASP D 351 36.48 -28.18 28.35
N HIS D 352 37.61 -28.84 28.03
CA HIS D 352 38.77 -28.12 27.53
C HIS D 352 38.62 -27.65 26.08
N ARG D 353 37.83 -28.35 25.26
CA ARG D 353 37.63 -27.95 23.88
C ARG D 353 36.89 -26.65 23.85
N TYR D 354 35.74 -26.62 24.52
CA TYR D 354 34.88 -25.45 24.54
C TYR D 354 35.14 -24.40 25.65
N ARG D 355 36.23 -24.57 26.38
CA ARG D 355 36.54 -23.64 27.45
C ARG D 355 36.48 -22.16 27.08
N SER D 356 37.00 -21.77 25.91
CA SER D 356 36.97 -20.36 25.52
C SER D 356 35.60 -19.82 25.10
N LEU D 357 34.59 -20.69 24.97
CA LEU D 357 33.29 -20.21 24.56
C LEU D 357 32.41 -19.70 25.68
N LEU D 358 32.35 -20.48 26.75
CA LEU D 358 31.55 -20.11 27.91
C LEU D 358 32.13 -20.77 29.19
N PRO D 359 31.58 -20.42 30.36
CA PRO D 359 32.15 -21.05 31.54
C PRO D 359 31.59 -22.48 31.75
N ASP D 360 30.28 -22.66 31.66
CA ASP D 360 29.74 -24.00 31.87
C ASP D 360 29.53 -24.76 30.56
N VAL D 361 30.61 -25.35 30.04
CA VAL D 361 30.55 -26.09 28.79
C VAL D 361 29.44 -27.12 28.76
N ARG D 362 28.98 -27.59 29.91
CA ARG D 362 27.95 -28.61 29.89
C ARG D 362 26.54 -28.11 29.69
N SER D 363 26.37 -26.79 29.68
CA SER D 363 25.07 -26.20 29.41
C SER D 363 24.99 -25.81 27.91
N LEU D 364 26.14 -25.93 27.22
CA LEU D 364 26.27 -25.61 25.79
C LEU D 364 25.52 -26.60 24.94
N LYS D 365 24.31 -26.24 24.50
CA LYS D 365 23.49 -27.14 23.72
C LYS D 365 24.12 -27.57 22.42
N PHE D 366 23.66 -28.69 21.90
CA PHE D 366 24.21 -29.24 20.67
C PHE D 366 24.13 -28.37 19.44
N ILE D 367 22.97 -27.73 19.20
CA ILE D 367 22.88 -26.91 18.01
C ILE D 367 23.92 -25.82 18.00
N ASP D 368 24.36 -25.38 19.18
CA ASP D 368 25.40 -24.37 19.26
C ASP D 368 26.84 -24.94 19.10
N ARG D 369 27.05 -26.21 19.43
CA ARG D 369 28.37 -26.77 19.27
C ARG D 369 28.62 -26.88 17.76
N LEU D 370 27.53 -27.02 16.99
CA LEU D 370 27.62 -27.07 15.52
C LEU D 370 28.20 -25.72 15.03
N VAL D 371 27.69 -24.62 15.56
CA VAL D 371 28.20 -23.33 15.15
C VAL D 371 29.64 -23.24 15.59
N ALA D 372 29.92 -23.70 16.79
CA ALA D 372 31.26 -23.65 17.30
C ALA D 372 32.19 -24.47 16.39
N ASP D 373 31.87 -25.74 16.23
CA ASP D 373 32.71 -26.62 15.42
C ASP D 373 32.93 -26.23 13.96
N SER D 374 31.94 -25.55 13.38
CA SER D 374 32.00 -25.15 11.98
C SER D 374 33.19 -24.24 11.76
N ARG D 375 33.65 -23.63 12.83
CA ARG D 375 34.79 -22.74 12.71
C ARG D 375 35.85 -22.89 13.80
N ALA D 376 36.27 -24.12 14.02
CA ALA D 376 37.33 -24.38 15.01
C ALA D 376 37.12 -23.88 16.43
N VAL D 377 35.90 -23.56 16.83
CA VAL D 377 35.60 -23.07 18.20
C VAL D 377 36.09 -21.67 18.54
N ALA D 378 37.41 -21.51 18.51
CA ALA D 378 38.07 -20.23 18.82
C ALA D 378 37.52 -19.07 18.00
N LEU D 379 37.11 -19.37 16.77
CA LEU D 379 36.59 -18.32 15.90
C LEU D 379 35.09 -18.16 15.97
N ASN D 380 34.44 -18.84 16.92
CA ASN D 380 32.99 -18.79 17.04
C ASN D 380 32.30 -17.42 16.83
N HIS D 381 32.87 -16.34 17.35
CA HIS D 381 32.22 -15.05 17.20
C HIS D 381 32.28 -14.40 15.85
N THR D 382 32.88 -15.10 14.92
CA THR D 382 32.90 -14.61 13.57
C THR D 382 32.39 -15.73 12.67
N ALA D 383 31.64 -16.67 13.26
CA ALA D 383 31.06 -17.76 12.49
C ALA D 383 29.66 -17.35 11.99
N GLY D 384 28.99 -18.27 11.32
CA GLY D 384 27.70 -17.97 10.77
C GLY D 384 27.68 -17.68 9.27
N LEU D 385 26.48 -17.70 8.72
CA LEU D 385 26.24 -17.45 7.29
C LEU D 385 26.30 -15.94 7.00
N SER D 386 26.78 -15.54 5.82
CA SER D 386 26.88 -14.10 5.51
C SER D 386 25.53 -13.47 5.74
N THR D 387 25.51 -12.21 6.17
CA THR D 387 24.24 -11.59 6.45
C THR D 387 23.38 -11.36 5.23
N PRO D 388 23.99 -11.04 4.08
CA PRO D 388 23.11 -10.83 2.92
C PRO D 388 22.39 -12.14 2.57
N GLN D 389 23.10 -13.27 2.69
CA GLN D 389 22.50 -14.57 2.40
C GLN D 389 21.32 -14.76 3.35
N GLN D 390 21.56 -14.48 4.63
CA GLN D 390 20.51 -14.60 5.61
C GLN D 390 19.34 -13.72 5.22
N VAL D 391 19.60 -12.55 4.66
CA VAL D 391 18.51 -11.69 4.20
C VAL D 391 17.81 -12.27 2.97
N GLN D 392 18.55 -12.91 2.04
CA GLN D 392 17.87 -13.46 0.88
C GLN D 392 17.05 -14.63 1.34
N MET D 393 17.58 -15.35 2.33
CA MET D 393 16.87 -16.51 2.85
C MET D 393 15.57 -16.02 3.48
N ALA D 394 15.67 -14.94 4.22
CA ALA D 394 14.52 -14.39 4.87
C ALA D 394 13.48 -13.85 3.90
N LEU D 395 13.88 -13.41 2.72
CA LEU D 395 12.88 -12.90 1.78
C LEU D 395 12.24 -14.09 1.04
N PHE D 396 12.98 -15.18 0.89
CA PHE D 396 12.38 -16.32 0.23
C PHE D 396 11.25 -16.79 1.15
N SER D 397 11.55 -16.91 2.43
CA SER D 397 10.58 -17.40 3.39
C SER D 397 9.32 -16.58 3.43
N LEU D 398 9.52 -15.27 3.54
CA LEU D 398 8.40 -14.34 3.59
C LEU D 398 7.53 -14.54 2.36
N PHE D 399 8.20 -14.60 1.22
CA PHE D 399 7.59 -14.76 -0.07
C PHE D 399 6.63 -15.91 -0.04
N ALA D 400 7.13 -17.04 0.43
CA ALA D 400 6.34 -18.24 0.53
C ALA D 400 5.21 -18.08 1.53
N LEU D 401 5.54 -17.53 2.70
CA LEU D 401 4.59 -17.35 3.79
C LEU D 401 3.43 -16.41 3.46
N MET D 402 3.70 -15.43 2.62
CA MET D 402 2.72 -14.45 2.27
C MET D 402 1.88 -14.82 1.08
N ASP D 403 2.18 -15.98 0.51
CA ASP D 403 1.44 -16.48 -0.64
C ASP D 403 0.44 -17.49 -0.07
N GLU D 404 -0.59 -16.97 0.58
CA GLU D 404 -1.59 -17.82 1.20
C GLU D 404 -2.17 -18.92 0.30
N ALA D 405 -2.41 -18.62 -0.98
CA ALA D 405 -2.96 -19.61 -1.91
C ALA D 405 -1.94 -20.59 -2.49
N ASP D 406 -0.67 -20.44 -2.10
CA ASP D 406 0.39 -21.31 -2.58
C ASP D 406 0.42 -21.24 -4.11
N GLU D 407 0.25 -20.03 -4.68
CA GLU D 407 0.27 -19.91 -6.14
C GLU D 407 1.60 -20.31 -6.76
N TYR D 408 2.71 -19.87 -6.17
CA TYR D 408 4.04 -20.26 -6.67
C TYR D 408 4.21 -21.78 -6.56
N LYS D 409 4.03 -22.34 -5.38
CA LYS D 409 4.15 -23.79 -5.23
C LYS D 409 3.42 -24.49 -6.37
N HIS D 410 2.22 -24.00 -6.71
CA HIS D 410 1.38 -24.56 -7.80
C HIS D 410 1.99 -24.33 -9.17
N THR D 411 2.48 -23.12 -9.41
CA THR D 411 3.06 -22.84 -10.69
C THR D 411 4.17 -23.85 -10.94
N LEU D 412 5.02 -24.09 -9.93
CA LEU D 412 6.10 -25.05 -10.09
C LEU D 412 5.63 -26.48 -10.29
N LYS D 413 4.67 -26.96 -9.50
CA LYS D 413 4.14 -28.33 -9.67
C LYS D 413 3.54 -28.62 -11.04
N GLN D 414 2.82 -27.65 -11.58
CA GLN D 414 2.16 -27.78 -12.89
C GLN D 414 3.23 -27.80 -13.99
N LEU D 415 4.34 -27.14 -13.75
CA LEU D 415 5.42 -27.13 -14.72
C LEU D 415 6.12 -28.49 -14.71
N ILE D 416 6.23 -29.10 -13.53
CA ILE D 416 6.86 -30.41 -13.44
C ILE D 416 5.98 -31.32 -14.29
N ARG D 417 4.67 -31.25 -13.98
CA ARG D 417 3.64 -32.04 -14.65
C ARG D 417 3.54 -31.75 -16.11
N ARG D 418 3.86 -30.54 -16.53
CA ARG D 418 3.83 -30.24 -17.95
C ARG D 418 4.97 -31.01 -18.59
N ARG D 419 6.13 -30.97 -17.93
CA ARG D 419 7.34 -31.64 -18.43
C ARG D 419 7.15 -33.13 -18.45
N GLU D 420 6.42 -33.65 -17.47
CA GLU D 420 6.16 -35.08 -17.40
C GLU D 420 5.33 -35.48 -18.61
N THR D 421 4.26 -34.73 -18.85
CA THR D 421 3.39 -35.03 -19.97
C THR D 421 4.15 -34.99 -21.26
N THR D 422 5.16 -34.15 -21.37
CA THR D 422 5.90 -34.12 -22.63
C THR D 422 6.83 -35.33 -22.77
N LEU D 423 7.38 -35.78 -21.66
CA LEU D 423 8.26 -36.93 -21.64
C LEU D 423 7.53 -38.21 -22.07
N TYR D 424 6.37 -38.44 -21.47
CA TYR D 424 5.62 -39.64 -21.76
C TYR D 424 4.58 -39.58 -22.87
N ARG D 425 4.50 -38.47 -23.60
CA ARG D 425 3.54 -38.41 -24.70
C ARG D 425 3.52 -39.75 -25.49
N GLU D 426 4.68 -40.13 -26.03
CA GLU D 426 4.82 -41.33 -26.82
C GLU D 426 5.26 -42.54 -26.03
N LEU D 427 5.30 -42.43 -24.70
CA LEU D 427 5.71 -43.58 -23.87
C LEU D 427 4.53 -44.16 -23.16
N GLY D 428 3.37 -43.67 -23.59
CA GLY D 428 2.12 -44.14 -23.05
C GLY D 428 1.57 -43.41 -21.86
N MET D 429 1.68 -42.08 -21.86
CA MET D 429 1.17 -41.27 -20.74
C MET D 429 2.01 -41.46 -19.48
N PRO D 430 2.22 -40.38 -18.71
CA PRO D 430 3.01 -40.61 -17.52
C PRO D 430 2.46 -41.71 -16.61
N PRO D 431 3.32 -42.30 -15.78
CA PRO D 431 2.81 -43.34 -14.88
C PRO D 431 1.70 -42.78 -13.95
N LEU D 432 0.97 -43.69 -13.29
CA LEU D 432 -0.09 -43.29 -12.36
C LEU D 432 0.40 -42.49 -11.14
N ARG D 433 -0.07 -41.26 -10.99
CA ARG D 433 0.33 -40.41 -9.87
C ARG D 433 -0.23 -41.00 -8.57
N ASP D 434 0.23 -40.49 -7.45
CA ASP D 434 -0.11 -41.06 -6.18
C ASP D 434 -0.18 -39.90 -5.18
N GLU D 435 -0.75 -40.12 -3.99
CA GLU D 435 -0.83 -39.03 -3.01
C GLU D 435 0.55 -38.76 -2.41
N ASN D 436 1.50 -39.66 -2.64
CA ASN D 436 2.86 -39.48 -2.11
C ASN D 436 3.94 -39.11 -3.15
N ALA D 437 3.54 -39.04 -4.42
CA ALA D 437 4.44 -38.68 -5.50
C ALA D 437 4.92 -37.23 -5.43
N VAL D 438 6.23 -37.02 -5.64
CA VAL D 438 6.84 -35.71 -5.63
C VAL D 438 7.28 -35.44 -7.06
N ASP D 439 8.00 -36.41 -7.62
CA ASP D 439 8.41 -36.39 -9.02
C ASP D 439 9.37 -35.34 -9.55
N TYR D 440 10.20 -34.82 -8.66
CA TYR D 440 11.22 -33.91 -9.09
C TYR D 440 12.04 -34.76 -10.11
N TYR D 441 12.30 -36.02 -9.76
CA TYR D 441 13.00 -36.95 -10.64
C TYR D 441 12.00 -38.00 -11.04
N THR D 442 12.15 -38.52 -12.25
CA THR D 442 11.19 -39.48 -12.71
C THR D 442 11.84 -40.76 -13.19
N LEU D 443 11.19 -41.88 -12.91
CA LEU D 443 11.68 -43.18 -13.32
C LEU D 443 11.02 -43.64 -14.62
N ILE D 444 11.83 -43.65 -15.67
CA ILE D 444 11.40 -44.09 -16.98
C ILE D 444 11.79 -45.58 -16.91
N ASP D 445 10.76 -46.41 -16.70
CA ASP D 445 10.88 -47.86 -16.58
C ASP D 445 10.53 -48.51 -17.90
N LEU D 446 11.51 -49.20 -18.49
CA LEU D 446 11.29 -49.84 -19.78
C LEU D 446 10.09 -50.75 -19.72
N GLN D 447 9.97 -51.48 -18.62
CA GLN D 447 8.87 -52.39 -18.49
C GLN D 447 7.49 -51.79 -18.53
N ASP D 448 7.26 -50.69 -17.81
CA ASP D 448 5.93 -50.08 -17.82
C ASP D 448 5.65 -49.30 -19.09
N VAL D 449 6.67 -48.68 -19.65
CA VAL D 449 6.46 -47.96 -20.88
C VAL D 449 6.01 -49.02 -21.94
N THR D 450 6.65 -50.19 -21.97
CA THR D 450 6.30 -51.22 -22.95
C THR D 450 4.96 -51.91 -22.74
N ALA D 451 4.61 -52.20 -21.48
CA ALA D 451 3.30 -52.79 -21.20
C ALA D 451 2.25 -51.81 -21.76
N LYS D 452 2.34 -50.54 -21.35
CA LYS D 452 1.41 -49.50 -21.84
C LYS D 452 1.25 -49.40 -23.37
N LEU D 453 2.36 -49.61 -24.08
CA LEU D 453 2.34 -49.54 -25.53
C LEU D 453 1.90 -50.85 -26.18
N TYR D 454 2.45 -51.94 -25.64
CA TYR D 454 2.24 -53.23 -26.24
C TYR D 454 1.83 -54.43 -25.37
N GLY D 455 1.35 -54.16 -24.16
CA GLY D 455 0.89 -55.25 -23.32
C GLY D 455 1.90 -56.03 -22.52
N GLU D 456 1.39 -56.72 -21.50
CA GLU D 456 2.20 -57.53 -20.60
C GLU D 456 3.15 -58.48 -21.30
N ALA D 457 2.64 -59.19 -22.30
CA ALA D 457 3.44 -60.15 -23.04
C ALA D 457 4.74 -59.54 -23.58
N PHE D 458 4.61 -58.58 -24.49
CA PHE D 458 5.76 -57.90 -25.09
C PHE D 458 6.72 -57.34 -24.05
N SER D 459 6.15 -56.75 -23.01
CA SER D 459 6.91 -56.15 -21.94
C SER D 459 7.81 -57.12 -21.19
N GLU D 460 7.30 -58.30 -20.84
CA GLU D 460 8.11 -59.25 -20.08
C GLU D 460 9.26 -59.72 -20.92
N TRP D 461 9.04 -59.81 -22.22
CA TRP D 461 10.08 -60.23 -23.15
C TRP D 461 11.04 -59.02 -23.28
N ALA D 462 10.49 -57.89 -23.67
CA ALA D 462 11.28 -56.68 -23.84
C ALA D 462 12.28 -56.47 -22.67
N VAL D 463 11.87 -56.80 -21.45
CA VAL D 463 12.76 -56.62 -20.31
C VAL D 463 14.00 -57.52 -20.34
N LYS D 464 13.83 -58.74 -20.84
CA LYS D 464 14.93 -59.68 -20.88
C LYS D 464 15.89 -59.45 -22.03
N GLN D 465 15.49 -58.63 -22.99
CA GLN D 465 16.35 -58.33 -24.11
C GLN D 465 17.22 -57.12 -23.79
N SER D 466 16.66 -56.17 -23.05
CA SER D 466 17.33 -54.90 -22.75
C SER D 466 18.14 -54.75 -21.47
N SER D 467 18.84 -53.64 -21.39
CA SER D 467 19.63 -53.33 -20.22
C SER D 467 19.55 -51.83 -19.99
N THR D 468 19.65 -51.42 -18.74
CA THR D 468 19.65 -50.02 -18.43
C THR D 468 20.72 -49.39 -19.34
N GLY D 469 21.91 -49.99 -19.33
CA GLY D 469 23.04 -49.52 -20.13
C GLY D 469 22.77 -49.24 -21.59
N ASP D 470 22.14 -50.15 -22.28
CA ASP D 470 21.85 -49.89 -23.68
C ASP D 470 20.77 -48.84 -23.71
N MET D 471 19.87 -48.86 -22.73
CA MET D 471 18.81 -47.86 -22.69
C MET D 471 19.31 -46.43 -22.52
N LEU D 472 20.40 -46.25 -21.75
CA LEU D 472 20.96 -44.92 -21.55
C LEU D 472 21.89 -44.51 -22.67
N PHE D 473 22.73 -45.42 -23.13
CA PHE D 473 23.63 -45.06 -24.21
C PHE D 473 22.83 -44.67 -25.45
N ARG D 474 21.64 -45.22 -25.60
CA ARG D 474 20.81 -44.88 -26.75
C ARG D 474 20.30 -43.44 -26.60
N ILE D 475 19.66 -43.16 -25.48
CA ILE D 475 19.15 -41.82 -25.29
C ILE D 475 20.26 -40.80 -25.38
N ALA D 476 21.35 -41.05 -24.64
CA ALA D 476 22.53 -40.16 -24.61
C ALA D 476 23.05 -39.86 -26.01
N ASP D 477 23.06 -40.88 -26.84
CA ASP D 477 23.53 -40.78 -28.19
C ASP D 477 22.59 -39.96 -29.05
N GLU D 478 21.32 -40.34 -29.06
CA GLU D 478 20.35 -39.61 -29.84
C GLU D 478 20.08 -38.19 -29.31
N THR D 479 19.97 -38.03 -27.99
CA THR D 479 19.60 -36.72 -27.45
C THR D 479 20.64 -35.87 -26.73
N GLY D 480 21.75 -36.46 -26.32
CA GLY D 480 22.77 -35.70 -25.61
C GLY D 480 22.56 -35.69 -24.09
N ILE D 481 21.39 -36.11 -23.61
CA ILE D 481 21.14 -36.11 -22.18
C ILE D 481 21.56 -37.45 -21.57
N VAL D 482 22.30 -37.43 -20.47
CA VAL D 482 22.70 -38.68 -19.81
C VAL D 482 21.78 -38.92 -18.60
N LEU D 483 20.89 -39.90 -18.69
CA LEU D 483 20.02 -40.18 -17.57
C LEU D 483 20.73 -40.97 -16.48
N LEU D 484 20.14 -40.97 -15.29
CA LEU D 484 20.72 -41.68 -14.17
C LEU D 484 20.24 -43.09 -14.26
N PRO D 485 21.09 -44.06 -13.92
CA PRO D 485 20.74 -45.48 -13.96
C PRO D 485 19.68 -45.78 -12.91
N GLY D 486 18.60 -46.45 -13.31
CA GLY D 486 17.56 -46.80 -12.37
C GLY D 486 18.10 -47.66 -11.22
N ALA D 487 18.35 -47.03 -10.09
CA ALA D 487 18.87 -47.75 -8.96
C ALA D 487 17.74 -48.06 -8.00
N GLY D 488 17.74 -49.27 -7.43
CA GLY D 488 16.70 -49.61 -6.48
C GLY D 488 16.04 -50.98 -6.54
N PHE D 489 16.19 -51.71 -7.64
CA PHE D 489 15.53 -53.00 -7.65
C PHE D 489 16.18 -54.09 -8.44
N GLY D 490 17.18 -54.74 -7.86
CA GLY D 490 17.86 -55.83 -8.55
C GLY D 490 17.92 -55.67 -10.06
N SER D 491 18.95 -54.95 -10.53
CA SER D 491 19.25 -54.69 -11.96
C SER D 491 18.15 -55.02 -12.99
N ASN D 492 17.62 -56.25 -12.86
CA ASN D 492 16.58 -56.83 -13.71
C ASN D 492 15.74 -55.86 -14.53
N ARG D 493 15.72 -54.56 -14.18
CA ARG D 493 14.92 -53.58 -14.91
C ARG D 493 15.59 -52.41 -15.58
N PRO D 494 15.68 -52.47 -16.92
CA PRO D 494 16.29 -51.43 -17.76
C PRO D 494 15.48 -50.17 -17.52
N SER D 495 16.10 -49.18 -16.89
CA SER D 495 15.39 -47.97 -16.56
C SER D 495 16.32 -46.82 -16.26
N GLY D 496 15.84 -45.60 -16.50
CA GLY D 496 16.65 -44.45 -16.22
C GLY D 496 15.90 -43.33 -15.53
N ARG D 497 16.60 -42.52 -14.73
CA ARG D 497 15.94 -41.41 -14.05
C ARG D 497 16.40 -40.07 -14.59
N ALA D 498 15.43 -39.20 -14.79
CA ALA D 498 15.66 -37.85 -15.29
C ALA D 498 15.01 -36.91 -14.29
N SER D 499 15.45 -35.67 -14.29
CA SER D 499 14.88 -34.66 -13.45
C SER D 499 13.81 -33.96 -14.32
N LEU D 500 12.67 -33.63 -13.73
CA LEU D 500 11.59 -32.91 -14.43
C LEU D 500 11.78 -31.40 -14.19
N ALA D 501 12.88 -31.09 -13.52
CA ALA D 501 13.23 -29.72 -13.15
C ALA D 501 14.45 -29.13 -13.88
N ASN D 502 15.12 -29.88 -14.75
CA ASN D 502 16.34 -29.29 -15.34
C ASN D 502 16.54 -29.14 -16.85
N LEU D 503 15.52 -29.47 -17.62
CA LEU D 503 15.58 -29.34 -19.06
C LEU D 503 14.35 -28.55 -19.53
N ASN D 504 14.21 -28.39 -20.85
CA ASN D 504 13.03 -27.69 -21.40
C ASN D 504 12.16 -28.69 -22.18
N GLU D 505 10.89 -28.40 -22.35
CA GLU D 505 10.04 -29.33 -23.07
C GLU D 505 10.61 -30.05 -24.31
N TYR D 506 11.32 -29.37 -25.22
CA TYR D 506 11.81 -30.10 -26.39
C TYR D 506 12.84 -31.21 -26.07
N GLU D 507 13.57 -31.09 -24.98
CA GLU D 507 14.54 -32.12 -24.62
C GLU D 507 13.81 -33.35 -24.01
N TYR D 508 12.78 -33.13 -23.19
CA TYR D 508 12.04 -34.26 -22.63
C TYR D 508 11.39 -34.93 -23.84
N ALA D 509 10.99 -34.09 -24.80
CA ALA D 509 10.37 -34.57 -26.01
C ALA D 509 11.33 -35.45 -26.76
N ALA D 510 12.62 -35.05 -26.78
CA ALA D 510 13.66 -35.80 -27.46
C ALA D 510 13.86 -37.10 -26.73
N ILE D 511 14.00 -37.04 -25.42
CA ILE D 511 14.17 -38.27 -24.63
C ILE D 511 13.02 -39.26 -24.84
N GLY D 512 11.81 -38.77 -25.05
CA GLY D 512 10.66 -39.64 -25.25
C GLY D 512 10.69 -40.23 -26.64
N ARG D 513 10.94 -39.40 -27.64
CA ARG D 513 11.01 -39.90 -28.99
C ARG D 513 12.06 -41.01 -29.06
N ALA D 514 13.24 -40.78 -28.50
CA ALA D 514 14.26 -41.82 -28.56
C ALA D 514 13.79 -43.09 -27.84
N LEU D 515 13.18 -42.98 -26.68
CA LEU D 515 12.74 -44.18 -26.00
C LEU D 515 11.63 -44.96 -26.75
N ARG D 516 10.72 -44.22 -27.36
CA ARG D 516 9.65 -44.83 -28.14
C ARG D 516 10.22 -45.47 -29.44
N LYS D 517 11.38 -45.01 -29.89
CA LYS D 517 12.03 -45.53 -31.10
C LYS D 517 12.59 -46.87 -30.73
N MET D 518 13.19 -46.88 -29.57
CA MET D 518 13.77 -48.07 -29.05
C MET D 518 12.70 -49.13 -28.81
N ALA D 519 11.57 -48.72 -28.26
CA ALA D 519 10.49 -49.64 -27.99
C ALA D 519 9.91 -50.22 -29.28
N ASP D 520 9.76 -49.40 -30.31
CA ASP D 520 9.24 -49.88 -31.57
C ASP D 520 10.14 -50.95 -32.17
N GLU D 521 11.46 -50.72 -32.15
CA GLU D 521 12.42 -51.69 -32.69
C GLU D 521 12.31 -53.04 -31.97
N LEU D 522 12.16 -52.98 -30.64
CA LEU D 522 11.99 -54.19 -29.83
C LEU D 522 10.68 -54.90 -30.20
N TYR D 523 9.64 -54.12 -30.40
CA TYR D 523 8.35 -54.68 -30.72
C TYR D 523 8.41 -55.44 -32.01
N ALA D 524 8.93 -54.81 -33.05
CA ALA D 524 9.03 -55.45 -34.36
C ALA D 524 9.79 -56.79 -34.32
N GLU D 525 10.94 -56.83 -33.66
CA GLU D 525 11.72 -58.06 -33.55
C GLU D 525 10.87 -59.06 -32.80
N TYR D 526 10.03 -58.56 -31.89
CA TYR D 526 9.16 -59.42 -31.12
C TYR D 526 8.01 -59.86 -32.00
N SER D 527 7.57 -58.98 -32.89
CA SER D 527 6.49 -59.30 -33.80
C SER D 527 6.95 -60.39 -34.75
N GLY D 528 8.03 -60.10 -35.48
CA GLY D 528 8.59 -61.08 -36.40
C GLY D 528 9.06 -62.35 -35.70
N GLN D 529 9.49 -62.26 -34.44
CA GLN D 529 9.93 -63.45 -33.72
C GLN D 529 8.73 -64.28 -33.27
N ALA D 530 7.54 -63.68 -33.31
CA ALA D 530 6.28 -64.33 -32.93
C ALA D 530 5.53 -64.80 -34.17
N GLN D 531 5.67 -64.06 -35.27
CA GLN D 531 5.04 -64.43 -36.54
C GLN D 531 5.95 -65.54 -37.09
N ASN D 532 7.19 -65.55 -36.61
CA ASN D 532 8.20 -66.53 -37.02
C ASN D 532 7.71 -67.92 -36.63
N LYS E 17 8.50 39.66 39.28
CA LYS E 17 9.19 39.89 37.98
C LYS E 17 9.94 38.64 37.51
N ASP E 18 10.93 38.24 38.31
CA ASP E 18 11.79 37.10 38.00
C ASP E 18 11.21 35.74 38.35
N GLU E 19 10.15 35.72 39.15
CA GLU E 19 9.53 34.46 39.54
C GLU E 19 8.69 33.90 38.40
N LEU E 20 8.07 34.79 37.62
CA LEU E 20 7.27 34.38 36.48
C LEU E 20 8.15 33.52 35.56
N ILE E 21 9.33 34.05 35.23
CA ILE E 21 10.29 33.36 34.36
C ILE E 21 10.52 31.93 34.83
N LYS E 22 10.30 31.71 36.11
CA LYS E 22 10.48 30.40 36.70
C LYS E 22 9.21 29.57 36.52
N ILE E 23 8.07 30.22 36.74
CA ILE E 23 6.76 29.58 36.62
C ILE E 23 6.46 29.27 35.16
N ALA E 24 7.22 29.90 34.26
CA ALA E 24 7.00 29.72 32.82
C ALA E 24 8.21 29.97 31.92
N SER E 25 9.12 29.01 31.86
CA SER E 25 10.32 29.09 31.02
C SER E 25 9.98 28.85 29.54
N SER E 26 10.26 29.86 28.73
CA SER E 26 9.98 29.83 27.30
C SER E 26 10.72 31.00 26.69
N ASP E 27 11.30 30.83 25.51
CA ASP E 27 12.02 31.94 24.89
C ASP E 27 11.09 33.08 24.56
N GLY E 28 9.88 32.74 24.13
CA GLY E 28 8.90 33.74 23.78
C GLY E 28 8.43 34.49 25.01
N ASN E 29 8.28 33.76 26.10
CA ASN E 29 7.87 34.39 27.34
C ASN E 29 9.05 35.23 27.78
N ARG E 30 10.25 34.66 27.63
CA ARG E 30 11.49 35.33 27.99
C ARG E 30 11.64 36.66 27.23
N LEU E 31 11.46 36.62 25.91
CA LEU E 31 11.60 37.81 25.11
C LEU E 31 10.65 38.92 25.48
N MET E 32 9.50 38.56 26.06
CA MET E 32 8.50 39.55 26.48
C MET E 32 8.86 40.33 27.76
N LEU E 33 9.52 39.64 28.67
CA LEU E 33 9.94 40.20 29.94
C LEU E 33 11.34 40.87 29.87
N ASN E 34 12.29 40.20 29.19
CA ASN E 34 13.66 40.69 29.03
C ASN E 34 13.87 41.73 27.93
N ALA E 35 12.86 42.00 27.12
CA ALA E 35 13.03 42.99 26.08
C ALA E 35 11.73 43.66 25.69
N GLY E 36 10.66 43.34 26.42
CA GLY E 36 9.35 43.93 26.17
C GLY E 36 8.87 43.93 24.74
N ARG E 37 9.20 42.87 24.02
CA ARG E 37 8.84 42.67 22.60
C ARG E 37 8.09 41.34 22.44
N GLY E 38 7.23 41.30 21.45
CA GLY E 38 6.52 40.07 21.15
C GLY E 38 7.03 39.58 19.82
N ASN E 39 7.77 38.48 19.82
CA ASN E 39 8.32 37.92 18.59
C ASN E 39 7.16 37.37 17.75
N PRO E 40 7.01 37.85 16.49
CA PRO E 40 5.92 37.37 15.63
C PRO E 40 5.98 35.88 15.33
N ASN E 41 4.82 35.29 15.06
CA ASN E 41 4.78 33.87 14.72
C ASN E 41 4.23 33.77 13.32
N PHE E 42 4.32 34.88 12.60
CA PHE E 42 3.89 34.90 11.23
C PHE E 42 5.06 35.53 10.53
N LEU E 43 5.17 35.35 9.23
CA LEU E 43 6.33 35.92 8.53
C LEU E 43 6.11 35.96 7.01
N ALA E 44 6.60 36.99 6.35
CA ALA E 44 6.39 37.08 4.91
C ALA E 44 7.30 36.14 4.11
N THR E 45 6.70 35.06 3.63
CA THR E 45 7.41 34.03 2.90
C THR E 45 7.68 34.31 1.44
N THR E 46 6.80 35.07 0.79
CA THR E 46 7.03 35.31 -0.62
C THR E 46 8.36 36.00 -0.85
N PRO E 47 8.58 37.16 -0.20
CA PRO E 47 9.87 37.83 -0.42
C PRO E 47 11.10 37.04 0.01
N ARG E 48 10.84 36.00 0.80
CA ARG E 48 11.91 35.14 1.31
C ARG E 48 12.20 34.07 0.29
N ARG E 49 11.15 33.66 -0.40
CA ARG E 49 11.30 32.63 -1.41
C ARG E 49 12.04 33.25 -2.60
N ALA E 50 11.71 34.51 -2.88
CA ALA E 50 12.33 35.23 -3.97
C ALA E 50 13.82 35.31 -3.69
N PHE E 51 14.14 35.59 -2.44
CA PHE E 51 15.51 35.71 -1.98
C PHE E 51 16.25 34.37 -2.32
N PHE E 52 15.81 33.29 -1.72
CA PHE E 52 16.49 32.04 -1.97
C PHE E 52 16.54 31.70 -3.45
N ARG E 53 15.57 32.13 -4.24
CA ARG E 53 15.62 31.77 -5.67
C ARG E 53 16.60 32.65 -6.40
N LEU E 54 16.73 33.90 -5.97
CA LEU E 54 17.65 34.81 -6.63
C LEU E 54 19.08 34.31 -6.34
N GLY E 55 19.20 33.56 -5.27
CA GLY E 55 20.49 33.02 -4.90
C GLY E 55 20.92 31.95 -5.85
N LEU E 56 19.97 31.11 -6.25
CA LEU E 56 20.28 30.05 -7.18
C LEU E 56 20.75 30.64 -8.49
N PHE E 57 20.15 31.76 -8.88
CA PHE E 57 20.51 32.44 -10.11
C PHE E 57 21.92 32.98 -9.96
N ALA E 58 22.11 33.72 -8.88
CA ALA E 58 23.41 34.30 -8.60
C ALA E 58 24.52 33.25 -8.57
N ALA E 59 24.25 32.09 -7.97
CA ALA E 59 25.28 31.07 -7.86
C ALA E 59 25.72 30.65 -9.25
N ALA E 60 24.76 30.46 -10.15
CA ALA E 60 25.11 30.08 -11.50
C ALA E 60 25.98 31.20 -12.09
N GLU E 61 25.44 32.42 -12.04
CA GLU E 61 26.16 33.58 -12.55
C GLU E 61 27.60 33.53 -12.13
N SER E 62 27.82 33.15 -10.87
CA SER E 62 29.18 33.06 -10.29
C SER E 62 30.02 31.97 -10.98
N GLU E 63 29.48 30.75 -10.99
CA GLU E 63 30.14 29.63 -11.59
C GLU E 63 30.44 29.92 -13.04
N LEU E 64 29.67 30.84 -13.60
CA LEU E 64 29.87 31.29 -14.98
C LEU E 64 31.23 31.97 -15.17
N SER E 65 31.78 32.55 -14.12
CA SER E 65 33.04 33.22 -14.26
C SER E 65 34.20 32.39 -13.74
N TYR E 66 33.96 31.18 -13.22
CA TYR E 66 35.11 30.43 -12.75
C TYR E 66 35.83 29.85 -13.95
N SER E 67 37.13 30.11 -14.08
CA SER E 67 37.80 29.68 -15.28
C SER E 67 38.52 28.36 -15.30
N TYR E 68 38.61 27.69 -14.17
CA TYR E 68 39.34 26.44 -14.14
C TYR E 68 38.50 25.23 -14.03
N MET E 69 39.14 24.09 -14.26
CA MET E 69 38.42 22.86 -14.16
C MET E 69 38.57 22.28 -12.76
N THR E 70 37.47 22.22 -11.99
CA THR E 70 37.50 21.60 -10.64
C THR E 70 36.15 21.13 -10.13
N THR E 71 36.18 20.08 -9.31
CA THR E 71 34.98 19.47 -8.70
C THR E 71 34.73 19.98 -7.26
N VAL E 72 35.63 20.81 -6.76
CA VAL E 72 35.48 21.31 -5.42
C VAL E 72 34.35 22.34 -5.17
N GLY E 73 34.04 23.19 -6.14
CA GLY E 73 32.97 24.14 -5.89
C GLY E 73 33.48 25.54 -5.63
N VAL E 74 34.00 26.16 -6.69
CA VAL E 74 34.52 27.52 -6.62
C VAL E 74 33.87 28.40 -7.66
N GLY E 75 33.45 29.59 -7.28
CA GLY E 75 32.88 30.49 -8.27
C GLY E 75 33.69 31.77 -8.41
N GLY E 76 33.41 32.56 -9.44
CA GLY E 76 34.08 33.84 -9.65
C GLY E 76 33.04 34.95 -9.52
N LEU E 77 33.37 36.19 -9.89
CA LEU E 77 32.38 37.28 -9.73
C LEU E 77 31.36 37.41 -10.89
N ALA E 78 30.08 37.54 -10.54
CA ALA E 78 29.02 37.69 -11.55
C ALA E 78 29.32 38.89 -12.45
N LYS E 79 29.23 38.72 -13.76
CA LYS E 79 29.48 39.83 -14.67
C LYS E 79 28.18 40.52 -14.93
N ILE E 80 28.23 41.83 -15.05
CA ILE E 80 27.01 42.61 -15.29
C ILE E 80 26.57 42.43 -16.73
N ASP E 81 27.53 42.45 -17.66
CA ASP E 81 27.23 42.28 -19.09
C ASP E 81 26.30 41.10 -19.42
N GLY E 82 25.19 41.42 -20.08
CA GLY E 82 24.24 40.41 -20.47
C GLY E 82 23.39 39.92 -19.33
N ILE E 83 23.51 40.56 -18.17
CA ILE E 83 22.72 40.12 -17.03
C ILE E 83 21.18 40.09 -17.26
N GLU E 84 20.63 41.09 -17.93
CA GLU E 84 19.20 41.08 -18.14
C GLU E 84 18.75 39.87 -18.88
N GLY E 85 19.41 39.63 -20.01
CA GLY E 85 19.04 38.50 -20.82
C GLY E 85 19.11 37.23 -20.02
N ARG E 86 20.19 37.02 -19.26
CA ARG E 86 20.27 35.79 -18.49
C ARG E 86 19.20 35.71 -17.39
N PHE E 87 18.96 36.83 -16.71
CA PHE E 87 17.96 36.84 -15.65
C PHE E 87 16.58 36.64 -16.25
N GLU E 88 16.35 37.18 -17.43
CA GLU E 88 15.06 37.06 -18.06
C GLU E 88 14.83 35.63 -18.48
N ARG E 89 15.89 34.96 -18.93
CA ARG E 89 15.81 33.54 -19.31
C ARG E 89 15.47 32.72 -18.07
N TYR E 90 16.06 33.10 -16.95
CA TYR E 90 15.83 32.41 -15.71
C TYR E 90 14.37 32.58 -15.32
N ILE E 91 13.84 33.80 -15.36
CA ILE E 91 12.47 33.99 -14.98
C ILE E 91 11.52 33.16 -15.82
N ALA E 92 11.78 33.07 -17.11
CA ALA E 92 10.90 32.28 -17.99
C ALA E 92 10.92 30.78 -17.66
N GLU E 93 12.12 30.24 -17.56
CA GLU E 93 12.34 28.85 -17.26
C GLU E 93 11.70 28.50 -15.92
N ASN E 94 11.29 29.48 -15.13
CA ASN E 94 10.74 29.13 -13.84
C ASN E 94 9.47 29.84 -13.43
N ARG E 95 8.56 29.97 -14.37
CA ARG E 95 7.30 30.65 -14.08
C ARG E 95 6.41 29.98 -13.03
N ASP E 96 6.70 28.74 -12.68
CA ASP E 96 5.88 28.02 -11.71
C ASP E 96 6.39 28.07 -10.26
N GLN E 97 7.38 28.89 -10.00
CA GLN E 97 7.92 28.97 -8.65
C GLN E 97 7.68 30.39 -8.22
N GLU E 98 6.81 30.56 -7.23
CA GLU E 98 6.44 31.87 -6.71
C GLU E 98 7.60 32.84 -6.46
N GLY E 99 8.74 32.29 -6.08
CA GLY E 99 9.86 33.16 -5.85
C GLY E 99 10.25 33.89 -7.13
N VAL E 100 10.28 33.16 -8.24
CA VAL E 100 10.68 33.74 -9.52
C VAL E 100 9.68 34.72 -10.13
N ARG E 101 8.41 34.44 -9.91
CA ARG E 101 7.33 35.30 -10.41
C ARG E 101 7.46 36.65 -9.71
N PHE E 102 7.98 36.61 -8.49
CA PHE E 102 8.16 37.81 -7.73
C PHE E 102 9.41 38.59 -8.20
N LEU E 103 10.52 37.88 -8.46
CA LEU E 103 11.74 38.53 -8.91
C LEU E 103 11.50 39.24 -10.22
N GLY E 104 10.73 38.63 -11.12
CA GLY E 104 10.46 39.27 -12.40
C GLY E 104 9.62 40.55 -12.25
N LYS E 105 8.59 40.51 -11.42
CA LYS E 105 7.76 41.68 -11.23
C LYS E 105 8.52 42.76 -10.50
N SER E 106 9.43 42.38 -9.63
CA SER E 106 10.11 43.44 -8.94
C SER E 106 11.09 44.11 -9.90
N LEU E 107 11.50 43.39 -10.94
CA LEU E 107 12.39 43.99 -11.91
C LEU E 107 11.55 45.02 -12.64
N SER E 108 10.28 44.72 -12.86
CA SER E 108 9.43 45.69 -13.52
C SER E 108 9.24 46.92 -12.64
N TYR E 109 8.95 46.69 -11.38
CA TYR E 109 8.76 47.82 -10.47
C TYR E 109 9.96 48.79 -10.57
N VAL E 110 11.15 48.29 -10.19
CA VAL E 110 12.41 49.03 -10.19
C VAL E 110 12.74 49.75 -11.50
N ARG E 111 12.57 49.06 -12.62
CA ARG E 111 12.88 49.64 -13.92
C ARG E 111 11.74 50.54 -14.46
N ASP E 112 10.52 50.00 -14.46
CA ASP E 112 9.35 50.70 -14.97
C ASP E 112 8.74 51.81 -14.11
N GLN E 113 8.60 51.58 -12.81
CA GLN E 113 8.00 52.61 -11.93
C GLN E 113 9.00 53.56 -11.24
N LEU E 114 10.17 53.06 -10.86
CA LEU E 114 11.14 53.91 -10.19
C LEU E 114 12.06 54.61 -11.16
N GLY E 115 12.02 54.20 -12.43
CA GLY E 115 12.86 54.80 -13.44
C GLY E 115 14.33 54.43 -13.37
N LEU E 116 14.68 53.53 -12.45
CA LEU E 116 16.07 53.16 -12.28
C LEU E 116 16.57 52.23 -13.36
N ASP E 117 17.90 52.07 -13.40
CA ASP E 117 18.58 51.20 -14.33
C ASP E 117 18.50 49.73 -13.89
N PRO E 118 17.91 48.92 -14.75
CA PRO E 118 17.69 47.50 -14.58
C PRO E 118 18.93 46.65 -14.51
N ALA E 119 19.91 46.89 -15.38
CA ALA E 119 21.12 46.06 -15.34
C ALA E 119 21.86 46.30 -14.02
N ALA E 120 21.86 47.55 -13.56
CA ALA E 120 22.50 47.89 -12.29
C ALA E 120 21.68 47.25 -11.19
N PHE E 121 20.37 47.45 -11.23
CA PHE E 121 19.56 46.85 -10.20
C PHE E 121 19.83 45.36 -10.07
N LEU E 122 19.75 44.65 -11.17
CA LEU E 122 20.00 43.23 -11.10
C LEU E 122 21.42 42.95 -10.59
N HIS E 123 22.41 43.69 -11.07
CA HIS E 123 23.75 43.37 -10.61
C HIS E 123 23.88 43.54 -9.11
N GLU E 124 23.29 44.60 -8.58
CA GLU E 124 23.37 44.84 -7.15
C GLU E 124 22.63 43.72 -6.38
N MET E 125 21.60 43.17 -6.97
CA MET E 125 20.92 42.13 -6.24
C MET E 125 21.72 40.83 -6.28
N VAL E 126 22.28 40.54 -7.45
CA VAL E 126 23.04 39.32 -7.66
C VAL E 126 24.35 39.42 -6.93
N ASP E 127 25.00 40.56 -7.10
CA ASP E 127 26.26 40.72 -6.43
C ASP E 127 26.06 40.76 -4.89
N GLY E 128 25.04 41.49 -4.46
CA GLY E 128 24.71 41.61 -3.05
C GLY E 128 24.35 40.30 -2.36
N ILE E 129 23.49 39.49 -2.95
CA ILE E 129 23.13 38.22 -2.30
C ILE E 129 24.34 37.21 -2.28
N LEU E 130 25.34 37.41 -3.12
CA LEU E 130 26.49 36.53 -3.09
C LEU E 130 27.41 36.97 -1.95
N GLY E 131 27.29 38.25 -1.57
CA GLY E 131 28.11 38.81 -0.52
C GLY E 131 29.60 38.54 -0.72
N CYS E 132 30.09 38.89 -1.90
CA CYS E 132 31.47 38.68 -2.30
C CYS E 132 32.19 40.00 -2.36
N ASN E 133 31.45 41.07 -2.10
CA ASN E 133 32.00 42.44 -2.10
C ASN E 133 31.57 43.29 -0.89
N TYR E 134 32.52 44.10 -0.36
CA TYR E 134 32.24 44.99 0.77
C TYR E 134 31.10 45.92 0.39
N PRO E 135 30.14 46.14 1.30
CA PRO E 135 29.08 47.05 0.91
C PRO E 135 29.65 48.42 0.45
N VAL E 136 29.21 48.91 -0.73
CA VAL E 136 29.64 50.23 -1.24
C VAL E 136 28.48 50.95 -1.98
N PRO E 137 28.14 52.19 -1.57
CA PRO E 137 28.81 52.89 -0.46
C PRO E 137 28.38 52.21 0.86
N PRO E 138 29.18 52.38 1.91
CA PRO E 138 28.89 51.75 3.21
C PRO E 138 27.58 52.04 3.92
N ARG E 139 27.05 53.24 3.77
CA ARG E 139 25.82 53.63 4.49
C ARG E 139 24.69 52.75 4.08
N MET E 140 24.67 52.47 2.79
CA MET E 140 23.70 51.57 2.16
C MET E 140 24.04 51.43 0.66
N LEU E 141 23.51 50.39 0.01
CA LEU E 141 23.77 50.19 -1.41
C LEU E 141 22.95 51.23 -2.15
N ASN E 142 23.43 51.60 -3.34
CA ASN E 142 22.80 52.64 -4.13
C ASN E 142 21.33 52.45 -4.50
N ILE E 143 20.99 51.36 -5.18
CA ILE E 143 19.60 51.18 -5.52
C ILE E 143 18.72 50.71 -4.34
N SER E 144 19.20 49.77 -3.53
CA SER E 144 18.46 49.33 -2.36
C SER E 144 17.88 50.54 -1.56
N GLU E 145 18.76 51.50 -1.23
CA GLU E 145 18.38 52.72 -0.51
C GLU E 145 17.25 53.45 -1.22
N LYS E 146 17.35 53.54 -2.54
CA LYS E 146 16.30 54.21 -3.31
C LYS E 146 15.00 53.45 -3.22
N ILE E 147 15.06 52.13 -3.10
CA ILE E 147 13.85 51.31 -2.96
C ILE E 147 13.33 51.37 -1.52
N VAL E 148 14.18 51.00 -0.56
CA VAL E 148 13.73 50.96 0.82
C VAL E 148 13.12 52.28 1.25
N ARG E 149 13.77 53.38 0.87
CA ARG E 149 13.30 54.70 1.25
C ARG E 149 11.92 55.01 0.71
N GLN E 150 11.66 54.52 -0.49
CA GLN E 150 10.37 54.67 -1.11
C GLN E 150 9.33 53.97 -0.20
N TYR E 151 9.65 52.74 0.20
CA TYR E 151 8.80 51.97 1.11
C TYR E 151 8.52 52.82 2.36
N ILE E 152 9.61 53.26 2.97
CA ILE E 152 9.57 54.05 4.17
C ILE E 152 8.69 55.28 4.04
N ILE E 153 9.01 56.15 3.10
CA ILE E 153 8.20 57.35 2.93
C ILE E 153 6.71 56.99 2.97
N ARG E 154 6.31 56.00 2.15
CA ARG E 154 4.92 55.53 2.07
C ARG E 154 4.27 55.05 3.36
N GLU E 155 4.95 54.14 4.06
CA GLU E 155 4.44 53.57 5.31
C GLU E 155 4.53 54.55 6.46
N MET E 156 5.40 55.53 6.33
CA MET E 156 5.56 56.51 7.39
C MET E 156 4.55 57.65 7.23
N GLY E 157 3.84 57.66 6.11
CA GLY E 157 2.85 58.70 5.90
C GLY E 157 3.47 60.02 5.51
N ALA E 158 4.61 59.99 4.81
CA ALA E 158 5.25 61.23 4.38
C ALA E 158 4.94 61.52 2.91
N ASP E 159 3.65 61.59 2.59
CA ASP E 159 3.14 61.81 1.22
C ASP E 159 3.40 63.20 0.63
N ALA E 160 4.36 63.91 1.22
CA ALA E 160 4.69 65.23 0.73
C ALA E 160 6.19 65.48 0.70
N ILE E 161 6.98 64.62 1.36
CA ILE E 161 8.45 64.78 1.36
C ILE E 161 9.07 64.17 0.11
N PRO E 162 9.81 64.96 -0.69
CA PRO E 162 10.40 64.38 -1.89
C PRO E 162 11.39 63.23 -1.64
N SER E 163 11.09 62.11 -2.25
CA SER E 163 11.90 60.91 -2.16
C SER E 163 13.38 61.27 -2.05
N GLU E 164 13.83 62.11 -2.99
CA GLU E 164 15.22 62.57 -3.11
C GLU E 164 15.77 63.27 -1.86
N SER E 165 14.89 63.57 -0.91
CA SER E 165 15.29 64.26 0.32
C SER E 165 15.58 63.37 1.51
N VAL E 166 15.29 62.08 1.40
CA VAL E 166 15.56 61.19 2.51
C VAL E 166 16.78 60.27 2.27
N ASN E 167 17.67 60.17 3.26
CA ASN E 167 18.83 59.30 3.14
C ASN E 167 18.69 58.22 4.23
N LEU E 168 19.13 57.02 3.94
CA LEU E 168 19.01 55.92 4.87
C LEU E 168 20.33 55.31 5.27
N PHE E 169 20.32 54.67 6.42
CA PHE E 169 21.50 54.01 6.87
C PHE E 169 21.03 52.63 7.33
N ALA E 170 21.39 51.65 6.52
CA ALA E 170 21.04 50.25 6.76
C ALA E 170 21.79 49.82 7.99
N VAL E 171 21.07 49.31 8.98
CA VAL E 171 21.69 48.95 10.24
C VAL E 171 21.18 47.60 10.70
N GLU E 172 21.96 46.90 11.53
CA GLU E 172 21.54 45.60 12.00
C GLU E 172 20.42 45.66 13.05
N GLY E 173 19.24 46.02 12.54
CA GLY E 173 18.03 46.16 13.33
C GLY E 173 17.92 47.46 14.11
N GLY E 174 16.76 47.68 14.72
CA GLY E 174 16.52 48.86 15.54
C GLY E 174 17.43 48.84 16.78
N THR E 175 17.90 47.65 17.12
CA THR E 175 18.79 47.52 18.24
C THR E 175 20.08 48.28 17.97
N ALA E 176 20.60 48.17 16.76
CA ALA E 176 21.84 48.85 16.40
C ALA E 176 21.62 50.35 16.18
N ALA E 177 20.58 50.69 15.44
CA ALA E 177 20.30 52.10 15.21
C ALA E 177 20.43 52.87 16.56
N MET E 178 19.68 52.47 17.57
CA MET E 178 19.73 53.14 18.85
C MET E 178 21.15 53.08 19.43
N ALA E 179 21.81 51.94 19.33
CA ALA E 179 23.20 51.83 19.85
C ALA E 179 24.14 52.78 19.11
N TYR E 180 23.94 52.93 17.81
CA TYR E 180 24.77 53.80 17.03
C TYR E 180 24.47 55.26 17.29
N ILE E 181 23.19 55.61 17.23
CA ILE E 181 22.70 56.98 17.44
C ILE E 181 23.11 57.61 18.79
N PHE E 182 22.94 56.92 19.92
CA PHE E 182 23.36 57.55 21.17
C PHE E 182 24.85 57.81 21.13
N GLU E 183 25.65 56.78 20.93
CA GLU E 183 27.10 56.94 20.88
C GLU E 183 27.60 58.11 20.02
N SER E 184 26.93 58.32 18.87
CA SER E 184 27.25 59.39 17.92
C SER E 184 26.85 60.77 18.44
N LEU E 185 25.59 60.94 18.84
CA LEU E 185 25.13 62.20 19.42
C LEU E 185 26.10 62.60 20.55
N LYS E 186 26.80 61.62 21.11
CA LYS E 186 27.74 61.92 22.14
C LYS E 186 29.06 62.31 21.52
N LEU E 187 29.68 61.41 20.77
CA LEU E 187 30.98 61.69 20.14
C LEU E 187 31.06 63.04 19.49
N ASN E 188 29.95 63.50 18.93
CA ASN E 188 29.93 64.81 18.26
C ASN E 188 29.33 65.87 19.17
N GLY E 189 29.31 65.61 20.47
CA GLY E 189 28.78 66.56 21.42
C GLY E 189 27.40 67.15 21.15
N LEU E 190 26.51 66.42 20.46
CA LEU E 190 25.15 66.92 20.21
C LEU E 190 24.22 66.70 21.41
N LEU E 191 24.63 65.74 22.24
CA LEU E 191 23.92 65.38 23.46
C LEU E 191 25.04 65.30 24.51
N LYS E 192 24.92 66.16 25.53
CA LYS E 192 25.88 66.29 26.62
C LYS E 192 25.38 65.63 27.91
N ALA E 193 26.33 65.11 28.72
CA ALA E 193 25.96 64.49 30.00
C ALA E 193 25.09 65.48 30.70
N GLY E 194 24.09 64.98 31.40
CA GLY E 194 23.18 65.87 32.10
C GLY E 194 22.07 66.44 31.25
N ASP E 195 22.09 66.18 29.95
CA ASP E 195 21.05 66.74 29.11
C ASP E 195 19.65 66.18 29.33
N LYS E 196 18.68 67.07 29.20
CA LYS E 196 17.29 66.69 29.36
C LYS E 196 16.75 66.02 28.10
N VAL E 197 16.33 64.77 28.24
CA VAL E 197 15.75 64.04 27.13
C VAL E 197 14.36 63.65 27.56
N ALA E 198 13.35 64.22 26.89
CA ALA E 198 11.94 63.94 27.16
C ALA E 198 11.49 62.63 26.49
N ILE E 199 11.18 61.65 27.32
CA ILE E 199 10.76 60.35 26.84
C ILE E 199 9.26 60.15 26.85
N GLY E 200 8.73 59.71 25.72
CA GLY E 200 7.31 59.42 25.63
C GLY E 200 7.09 58.22 26.53
N MET E 201 6.04 58.26 27.36
CA MET E 201 5.78 57.16 28.26
C MET E 201 4.33 56.73 28.40
N PRO E 202 4.10 55.47 28.84
CA PRO E 202 5.13 54.49 29.19
C PRO E 202 5.86 53.91 28.01
N VAL E 203 7.02 53.32 28.25
CA VAL E 203 7.78 52.72 27.17
C VAL E 203 8.54 51.52 27.74
N PHE E 204 8.75 50.50 26.93
CA PHE E 204 9.41 49.36 27.50
C PHE E 204 10.75 49.73 28.10
N THR E 205 11.20 48.85 28.98
CA THR E 205 12.42 48.99 29.72
C THR E 205 13.67 49.52 29.04
N PRO E 206 14.18 48.82 28.03
CA PRO E 206 15.39 49.29 27.37
C PRO E 206 15.56 50.78 27.09
N TYR E 207 14.55 51.45 26.52
CA TYR E 207 14.68 52.87 26.20
C TYR E 207 14.71 53.84 27.41
N ILE E 208 14.68 53.27 28.61
CA ILE E 208 14.72 54.02 29.86
C ILE E 208 16.11 53.81 30.42
N GLU E 209 16.63 52.61 30.26
CA GLU E 209 17.94 52.25 30.78
C GLU E 209 19.14 52.92 30.15
N ILE E 210 19.16 52.97 28.82
CA ILE E 210 20.28 53.52 28.08
C ILE E 210 20.64 54.97 28.41
N PRO E 211 19.71 55.91 28.22
CA PRO E 211 20.01 57.32 28.52
C PRO E 211 20.35 57.62 29.97
N GLU E 212 20.24 56.60 30.82
CA GLU E 212 20.50 56.73 32.25
C GLU E 212 21.80 55.99 32.61
N LEU E 213 22.46 55.42 31.61
CA LEU E 213 23.72 54.70 31.84
C LEU E 213 24.79 55.73 32.11
N ALA E 214 25.83 55.32 32.80
CA ALA E 214 26.92 56.22 33.13
C ALA E 214 27.45 56.96 31.90
N GLN E 215 27.98 56.21 30.93
CA GLN E 215 28.54 56.79 29.71
C GLN E 215 27.67 57.84 29.01
N TYR E 216 26.39 57.91 29.34
CA TYR E 216 25.51 58.89 28.72
C TYR E 216 24.93 59.82 29.79
N ALA E 217 24.50 59.20 30.89
CA ALA E 217 23.95 59.92 32.04
C ALA E 217 23.05 61.10 31.69
N LEU E 218 21.92 60.85 31.03
CA LEU E 218 21.05 61.95 30.69
C LEU E 218 19.90 62.06 31.69
N GLU E 219 19.09 63.11 31.58
CA GLU E 219 18.00 63.28 32.49
C GLU E 219 16.72 63.09 31.77
N GLU E 220 15.97 62.09 32.20
CA GLU E 220 14.71 61.78 31.54
C GLU E 220 13.53 62.65 31.99
N VAL E 221 12.66 62.98 31.05
CA VAL E 221 11.52 63.82 31.36
C VAL E 221 10.17 63.22 30.93
N ALA E 222 9.58 62.44 31.81
CA ALA E 222 8.32 61.81 31.50
C ALA E 222 7.34 62.63 30.67
N ILE E 223 7.01 62.15 29.48
CA ILE E 223 5.96 62.82 28.70
C ILE E 223 4.89 61.71 28.74
N ASN E 224 4.08 61.70 29.80
CA ASN E 224 3.07 60.68 30.05
C ASN E 224 1.80 60.58 29.23
N ALA E 225 1.50 59.36 28.78
CA ALA E 225 0.29 59.17 28.02
C ALA E 225 -0.73 58.86 29.10
N ASP E 226 -1.92 59.40 28.91
CA ASP E 226 -3.02 59.23 29.86
C ASP E 226 -4.08 58.20 29.42
N PRO E 227 -4.36 57.22 30.29
CA PRO E 227 -5.32 56.14 30.13
C PRO E 227 -6.65 56.74 29.76
N SER E 228 -7.01 57.79 30.46
CA SER E 228 -8.26 58.47 30.21
C SER E 228 -8.40 58.81 28.72
N LEU E 229 -7.28 59.08 28.04
CA LEU E 229 -7.32 59.46 26.63
C LEU E 229 -6.98 58.39 25.59
N ASN E 230 -7.06 57.13 25.99
CA ASN E 230 -6.73 56.02 25.11
C ASN E 230 -5.25 56.01 24.76
N TRP E 231 -4.46 56.30 25.78
CA TRP E 231 -3.00 56.36 25.74
C TRP E 231 -2.36 57.43 24.89
N GLN E 232 -3.16 58.42 24.51
CA GLN E 232 -2.65 59.53 23.73
C GLN E 232 -1.95 60.45 24.72
N TYR E 233 -1.06 61.31 24.22
CA TYR E 233 -0.38 62.25 25.11
C TYR E 233 -1.26 63.48 25.08
N PRO E 234 -1.53 64.07 26.26
CA PRO E 234 -2.37 65.28 26.36
C PRO E 234 -1.64 66.58 26.03
N ASP E 235 -2.39 67.56 25.53
CA ASP E 235 -1.82 68.86 25.22
C ASP E 235 -0.86 69.19 26.37
N SER E 236 -1.38 69.15 27.59
CA SER E 236 -0.57 69.44 28.75
C SER E 236 0.74 68.67 28.83
N GLU E 237 0.69 67.37 28.52
CA GLU E 237 1.89 66.55 28.58
C GLU E 237 2.90 66.86 27.46
N LEU E 238 2.39 67.11 26.26
CA LEU E 238 3.25 67.42 25.13
C LEU E 238 3.95 68.75 25.36
N ASP E 239 3.16 69.79 25.65
CA ASP E 239 3.69 71.13 25.89
C ASP E 239 4.95 71.17 26.74
N LYS E 240 5.19 70.13 27.52
CA LYS E 240 6.38 70.04 28.35
C LYS E 240 7.66 70.11 27.52
N LEU E 241 7.54 69.96 26.21
CA LEU E 241 8.75 70.00 25.37
C LEU E 241 9.20 71.45 25.16
N LYS E 242 8.27 72.40 25.35
CA LYS E 242 8.58 73.81 25.15
C LYS E 242 9.77 74.25 26.01
N ASP E 243 10.00 73.51 27.08
CA ASP E 243 11.11 73.82 27.95
C ASP E 243 12.43 73.69 27.19
N PRO E 244 13.00 74.82 26.80
CA PRO E 244 14.27 74.84 26.07
C PRO E 244 15.37 74.00 26.66
N ALA E 245 15.21 73.51 27.88
CA ALA E 245 16.26 72.67 28.46
C ALA E 245 16.25 71.28 27.76
N ILE E 246 15.04 70.78 27.48
CA ILE E 246 14.82 69.48 26.83
C ILE E 246 15.47 69.43 25.47
N LYS E 247 16.54 68.66 25.35
CA LYS E 247 17.30 68.52 24.12
C LYS E 247 16.62 67.69 23.03
N ILE E 248 16.32 66.45 23.39
CA ILE E 248 15.72 65.52 22.48
C ILE E 248 14.41 64.91 22.99
N PHE E 249 13.50 64.63 22.06
CA PHE E 249 12.20 64.00 22.36
C PHE E 249 12.26 62.57 21.82
N PHE E 250 12.54 61.60 22.70
CA PHE E 250 12.66 60.17 22.37
C PHE E 250 11.28 59.45 22.44
N CYS E 251 10.83 58.88 21.33
CA CYS E 251 9.52 58.25 21.31
C CYS E 251 9.33 56.98 20.46
N VAL E 252 8.39 56.13 20.87
CA VAL E 252 8.05 54.92 20.15
C VAL E 252 6.60 55.14 19.70
N ASN E 253 6.36 55.23 18.41
CA ASN E 253 5.02 55.46 17.96
C ASN E 253 4.90 54.62 16.72
N PRO E 254 3.90 53.72 16.65
CA PRO E 254 2.88 53.45 17.66
C PRO E 254 3.63 52.98 18.89
N SER E 255 3.01 53.16 20.06
CA SER E 255 3.67 52.81 21.32
C SER E 255 3.83 51.33 21.66
N ASN E 256 4.65 51.07 22.68
CA ASN E 256 4.93 49.75 23.23
C ASN E 256 5.23 50.01 24.69
N PRO E 257 4.39 49.54 25.64
CA PRO E 257 3.15 48.77 25.52
C PRO E 257 1.79 49.36 25.09
N PRO E 258 1.53 50.63 25.37
CA PRO E 258 0.22 51.17 24.95
C PRO E 258 -0.28 50.62 23.64
N SER E 259 0.59 50.71 22.64
CA SER E 259 0.28 50.19 21.32
C SER E 259 -0.88 50.92 20.67
N VAL E 260 -0.71 52.22 20.47
CA VAL E 260 -1.70 53.06 19.79
C VAL E 260 -0.76 54.07 19.14
N LYS E 261 -1.21 54.70 18.06
CA LYS E 261 -0.42 55.70 17.33
C LYS E 261 -0.79 57.14 17.73
N MET E 262 0.18 58.04 17.85
CA MET E 262 -0.19 59.40 18.19
C MET E 262 -1.24 59.89 17.19
N ASP E 263 -2.35 60.45 17.65
CA ASP E 263 -3.35 60.91 16.69
C ASP E 263 -3.00 62.26 16.05
N GLN E 264 -3.94 62.84 15.30
CA GLN E 264 -3.69 64.13 14.64
C GLN E 264 -3.35 65.17 15.71
N ARG E 265 -4.34 65.58 16.50
CA ARG E 265 -4.10 66.56 17.55
C ARG E 265 -2.73 66.41 18.16
N SER E 266 -2.34 65.20 18.55
CA SER E 266 -1.03 64.98 19.15
C SER E 266 0.09 65.40 18.20
N LEU E 267 0.03 64.93 16.96
CA LEU E 267 1.05 65.25 15.97
C LEU E 267 1.08 66.76 15.64
N GLU E 268 -0.10 67.34 15.38
CA GLU E 268 -0.22 68.77 15.05
C GLU E 268 0.33 69.68 16.13
N ARG E 269 0.29 69.20 17.37
CA ARG E 269 0.78 69.93 18.55
C ARG E 269 2.30 69.98 18.60
N VAL E 270 2.94 68.85 18.35
CA VAL E 270 4.40 68.81 18.35
C VAL E 270 4.92 69.53 17.12
N ARG E 271 4.06 69.64 16.11
CA ARG E 271 4.44 70.32 14.87
C ARG E 271 4.51 71.79 15.23
N ASN E 272 3.47 72.24 15.92
CA ASN E 272 3.35 73.61 16.38
C ASN E 272 4.52 73.91 17.31
N ILE E 273 4.58 73.18 18.42
CA ILE E 273 5.63 73.35 19.41
C ILE E 273 7.03 73.43 18.81
N VAL E 274 7.22 72.88 17.61
CA VAL E 274 8.54 72.92 17.00
C VAL E 274 8.76 74.14 16.10
N ALA E 275 7.75 74.45 15.29
CA ALA E 275 7.87 75.58 14.38
C ALA E 275 7.66 76.88 15.10
N GLU E 276 6.90 76.85 16.18
CA GLU E 276 6.63 78.09 16.93
C GLU E 276 7.46 78.31 18.19
N HIS E 277 7.99 77.27 18.82
CA HIS E 277 8.78 77.47 20.04
C HIS E 277 10.10 76.74 20.05
N ARG E 278 10.11 75.52 19.50
CA ARG E 278 11.32 74.72 19.53
C ARG E 278 11.96 74.27 18.22
N PRO E 279 12.34 75.21 17.34
CA PRO E 279 12.95 74.80 16.07
C PRO E 279 14.31 74.09 16.27
N ASP E 280 14.79 74.01 17.49
CA ASP E 280 16.07 73.38 17.74
C ASP E 280 15.93 71.97 18.34
N LEU E 281 14.66 71.60 18.54
CA LEU E 281 14.33 70.31 19.12
C LEU E 281 14.74 69.11 18.28
N MET E 282 15.55 68.24 18.88
CA MET E 282 15.97 67.04 18.23
C MET E 282 14.94 65.97 18.57
N ILE E 283 14.32 65.34 17.55
CA ILE E 283 13.31 64.28 17.71
C ILE E 283 13.87 62.93 17.25
N LEU E 284 13.73 61.89 18.05
CA LEU E 284 14.22 60.55 17.71
C LEU E 284 13.06 59.59 17.91
N THR E 285 12.42 59.21 16.81
CA THR E 285 11.26 58.30 16.80
C THR E 285 11.56 56.84 16.30
N ASP E 286 10.87 55.87 16.91
CA ASP E 286 10.99 54.44 16.59
C ASP E 286 9.59 54.04 16.10
N ASP E 287 9.45 53.84 14.79
CA ASP E 287 8.15 53.50 14.20
C ASP E 287 7.98 52.08 13.64
N VAL E 288 8.46 51.10 14.41
CA VAL E 288 8.38 49.71 14.02
C VAL E 288 6.95 49.20 13.80
N TYR E 289 5.99 49.69 14.57
CA TYR E 289 4.61 49.26 14.42
C TYR E 289 3.78 50.05 13.39
N GLY E 290 4.38 51.03 12.73
CA GLY E 290 3.60 51.83 11.81
C GLY E 290 2.63 51.12 10.89
N THR E 291 3.05 50.02 10.32
CA THR E 291 2.17 49.34 9.39
C THR E 291 0.94 48.70 10.05
N PHE E 292 1.05 48.25 11.30
CA PHE E 292 -0.08 47.62 11.98
C PHE E 292 -1.13 48.64 12.41
N ALA E 293 -0.79 49.92 12.33
CA ALA E 293 -1.71 51.00 12.68
C ALA E 293 -2.49 51.35 11.42
N ASP E 294 -3.64 52.00 11.57
CA ASP E 294 -4.46 52.33 10.42
C ASP E 294 -3.89 53.32 9.37
N ASP E 295 -3.87 54.61 9.62
CA ASP E 295 -3.29 55.48 8.60
C ASP E 295 -2.14 56.12 9.34
N PHE E 296 -1.10 55.32 9.56
CA PHE E 296 0.00 55.83 10.31
C PHE E 296 0.61 57.04 9.65
N GLN E 297 1.06 57.94 10.52
CA GLN E 297 1.75 59.13 10.10
C GLN E 297 2.79 59.28 11.17
N SER E 298 4.05 59.40 10.75
CA SER E 298 5.22 59.48 11.62
C SER E 298 5.62 60.88 12.06
N LEU E 299 6.29 60.98 13.20
CA LEU E 299 6.76 62.29 13.65
C LEU E 299 7.79 62.76 12.63
N PHE E 300 8.38 61.80 11.93
CA PHE E 300 9.38 62.10 10.92
C PHE E 300 8.76 62.82 9.74
N ALA E 301 7.47 62.64 9.55
CA ALA E 301 6.78 63.25 8.43
C ALA E 301 6.17 64.61 8.78
N ILE E 302 5.98 64.87 10.07
CA ILE E 302 5.40 66.12 10.55
C ILE E 302 6.57 67.11 10.65
N CYS E 303 7.69 66.63 11.16
CA CYS E 303 8.90 67.42 11.33
C CYS E 303 10.11 66.66 10.79
N PRO E 304 10.17 66.49 9.46
CA PRO E 304 11.24 65.78 8.76
C PRO E 304 12.59 66.33 9.14
N GLU E 305 12.71 67.66 9.07
CA GLU E 305 13.96 68.34 9.35
C GLU E 305 14.44 68.20 10.79
N ASN E 306 13.60 67.70 11.69
CA ASN E 306 14.03 67.58 13.10
C ASN E 306 14.17 66.16 13.53
N THR E 307 13.54 65.27 12.78
CA THR E 307 13.52 63.87 13.12
C THR E 307 14.57 62.94 12.48
N LEU E 308 15.03 62.03 13.33
CA LEU E 308 15.97 60.99 13.00
C LEU E 308 15.02 59.81 13.10
N LEU E 309 14.69 59.17 11.98
CA LEU E 309 13.75 58.04 12.00
C LEU E 309 14.39 56.65 12.08
N VAL E 310 13.97 55.87 13.07
CA VAL E 310 14.47 54.52 13.21
C VAL E 310 13.30 53.57 12.88
N TYR E 311 13.47 52.82 11.77
CA TYR E 311 12.49 51.85 11.28
C TYR E 311 13.03 50.43 11.13
N SER E 312 12.34 49.52 11.79
CA SER E 312 12.66 48.11 11.83
C SER E 312 11.68 47.30 10.98
N PHE E 313 12.21 46.26 10.36
CA PHE E 313 11.41 45.37 9.51
C PHE E 313 11.01 44.14 10.32
N SER E 314 11.62 43.94 11.47
CA SER E 314 11.38 42.73 12.25
C SER E 314 9.98 42.29 12.54
N LYS E 315 9.12 43.22 12.92
CA LYS E 315 7.78 42.82 13.30
C LYS E 315 6.80 42.61 12.21
N TYR E 316 6.79 43.54 11.25
CA TYR E 316 5.84 43.50 10.15
C TYR E 316 6.12 42.36 9.17
N PHE E 317 7.40 42.03 8.97
CA PHE E 317 7.71 40.95 8.06
C PHE E 317 8.12 39.64 8.77
N GLY E 318 7.96 39.57 10.09
CA GLY E 318 8.35 38.37 10.81
C GLY E 318 9.84 38.16 10.60
N ALA E 319 10.63 39.23 10.71
CA ALA E 319 12.05 39.16 10.44
C ALA E 319 12.96 39.46 11.59
N THR E 320 12.46 39.32 12.80
CA THR E 320 13.32 39.64 13.91
C THR E 320 14.74 39.01 13.81
N GLY E 321 14.85 37.77 13.32
CA GLY E 321 16.16 37.12 13.20
C GLY E 321 17.12 37.62 12.11
N TRP E 322 16.61 38.40 11.13
CA TRP E 322 17.39 38.97 10.02
C TRP E 322 18.14 40.27 10.43
N ARG E 323 17.67 40.90 11.50
CA ARG E 323 18.25 42.13 11.99
C ARG E 323 18.34 43.16 10.88
N LEU E 324 17.20 43.65 10.42
CA LEU E 324 17.15 44.65 9.34
C LEU E 324 16.44 45.94 9.77
N GLY E 325 17.20 47.03 9.76
CA GLY E 325 16.63 48.31 10.11
C GLY E 325 17.38 49.44 9.45
N VAL E 326 16.68 50.53 9.18
CA VAL E 326 17.33 51.71 8.62
C VAL E 326 17.13 52.93 9.54
N VAL E 327 17.94 53.96 9.33
CA VAL E 327 17.83 55.21 10.07
C VAL E 327 17.59 56.24 8.98
N ALA E 328 16.47 56.93 9.06
CA ALA E 328 16.18 57.94 8.06
C ALA E 328 16.54 59.30 8.63
N ALA E 329 16.88 60.23 7.74
CA ALA E 329 17.26 61.57 8.10
C ALA E 329 16.98 62.46 6.91
N HIS E 330 16.33 63.59 7.13
CA HIS E 330 16.05 64.47 6.02
C HIS E 330 17.42 65.06 5.60
N GLN E 331 17.59 65.40 4.32
CA GLN E 331 18.88 65.92 3.85
C GLN E 331 19.27 67.17 4.62
N GLN E 332 18.25 67.95 4.99
CA GLN E 332 18.46 69.18 5.76
C GLN E 332 17.79 69.01 7.10
N ASN E 333 18.58 68.69 8.10
CA ASN E 333 18.04 68.44 9.41
C ASN E 333 18.81 69.20 10.49
N VAL E 334 18.12 69.42 11.59
CA VAL E 334 18.64 70.10 12.76
C VAL E 334 19.88 69.45 13.34
N PHE E 335 20.15 68.19 13.04
CA PHE E 335 21.36 67.62 13.62
C PHE E 335 22.59 68.20 12.97
N ASP E 336 22.52 68.44 11.66
CA ASP E 336 23.68 68.97 10.98
C ASP E 336 23.88 70.45 11.33
N LEU E 337 22.76 71.15 11.56
CA LEU E 337 22.77 72.58 11.93
C LEU E 337 23.34 72.74 13.32
N ALA E 338 23.12 71.76 14.19
CA ALA E 338 23.61 71.80 15.55
C ALA E 338 25.11 71.52 15.57
N LEU E 339 25.61 70.91 14.52
CA LEU E 339 27.03 70.60 14.43
C LEU E 339 27.68 71.88 13.90
N ASP E 340 26.90 72.67 13.19
CA ASP E 340 27.38 73.93 12.62
C ASP E 340 27.73 74.88 13.76
N LYS E 341 26.74 75.07 14.63
CA LYS E 341 26.82 75.92 15.79
C LYS E 341 27.68 75.37 16.91
N LEU E 342 28.46 74.33 16.66
CA LEU E 342 29.32 73.84 17.72
C LEU E 342 30.31 74.96 17.89
N GLN E 343 30.95 74.99 19.07
CA GLN E 343 31.93 76.02 19.35
C GLN E 343 33.22 75.54 18.67
N GLU E 344 33.84 76.45 17.91
CA GLU E 344 35.05 76.17 17.14
C GLU E 344 36.11 75.24 17.75
N SER E 345 36.27 75.23 19.07
CA SER E 345 37.27 74.35 19.68
C SER E 345 36.76 72.95 19.51
N GLU E 346 35.44 72.81 19.58
CA GLU E 346 34.74 71.52 19.44
C GLU E 346 34.96 70.95 18.05
N LYS E 347 34.55 71.70 17.03
CA LYS E 347 34.74 71.27 15.66
C LYS E 347 36.16 70.85 15.41
N VAL E 348 37.14 71.60 15.87
CA VAL E 348 38.51 71.21 15.57
C VAL E 348 38.91 69.86 16.15
N ALA E 349 38.23 69.42 17.22
CA ALA E 349 38.56 68.13 17.84
C ALA E 349 38.06 67.00 16.93
N LEU E 350 36.91 67.30 16.31
CA LEU E 350 36.26 66.40 15.37
C LEU E 350 37.07 66.34 14.07
N ASP E 351 37.50 67.50 13.58
CA ASP E 351 38.30 67.55 12.36
C ASP E 351 39.43 66.58 12.43
N HIS E 352 39.87 66.26 13.64
CA HIS E 352 40.98 65.33 13.78
C HIS E 352 40.48 63.90 13.94
N ARG E 353 39.22 63.75 14.34
CA ARG E 353 38.59 62.44 14.50
C ARG E 353 38.40 61.88 13.09
N TYR E 354 37.54 62.55 12.34
CA TYR E 354 37.22 62.17 10.97
C TYR E 354 38.23 62.79 9.99
N ARG E 355 39.52 62.56 10.22
CA ARG E 355 40.53 63.15 9.34
C ARG E 355 40.90 62.28 8.15
N SER E 356 40.88 60.96 8.36
CA SER E 356 41.22 60.00 7.32
C SER E 356 39.98 59.67 6.50
N LEU E 357 38.88 60.29 6.87
CA LEU E 357 37.61 60.07 6.20
C LEU E 357 37.46 60.92 4.96
N LEU E 358 37.84 62.19 5.08
CA LEU E 358 37.74 63.10 3.94
C LEU E 358 38.49 64.38 4.27
N PRO E 359 38.55 65.30 3.30
CA PRO E 359 39.25 66.58 3.53
C PRO E 359 38.39 67.60 4.28
N ASP E 360 37.14 67.78 3.90
CA ASP E 360 36.37 68.78 4.59
C ASP E 360 35.34 68.18 5.52
N VAL E 361 35.79 67.90 6.74
CA VAL E 361 34.94 67.32 7.76
C VAL E 361 33.76 68.23 8.14
N ARG E 362 33.83 69.51 7.84
CA ARG E 362 32.73 70.36 8.23
C ARG E 362 31.54 70.17 7.33
N SER E 363 31.75 69.43 6.24
CA SER E 363 30.67 69.16 5.29
C SER E 363 29.96 67.81 5.58
N LEU E 364 30.73 66.89 6.18
CA LEU E 364 30.31 65.56 6.57
C LEU E 364 29.01 65.59 7.34
N LYS E 365 27.92 65.15 6.74
CA LYS E 365 26.67 65.18 7.45
C LYS E 365 26.71 64.13 8.54
N PHE E 366 25.80 64.31 9.47
CA PHE E 366 25.67 63.44 10.63
C PHE E 366 25.33 61.99 10.30
N ILE E 367 24.33 61.79 9.44
CA ILE E 367 23.89 60.45 9.07
C ILE E 367 25.11 59.70 8.62
N ASP E 368 26.08 60.42 8.09
CA ASP E 368 27.31 59.80 7.63
C ASP E 368 28.36 59.53 8.71
N ARG E 369 28.28 60.25 9.83
CA ARG E 369 29.21 59.99 10.96
C ARG E 369 28.64 58.73 11.65
N LEU E 370 27.31 58.65 11.68
CA LEU E 370 26.61 57.52 12.22
C LEU E 370 27.36 56.32 11.68
N VAL E 371 27.53 56.32 10.37
CA VAL E 371 28.22 55.23 9.73
C VAL E 371 29.67 55.04 10.16
N ALA E 372 30.39 56.15 10.30
CA ALA E 372 31.80 56.11 10.68
C ALA E 372 32.03 55.63 12.12
N ASP E 373 31.19 56.11 13.02
CA ASP E 373 31.31 55.77 14.44
C ASP E 373 31.04 54.31 14.72
N SER E 374 29.99 53.79 14.09
CA SER E 374 29.57 52.41 14.30
C SER E 374 30.73 51.43 14.22
N ARG E 375 31.69 51.69 13.34
CA ARG E 375 32.84 50.81 13.21
C ARG E 375 34.18 51.53 13.45
N ALA E 376 34.24 52.38 14.47
CA ALA E 376 35.44 53.14 14.87
C ALA E 376 36.14 54.04 13.85
N VAL E 377 35.38 54.65 12.94
CA VAL E 377 35.96 55.56 11.96
C VAL E 377 36.96 54.97 10.97
N ALA E 378 38.10 54.47 11.45
CA ALA E 378 39.15 53.93 10.60
C ALA E 378 38.79 52.69 9.79
N LEU E 379 37.56 52.19 9.93
CA LEU E 379 37.11 50.99 9.24
C LEU E 379 35.85 51.32 8.46
N ASN E 380 35.61 52.61 8.29
CA ASN E 380 34.45 53.14 7.58
C ASN E 380 34.36 52.57 6.17
N HIS E 381 35.49 52.21 5.55
CA HIS E 381 35.39 51.64 4.21
C HIS E 381 35.10 50.13 4.14
N THR E 382 34.70 49.58 5.28
CA THR E 382 34.32 48.19 5.37
C THR E 382 33.15 48.13 6.36
N ALA E 383 32.59 49.31 6.66
CA ALA E 383 31.44 49.45 7.55
C ALA E 383 30.14 49.14 6.78
N GLY E 384 28.98 49.41 7.37
CA GLY E 384 27.70 49.14 6.70
C GLY E 384 27.13 47.74 6.92
N LEU E 385 25.84 47.55 6.61
CA LEU E 385 25.15 46.24 6.73
C LEU E 385 25.55 45.24 5.61
N SER E 386 25.50 43.94 5.91
CA SER E 386 25.85 42.89 4.93
C SER E 386 25.00 43.05 3.67
N THR E 387 25.57 42.73 2.51
CA THR E 387 24.83 42.89 1.28
C THR E 387 23.69 41.88 1.15
N PRO E 388 23.87 40.66 1.68
CA PRO E 388 22.74 39.72 1.57
C PRO E 388 21.58 40.34 2.40
N GLN E 389 21.92 40.91 3.55
CA GLN E 389 20.93 41.53 4.44
C GLN E 389 20.24 42.72 3.77
N GLN E 390 20.99 43.59 3.10
CA GLN E 390 20.35 44.71 2.44
C GLN E 390 19.50 44.17 1.32
N VAL E 391 20.00 43.14 0.62
CA VAL E 391 19.22 42.58 -0.49
C VAL E 391 17.86 42.07 0.03
N GLN E 392 17.83 41.27 1.10
CA GLN E 392 16.54 40.83 1.59
C GLN E 392 15.65 42.03 1.99
N MET E 393 16.29 43.11 2.43
CA MET E 393 15.54 44.30 2.83
C MET E 393 14.89 44.94 1.61
N ALA E 394 15.58 44.99 0.48
CA ALA E 394 14.98 45.59 -0.70
C ALA E 394 13.77 44.73 -1.10
N LEU E 395 13.93 43.42 -0.95
CA LEU E 395 12.85 42.50 -1.28
C LEU E 395 11.62 42.68 -0.39
N PHE E 396 11.80 42.81 0.93
CA PHE E 396 10.62 42.99 1.77
C PHE E 396 9.91 44.26 1.37
N SER E 397 10.72 45.27 1.07
CA SER E 397 10.16 46.57 0.72
C SER E 397 9.35 46.47 -0.55
N LEU E 398 9.94 45.86 -1.57
CA LEU E 398 9.33 45.67 -2.89
C LEU E 398 8.05 44.90 -2.69
N PHE E 399 8.10 43.86 -1.87
CA PHE E 399 6.88 43.10 -1.61
C PHE E 399 5.73 44.03 -1.16
N ALA E 400 6.03 44.94 -0.23
CA ALA E 400 5.03 45.86 0.27
C ALA E 400 4.59 46.82 -0.80
N LEU E 401 5.55 47.48 -1.42
CA LEU E 401 5.24 48.44 -2.45
C LEU E 401 4.41 47.88 -3.57
N MET E 402 4.76 46.70 -4.06
CA MET E 402 4.05 46.09 -5.18
C MET E 402 2.67 45.62 -4.80
N ASP E 403 2.41 45.54 -3.51
CA ASP E 403 1.13 45.06 -3.03
C ASP E 403 0.16 46.22 -2.95
N GLU E 404 -0.18 46.80 -4.09
CA GLU E 404 -1.06 47.95 -4.11
C GLU E 404 -2.27 47.84 -3.21
N ALA E 405 -2.91 46.71 -3.20
CA ALA E 405 -4.12 46.59 -2.42
C ALA E 405 -3.93 46.38 -0.93
N ASP E 406 -2.68 46.36 -0.47
CA ASP E 406 -2.38 46.14 0.94
C ASP E 406 -2.95 44.79 1.40
N GLU E 407 -2.87 43.80 0.51
CA GLU E 407 -3.39 42.50 0.87
C GLU E 407 -2.64 41.88 2.04
N TYR E 408 -1.33 42.00 2.04
CA TYR E 408 -0.56 41.45 3.11
C TYR E 408 -0.88 42.18 4.40
N LYS E 409 -0.94 43.51 4.32
CA LYS E 409 -1.26 44.33 5.49
C LYS E 409 -2.60 43.90 6.11
N HIS E 410 -3.61 43.75 5.26
CA HIS E 410 -4.93 43.34 5.71
C HIS E 410 -4.94 41.94 6.35
N THR E 411 -4.14 41.03 5.81
CA THR E 411 -4.07 39.68 6.35
C THR E 411 -3.53 39.77 7.77
N LEU E 412 -2.42 40.50 7.95
CA LEU E 412 -1.85 40.64 9.29
C LEU E 412 -2.79 41.38 10.29
N LYS E 413 -3.56 42.35 9.81
CA LYS E 413 -4.49 43.07 10.69
C LYS E 413 -5.69 42.20 11.12
N GLN E 414 -6.13 41.30 10.24
CA GLN E 414 -7.25 40.42 10.55
C GLN E 414 -6.80 39.33 11.51
N LEU E 415 -5.56 38.90 11.35
CA LEU E 415 -5.04 37.86 12.21
C LEU E 415 -5.00 38.34 13.68
N ILE E 416 -4.71 39.63 13.86
CA ILE E 416 -4.65 40.27 15.17
C ILE E 416 -6.10 40.30 15.63
N ARG E 417 -6.97 40.99 14.91
CA ARG E 417 -8.37 41.05 15.34
C ARG E 417 -8.92 39.67 15.66
N ARG E 418 -8.58 38.69 14.84
CA ARG E 418 -9.08 37.34 15.08
C ARG E 418 -8.55 36.80 16.41
N ARG E 419 -7.28 37.04 16.71
CA ARG E 419 -6.70 36.55 17.96
C ARG E 419 -7.28 37.28 19.14
N GLU E 420 -7.68 38.53 18.91
CA GLU E 420 -8.26 39.40 19.93
C GLU E 420 -9.65 38.88 20.22
N THR E 421 -10.37 38.55 19.15
CA THR E 421 -11.69 38.02 19.34
C THR E 421 -11.63 36.76 20.22
N THR E 422 -10.64 35.91 20.00
CA THR E 422 -10.52 34.65 20.74
C THR E 422 -10.21 34.79 22.21
N LEU E 423 -9.22 35.62 22.50
CA LEU E 423 -8.78 35.94 23.86
C LEU E 423 -9.96 36.45 24.70
N TYR E 424 -10.69 37.45 24.18
CA TYR E 424 -11.83 38.10 24.87
C TYR E 424 -13.23 37.45 24.70
N ARG E 425 -13.30 36.32 24.00
CA ARG E 425 -14.56 35.59 23.78
C ARG E 425 -15.37 35.59 25.06
N GLU E 426 -14.79 34.91 26.06
CA GLU E 426 -15.36 34.75 27.39
C GLU E 426 -14.99 35.90 28.33
N LEU E 427 -14.58 37.04 27.79
CA LEU E 427 -14.21 38.13 28.67
C LEU E 427 -15.03 39.39 28.45
N GLY E 428 -16.22 39.25 27.88
CA GLY E 428 -17.02 40.43 27.67
C GLY E 428 -16.74 41.08 26.33
N MET E 429 -15.99 40.38 25.49
CA MET E 429 -15.63 40.86 24.16
C MET E 429 -14.42 41.80 24.22
N PRO E 430 -13.79 42.05 23.07
CA PRO E 430 -12.63 42.93 23.08
C PRO E 430 -13.06 44.36 23.36
N PRO E 431 -12.16 45.16 23.96
CA PRO E 431 -12.49 46.56 24.27
C PRO E 431 -12.86 47.32 23.03
N LEU E 432 -13.50 48.48 23.23
CA LEU E 432 -13.91 49.30 22.11
C LEU E 432 -12.70 49.81 21.36
N ARG E 433 -12.61 49.42 20.09
CA ARG E 433 -11.51 49.83 19.24
C ARG E 433 -11.65 51.29 18.83
N ASP E 434 -10.49 51.94 18.71
CA ASP E 434 -10.34 53.34 18.33
C ASP E 434 -9.81 53.44 16.91
N GLU E 435 -9.56 54.66 16.44
CA GLU E 435 -9.04 54.81 15.09
C GLU E 435 -7.52 54.90 15.16
N ASN E 436 -6.99 55.01 16.39
CA ASN E 436 -5.54 55.11 16.61
C ASN E 436 -5.04 53.82 17.22
N ALA E 437 -5.90 52.81 17.23
CA ALA E 437 -5.60 51.52 17.79
C ALA E 437 -4.68 50.66 16.94
N VAL E 438 -3.79 49.92 17.58
CA VAL E 438 -2.88 49.04 16.85
C VAL E 438 -3.02 47.67 17.48
N ASP E 439 -2.87 47.59 18.79
CA ASP E 439 -3.05 46.33 19.48
C ASP E 439 -2.08 45.21 19.15
N TYR E 440 -0.88 45.53 18.70
CA TYR E 440 0.10 44.48 18.47
C TYR E 440 0.25 43.92 19.91
N TYR E 441 -0.01 44.78 20.90
CA TYR E 441 0.00 44.43 22.32
C TYR E 441 -1.38 44.82 22.86
N THR E 442 -1.97 43.99 23.70
CA THR E 442 -3.30 44.31 24.23
C THR E 442 -3.33 44.28 25.76
N LEU E 443 -4.02 45.26 26.34
CA LEU E 443 -4.12 45.36 27.79
C LEU E 443 -5.37 44.67 28.35
N ILE E 444 -5.12 43.71 29.22
CA ILE E 444 -6.18 42.97 29.88
C ILE E 444 -6.25 43.49 31.31
N ASP E 445 -7.32 44.21 31.63
CA ASP E 445 -7.50 44.78 32.97
C ASP E 445 -8.64 44.11 33.69
N LEU E 446 -8.31 43.55 34.85
CA LEU E 446 -9.28 42.86 35.70
C LEU E 446 -10.52 43.68 35.98
N GLN E 447 -10.41 45.01 35.93
CA GLN E 447 -11.56 45.85 36.22
C GLN E 447 -12.50 46.11 35.05
N ASP E 448 -11.98 46.29 33.85
CA ASP E 448 -12.90 46.52 32.73
C ASP E 448 -13.52 45.20 32.30
N VAL E 449 -12.82 44.11 32.60
CA VAL E 449 -13.30 42.79 32.23
C VAL E 449 -14.45 42.37 33.12
N THR E 450 -14.19 42.33 34.42
CA THR E 450 -15.21 41.93 35.38
C THR E 450 -16.41 42.88 35.37
N ALA E 451 -16.21 44.09 34.88
CA ALA E 451 -17.30 45.06 34.82
C ALA E 451 -18.10 44.75 33.58
N LYS E 452 -17.47 44.17 32.57
CA LYS E 452 -18.22 43.85 31.37
C LYS E 452 -18.97 42.56 31.63
N LEU E 453 -18.48 41.78 32.60
CA LEU E 453 -19.08 40.49 32.96
C LEU E 453 -20.13 40.55 34.07
N TYR E 454 -19.91 41.42 35.05
CA TYR E 454 -20.85 41.51 36.16
C TYR E 454 -21.02 42.93 36.68
N GLY E 455 -21.09 43.89 35.77
CA GLY E 455 -21.26 45.28 36.18
C GLY E 455 -20.18 45.92 37.07
N GLU E 456 -20.05 47.24 36.90
CA GLU E 456 -19.10 48.08 37.63
C GLU E 456 -19.12 47.87 39.13
N ALA E 457 -20.32 47.60 39.65
CA ALA E 457 -20.55 47.35 41.06
C ALA E 457 -19.53 46.35 41.55
N PHE E 458 -19.63 45.13 41.03
CA PHE E 458 -18.73 44.01 41.35
C PHE E 458 -17.29 44.40 41.03
N SER E 459 -17.13 45.06 39.90
CA SER E 459 -15.84 45.53 39.42
C SER E 459 -15.00 46.13 40.55
N GLU E 460 -15.44 47.28 41.06
CA GLU E 460 -14.75 48.02 42.13
C GLU E 460 -14.28 47.16 43.32
N TRP E 461 -14.99 46.07 43.60
CA TRP E 461 -14.65 45.19 44.70
C TRP E 461 -13.54 44.23 44.34
N ALA E 462 -13.67 43.64 43.16
CA ALA E 462 -12.72 42.65 42.64
C ALA E 462 -11.32 43.21 42.56
N VAL E 463 -11.22 44.41 42.00
CA VAL E 463 -9.92 45.05 41.89
C VAL E 463 -9.26 44.99 43.25
N LYS E 464 -9.94 45.50 44.29
CA LYS E 464 -9.42 45.51 45.67
C LYS E 464 -9.08 44.11 46.23
N GLN E 465 -9.59 43.07 45.58
CA GLN E 465 -9.37 41.69 46.02
C GLN E 465 -8.12 41.03 45.43
N SER E 466 -7.71 41.49 44.25
CA SER E 466 -6.55 40.90 43.60
C SER E 466 -5.50 41.90 43.17
N SER E 467 -4.30 41.38 42.98
CA SER E 467 -3.16 42.20 42.57
C SER E 467 -2.56 41.75 41.25
N THR E 468 -2.12 42.71 40.43
CA THR E 468 -1.51 42.42 39.14
C THR E 468 -0.66 41.18 39.20
N GLY E 469 -0.11 40.88 40.36
CA GLY E 469 0.71 39.70 40.51
C GLY E 469 -0.15 38.47 40.68
N ASP E 470 -1.25 38.63 41.42
CA ASP E 470 -2.21 37.55 41.64
C ASP E 470 -2.71 37.08 40.27
N MET E 471 -3.16 38.04 39.47
CA MET E 471 -3.65 37.76 38.14
C MET E 471 -2.61 37.09 37.26
N LEU E 472 -1.47 37.76 37.07
CA LEU E 472 -0.40 37.24 36.23
C LEU E 472 0.16 35.93 36.73
N PHE E 473 0.07 35.68 38.04
CA PHE E 473 0.57 34.40 38.47
C PHE E 473 -0.42 33.29 38.10
N ARG E 474 -1.73 33.53 38.29
CA ARG E 474 -2.75 32.51 37.94
C ARG E 474 -2.59 32.09 36.50
N ILE E 475 -2.81 33.06 35.62
CA ILE E 475 -2.70 32.89 34.20
C ILE E 475 -1.42 32.10 33.88
N ALA E 476 -0.27 32.67 34.20
CA ALA E 476 1.02 32.03 33.94
C ALA E 476 1.17 30.62 34.52
N ASP E 477 0.33 30.24 35.47
CA ASP E 477 0.46 28.91 36.01
C ASP E 477 -0.43 27.95 35.25
N GLU E 478 -1.61 28.47 34.88
CA GLU E 478 -2.59 27.68 34.16
C GLU E 478 -2.50 27.60 32.63
N THR E 479 -1.72 28.47 32.01
CA THR E 479 -1.62 28.42 30.56
C THR E 479 -0.17 28.23 30.17
N GLY E 480 0.72 28.64 31.07
CA GLY E 480 2.14 28.53 30.79
C GLY E 480 2.50 29.79 30.03
N ILE E 481 1.59 30.75 30.03
CA ILE E 481 1.82 32.01 29.36
C ILE E 481 2.11 33.10 30.41
N VAL E 482 3.08 33.95 30.11
CA VAL E 482 3.46 35.00 31.00
C VAL E 482 3.08 36.34 30.44
N LEU E 483 2.15 37.01 31.10
CA LEU E 483 1.73 38.33 30.64
C LEU E 483 2.68 39.43 31.14
N LEU E 484 2.65 40.58 30.48
CA LEU E 484 3.48 41.75 30.84
C LEU E 484 2.69 42.62 31.85
N PRO E 485 3.27 42.91 33.03
CA PRO E 485 2.61 43.74 34.05
C PRO E 485 2.12 45.07 33.46
N GLY E 486 0.83 45.36 33.62
CA GLY E 486 0.23 46.57 33.07
C GLY E 486 0.92 47.72 33.72
N ALA E 487 1.69 48.46 32.93
CA ALA E 487 2.51 49.46 33.55
C ALA E 487 2.06 50.86 33.32
N GLY E 488 2.38 51.70 34.29
CA GLY E 488 2.04 53.09 34.14
C GLY E 488 1.10 53.59 35.17
N PHE E 489 -0.06 53.92 34.53
CA PHE E 489 -1.18 54.59 35.15
C PHE E 489 -1.30 54.44 36.65
N GLY E 490 -0.36 53.75 37.28
CA GLY E 490 -0.33 53.60 38.74
C GLY E 490 -0.93 52.35 39.37
N SER E 491 -0.11 51.61 40.11
CA SER E 491 -0.49 50.38 40.81
C SER E 491 -1.98 50.08 41.16
N ASN E 492 -2.83 51.11 41.20
CA ASN E 492 -4.25 50.93 41.53
C ASN E 492 -5.05 49.97 40.65
N ARG E 493 -4.42 49.32 39.69
CA ARG E 493 -5.14 48.39 38.82
C ARG E 493 -4.42 47.13 38.38
N PRO E 494 -5.01 45.96 38.70
CA PRO E 494 -4.42 44.68 38.31
C PRO E 494 -4.77 44.51 36.85
N SER E 495 -3.72 44.48 36.03
CA SER E 495 -3.87 44.33 34.60
C SER E 495 -2.60 43.71 34.08
N GLY E 496 -2.71 43.11 32.89
CA GLY E 496 -1.59 42.45 32.21
C GLY E 496 -1.63 42.66 30.71
N ARG E 497 -0.47 42.62 30.07
CA ARG E 497 -0.40 42.85 28.63
C ARG E 497 0.03 41.62 27.86
N ALA E 498 -0.60 41.40 26.72
CA ALA E 498 -0.23 40.26 25.89
C ALA E 498 -0.06 40.76 24.47
N SER E 499 0.77 40.04 23.70
CA SER E 499 1.00 40.38 22.30
C SER E 499 -0.01 39.55 21.51
N LEU E 500 -0.68 40.17 20.56
CA LEU E 500 -1.62 39.43 19.72
C LEU E 500 -0.89 38.99 18.47
N ALA E 501 0.43 38.89 18.57
CA ALA E 501 1.23 38.51 17.45
C ALA E 501 2.09 37.28 17.70
N ASN E 502 2.11 36.78 18.93
CA ASN E 502 3.02 35.70 19.24
C ASN E 502 2.49 34.40 19.85
N LEU E 503 1.20 34.15 19.69
CA LEU E 503 0.63 32.95 20.20
C LEU E 503 -0.36 32.46 19.16
N ASN E 504 -0.77 31.21 19.30
CA ASN E 504 -1.78 30.67 18.39
C ASN E 504 -3.18 30.75 19.03
N GLU E 505 -4.20 30.83 18.19
CA GLU E 505 -5.57 30.96 18.68
C GLU E 505 -5.85 30.23 20.00
N TYR E 506 -5.71 28.91 20.03
CA TYR E 506 -6.03 28.17 21.24
C TYR E 506 -5.30 28.64 22.47
N GLU E 507 -4.16 29.28 22.32
CA GLU E 507 -3.46 29.74 23.51
C GLU E 507 -4.09 31.01 24.07
N TYR E 508 -4.77 31.79 23.23
CA TYR E 508 -5.43 33.01 23.66
C TYR E 508 -6.70 32.60 24.41
N ALA E 509 -7.39 31.60 23.87
CA ALA E 509 -8.61 31.04 24.45
C ALA E 509 -8.34 30.48 25.83
N ALA E 510 -7.14 29.95 26.03
CA ALA E 510 -6.76 29.39 27.31
C ALA E 510 -6.59 30.55 28.28
N ILE E 511 -6.02 31.64 27.79
CA ILE E 511 -5.82 32.83 28.62
C ILE E 511 -7.17 33.44 28.97
N GLY E 512 -8.08 33.48 28.01
CA GLY E 512 -9.37 34.06 28.30
C GLY E 512 -10.11 33.25 29.34
N ARG E 513 -10.12 31.95 29.12
CA ARG E 513 -10.79 31.01 29.98
C ARG E 513 -10.17 30.90 31.37
N ALA E 514 -8.86 31.06 31.49
CA ALA E 514 -8.22 30.97 32.80
C ALA E 514 -8.64 32.16 33.65
N LEU E 515 -8.67 33.32 33.02
CA LEU E 515 -9.03 34.56 33.67
C LEU E 515 -10.53 34.58 33.93
N ARG E 516 -11.32 34.15 32.95
CA ARG E 516 -12.76 34.09 33.09
C ARG E 516 -13.12 33.22 34.28
N LYS E 517 -12.36 32.15 34.47
CA LYS E 517 -12.58 31.26 35.59
C LYS E 517 -12.35 32.05 36.86
N MET E 518 -11.22 32.76 36.91
CA MET E 518 -10.86 33.58 38.07
C MET E 518 -11.93 34.64 38.31
N ALA E 519 -12.53 35.13 37.22
CA ALA E 519 -13.56 36.14 37.36
C ALA E 519 -14.75 35.51 38.05
N ASP E 520 -15.16 34.34 37.56
CA ASP E 520 -16.29 33.63 38.13
C ASP E 520 -16.16 33.37 39.63
N GLU E 521 -15.03 32.81 40.03
CA GLU E 521 -14.80 32.54 41.44
C GLU E 521 -14.92 33.82 42.28
N LEU E 522 -14.24 34.89 41.87
CA LEU E 522 -14.34 36.13 42.60
C LEU E 522 -15.78 36.64 42.57
N TYR E 523 -16.63 36.07 41.73
CA TYR E 523 -18.03 36.52 41.71
C TYR E 523 -18.84 35.64 42.64
N ALA E 524 -18.33 34.45 42.91
CA ALA E 524 -18.99 33.49 43.80
C ALA E 524 -18.89 34.03 45.23
N GLU E 525 -17.76 34.66 45.54
CA GLU E 525 -17.56 35.21 46.84
C GLU E 525 -18.41 36.48 46.97
N TYR E 526 -18.13 37.50 46.16
CA TYR E 526 -18.93 38.72 46.23
C TYR E 526 -20.41 38.35 46.20
N SER E 527 -20.79 37.57 45.19
CA SER E 527 -22.20 37.17 45.04
C SER E 527 -22.69 36.53 46.33
N SER F 12 -42.57 -24.84 -40.95
CA SER F 12 -41.66 -25.64 -41.83
C SER F 12 -40.17 -25.39 -41.59
N PRO F 13 -39.31 -26.39 -41.89
CA PRO F 13 -37.86 -26.29 -41.70
C PRO F 13 -37.22 -25.42 -42.73
N PHE F 14 -37.66 -25.60 -43.91
CA PHE F 14 -37.00 -24.73 -44.82
C PHE F 14 -37.91 -23.56 -45.16
N GLU F 15 -38.98 -23.37 -44.38
CA GLU F 15 -39.90 -22.27 -44.62
C GLU F 15 -39.99 -21.33 -43.43
N LEU F 16 -39.85 -21.91 -42.24
CA LEU F 16 -39.89 -21.15 -41.00
C LEU F 16 -38.64 -20.29 -40.96
N LYS F 17 -37.54 -20.82 -41.48
CA LYS F 17 -36.26 -20.09 -41.51
C LYS F 17 -36.38 -18.75 -42.22
N ASP F 18 -37.01 -18.76 -43.39
CA ASP F 18 -37.17 -17.56 -44.18
C ASP F 18 -38.08 -16.53 -43.50
N GLU F 19 -39.18 -16.97 -42.93
CA GLU F 19 -40.06 -16.05 -42.25
C GLU F 19 -39.46 -15.56 -40.95
N LEU F 20 -38.70 -16.44 -40.28
CA LEU F 20 -38.09 -16.03 -39.03
C LEU F 20 -37.19 -14.85 -39.32
N ILE F 21 -36.35 -14.99 -40.36
CA ILE F 21 -35.43 -13.91 -40.74
C ILE F 21 -36.12 -12.56 -40.87
N LYS F 22 -37.44 -12.57 -41.02
CA LYS F 22 -38.20 -11.35 -41.13
C LYS F 22 -38.46 -10.70 -39.79
N ILE F 23 -39.20 -11.40 -38.91
CA ILE F 23 -39.56 -10.86 -37.60
C ILE F 23 -38.40 -10.21 -36.85
N ALA F 24 -37.20 -10.75 -37.00
CA ALA F 24 -36.08 -10.14 -36.32
C ALA F 24 -34.85 -10.02 -37.18
N SER F 25 -34.44 -8.78 -37.42
CA SER F 25 -33.25 -8.49 -38.19
C SER F 25 -32.17 -7.93 -37.26
N SER F 26 -30.98 -8.51 -37.41
CA SER F 26 -29.77 -8.21 -36.66
C SER F 26 -28.73 -9.13 -37.31
N ASP F 27 -27.54 -8.60 -37.62
CA ASP F 27 -26.48 -9.37 -38.28
C ASP F 27 -26.21 -10.73 -37.67
N GLY F 28 -26.19 -10.76 -36.35
CA GLY F 28 -25.97 -11.99 -35.59
C GLY F 28 -27.12 -12.97 -35.71
N ASN F 29 -28.37 -12.47 -35.71
CA ASN F 29 -29.55 -13.33 -35.86
C ASN F 29 -29.51 -14.04 -37.23
N ARG F 30 -29.15 -13.27 -38.25
CA ARG F 30 -29.06 -13.79 -39.60
C ARG F 30 -27.95 -14.78 -39.67
N LEU F 31 -26.85 -14.51 -38.99
CA LEU F 31 -25.74 -15.43 -39.04
C LEU F 31 -26.20 -16.78 -38.50
N MET F 32 -26.93 -16.76 -37.40
CA MET F 32 -27.43 -17.98 -36.78
C MET F 32 -28.36 -18.75 -37.72
N LEU F 33 -29.15 -18.03 -38.51
CA LEU F 33 -30.08 -18.63 -39.44
C LEU F 33 -29.47 -18.91 -40.80
N ASN F 34 -28.59 -18.05 -41.29
CA ASN F 34 -27.98 -18.28 -42.60
C ASN F 34 -26.70 -19.11 -42.60
N ALA F 35 -26.12 -19.31 -41.43
CA ALA F 35 -24.89 -20.09 -41.36
C ALA F 35 -24.92 -21.05 -40.17
N GLY F 36 -25.94 -20.95 -39.33
CA GLY F 36 -26.06 -21.86 -38.19
C GLY F 36 -24.92 -21.71 -37.21
N ARG F 37 -24.30 -20.53 -37.28
CA ARG F 37 -23.16 -20.18 -36.46
C ARG F 37 -23.49 -19.11 -35.46
N GLY F 38 -22.79 -19.19 -34.33
CA GLY F 38 -22.93 -18.21 -33.28
C GLY F 38 -21.63 -17.41 -33.20
N ASN F 39 -21.68 -16.16 -33.64
CA ASN F 39 -20.55 -15.25 -33.68
C ASN F 39 -20.28 -14.77 -32.25
N PRO F 40 -19.08 -15.07 -31.70
CA PRO F 40 -18.65 -14.69 -30.33
C PRO F 40 -18.63 -13.16 -30.03
N ASN F 41 -19.06 -12.75 -28.84
CA ASN F 41 -19.00 -11.32 -28.51
C ASN F 41 -17.89 -11.08 -27.53
N PHE F 42 -16.92 -12.01 -27.56
CA PHE F 42 -15.74 -11.96 -26.75
C PHE F 42 -14.59 -12.22 -27.70
N LEU F 43 -13.39 -11.73 -27.39
CA LEU F 43 -12.20 -11.96 -28.23
C LEU F 43 -10.84 -11.89 -27.49
N ALA F 44 -9.82 -12.62 -27.93
CA ALA F 44 -8.55 -12.59 -27.22
C ALA F 44 -7.74 -11.36 -27.55
N THR F 45 -7.61 -10.46 -26.57
CA THR F 45 -6.91 -9.23 -26.81
C THR F 45 -5.41 -9.26 -26.74
N THR F 46 -4.85 -9.96 -25.75
CA THR F 46 -3.40 -10.02 -25.64
C THR F 46 -2.70 -10.45 -26.93
N PRO F 47 -3.15 -11.52 -27.56
CA PRO F 47 -2.42 -11.85 -28.78
C PRO F 47 -2.59 -10.76 -29.89
N ARG F 48 -3.74 -10.11 -29.96
CA ARG F 48 -3.97 -9.02 -30.93
C ARG F 48 -3.08 -7.78 -30.68
N ARG F 49 -2.99 -7.32 -29.43
CA ARG F 49 -2.13 -6.17 -29.14
C ARG F 49 -0.70 -6.58 -29.43
N ALA F 50 -0.36 -7.84 -29.09
CA ALA F 50 0.98 -8.37 -29.33
C ALA F 50 1.30 -8.18 -30.79
N PHE F 51 0.31 -8.51 -31.62
CA PHE F 51 0.38 -8.41 -33.08
C PHE F 51 0.57 -6.97 -33.52
N PHE F 52 -0.35 -6.07 -33.19
CA PHE F 52 -0.19 -4.69 -33.62
C PHE F 52 1.14 -4.09 -33.18
N ARG F 53 1.67 -4.51 -32.04
CA ARG F 53 2.89 -3.90 -31.60
C ARG F 53 4.11 -4.49 -32.32
N LEU F 54 3.98 -5.74 -32.76
CA LEU F 54 5.04 -6.38 -33.48
C LEU F 54 5.07 -5.63 -34.83
N GLY F 55 3.91 -5.09 -35.19
CA GLY F 55 3.74 -4.36 -36.44
C GLY F 55 4.53 -3.08 -36.43
N LEU F 56 4.51 -2.41 -35.29
CA LEU F 56 5.27 -1.19 -35.13
C LEU F 56 6.76 -1.52 -35.12
N PHE F 57 7.16 -2.62 -34.47
CA PHE F 57 8.57 -2.95 -34.44
C PHE F 57 9.02 -3.23 -35.86
N ALA F 58 8.20 -3.99 -36.58
CA ALA F 58 8.50 -4.37 -37.95
C ALA F 58 8.54 -3.20 -38.95
N ALA F 59 7.64 -2.23 -38.79
CA ALA F 59 7.66 -1.07 -39.67
C ALA F 59 9.01 -0.39 -39.47
N ALA F 60 9.49 -0.29 -38.22
CA ALA F 60 10.81 0.32 -37.96
C ALA F 60 11.93 -0.51 -38.58
N GLU F 61 11.82 -1.82 -38.49
CA GLU F 61 12.80 -2.70 -39.09
C GLU F 61 12.84 -2.48 -40.62
N SER F 62 11.71 -2.08 -41.19
CA SER F 62 11.62 -1.83 -42.63
C SER F 62 12.27 -0.49 -43.01
N GLU F 63 11.95 0.54 -42.24
CA GLU F 63 12.48 1.87 -42.49
C GLU F 63 14.01 1.78 -42.41
N LEU F 64 14.51 0.88 -41.56
CA LEU F 64 15.95 0.65 -41.40
C LEU F 64 16.62 0.29 -42.71
N SER F 65 15.82 -0.17 -43.67
CA SER F 65 16.39 -0.59 -44.92
C SER F 65 16.12 0.24 -46.14
N TYR F 66 15.47 1.37 -46.00
CA TYR F 66 15.24 2.17 -47.20
C TYR F 66 16.47 3.14 -47.28
N SER F 67 17.14 3.18 -48.44
CA SER F 67 18.38 3.95 -48.64
C SER F 67 18.41 5.39 -49.13
N TYR F 68 17.26 5.96 -49.47
CA TYR F 68 17.25 7.31 -49.99
C TYR F 68 16.48 8.24 -49.07
N MET F 69 16.54 9.54 -49.36
CA MET F 69 15.82 10.49 -48.54
C MET F 69 14.45 10.73 -49.15
N THR F 70 13.43 10.89 -48.30
CA THR F 70 12.03 11.18 -48.69
C THR F 70 11.22 11.49 -47.42
N THR F 71 9.96 11.89 -47.58
CA THR F 71 9.09 12.15 -46.43
C THR F 71 7.86 11.31 -46.71
N VAL F 72 7.91 10.71 -47.90
CA VAL F 72 6.84 9.89 -48.42
C VAL F 72 6.46 8.68 -47.57
N GLY F 73 7.41 7.95 -47.03
CA GLY F 73 7.00 6.83 -46.22
C GLY F 73 7.18 5.57 -47.02
N VAL F 74 8.45 5.25 -47.23
CA VAL F 74 8.79 4.08 -47.97
C VAL F 74 9.73 3.25 -47.09
N GLY F 75 9.73 1.94 -47.25
CA GLY F 75 10.57 1.08 -46.44
C GLY F 75 11.11 -0.06 -47.28
N GLY F 76 12.18 -0.70 -46.82
CA GLY F 76 12.79 -1.82 -47.55
C GLY F 76 12.54 -3.11 -46.79
N LEU F 77 13.11 -4.20 -47.25
CA LEU F 77 12.87 -5.47 -46.56
C LEU F 77 13.62 -5.50 -45.21
N ALA F 78 13.07 -6.18 -44.21
CA ALA F 78 13.74 -6.26 -42.92
C ALA F 78 14.86 -7.25 -43.04
N LYS F 79 15.98 -6.96 -42.40
CA LYS F 79 17.15 -7.81 -42.41
C LYS F 79 17.20 -8.72 -41.20
N ILE F 80 17.44 -10.00 -41.43
CA ILE F 80 17.50 -10.93 -40.31
C ILE F 80 18.75 -10.72 -39.44
N ASP F 81 19.83 -10.25 -40.03
CA ASP F 81 20.99 -10.05 -39.22
C ASP F 81 20.84 -9.05 -38.08
N GLY F 82 21.18 -9.50 -36.88
CA GLY F 82 21.09 -8.67 -35.70
C GLY F 82 19.67 -8.44 -35.22
N ILE F 83 18.74 -9.28 -35.67
CA ILE F 83 17.35 -9.07 -35.30
C ILE F 83 17.02 -9.33 -33.83
N GLU F 84 17.69 -10.29 -33.21
CA GLU F 84 17.43 -10.57 -31.81
C GLU F 84 17.83 -9.37 -30.93
N GLY F 85 18.94 -8.73 -31.28
CA GLY F 85 19.39 -7.59 -30.51
C GLY F 85 18.37 -6.47 -30.56
N ARG F 86 18.01 -6.07 -31.77
CA ARG F 86 17.01 -5.03 -31.95
C ARG F 86 15.66 -5.39 -31.29
N PHE F 87 15.18 -6.64 -31.48
CA PHE F 87 13.92 -7.07 -30.89
C PHE F 87 13.99 -6.92 -29.37
N GLU F 88 15.07 -7.37 -28.78
CA GLU F 88 15.21 -7.28 -27.34
C GLU F 88 15.32 -5.82 -26.95
N ARG F 89 15.82 -4.94 -27.84
CA ARG F 89 15.88 -3.53 -27.44
C ARG F 89 14.47 -3.03 -27.45
N TYR F 90 13.76 -3.31 -28.52
CA TYR F 90 12.38 -2.89 -28.64
C TYR F 90 11.57 -3.35 -27.42
N ILE F 91 11.78 -4.62 -27.04
CA ILE F 91 11.06 -5.21 -25.92
C ILE F 91 11.37 -4.52 -24.60
N ALA F 92 12.65 -4.25 -24.40
CA ALA F 92 13.11 -3.60 -23.16
C ALA F 92 12.49 -2.24 -23.06
N GLU F 93 12.52 -1.52 -24.16
CA GLU F 93 12.01 -0.18 -24.25
C GLU F 93 10.47 -0.11 -24.23
N ASN F 94 9.79 -1.21 -23.98
CA ASN F 94 8.34 -1.16 -23.96
C ASN F 94 7.66 -2.11 -22.99
N ARG F 95 8.42 -2.64 -22.03
CA ARG F 95 7.92 -3.57 -21.02
C ARG F 95 6.59 -3.13 -20.44
N ASP F 96 6.32 -1.85 -20.48
CA ASP F 96 5.11 -1.42 -19.85
C ASP F 96 3.83 -1.58 -20.68
N GLN F 97 3.95 -1.94 -21.95
CA GLN F 97 2.77 -2.12 -22.80
C GLN F 97 2.41 -3.60 -22.77
N GLU F 98 1.13 -3.94 -22.69
CA GLU F 98 0.77 -5.36 -22.57
C GLU F 98 1.28 -6.32 -23.61
N GLY F 99 0.77 -6.15 -24.82
CA GLY F 99 1.16 -7.02 -25.90
C GLY F 99 2.65 -7.23 -25.98
N VAL F 100 3.42 -6.20 -25.64
CA VAL F 100 4.87 -6.33 -25.72
C VAL F 100 5.44 -7.38 -24.80
N ARG F 101 5.02 -7.39 -23.54
CA ARG F 101 5.48 -8.39 -22.60
C ARG F 101 5.27 -9.73 -23.32
N PHE F 102 4.02 -9.95 -23.74
CA PHE F 102 3.64 -11.18 -24.43
C PHE F 102 4.62 -11.57 -25.54
N LEU F 103 4.90 -10.66 -26.47
CA LEU F 103 5.84 -10.88 -27.56
C LEU F 103 7.14 -11.45 -27.04
N GLY F 104 7.74 -10.75 -26.10
CA GLY F 104 8.99 -11.20 -25.53
C GLY F 104 9.02 -12.63 -25.02
N LYS F 105 7.95 -13.10 -24.36
CA LYS F 105 7.95 -14.45 -23.82
C LYS F 105 7.78 -15.48 -24.90
N SER F 106 7.05 -15.10 -25.93
CA SER F 106 6.79 -16.02 -26.99
C SER F 106 8.11 -16.35 -27.64
N LEU F 107 8.99 -15.37 -27.68
CA LEU F 107 10.29 -15.60 -28.29
C LEU F 107 10.94 -16.71 -27.51
N SER F 108 10.82 -16.62 -26.19
CA SER F 108 11.42 -17.66 -25.39
C SER F 108 10.67 -18.97 -25.53
N TYR F 109 9.34 -18.91 -25.70
CA TYR F 109 8.66 -20.17 -25.83
C TYR F 109 9.26 -20.84 -27.06
N VAL F 110 9.20 -20.17 -28.20
CA VAL F 110 9.72 -20.75 -29.43
C VAL F 110 11.18 -21.21 -29.30
N ARG F 111 11.98 -20.42 -28.61
CA ARG F 111 13.41 -20.69 -28.47
C ARG F 111 13.81 -21.75 -27.45
N ASP F 112 13.24 -21.66 -26.25
CA ASP F 112 13.56 -22.59 -25.18
C ASP F 112 12.68 -23.81 -25.07
N GLN F 113 11.40 -23.68 -25.36
CA GLN F 113 10.53 -24.84 -25.22
C GLN F 113 10.37 -25.66 -26.52
N LEU F 114 10.40 -25.01 -27.68
CA LEU F 114 10.26 -25.73 -28.92
C LEU F 114 11.60 -26.01 -29.53
N GLY F 115 12.65 -25.34 -29.04
CA GLY F 115 14.00 -25.56 -29.54
C GLY F 115 14.28 -25.11 -30.97
N LEU F 116 13.52 -24.13 -31.44
CA LEU F 116 13.67 -23.56 -32.78
C LEU F 116 14.68 -22.42 -32.85
N ASP F 117 15.05 -22.06 -34.08
CA ASP F 117 16.03 -21.00 -34.32
C ASP F 117 15.33 -19.71 -34.12
N PRO F 118 15.75 -18.92 -33.12
CA PRO F 118 15.22 -17.61 -32.74
C PRO F 118 15.29 -16.50 -33.77
N ALA F 119 16.45 -16.35 -34.42
CA ALA F 119 16.57 -15.31 -35.44
C ALA F 119 15.57 -15.67 -36.51
N ALA F 120 15.54 -16.95 -36.86
CA ALA F 120 14.61 -17.41 -37.85
C ALA F 120 13.19 -17.13 -37.38
N PHE F 121 12.87 -17.41 -36.12
CA PHE F 121 11.51 -17.18 -35.70
C PHE F 121 11.12 -15.69 -35.85
N LEU F 122 11.95 -14.83 -35.29
CA LEU F 122 11.68 -13.41 -35.37
C LEU F 122 11.60 -12.91 -36.80
N HIS F 123 12.50 -13.37 -37.65
CA HIS F 123 12.41 -12.84 -38.99
C HIS F 123 11.11 -13.24 -39.71
N GLU F 124 10.66 -14.47 -39.50
CA GLU F 124 9.40 -14.91 -40.09
C GLU F 124 8.25 -14.01 -39.59
N MET F 125 8.22 -13.73 -38.28
CA MET F 125 7.18 -12.87 -37.71
C MET F 125 7.27 -11.43 -38.24
N VAL F 126 8.49 -10.92 -38.34
CA VAL F 126 8.68 -9.56 -38.84
C VAL F 126 8.40 -9.50 -40.32
N ASP F 127 9.07 -10.36 -41.05
CA ASP F 127 8.85 -10.33 -42.46
C ASP F 127 7.37 -10.61 -42.75
N GLY F 128 6.84 -11.59 -42.03
CA GLY F 128 5.46 -11.98 -42.22
C GLY F 128 4.41 -10.92 -41.99
N ILE F 129 4.46 -10.25 -40.85
CA ILE F 129 3.44 -9.24 -40.57
C ILE F 129 3.54 -8.05 -41.52
N LEU F 130 4.67 -7.88 -42.18
CA LEU F 130 4.81 -6.77 -43.11
C LEU F 130 4.12 -7.08 -44.41
N GLY F 131 3.91 -8.38 -44.66
CA GLY F 131 3.28 -8.87 -45.89
C GLY F 131 3.94 -8.33 -47.17
N CYS F 132 5.25 -8.53 -47.28
CA CYS F 132 6.00 -8.00 -48.39
C CYS F 132 6.64 -9.08 -49.22
N ASN F 133 6.30 -10.32 -48.89
CA ASN F 133 6.77 -11.52 -49.62
C ASN F 133 5.67 -12.57 -49.79
N TYR F 134 5.72 -13.35 -50.86
CA TYR F 134 4.70 -14.37 -51.06
C TYR F 134 4.89 -15.48 -50.06
N PRO F 135 3.78 -16.03 -49.52
CA PRO F 135 3.99 -17.11 -48.56
C PRO F 135 4.96 -18.15 -49.12
N VAL F 136 5.96 -18.56 -48.34
CA VAL F 136 6.91 -19.61 -48.77
C VAL F 136 7.24 -20.46 -47.56
N PRO F 137 6.92 -21.76 -47.59
CA PRO F 137 6.25 -22.44 -48.71
C PRO F 137 4.77 -22.02 -48.76
N PRO F 138 4.13 -22.21 -49.92
CA PRO F 138 2.72 -21.84 -50.02
C PRO F 138 1.83 -22.51 -48.98
N ARG F 139 2.06 -23.79 -48.70
CA ARG F 139 1.23 -24.54 -47.74
C ARG F 139 1.12 -23.96 -46.32
N MET F 140 2.22 -23.39 -45.82
CA MET F 140 2.32 -22.74 -44.50
C MET F 140 3.76 -22.37 -44.18
N LEU F 141 3.95 -21.22 -43.54
CA LEU F 141 5.29 -20.79 -43.16
C LEU F 141 5.90 -21.81 -42.24
N ASN F 142 7.17 -22.12 -42.48
CA ASN F 142 7.93 -23.09 -41.73
C ASN F 142 7.76 -23.07 -40.19
N ILE F 143 8.14 -21.99 -39.55
CA ILE F 143 8.01 -21.94 -38.12
C ILE F 143 6.57 -21.77 -37.57
N SER F 144 5.70 -21.09 -38.31
CA SER F 144 4.32 -20.89 -37.87
C SER F 144 3.68 -22.28 -37.89
N GLU F 145 4.08 -23.09 -38.88
CA GLU F 145 3.51 -24.43 -39.00
C GLU F 145 3.90 -25.30 -37.80
N LYS F 146 5.15 -25.23 -37.36
CA LYS F 146 5.56 -26.05 -36.23
C LYS F 146 4.96 -25.54 -34.91
N ILE F 147 4.61 -24.25 -34.89
CA ILE F 147 3.98 -23.63 -33.71
C ILE F 147 2.50 -24.00 -33.75
N VAL F 148 1.80 -23.55 -34.76
CA VAL F 148 0.42 -23.88 -34.79
C VAL F 148 0.13 -25.39 -34.55
N ARG F 149 1.00 -26.30 -35.01
CA ARG F 149 0.68 -27.72 -34.82
C ARG F 149 0.85 -28.20 -33.39
N GLN F 150 1.73 -27.53 -32.63
CA GLN F 150 1.88 -27.87 -31.22
C GLN F 150 0.57 -27.53 -30.52
N TYR F 151 0.01 -26.38 -30.89
CA TYR F 151 -1.25 -25.91 -30.34
C TYR F 151 -2.32 -26.91 -30.65
N ILE F 152 -2.36 -27.24 -31.94
CA ILE F 152 -3.33 -28.16 -32.47
C ILE F 152 -3.23 -29.51 -31.83
N ILE F 153 -2.04 -30.10 -31.83
CA ILE F 153 -1.90 -31.42 -31.25
C ILE F 153 -2.41 -31.40 -29.80
N ARG F 154 -2.00 -30.39 -29.04
CA ARG F 154 -2.41 -30.31 -27.64
C ARG F 154 -3.91 -30.22 -27.42
N GLU F 155 -4.53 -29.26 -28.10
CA GLU F 155 -5.96 -29.00 -28.00
C GLU F 155 -6.87 -30.04 -28.68
N MET F 156 -6.28 -30.99 -29.39
CA MET F 156 -7.12 -32.02 -30.00
C MET F 156 -6.91 -33.30 -29.16
N GLY F 157 -5.95 -33.26 -28.25
CA GLY F 157 -5.69 -34.43 -27.44
C GLY F 157 -4.94 -35.42 -28.29
N ALA F 158 -4.15 -34.94 -29.26
CA ALA F 158 -3.42 -35.85 -30.11
C ALA F 158 -2.07 -36.13 -29.43
N ASP F 159 -2.17 -36.50 -28.15
CA ASP F 159 -1.02 -36.78 -27.27
C ASP F 159 -0.13 -38.01 -27.52
N ALA F 160 -0.25 -38.63 -28.69
CA ALA F 160 0.55 -39.79 -28.99
C ALA F 160 1.20 -39.62 -30.34
N ILE F 161 0.71 -38.64 -31.09
CA ILE F 161 1.18 -38.37 -32.43
C ILE F 161 2.40 -37.50 -32.49
N PRO F 162 3.59 -38.09 -32.66
CA PRO F 162 4.77 -37.22 -32.72
C PRO F 162 4.47 -36.07 -33.66
N SER F 163 4.95 -34.87 -33.31
CA SER F 163 4.73 -33.67 -34.10
C SER F 163 5.28 -33.64 -35.53
N GLU F 164 6.47 -34.19 -35.78
CA GLU F 164 7.02 -34.17 -37.14
C GLU F 164 6.05 -34.85 -38.07
N SER F 165 5.21 -35.69 -37.50
CA SER F 165 4.25 -36.42 -38.30
C SER F 165 3.01 -35.64 -38.74
N VAL F 166 2.77 -34.47 -38.18
CA VAL F 166 1.58 -33.72 -38.55
C VAL F 166 1.94 -32.55 -39.43
N ASN F 167 1.17 -32.36 -40.49
CA ASN F 167 1.38 -31.25 -41.40
C ASN F 167 0.13 -30.39 -41.49
N LEU F 168 0.32 -29.11 -41.76
CA LEU F 168 -0.80 -28.21 -41.78
C LEU F 168 -0.86 -27.41 -43.05
N PHE F 169 -2.06 -26.98 -43.36
CA PHE F 169 -2.23 -26.17 -44.54
C PHE F 169 -3.05 -24.99 -44.05
N ALA F 170 -2.41 -23.82 -44.00
CA ALA F 170 -3.07 -22.60 -43.53
C ALA F 170 -4.09 -22.19 -44.53
N VAL F 171 -5.32 -22.06 -44.10
CA VAL F 171 -6.33 -21.70 -45.05
C VAL F 171 -7.16 -20.64 -44.42
N GLU F 172 -8.01 -20.00 -45.20
CA GLU F 172 -8.85 -18.96 -44.65
C GLU F 172 -10.15 -19.42 -43.95
N GLY F 173 -9.96 -20.11 -42.83
CA GLY F 173 -11.06 -20.58 -42.01
C GLY F 173 -11.50 -21.97 -42.37
N GLY F 174 -12.34 -22.58 -41.54
CA GLY F 174 -12.83 -23.90 -41.88
C GLY F 174 -13.80 -23.75 -43.04
N THR F 175 -14.10 -22.52 -43.42
CA THR F 175 -15.01 -22.28 -44.55
C THR F 175 -14.23 -22.51 -45.82
N ALA F 176 -13.00 -22.02 -45.90
CA ALA F 176 -12.26 -22.26 -47.13
C ALA F 176 -11.69 -23.69 -47.11
N ALA F 177 -11.45 -24.26 -45.93
CA ALA F 177 -10.92 -25.63 -45.86
C ALA F 177 -11.89 -26.62 -46.53
N MET F 178 -13.18 -26.53 -46.20
CA MET F 178 -14.14 -27.43 -46.83
C MET F 178 -14.22 -27.22 -48.35
N ALA F 179 -14.48 -25.99 -48.84
CA ALA F 179 -14.57 -25.76 -50.27
C ALA F 179 -13.36 -26.40 -50.92
N TYR F 180 -12.18 -26.13 -50.40
CA TYR F 180 -10.93 -26.71 -50.90
C TYR F 180 -10.89 -28.23 -50.86
N ILE F 181 -11.25 -28.85 -49.74
CA ILE F 181 -11.22 -30.31 -49.57
C ILE F 181 -12.20 -31.12 -50.43
N PHE F 182 -13.37 -30.58 -50.70
CA PHE F 182 -14.31 -31.33 -51.52
C PHE F 182 -13.89 -31.29 -52.97
N GLU F 183 -13.54 -30.12 -53.48
CA GLU F 183 -13.10 -30.00 -54.85
C GLU F 183 -11.82 -30.84 -55.01
N SER F 184 -10.93 -30.77 -54.03
CA SER F 184 -9.69 -31.55 -54.14
C SER F 184 -10.02 -33.05 -54.19
N LEU F 185 -10.92 -33.51 -53.33
CA LEU F 185 -11.27 -34.93 -53.34
C LEU F 185 -11.85 -35.27 -54.73
N LYS F 186 -12.75 -34.44 -55.23
CA LYS F 186 -13.33 -34.68 -56.53
C LYS F 186 -12.23 -34.79 -57.62
N LEU F 187 -11.47 -33.72 -57.84
CA LEU F 187 -10.41 -33.69 -58.85
C LEU F 187 -9.35 -34.81 -58.79
N ASN F 188 -9.22 -35.49 -57.65
CA ASN F 188 -8.24 -36.55 -57.52
C ASN F 188 -8.91 -37.87 -57.53
N GLY F 189 -10.19 -37.82 -57.88
CA GLY F 189 -11.01 -39.02 -57.93
C GLY F 189 -11.20 -39.79 -56.64
N LEU F 190 -10.75 -39.27 -55.52
CA LEU F 190 -10.95 -39.99 -54.27
C LEU F 190 -12.43 -40.00 -53.88
N LEU F 191 -13.21 -39.08 -54.45
CA LEU F 191 -14.65 -39.03 -54.18
C LEU F 191 -15.28 -38.76 -55.51
N LYS F 192 -16.20 -39.64 -55.88
CA LYS F 192 -16.92 -39.61 -57.14
C LYS F 192 -18.43 -39.62 -56.94
N ALA F 193 -19.12 -39.18 -57.99
CA ALA F 193 -20.58 -39.07 -58.01
C ALA F 193 -21.27 -40.32 -57.50
N GLY F 194 -22.24 -40.07 -56.63
CA GLY F 194 -23.01 -41.15 -56.04
C GLY F 194 -22.28 -41.87 -54.95
N ASP F 195 -21.06 -41.43 -54.60
CA ASP F 195 -20.30 -42.08 -53.53
C ASP F 195 -21.06 -41.86 -52.23
N LYS F 196 -20.94 -42.78 -51.28
CA LYS F 196 -21.68 -42.59 -50.04
C LYS F 196 -20.91 -41.87 -48.98
N VAL F 197 -21.36 -40.68 -48.65
CA VAL F 197 -20.73 -39.89 -47.61
C VAL F 197 -21.65 -39.91 -46.40
N ALA F 198 -21.13 -40.43 -45.28
CA ALA F 198 -21.83 -40.53 -43.99
C ALA F 198 -21.66 -39.23 -43.17
N ILE F 199 -22.74 -38.75 -42.59
CA ILE F 199 -22.71 -37.48 -41.86
C ILE F 199 -23.26 -37.51 -40.47
N GLY F 200 -22.42 -37.21 -39.49
CA GLY F 200 -22.88 -37.17 -38.12
C GLY F 200 -24.02 -36.16 -38.07
N MET F 201 -25.13 -36.54 -37.43
CA MET F 201 -26.28 -35.68 -37.37
C MET F 201 -26.97 -35.61 -36.00
N PRO F 202 -27.69 -34.50 -35.73
CA PRO F 202 -27.86 -33.38 -36.66
C PRO F 202 -26.61 -32.51 -36.81
N VAL F 203 -26.55 -31.73 -37.91
CA VAL F 203 -25.41 -30.85 -38.23
C VAL F 203 -25.97 -29.66 -39.00
N PHE F 204 -25.33 -28.50 -38.98
CA PHE F 204 -25.91 -27.34 -39.66
C PHE F 204 -26.05 -27.46 -41.15
N THR F 205 -27.11 -26.86 -41.66
CA THR F 205 -27.43 -26.90 -43.06
C THR F 205 -26.32 -26.85 -44.14
N PRO F 206 -25.25 -26.06 -43.94
CA PRO F 206 -24.15 -25.96 -44.92
C PRO F 206 -23.45 -27.27 -45.29
N TYR F 207 -23.15 -28.04 -44.26
CA TYR F 207 -22.48 -29.31 -44.39
C TYR F 207 -23.41 -30.37 -44.95
N ILE F 208 -24.66 -29.99 -45.21
CA ILE F 208 -25.70 -30.84 -45.81
C ILE F 208 -25.87 -30.50 -47.29
N GLU F 209 -25.84 -29.22 -47.64
CA GLU F 209 -25.97 -28.82 -49.04
C GLU F 209 -24.74 -29.09 -49.94
N ILE F 210 -23.55 -29.02 -49.35
CA ILE F 210 -22.32 -29.20 -50.13
C ILE F 210 -22.18 -30.52 -50.86
N PRO F 211 -22.20 -31.65 -50.13
CA PRO F 211 -22.06 -32.96 -50.78
C PRO F 211 -23.23 -33.34 -51.69
N GLU F 212 -24.34 -32.65 -51.50
CA GLU F 212 -25.57 -32.87 -52.23
C GLU F 212 -25.61 -31.88 -53.38
N LEU F 213 -24.47 -31.32 -53.74
CA LEU F 213 -24.44 -30.35 -54.84
C LEU F 213 -24.26 -31.08 -56.18
N ALA F 214 -24.69 -30.47 -57.28
CA ALA F 214 -24.55 -31.11 -58.58
C ALA F 214 -23.09 -31.33 -58.96
N GLN F 215 -22.19 -30.54 -58.38
CA GLN F 215 -20.75 -30.65 -58.66
C GLN F 215 -20.19 -31.96 -58.10
N TYR F 216 -20.77 -32.37 -56.99
CA TYR F 216 -20.33 -33.56 -56.31
C TYR F 216 -21.35 -34.68 -56.43
N ALA F 217 -22.62 -34.40 -56.15
CA ALA F 217 -23.70 -35.39 -56.25
C ALA F 217 -23.41 -36.63 -55.43
N LEU F 218 -23.26 -36.48 -54.14
CA LEU F 218 -22.98 -37.65 -53.36
C LEU F 218 -24.25 -38.08 -52.63
N GLU F 219 -24.15 -39.17 -51.90
CA GLU F 219 -25.28 -39.68 -51.19
C GLU F 219 -25.00 -39.60 -49.74
N GLU F 220 -25.83 -38.85 -49.01
CA GLU F 220 -25.64 -38.71 -47.57
C GLU F 220 -26.24 -39.88 -46.82
N VAL F 221 -25.55 -40.39 -45.82
CA VAL F 221 -26.06 -41.50 -45.04
C VAL F 221 -26.05 -40.93 -43.64
N ALA F 222 -27.23 -40.70 -43.08
CA ALA F 222 -27.34 -40.13 -41.75
C ALA F 222 -26.80 -41.01 -40.64
N ILE F 223 -26.03 -40.43 -39.72
CA ILE F 223 -25.50 -41.19 -38.60
C ILE F 223 -26.13 -40.45 -37.44
N ASN F 224 -27.44 -40.48 -37.39
CA ASN F 224 -28.22 -39.77 -36.38
C ASN F 224 -27.78 -39.92 -34.93
N ALA F 225 -27.70 -38.78 -34.22
CA ALA F 225 -27.32 -38.75 -32.80
C ALA F 225 -28.58 -39.04 -31.98
N ASP F 226 -28.43 -39.55 -30.76
CA ASP F 226 -29.61 -39.88 -29.98
C ASP F 226 -29.95 -39.03 -28.78
N PRO F 227 -31.01 -38.21 -28.91
CA PRO F 227 -31.45 -37.33 -27.84
C PRO F 227 -31.47 -37.99 -26.47
N SER F 228 -32.06 -39.17 -26.35
CA SER F 228 -32.09 -39.80 -25.06
C SER F 228 -30.70 -40.26 -24.62
N LEU F 229 -29.68 -40.03 -25.46
CA LEU F 229 -28.27 -40.40 -25.13
C LEU F 229 -27.40 -39.15 -24.96
N ASN F 230 -28.06 -38.00 -24.83
CA ASN F 230 -27.39 -36.72 -24.69
C ASN F 230 -26.67 -36.40 -25.98
N TRP F 231 -27.28 -36.84 -27.08
CA TRP F 231 -26.81 -36.63 -28.44
C TRP F 231 -25.47 -37.24 -28.80
N GLN F 232 -25.15 -38.33 -28.12
CA GLN F 232 -23.97 -39.11 -28.40
C GLN F 232 -24.44 -40.04 -29.54
N TYR F 233 -23.53 -40.58 -30.35
CA TYR F 233 -24.01 -41.51 -31.38
C TYR F 233 -23.94 -42.91 -30.79
N PRO F 234 -25.08 -43.64 -30.81
CA PRO F 234 -25.17 -45.00 -30.27
C PRO F 234 -24.47 -46.02 -31.17
N ASP F 235 -23.76 -46.96 -30.56
CA ASP F 235 -23.05 -47.99 -31.32
C ASP F 235 -23.70 -48.36 -32.66
N SER F 236 -25.01 -48.54 -32.63
CA SER F 236 -25.76 -48.96 -33.81
C SER F 236 -25.69 -48.02 -35.00
N GLU F 237 -25.64 -46.72 -34.72
CA GLU F 237 -25.58 -45.74 -35.79
C GLU F 237 -24.15 -45.65 -36.29
N LEU F 238 -23.21 -45.67 -35.36
CA LEU F 238 -21.82 -45.63 -35.74
C LEU F 238 -21.51 -46.85 -36.63
N ASP F 239 -21.87 -48.05 -36.17
CA ASP F 239 -21.61 -49.28 -36.93
C ASP F 239 -22.02 -49.21 -38.39
N LYS F 240 -22.87 -48.26 -38.73
CA LYS F 240 -23.37 -48.11 -40.10
C LYS F 240 -22.28 -47.70 -41.06
N LEU F 241 -21.05 -47.61 -40.56
CA LEU F 241 -19.89 -47.19 -41.35
C LEU F 241 -19.10 -48.39 -41.89
N LYS F 242 -19.46 -49.59 -41.43
CA LYS F 242 -18.81 -50.80 -41.87
C LYS F 242 -19.23 -51.04 -43.32
N ASP F 243 -20.27 -50.35 -43.76
CA ASP F 243 -20.69 -50.51 -45.14
C ASP F 243 -19.54 -49.94 -46.01
N PRO F 244 -18.87 -50.79 -46.81
CA PRO F 244 -17.75 -50.34 -47.68
C PRO F 244 -18.16 -49.33 -48.74
N ALA F 245 -19.47 -49.24 -48.98
CA ALA F 245 -20.03 -48.31 -49.94
C ALA F 245 -19.84 -46.86 -49.45
N ILE F 246 -19.60 -46.73 -48.15
CA ILE F 246 -19.39 -45.45 -47.50
C ILE F 246 -17.89 -45.13 -47.51
N LYS F 247 -17.54 -44.16 -48.36
CA LYS F 247 -16.17 -43.73 -48.55
C LYS F 247 -15.66 -42.68 -47.56
N ILE F 248 -16.56 -41.87 -47.04
CA ILE F 248 -16.16 -40.80 -46.13
C ILE F 248 -17.11 -40.44 -45.01
N PHE F 249 -16.58 -40.42 -43.79
CA PHE F 249 -17.32 -40.04 -42.58
C PHE F 249 -17.02 -38.54 -42.36
N PHE F 250 -18.06 -37.73 -42.48
CA PHE F 250 -18.02 -36.27 -42.39
C PHE F 250 -18.61 -35.96 -41.04
N CYS F 251 -17.95 -35.12 -40.25
CA CYS F 251 -18.44 -34.89 -38.90
C CYS F 251 -17.96 -33.61 -38.21
N VAL F 252 -18.85 -32.99 -37.46
CA VAL F 252 -18.50 -31.78 -36.72
C VAL F 252 -18.47 -32.19 -35.26
N ASN F 253 -17.31 -32.11 -34.65
CA ASN F 253 -17.18 -32.55 -33.28
C ASN F 253 -16.20 -31.68 -32.57
N PRO F 254 -16.61 -31.05 -31.45
CA PRO F 254 -17.91 -31.09 -30.79
C PRO F 254 -18.99 -30.63 -31.73
N SER F 255 -20.13 -31.29 -31.67
CA SER F 255 -21.22 -31.04 -32.59
C SER F 255 -21.87 -29.67 -32.65
N ASN F 256 -22.47 -29.40 -33.80
CA ASN F 256 -23.19 -28.16 -34.00
C ASN F 256 -24.47 -28.49 -34.80
N PRO F 257 -25.65 -28.24 -34.22
CA PRO F 257 -26.00 -27.68 -32.90
C PRO F 257 -26.08 -28.50 -31.61
N PRO F 258 -25.91 -29.84 -31.65
CA PRO F 258 -26.01 -30.49 -30.35
C PRO F 258 -25.02 -29.99 -29.34
N SER F 259 -23.88 -29.51 -29.84
CA SER F 259 -22.84 -28.96 -28.99
C SER F 259 -22.37 -29.87 -27.88
N VAL F 260 -21.92 -31.06 -28.25
CA VAL F 260 -21.35 -32.02 -27.30
C VAL F 260 -20.16 -32.66 -28.03
N LYS F 261 -19.26 -33.29 -27.30
CA LYS F 261 -18.12 -33.96 -27.92
C LYS F 261 -18.37 -35.46 -27.81
N MET F 262 -18.03 -36.21 -28.87
CA MET F 262 -18.18 -37.68 -28.90
C MET F 262 -17.45 -38.26 -27.69
N ASP F 263 -18.10 -39.16 -26.94
CA ASP F 263 -17.44 -39.72 -25.76
C ASP F 263 -16.33 -40.71 -26.09
N GLN F 264 -15.79 -41.35 -25.06
CA GLN F 264 -14.72 -42.34 -25.24
C GLN F 264 -15.26 -43.54 -26.00
N ARG F 265 -16.48 -43.94 -25.66
CA ARG F 265 -17.14 -45.07 -26.29
C ARG F 265 -17.24 -44.90 -27.78
N SER F 266 -17.82 -43.77 -28.18
CA SER F 266 -18.02 -43.44 -29.57
C SER F 266 -16.67 -43.33 -30.30
N LEU F 267 -15.65 -42.85 -29.60
CA LEU F 267 -14.33 -42.71 -30.22
C LEU F 267 -13.68 -44.07 -30.38
N GLU F 268 -13.77 -44.92 -29.37
CA GLU F 268 -13.18 -46.26 -29.49
C GLU F 268 -13.96 -47.09 -30.50
N ARG F 269 -15.27 -46.85 -30.59
CA ARG F 269 -16.11 -47.60 -31.53
C ARG F 269 -15.51 -47.44 -32.90
N VAL F 270 -15.51 -46.19 -33.37
CA VAL F 270 -14.97 -45.85 -34.66
C VAL F 270 -13.53 -46.41 -34.83
N ARG F 271 -12.76 -46.40 -33.75
CA ARG F 271 -11.39 -46.91 -33.78
C ARG F 271 -11.39 -48.35 -34.32
N ASN F 272 -12.17 -49.25 -33.71
CA ASN F 272 -12.22 -50.65 -34.18
C ASN F 272 -12.79 -50.69 -35.59
N ILE F 273 -13.87 -49.95 -35.83
CA ILE F 273 -14.46 -49.95 -37.16
C ILE F 273 -13.41 -49.66 -38.22
N VAL F 274 -12.35 -48.96 -37.87
CA VAL F 274 -11.33 -48.67 -38.88
C VAL F 274 -10.20 -49.73 -38.90
N ALA F 275 -9.95 -50.35 -37.76
CA ALA F 275 -8.89 -51.34 -37.68
C ALA F 275 -9.30 -52.74 -38.13
N GLU F 276 -10.51 -53.15 -37.74
CA GLU F 276 -10.95 -54.48 -38.06
C GLU F 276 -11.99 -54.59 -39.17
N HIS F 277 -12.34 -53.51 -39.86
CA HIS F 277 -13.39 -53.53 -40.91
C HIS F 277 -13.26 -52.49 -42.02
N ARG F 278 -12.86 -51.28 -41.64
CA ARG F 278 -12.75 -50.20 -42.59
C ARG F 278 -11.47 -49.46 -42.36
N PRO F 279 -10.40 -49.88 -43.04
CA PRO F 279 -9.09 -49.23 -42.89
C PRO F 279 -8.91 -48.31 -44.11
N ASP F 280 -9.88 -48.34 -44.99
CA ASP F 280 -9.83 -47.49 -46.16
C ASP F 280 -10.78 -46.33 -45.97
N LEU F 281 -11.49 -46.31 -44.84
CA LEU F 281 -12.42 -45.23 -44.54
C LEU F 281 -11.76 -43.85 -44.47
N MET F 282 -12.44 -42.83 -44.99
CA MET F 282 -11.93 -41.48 -44.93
C MET F 282 -12.74 -40.66 -43.91
N ILE F 283 -12.05 -40.14 -42.89
CA ILE F 283 -12.71 -39.32 -41.89
C ILE F 283 -12.39 -37.83 -42.14
N LEU F 284 -13.43 -37.02 -42.18
CA LEU F 284 -13.27 -35.57 -42.36
C LEU F 284 -13.95 -34.86 -41.21
N THR F 285 -13.17 -34.47 -40.20
CA THR F 285 -13.69 -33.81 -38.99
C THR F 285 -13.41 -32.30 -38.77
N ASP F 286 -14.46 -31.58 -38.40
CA ASP F 286 -14.43 -30.15 -38.11
C ASP F 286 -14.47 -30.08 -36.58
N ASP F 287 -13.37 -29.62 -35.96
CA ASP F 287 -13.27 -29.57 -34.50
C ASP F 287 -13.14 -28.20 -33.82
N VAL F 288 -13.63 -27.19 -34.52
CA VAL F 288 -13.58 -25.81 -34.05
C VAL F 288 -13.97 -25.61 -32.59
N TYR F 289 -15.00 -26.30 -32.11
CA TYR F 289 -15.36 -26.11 -30.70
C TYR F 289 -14.65 -26.98 -29.70
N GLY F 290 -13.59 -27.66 -30.12
CA GLY F 290 -12.88 -28.52 -29.20
C GLY F 290 -12.48 -27.91 -27.87
N THR F 291 -11.81 -26.75 -27.92
CA THR F 291 -11.34 -26.12 -26.70
C THR F 291 -12.48 -25.79 -25.75
N PHE F 292 -13.70 -25.68 -26.23
CA PHE F 292 -14.82 -25.42 -25.32
C PHE F 292 -15.31 -26.65 -24.55
N ALA F 293 -14.85 -27.84 -24.94
CA ALA F 293 -15.26 -29.07 -24.26
C ALA F 293 -14.22 -29.30 -23.18
N ASP F 294 -14.52 -30.16 -22.22
CA ASP F 294 -13.58 -30.43 -21.14
C ASP F 294 -12.25 -31.10 -21.51
N ASP F 295 -12.20 -32.38 -21.91
CA ASP F 295 -10.88 -32.96 -22.26
C ASP F 295 -11.01 -33.47 -23.67
N PHE F 296 -11.18 -32.56 -24.59
CA PHE F 296 -11.38 -33.00 -25.94
C PHE F 296 -10.29 -33.86 -26.54
N GLN F 297 -10.75 -34.78 -27.36
CA GLN F 297 -9.90 -35.66 -28.10
C GLN F 297 -10.65 -35.74 -29.41
N SER F 298 -9.91 -35.51 -30.50
CA SER F 298 -10.45 -35.52 -31.85
C SER F 298 -10.34 -36.87 -32.57
N LEU F 299 -11.24 -37.14 -33.49
CA LEU F 299 -11.09 -38.39 -34.20
C LEU F 299 -9.73 -38.38 -34.84
N PHE F 300 -9.15 -37.17 -34.98
CA PHE F 300 -7.83 -37.07 -35.59
C PHE F 300 -6.86 -37.59 -34.57
N ALA F 301 -7.26 -37.56 -33.31
CA ALA F 301 -6.37 -38.04 -32.29
C ALA F 301 -6.42 -39.55 -32.31
N ILE F 302 -7.61 -40.06 -32.59
CA ILE F 302 -7.88 -41.49 -32.59
C ILE F 302 -7.48 -42.27 -33.83
N CYS F 303 -7.59 -41.65 -34.98
CA CYS F 303 -7.23 -42.29 -36.25
C CYS F 303 -6.49 -41.22 -37.08
N PRO F 304 -5.25 -40.91 -36.66
CA PRO F 304 -4.49 -39.90 -37.39
C PRO F 304 -4.31 -40.13 -38.87
N GLU F 305 -4.24 -41.38 -39.32
CA GLU F 305 -4.04 -41.56 -40.76
C GLU F 305 -5.27 -41.86 -41.58
N ASN F 306 -6.42 -41.63 -41.00
CA ASN F 306 -7.64 -41.85 -41.73
C ASN F 306 -8.39 -40.54 -41.74
N THR F 307 -7.77 -39.57 -41.09
CA THR F 307 -8.42 -38.29 -40.94
C THR F 307 -7.85 -36.99 -41.46
N LEU F 308 -8.77 -36.14 -41.89
CA LEU F 308 -8.49 -34.79 -42.37
C LEU F 308 -9.20 -33.87 -41.40
N LEU F 309 -8.44 -33.35 -40.43
CA LEU F 309 -8.94 -32.42 -39.42
C LEU F 309 -8.97 -31.04 -39.99
N VAL F 310 -10.10 -30.39 -39.85
CA VAL F 310 -10.29 -29.01 -40.30
C VAL F 310 -10.53 -28.22 -39.02
N TYR F 311 -9.52 -27.45 -38.57
CA TYR F 311 -9.61 -26.65 -37.33
C TYR F 311 -9.69 -25.13 -37.48
N SER F 312 -10.72 -24.54 -36.86
CA SER F 312 -10.90 -23.10 -37.00
C SER F 312 -10.44 -22.36 -35.78
N PHE F 313 -9.95 -21.14 -35.98
CA PHE F 313 -9.53 -20.34 -34.84
C PHE F 313 -10.63 -19.34 -34.51
N SER F 314 -11.72 -19.34 -35.26
CA SER F 314 -12.79 -18.35 -35.06
C SER F 314 -13.55 -18.20 -33.74
N LYS F 315 -14.11 -19.29 -33.26
CA LYS F 315 -14.90 -19.20 -32.07
C LYS F 315 -14.07 -19.06 -30.85
N TYR F 316 -12.99 -19.83 -30.75
CA TYR F 316 -12.18 -19.77 -29.54
C TYR F 316 -11.45 -18.43 -29.30
N PHE F 317 -10.91 -17.84 -30.34
CA PHE F 317 -10.24 -16.58 -30.15
C PHE F 317 -11.13 -15.38 -30.46
N GLY F 318 -12.35 -15.62 -30.91
CA GLY F 318 -13.24 -14.50 -31.25
C GLY F 318 -12.66 -13.84 -32.47
N ALA F 319 -12.20 -14.67 -33.38
CA ALA F 319 -11.57 -14.26 -34.63
C ALA F 319 -12.35 -14.55 -35.92
N THR F 320 -13.66 -14.74 -35.83
CA THR F 320 -14.42 -14.98 -37.03
C THR F 320 -13.95 -14.10 -38.19
N GLY F 321 -13.78 -12.79 -37.98
CA GLY F 321 -13.31 -11.98 -39.08
C GLY F 321 -11.84 -12.13 -39.49
N TRP F 322 -11.04 -12.88 -38.75
CA TRP F 322 -9.64 -12.99 -39.18
C TRP F 322 -9.51 -14.02 -40.29
N ARG F 323 -10.41 -15.02 -40.27
CA ARG F 323 -10.46 -16.14 -41.24
C ARG F 323 -9.16 -16.93 -41.18
N LEU F 324 -8.95 -17.54 -40.02
CA LEU F 324 -7.76 -18.30 -39.76
C LEU F 324 -8.08 -19.76 -39.46
N GLY F 325 -7.56 -20.62 -40.31
CA GLY F 325 -7.78 -22.04 -40.15
C GLY F 325 -6.69 -22.89 -40.78
N VAL F 326 -6.54 -24.09 -40.23
CA VAL F 326 -5.56 -25.04 -40.74
C VAL F 326 -6.22 -26.39 -41.09
N VAL F 327 -5.63 -27.06 -42.07
CA VAL F 327 -6.09 -28.41 -42.42
C VAL F 327 -4.89 -29.26 -41.99
N ALA F 328 -5.16 -30.22 -41.13
CA ALA F 328 -4.13 -31.11 -40.62
C ALA F 328 -4.23 -32.51 -41.26
N ALA F 329 -3.08 -33.10 -41.62
CA ALA F 329 -3.07 -34.45 -42.18
C ALA F 329 -1.81 -35.16 -41.72
N HIS F 330 -1.90 -36.46 -41.43
CA HIS F 330 -0.73 -37.25 -40.98
C HIS F 330 0.14 -37.49 -42.23
N GLN F 331 1.46 -37.63 -42.06
CA GLN F 331 2.37 -37.86 -43.19
C GLN F 331 1.91 -39.11 -43.94
N GLN F 332 1.64 -40.16 -43.18
CA GLN F 332 1.17 -41.41 -43.77
C GLN F 332 -0.35 -41.41 -43.57
N ASN F 333 -1.12 -41.27 -44.64
CA ASN F 333 -2.56 -41.24 -44.49
C ASN F 333 -3.28 -41.92 -45.66
N VAL F 334 -4.54 -42.26 -45.43
CA VAL F 334 -5.33 -42.95 -46.42
C VAL F 334 -5.72 -42.18 -47.65
N PHE F 335 -5.47 -40.88 -47.66
CA PHE F 335 -5.84 -40.16 -48.87
C PHE F 335 -4.72 -40.40 -49.87
N ASP F 336 -3.48 -40.52 -49.38
CA ASP F 336 -2.36 -40.78 -50.28
C ASP F 336 -2.39 -42.22 -50.76
N LEU F 337 -2.68 -43.18 -49.88
CA LEU F 337 -2.78 -44.59 -50.28
C LEU F 337 -3.81 -44.70 -51.41
N ALA F 338 -4.99 -44.14 -51.16
CA ALA F 338 -6.06 -44.15 -52.13
C ALA F 338 -5.56 -43.64 -53.49
N LEU F 339 -4.73 -42.60 -53.48
CA LEU F 339 -4.17 -42.04 -54.73
C LEU F 339 -3.07 -42.97 -55.25
N ASP F 340 -2.60 -43.86 -54.39
CA ASP F 340 -1.59 -44.80 -54.80
C ASP F 340 -2.33 -45.91 -55.56
N LYS F 341 -3.51 -46.23 -55.06
CA LYS F 341 -4.34 -47.28 -55.64
C LYS F 341 -5.16 -46.94 -56.88
N LEU F 342 -5.17 -45.68 -57.32
CA LEU F 342 -5.92 -45.30 -58.52
C LEU F 342 -5.40 -46.08 -59.73
N GLN F 343 -6.21 -46.22 -60.77
CA GLN F 343 -5.72 -46.96 -61.93
C GLN F 343 -4.73 -46.12 -62.71
N GLU F 344 -3.72 -46.79 -63.27
CA GLU F 344 -2.69 -46.11 -64.02
C GLU F 344 -3.35 -45.09 -64.90
N SER F 345 -4.43 -45.53 -65.49
CA SER F 345 -5.21 -44.66 -66.35
C SER F 345 -5.35 -43.27 -65.67
N GLU F 346 -6.05 -43.20 -64.55
CA GLU F 346 -6.27 -41.92 -63.86
C GLU F 346 -5.00 -41.19 -63.40
N LYS F 347 -4.00 -41.96 -62.93
CA LYS F 347 -2.74 -41.38 -62.46
C LYS F 347 -2.05 -40.61 -63.59
N VAL F 348 -2.26 -41.04 -64.83
CA VAL F 348 -1.65 -40.34 -65.94
C VAL F 348 -2.38 -39.01 -66.11
N ALA F 349 -3.70 -39.02 -65.91
CA ALA F 349 -4.51 -37.80 -66.04
C ALA F 349 -4.03 -36.77 -65.02
N LEU F 350 -3.67 -37.27 -63.83
CA LEU F 350 -3.19 -36.40 -62.79
C LEU F 350 -1.81 -35.90 -63.19
N ASP F 351 -0.90 -36.81 -63.54
CA ASP F 351 0.45 -36.42 -63.99
C ASP F 351 0.37 -35.20 -64.91
N HIS F 352 -0.69 -35.06 -65.68
CA HIS F 352 -0.74 -33.90 -66.56
C HIS F 352 -1.37 -32.65 -65.93
N ARG F 353 -1.98 -32.79 -64.76
CA ARG F 353 -2.59 -31.66 -64.07
C ARG F 353 -1.46 -30.96 -63.27
N TYR F 354 -0.80 -31.76 -62.44
CA TYR F 354 0.26 -31.28 -61.60
C TYR F 354 1.64 -31.42 -62.22
N ARG F 355 1.73 -31.21 -63.52
CA ARG F 355 3.03 -31.36 -64.15
C ARG F 355 3.94 -30.18 -63.85
N SER F 356 3.46 -28.97 -64.10
CA SER F 356 4.25 -27.78 -63.85
C SER F 356 4.78 -27.69 -62.41
N LEU F 357 4.29 -28.54 -61.53
CA LEU F 357 4.78 -28.47 -60.16
C LEU F 357 5.96 -29.35 -59.99
N LEU F 358 5.80 -30.64 -60.22
CA LEU F 358 6.94 -31.50 -59.99
C LEU F 358 7.13 -32.66 -60.94
N PRO F 359 8.38 -33.15 -61.01
CA PRO F 359 8.72 -34.28 -61.89
C PRO F 359 8.00 -35.59 -61.53
N ASP F 360 8.04 -36.05 -60.27
CA ASP F 360 7.32 -37.29 -59.92
C ASP F 360 5.97 -36.91 -59.31
N VAL F 361 5.04 -36.44 -60.15
CA VAL F 361 3.74 -36.03 -59.68
C VAL F 361 3.07 -37.12 -58.86
N ARG F 362 3.61 -38.33 -58.94
CA ARG F 362 3.03 -39.44 -58.19
C ARG F 362 3.47 -39.43 -56.76
N SER F 363 4.40 -38.52 -56.48
CA SER F 363 4.94 -38.35 -55.14
C SER F 363 4.25 -37.18 -54.44
N LEU F 364 3.58 -36.34 -55.22
CA LEU F 364 2.88 -35.18 -54.67
C LEU F 364 1.88 -35.64 -53.64
N LYS F 365 2.06 -35.24 -52.39
CA LYS F 365 1.18 -35.67 -51.34
C LYS F 365 -0.19 -34.98 -51.47
N PHE F 366 -1.22 -35.61 -50.91
CA PHE F 366 -2.57 -35.08 -51.05
C PHE F 366 -2.69 -33.67 -50.56
N ILE F 367 -2.19 -33.45 -49.34
CA ILE F 367 -2.26 -32.14 -48.69
C ILE F 367 -1.63 -31.04 -49.51
N ASP F 368 -0.64 -31.38 -50.32
CA ASP F 368 0.01 -30.37 -51.14
C ASP F 368 -0.82 -30.13 -52.40
N ARG F 369 -1.63 -31.14 -52.78
CA ARG F 369 -2.58 -31.01 -53.89
C ARG F 369 -3.68 -30.06 -53.38
N LEU F 370 -3.93 -30.13 -52.07
CA LEU F 370 -4.89 -29.25 -51.46
C LEU F 370 -4.47 -27.82 -51.83
N VAL F 371 -3.19 -27.50 -51.62
CA VAL F 371 -2.68 -26.17 -51.94
C VAL F 371 -2.76 -25.89 -53.44
N ALA F 372 -2.12 -26.73 -54.21
CA ALA F 372 -2.16 -26.57 -55.66
C ALA F 372 -3.59 -26.36 -56.19
N ASP F 373 -4.52 -27.23 -55.80
CA ASP F 373 -5.90 -27.15 -56.26
C ASP F 373 -6.61 -25.82 -55.97
N SER F 374 -6.37 -25.30 -54.77
CA SER F 374 -7.01 -24.06 -54.37
C SER F 374 -6.72 -22.92 -55.32
N ARG F 375 -5.51 -22.89 -55.89
CA ARG F 375 -5.21 -21.82 -56.84
C ARG F 375 -4.92 -22.24 -58.29
N ALA F 376 -5.69 -23.23 -58.77
CA ALA F 376 -5.65 -23.69 -60.16
C ALA F 376 -4.33 -24.19 -60.63
N VAL F 377 -3.60 -24.84 -59.72
CA VAL F 377 -2.28 -25.42 -60.01
C VAL F 377 -1.23 -24.45 -60.54
N ALA F 378 -1.47 -23.91 -61.72
CA ALA F 378 -0.53 -22.97 -62.32
C ALA F 378 -0.06 -21.86 -61.38
N LEU F 379 -0.87 -21.54 -60.38
CA LEU F 379 -0.58 -20.46 -59.44
C LEU F 379 -0.06 -20.87 -58.08
N ASN F 380 0.26 -22.15 -57.91
CA ASN F 380 0.76 -22.69 -56.66
C ASN F 380 1.89 -21.91 -55.98
N HIS F 381 2.74 -21.24 -56.73
CA HIS F 381 3.80 -20.52 -56.06
C HIS F 381 3.42 -19.19 -55.45
N THR F 382 2.15 -18.80 -55.57
CA THR F 382 1.67 -17.57 -54.96
C THR F 382 0.35 -17.87 -54.26
N ALA F 383 0.30 -19.04 -53.63
CA ALA F 383 -0.85 -19.54 -52.89
C ALA F 383 -0.52 -19.58 -51.37
N GLY F 384 -1.50 -19.95 -50.54
CA GLY F 384 -1.29 -19.97 -49.11
C GLY F 384 -2.03 -18.79 -48.50
N LEU F 385 -2.19 -18.83 -47.18
CA LEU F 385 -2.86 -17.75 -46.45
C LEU F 385 -1.93 -16.53 -46.41
N SER F 386 -2.44 -15.32 -46.23
CA SER F 386 -1.56 -14.13 -46.18
C SER F 386 -0.62 -14.22 -44.98
N THR F 387 0.63 -13.82 -45.17
CA THR F 387 1.61 -13.89 -44.09
C THR F 387 1.12 -13.18 -42.79
N PRO F 388 0.50 -11.99 -42.92
CA PRO F 388 0.04 -11.35 -41.69
C PRO F 388 -1.01 -12.20 -40.97
N GLN F 389 -1.79 -12.96 -41.73
CA GLN F 389 -2.79 -13.80 -41.09
C GLN F 389 -2.15 -15.02 -40.39
N GLN F 390 -1.12 -15.60 -41.02
CA GLN F 390 -0.45 -16.75 -40.44
C GLN F 390 0.26 -16.34 -39.17
N VAL F 391 0.79 -15.11 -39.18
CA VAL F 391 1.45 -14.57 -38.00
C VAL F 391 0.40 -14.37 -36.90
N GLN F 392 -0.72 -13.71 -37.20
CA GLN F 392 -1.74 -13.55 -36.19
C GLN F 392 -2.17 -14.94 -35.72
N MET F 393 -2.12 -15.91 -36.62
CA MET F 393 -2.48 -17.25 -36.27
C MET F 393 -1.46 -17.85 -35.30
N ALA F 394 -0.16 -17.63 -35.55
CA ALA F 394 0.94 -18.16 -34.70
C ALA F 394 0.88 -17.48 -33.32
N LEU F 395 0.49 -16.20 -33.30
CA LEU F 395 0.36 -15.51 -32.02
C LEU F 395 -0.89 -16.06 -31.25
N PHE F 396 -2.02 -16.36 -31.89
CA PHE F 396 -3.12 -16.92 -31.08
C PHE F 396 -2.64 -18.25 -30.51
N SER F 397 -1.90 -19.05 -31.31
CA SER F 397 -1.42 -20.36 -30.83
C SER F 397 -0.44 -20.21 -29.70
N LEU F 398 0.51 -19.32 -29.87
CA LEU F 398 1.47 -19.17 -28.80
C LEU F 398 0.74 -18.83 -27.50
N PHE F 399 -0.22 -17.93 -27.59
CA PHE F 399 -0.98 -17.47 -26.45
C PHE F 399 -1.63 -18.62 -25.66
N ALA F 400 -2.38 -19.48 -26.31
CA ALA F 400 -3.01 -20.63 -25.64
C ALA F 400 -1.94 -21.60 -25.06
N LEU F 401 -0.84 -21.80 -25.80
CA LEU F 401 0.22 -22.68 -25.34
C LEU F 401 0.98 -22.12 -24.16
N MET F 402 1.20 -20.82 -24.12
CA MET F 402 1.94 -20.26 -22.99
C MET F 402 1.11 -20.13 -21.71
N ASP F 403 -0.21 -20.11 -21.85
CA ASP F 403 -1.11 -19.99 -20.72
C ASP F 403 -1.27 -21.37 -20.13
N GLU F 404 -0.29 -21.81 -19.36
CA GLU F 404 -0.26 -23.16 -18.76
C GLU F 404 -1.46 -23.49 -17.88
N ALA F 405 -1.90 -22.52 -17.11
CA ALA F 405 -3.04 -22.68 -16.22
C ALA F 405 -4.37 -22.56 -16.98
N ASP F 406 -4.28 -22.25 -18.26
CA ASP F 406 -5.50 -22.14 -19.04
C ASP F 406 -6.48 -21.10 -18.49
N GLU F 407 -5.98 -19.98 -18.02
CA GLU F 407 -6.87 -18.99 -17.48
C GLU F 407 -7.87 -18.50 -18.55
N TYR F 408 -7.37 -18.20 -19.73
CA TYR F 408 -8.24 -17.75 -20.82
C TYR F 408 -9.41 -18.73 -21.05
N LYS F 409 -9.06 -20.01 -21.05
CA LYS F 409 -10.03 -21.06 -21.30
C LYS F 409 -11.01 -21.15 -20.13
N HIS F 410 -10.51 -20.95 -18.92
CA HIS F 410 -11.41 -21.03 -17.79
C HIS F 410 -12.35 -19.84 -17.81
N THR F 411 -11.80 -18.68 -18.12
CA THR F 411 -12.56 -17.47 -18.23
C THR F 411 -13.69 -17.66 -19.23
N LEU F 412 -13.36 -18.20 -20.41
CA LEU F 412 -14.41 -18.39 -21.39
C LEU F 412 -15.42 -19.40 -20.94
N LYS F 413 -15.00 -20.52 -20.37
CA LYS F 413 -15.99 -21.51 -19.94
C LYS F 413 -16.96 -20.95 -18.90
N GLN F 414 -16.39 -20.17 -18.01
CA GLN F 414 -17.12 -19.55 -16.93
C GLN F 414 -18.08 -18.49 -17.50
N LEU F 415 -17.67 -17.82 -18.57
CA LEU F 415 -18.56 -16.83 -19.16
C LEU F 415 -19.81 -17.57 -19.67
N ILE F 416 -19.56 -18.67 -20.39
CA ILE F 416 -20.63 -19.50 -20.98
C ILE F 416 -21.57 -19.97 -19.86
N ARG F 417 -21.02 -20.55 -18.82
CA ARG F 417 -21.84 -20.98 -17.71
C ARG F 417 -22.66 -19.84 -17.06
N ARG F 418 -22.09 -18.64 -17.03
CA ARG F 418 -22.78 -17.51 -16.46
C ARG F 418 -24.00 -17.22 -17.32
N ARG F 419 -23.79 -17.16 -18.62
CA ARG F 419 -24.91 -16.89 -19.47
C ARG F 419 -25.94 -18.01 -19.37
N GLU F 420 -25.50 -19.25 -19.14
CA GLU F 420 -26.43 -20.36 -19.03
C GLU F 420 -27.37 -20.19 -17.82
N THR F 421 -26.79 -19.75 -16.70
CA THR F 421 -27.52 -19.53 -15.48
C THR F 421 -28.51 -18.35 -15.58
N THR F 422 -28.11 -17.27 -16.26
CA THR F 422 -28.99 -16.13 -16.40
C THR F 422 -30.19 -16.55 -17.21
N LEU F 423 -29.92 -17.36 -18.24
CA LEU F 423 -30.96 -17.83 -19.14
C LEU F 423 -31.96 -18.76 -18.48
N TYR F 424 -31.49 -19.72 -17.71
CA TYR F 424 -32.40 -20.68 -17.10
C TYR F 424 -32.91 -20.31 -15.74
N ARG F 425 -32.66 -19.06 -15.33
CA ARG F 425 -33.09 -18.59 -14.02
C ARG F 425 -34.60 -18.79 -13.71
N GLU F 426 -35.48 -18.45 -14.65
CA GLU F 426 -36.91 -18.61 -14.40
C GLU F 426 -37.40 -19.86 -15.11
N LEU F 427 -36.49 -20.80 -15.36
CA LEU F 427 -36.84 -22.03 -16.05
C LEU F 427 -36.41 -23.33 -15.34
N GLY F 428 -36.21 -23.31 -14.02
CA GLY F 428 -35.79 -24.54 -13.37
C GLY F 428 -34.29 -24.84 -13.42
N MET F 429 -33.49 -23.82 -13.76
CA MET F 429 -32.04 -23.94 -13.83
C MET F 429 -31.58 -24.66 -15.05
N PRO F 430 -30.32 -24.46 -15.42
CA PRO F 430 -29.87 -25.15 -16.62
C PRO F 430 -29.99 -26.66 -16.41
N PRO F 431 -30.18 -27.42 -17.50
CA PRO F 431 -30.28 -28.88 -17.39
C PRO F 431 -28.95 -29.45 -16.93
N LEU F 432 -28.96 -30.62 -16.32
CA LEU F 432 -27.74 -31.25 -15.83
C LEU F 432 -26.66 -31.42 -16.90
N ARG F 433 -25.48 -30.87 -16.61
CA ARG F 433 -24.35 -30.95 -17.50
C ARG F 433 -23.70 -32.32 -17.44
N ASP F 434 -22.96 -32.60 -18.50
CA ASP F 434 -22.24 -33.86 -18.62
C ASP F 434 -20.77 -33.61 -18.50
N GLU F 435 -20.02 -34.57 -19.03
CA GLU F 435 -18.58 -34.48 -19.09
C GLU F 435 -18.36 -34.30 -20.60
N ASN F 436 -19.35 -34.65 -21.41
CA ASN F 436 -19.23 -34.47 -22.86
C ASN F 436 -19.93 -33.19 -23.31
N ALA F 437 -20.31 -32.36 -22.35
CA ALA F 437 -21.02 -31.13 -22.63
C ALA F 437 -20.08 -29.99 -23.02
N VAL F 438 -20.43 -29.28 -24.08
CA VAL F 438 -19.67 -28.12 -24.52
C VAL F 438 -20.56 -26.89 -24.35
N ASP F 439 -21.78 -26.98 -24.81
CA ASP F 439 -22.76 -25.92 -24.69
C ASP F 439 -22.41 -24.55 -25.26
N TYR F 440 -21.69 -24.55 -26.36
CA TYR F 440 -21.43 -23.28 -26.97
C TYR F 440 -22.85 -22.88 -27.43
N TYR F 441 -23.65 -23.88 -27.79
CA TYR F 441 -25.05 -23.71 -28.17
C TYR F 441 -25.81 -24.50 -27.09
N THR F 442 -26.95 -23.98 -26.66
CA THR F 442 -27.72 -24.66 -25.64
C THR F 442 -29.12 -24.90 -26.12
N LEU F 443 -29.61 -26.10 -25.82
CA LEU F 443 -30.92 -26.51 -26.25
C LEU F 443 -31.99 -26.12 -25.27
N ILE F 444 -32.97 -25.36 -25.72
CA ILE F 444 -34.06 -24.98 -24.84
C ILE F 444 -35.24 -25.86 -25.24
N ASP F 445 -35.39 -26.94 -24.50
CA ASP F 445 -36.45 -27.91 -24.76
C ASP F 445 -37.69 -27.69 -23.91
N LEU F 446 -38.81 -27.38 -24.56
CA LEU F 446 -40.07 -27.12 -23.82
C LEU F 446 -40.47 -28.29 -22.93
N GLN F 447 -40.22 -29.53 -23.36
CA GLN F 447 -40.60 -30.64 -22.50
C GLN F 447 -39.79 -30.71 -21.21
N ASP F 448 -38.51 -30.41 -21.31
CA ASP F 448 -37.64 -30.44 -20.15
C ASP F 448 -37.84 -29.27 -19.19
N VAL F 449 -38.10 -28.10 -19.74
CA VAL F 449 -38.36 -26.90 -18.94
C VAL F 449 -39.67 -27.08 -18.19
N THR F 450 -40.76 -27.24 -18.96
CA THR F 450 -42.07 -27.43 -18.37
C THR F 450 -42.03 -28.56 -17.34
N ALA F 451 -41.21 -29.57 -17.59
CA ALA F 451 -41.12 -30.68 -16.63
C ALA F 451 -40.44 -30.21 -15.34
N LYS F 452 -39.39 -29.41 -15.49
CA LYS F 452 -38.68 -28.91 -14.33
C LYS F 452 -39.58 -28.01 -13.49
N LEU F 453 -40.28 -27.08 -14.16
CA LEU F 453 -41.19 -26.14 -13.50
C LEU F 453 -42.42 -26.77 -12.89
N TYR F 454 -43.19 -27.50 -13.68
CA TYR F 454 -44.40 -28.08 -13.15
C TYR F 454 -44.57 -29.60 -13.18
N GLY F 455 -43.49 -30.34 -13.42
CA GLY F 455 -43.60 -31.79 -13.43
C GLY F 455 -43.88 -32.48 -14.76
N GLU F 456 -43.65 -33.79 -14.75
CA GLU F 456 -43.80 -34.63 -15.94
C GLU F 456 -45.18 -34.70 -16.52
N ALA F 457 -46.20 -34.75 -15.67
CA ALA F 457 -47.57 -34.81 -16.14
C ALA F 457 -47.80 -33.58 -17.04
N PHE F 458 -47.58 -32.38 -16.51
CA PHE F 458 -47.76 -31.18 -17.31
C PHE F 458 -46.85 -31.31 -18.52
N SER F 459 -45.57 -31.57 -18.25
CA SER F 459 -44.54 -31.71 -19.27
C SER F 459 -45.05 -32.28 -20.59
N GLU F 460 -45.67 -33.44 -20.48
CA GLU F 460 -46.22 -34.19 -21.60
C GLU F 460 -47.42 -33.55 -22.32
N TRP F 461 -48.32 -32.91 -21.58
CA TRP F 461 -49.48 -32.27 -22.19
C TRP F 461 -49.00 -31.10 -23.02
N ALA F 462 -47.97 -30.44 -22.49
CA ALA F 462 -47.38 -29.26 -23.10
C ALA F 462 -46.85 -29.52 -24.48
N VAL F 463 -45.95 -30.48 -24.55
CA VAL F 463 -45.34 -30.91 -25.80
C VAL F 463 -46.32 -31.11 -26.97
N LYS F 464 -47.60 -31.39 -26.67
CA LYS F 464 -48.62 -31.57 -27.73
C LYS F 464 -49.29 -30.25 -28.06
N GLN F 465 -49.46 -29.45 -27.01
CA GLN F 465 -50.10 -28.15 -27.09
C GLN F 465 -49.30 -27.09 -27.80
N SER F 466 -48.02 -27.33 -27.97
CA SER F 466 -47.18 -26.32 -28.58
C SER F 466 -46.42 -26.77 -29.80
N SER F 467 -45.59 -25.87 -30.30
CA SER F 467 -44.75 -26.14 -31.47
C SER F 467 -43.50 -25.28 -31.46
N THR F 468 -42.45 -25.80 -32.05
CA THR F 468 -41.20 -25.07 -32.15
C THR F 468 -41.52 -23.74 -32.77
N GLY F 469 -42.45 -23.76 -33.72
CA GLY F 469 -42.85 -22.54 -34.40
C GLY F 469 -43.44 -21.62 -33.36
N ASP F 470 -44.35 -22.16 -32.55
CA ASP F 470 -45.03 -21.40 -31.49
C ASP F 470 -44.05 -20.77 -30.50
N MET F 471 -43.13 -21.60 -30.04
CA MET F 471 -42.14 -21.19 -29.10
C MET F 471 -41.21 -20.09 -29.60
N LEU F 472 -40.60 -20.27 -30.77
CA LEU F 472 -39.65 -19.28 -31.29
C LEU F 472 -40.28 -17.97 -31.69
N PHE F 473 -41.57 -17.98 -31.96
CA PHE F 473 -42.25 -16.76 -32.34
C PHE F 473 -42.58 -15.92 -31.12
N ARG F 474 -42.97 -16.56 -30.02
CA ARG F 474 -43.25 -15.83 -28.79
C ARG F 474 -41.99 -15.11 -28.34
N ILE F 475 -40.88 -15.82 -28.42
CA ILE F 475 -39.56 -15.33 -28.04
C ILE F 475 -39.05 -14.27 -29.02
N ALA F 476 -39.19 -14.53 -30.32
CA ALA F 476 -38.75 -13.56 -31.31
C ALA F 476 -39.62 -12.32 -31.19
N ASP F 477 -40.88 -12.50 -30.85
CA ASP F 477 -41.75 -11.36 -30.73
C ASP F 477 -41.37 -10.55 -29.51
N GLU F 478 -41.55 -11.16 -28.34
CA GLU F 478 -41.23 -10.52 -27.07
C GLU F 478 -39.79 -10.01 -26.85
N THR F 479 -38.78 -10.59 -27.48
CA THR F 479 -37.41 -10.14 -27.24
C THR F 479 -36.56 -9.65 -28.40
N GLY F 480 -37.00 -9.87 -29.62
CA GLY F 480 -36.19 -9.46 -30.75
C GLY F 480 -35.21 -10.57 -31.14
N ILE F 481 -35.03 -11.58 -30.28
CA ILE F 481 -34.13 -12.70 -30.58
C ILE F 481 -34.90 -13.84 -31.28
N VAL F 482 -34.29 -14.35 -32.33
CA VAL F 482 -34.84 -15.43 -33.11
C VAL F 482 -33.88 -16.60 -32.85
N LEU F 483 -34.43 -17.76 -32.49
CA LEU F 483 -33.60 -18.92 -32.17
C LEU F 483 -33.46 -19.90 -33.31
N LEU F 484 -32.60 -20.89 -33.11
CA LEU F 484 -32.40 -21.95 -34.07
C LEU F 484 -33.41 -23.05 -33.74
N PRO F 485 -34.30 -23.42 -34.69
CA PRO F 485 -35.29 -24.48 -34.45
C PRO F 485 -34.61 -25.75 -33.93
N GLY F 486 -35.17 -26.37 -32.88
CA GLY F 486 -34.55 -27.57 -32.35
C GLY F 486 -34.66 -28.70 -33.35
N ALA F 487 -33.53 -29.19 -33.87
CA ALA F 487 -33.56 -30.27 -34.84
C ALA F 487 -32.89 -31.52 -34.30
N GLY F 488 -33.40 -32.67 -34.74
CA GLY F 488 -32.83 -33.93 -34.30
C GLY F 488 -33.68 -35.00 -33.64
N PHE F 489 -34.93 -34.74 -33.24
CA PHE F 489 -35.66 -35.84 -32.65
C PHE F 489 -36.92 -36.26 -33.37
N GLY F 490 -37.68 -37.14 -32.74
CA GLY F 490 -38.86 -37.49 -33.47
C GLY F 490 -39.61 -36.20 -33.35
N SER F 491 -39.20 -35.25 -34.16
CA SER F 491 -39.68 -33.90 -34.13
C SER F 491 -40.54 -33.51 -32.96
N ASN F 492 -41.55 -34.33 -32.71
CA ASN F 492 -42.52 -34.17 -31.65
C ASN F 492 -42.17 -33.34 -30.37
N ARG F 493 -41.09 -32.57 -30.43
CA ARG F 493 -40.66 -31.74 -29.29
C ARG F 493 -40.33 -30.27 -29.59
N PRO F 494 -41.25 -29.35 -29.25
CA PRO F 494 -40.99 -27.93 -29.49
C PRO F 494 -39.71 -27.60 -28.73
N SER F 495 -38.73 -27.01 -29.42
CA SER F 495 -37.46 -26.70 -28.79
C SER F 495 -36.70 -25.74 -29.68
N GLY F 496 -35.88 -24.90 -29.06
CA GLY F 496 -35.10 -23.95 -29.83
C GLY F 496 -33.69 -23.88 -29.30
N ARG F 497 -32.77 -23.45 -30.16
CA ARG F 497 -31.40 -23.34 -29.73
C ARG F 497 -30.92 -21.92 -29.69
N ALA F 498 -30.01 -21.69 -28.77
CA ALA F 498 -29.40 -20.38 -28.66
C ALA F 498 -27.93 -20.66 -28.45
N SER F 499 -27.14 -19.62 -28.68
CA SER F 499 -25.72 -19.72 -28.49
C SER F 499 -25.46 -18.92 -27.22
N LEU F 500 -24.62 -19.44 -26.32
CA LEU F 500 -24.29 -18.72 -25.12
C LEU F 500 -23.08 -17.84 -25.41
N ALA F 501 -22.75 -17.73 -26.68
CA ALA F 501 -21.60 -16.99 -27.10
C ALA F 501 -21.85 -15.71 -27.91
N ASN F 502 -23.11 -15.38 -28.15
CA ASN F 502 -23.41 -14.20 -28.97
C ASN F 502 -24.36 -13.14 -28.42
N LEU F 503 -24.66 -13.20 -27.12
CA LEU F 503 -25.56 -12.24 -26.46
C LEU F 503 -25.07 -11.79 -25.06
N ASN F 504 -25.72 -10.79 -24.46
CA ASN F 504 -25.28 -10.41 -23.09
C ASN F 504 -26.29 -10.94 -22.09
N GLU F 505 -25.95 -10.83 -20.82
CA GLU F 505 -26.83 -11.36 -19.80
C GLU F 505 -28.30 -10.95 -19.89
N TYR F 506 -28.56 -9.65 -19.89
CA TYR F 506 -29.95 -9.23 -19.93
C TYR F 506 -30.71 -9.74 -21.12
N GLU F 507 -30.02 -10.24 -22.13
CA GLU F 507 -30.78 -10.74 -23.27
C GLU F 507 -31.20 -12.16 -22.96
N TYR F 508 -30.30 -12.91 -22.34
CA TYR F 508 -30.58 -14.27 -21.92
C TYR F 508 -31.77 -14.25 -20.95
N ALA F 509 -31.80 -13.24 -20.09
CA ALA F 509 -32.87 -13.12 -19.09
C ALA F 509 -34.16 -12.83 -19.76
N ALA F 510 -34.06 -12.04 -20.84
CA ALA F 510 -35.22 -11.64 -21.63
C ALA F 510 -35.82 -12.90 -22.28
N ILE F 511 -34.93 -13.73 -22.82
CA ILE F 511 -35.35 -14.96 -23.48
C ILE F 511 -36.01 -15.86 -22.45
N GLY F 512 -35.34 -16.06 -21.33
CA GLY F 512 -35.90 -16.87 -20.29
C GLY F 512 -37.26 -16.30 -19.86
N ARG F 513 -37.28 -15.06 -19.40
CA ARG F 513 -38.54 -14.43 -18.99
C ARG F 513 -39.68 -14.76 -19.94
N ALA F 514 -39.45 -14.56 -21.24
CA ALA F 514 -40.47 -14.83 -22.24
C ALA F 514 -41.05 -16.25 -22.16
N LEU F 515 -40.15 -17.22 -22.05
CA LEU F 515 -40.47 -18.64 -21.97
C LEU F 515 -41.16 -19.06 -20.68
N ARG F 516 -40.77 -18.44 -19.58
CA ARG F 516 -41.42 -18.76 -18.33
C ARG F 516 -42.89 -18.32 -18.46
N LYS F 517 -43.09 -17.19 -19.14
CA LYS F 517 -44.41 -16.63 -19.32
C LYS F 517 -45.21 -17.64 -20.09
N MET F 518 -44.55 -18.17 -21.11
CA MET F 518 -45.19 -19.11 -21.99
C MET F 518 -45.57 -20.39 -21.28
N ALA F 519 -44.75 -20.83 -20.33
CA ALA F 519 -45.05 -22.06 -19.61
C ALA F 519 -46.08 -21.84 -18.50
N ASP F 520 -46.07 -20.67 -17.88
CA ASP F 520 -47.06 -20.36 -16.86
C ASP F 520 -48.43 -20.32 -17.62
N GLU F 521 -48.41 -19.81 -18.84
CA GLU F 521 -49.62 -19.72 -19.65
C GLU F 521 -50.14 -21.10 -20.00
N LEU F 522 -49.23 -22.01 -20.35
CA LEU F 522 -49.67 -23.37 -20.71
C LEU F 522 -50.15 -24.07 -19.45
N TYR F 523 -49.38 -23.96 -18.39
CA TYR F 523 -49.74 -24.56 -17.12
C TYR F 523 -51.13 -24.08 -16.65
N ALA F 524 -51.42 -22.81 -16.91
CA ALA F 524 -52.70 -22.20 -16.56
C ALA F 524 -53.83 -22.89 -17.31
N GLU F 525 -53.64 -23.17 -18.60
CA GLU F 525 -54.64 -23.88 -19.40
C GLU F 525 -54.76 -25.32 -18.89
N TYR F 526 -53.60 -25.96 -18.68
CA TYR F 526 -53.49 -27.33 -18.19
C TYR F 526 -54.11 -27.47 -16.80
N SER F 527 -53.96 -26.45 -15.97
CA SER F 527 -54.55 -26.47 -14.66
C SER F 527 -56.07 -26.40 -14.74
N GLY F 528 -56.56 -25.55 -15.63
CA GLY F 528 -58.00 -25.42 -15.80
C GLY F 528 -58.67 -26.69 -16.26
N GLN F 529 -58.06 -27.34 -17.22
CA GLN F 529 -58.57 -28.58 -17.77
C GLN F 529 -58.61 -29.74 -16.77
N ALA F 530 -57.50 -29.96 -16.08
CA ALA F 530 -57.40 -31.03 -15.07
C ALA F 530 -58.47 -30.90 -13.99
N GLN F 531 -58.63 -29.68 -13.48
CA GLN F 531 -59.64 -29.37 -12.45
C GLN F 531 -61.04 -29.31 -13.03
N ASN F 532 -61.28 -30.10 -14.08
CA ASN F 532 -62.58 -30.16 -14.72
C ASN F 532 -63.01 -31.62 -14.79
N1 PLP G . -34.51 23.28 6.90
C2 PLP G . -35.12 24.17 6.01
C2A PLP G . -36.14 25.17 6.56
C3 PLP G . -34.70 24.22 4.69
O3 PLP G . -35.47 24.98 3.74
C4 PLP G . -33.63 23.38 4.27
C4A PLP G . -33.14 23.59 2.85
C5 PLP G . -33.01 22.50 5.20
C6 PLP G . -33.46 22.49 6.49
C5A PLP G . -31.99 21.39 4.82
O4P PLP G . -32.52 20.03 4.80
P PLP G . -31.59 18.78 5.21
O1P PLP G . -31.22 18.54 3.84
O2P PLP G . -32.44 17.57 5.82
O3P PLP G . -30.54 19.09 6.16
N1 PLP H . -26.39 -7.77 12.32
C2 PLP H . -25.56 -8.65 13.00
C2A PLP H . -26.11 -9.96 13.42
C3 PLP H . -24.14 -8.40 13.07
O3 PLP H . -23.30 -9.30 13.72
C4 PLP H . -23.57 -7.25 12.40
C4A PLP H . -22.04 -6.94 12.56
C5 PLP H . -24.44 -6.40 11.67
C6 PLP H . -25.81 -6.69 11.65
C5A PLP H . -23.92 -5.07 11.06
O4P PLP H . -24.93 -4.01 11.09
P PLP H . -24.72 -2.68 10.41
O1P PLP H . -23.30 -2.37 10.61
O2P PLP H . -25.56 -1.66 11.38
O3P PLP H . -25.26 -2.65 9.05
N1 PLP I . 41.99 -11.66 10.28
C2 PLP I . 42.25 -10.78 11.23
C2A PLP I . 43.55 -10.96 11.96
C3 PLP I . 41.37 -9.80 11.53
O3 PLP I . 41.73 -8.76 12.40
C4 PLP I . 40.15 -9.74 10.84
C4A PLP I . 39.10 -8.60 11.22
C5 PLP I . 39.90 -10.71 9.82
C6 PLP I . 40.85 -11.66 9.56
C5A PLP I . 38.58 -10.83 9.02
O4P PLP I . 38.01 -12.17 9.08
P PLP I . 36.86 -12.50 8.09
O1P PLP I . 35.70 -11.49 8.34
O2P PLP I . 36.61 -13.88 8.66
O3P PLP I . 37.36 -12.69 6.72
N1 PLP J . 19.76 -32.84 -0.45
C2 PLP J . 19.41 -33.57 -1.62
C2A PLP J . 18.81 -34.96 -1.49
C3 PLP J . 19.36 -32.94 -2.88
O3 PLP J . 18.86 -33.70 -3.95
C4 PLP J . 19.66 -31.58 -3.05
C4A PLP J . 19.64 -30.98 -4.51
C5 PLP J . 20.00 -30.84 -1.88
C6 PLP J . 20.03 -31.49 -0.59
C5A PLP J . 20.54 -29.33 -1.95
O4P PLP J . 21.77 -29.00 -1.31
P PLP J . 22.27 -27.55 -1.06
O1P PLP J . 22.34 -26.89 -2.39
O2P PLP J . 23.72 -27.98 -0.49
O3P PLP J . 21.57 -26.91 0.04
N1 PLP K . 11.75 48.75 19.00
C2 PLP K . 10.76 48.36 19.81
C2A PLP K . 10.03 49.47 20.65
C3 PLP K . 10.24 47.08 19.66
O3 PLP K . 8.90 46.90 20.09
C4 PLP K . 10.78 46.17 18.67
C4A PLP K . 10.02 44.84 18.39
C5 PLP K . 11.78 46.67 17.84
C6 PLP K . 12.22 47.93 18.04
C5A PLP K . 12.39 45.90 16.62
O4P PLP K . 13.82 45.71 16.98
P PLP K . 15.05 45.22 16.00
O1P PLP K . 14.87 43.77 15.99
O2P PLP K . 16.37 45.47 16.68
O3P PLP K . 14.86 46.06 14.78
N1 PLP L . -17.34 -24.90 -38.42
C2 PLP L . -18.48 -24.82 -37.63
C2A PLP L . -19.04 -26.13 -37.11
C3 PLP L . -18.83 -23.61 -37.07
O3 PLP L . -19.82 -23.60 -36.23
C4 PLP L . -18.05 -22.46 -37.28
C4A PLP L . -18.44 -21.06 -36.55
C5 PLP L . -16.88 -22.56 -38.04
C6 PLP L . -16.54 -23.79 -38.61
C5A PLP L . -15.89 -21.47 -38.13
O4P PLP L . -15.84 -21.26 -39.56
P PLP L . -14.60 -20.34 -39.96
O1P PLP L . -14.88 -19.00 -39.36
O2P PLP L . -14.71 -20.22 -41.53
O3P PLP L . -13.31 -20.98 -39.72
#